data_7QI2
#
_entry.id   7QI2
#
_entity_poly.entity_id   1
_entity_poly.type   'polypeptide(L)'
_entity_poly.pdbx_seq_one_letter_code
;MAVPPTYADLGKSARDVFTKGYGFGLIKLDLKTKSENGLEFTSSGSANTETTKVTGSLETKYRWTEYGLTFTVKWNTDNT
LGTEITVEDQLARGLKLTFDSSFSPNTGKKNAKIKTGYKREHINLGADMDFDIAGPSIRGALVLGYEGWLAGYQMNFETA
KSRVTQSNFAVGYKTDEFQLHTNVNDGTEFGGSIYQKVNKKLETAVNLAWTAGNSNTRFGIAAKYQIDPDASFSAKVNNS
SLIGLGYTQTLKPGIKLTLSALLDGKNVNAGGHKLGLGLEFQALEHHHHHH
;
_entity_poly.pdbx_strand_id   A
#
# COMPACT_ATOMS: atom_id res chain seq x y z
N MET A 1 -1.67 -10.68 18.48
CA MET A 1 -1.92 -10.12 17.16
C MET A 1 -0.73 -10.35 16.23
N ALA A 2 -1.02 -10.70 14.98
CA ALA A 2 0.02 -10.95 14.00
C ALA A 2 -0.27 -10.23 12.68
N VAL A 3 -0.87 -9.04 12.78
CA VAL A 3 -1.21 -8.27 11.60
C VAL A 3 -0.47 -6.94 11.58
N PRO A 4 0.86 -7.01 11.41
CA PRO A 4 1.72 -5.82 11.37
C PRO A 4 1.50 -4.98 10.11
N PRO A 5 2.04 -3.77 10.11
CA PRO A 5 1.92 -2.84 8.98
C PRO A 5 2.72 -3.31 7.76
N THR A 6 2.18 -4.28 7.04
CA THR A 6 2.84 -4.81 5.85
C THR A 6 1.91 -4.78 4.65
N TYR A 7 1.05 -3.78 4.59
CA TYR A 7 0.10 -3.64 3.49
C TYR A 7 0.84 -3.45 2.17
N ALA A 8 2.02 -2.85 2.23
CA ALA A 8 2.82 -2.61 1.05
C ALA A 8 3.80 -3.75 0.80
N ASP A 9 3.57 -4.87 1.49
CA ASP A 9 4.43 -6.05 1.34
C ASP A 9 4.40 -6.57 -0.09
N LEU A 10 3.25 -6.43 -0.75
CA LEU A 10 3.09 -6.88 -2.12
C LEU A 10 3.73 -5.91 -3.10
N GLY A 11 3.67 -6.23 -4.38
CA GLY A 11 4.25 -5.37 -5.40
C GLY A 11 3.81 -3.93 -5.25
N LYS A 12 4.79 -3.04 -5.08
CA LYS A 12 4.50 -1.61 -4.93
C LYS A 12 4.58 -0.89 -6.27
N SER A 13 5.45 -1.37 -7.15
CA SER A 13 5.62 -0.77 -8.46
C SER A 13 4.27 -0.58 -9.15
N ALA A 14 3.48 -1.64 -9.19
CA ALA A 14 2.16 -1.59 -9.82
C ALA A 14 1.34 -0.42 -9.28
N ARG A 15 1.55 -0.09 -8.01
CA ARG A 15 0.83 1.00 -7.37
C ARG A 15 1.51 2.33 -7.66
N ASP A 16 2.81 2.28 -7.94
CA ASP A 16 3.58 3.49 -8.23
C ASP A 16 2.89 4.33 -9.30
N VAL A 17 2.35 3.65 -10.32
CA VAL A 17 1.66 4.33 -11.41
C VAL A 17 0.63 5.31 -10.88
N PHE A 18 0.04 4.99 -9.72
CA PHE A 18 -0.97 5.85 -9.11
C PHE A 18 -0.47 7.28 -9.02
N THR A 19 0.83 7.45 -8.80
CA THR A 19 1.43 8.78 -8.70
C THR A 19 1.02 9.66 -9.87
N LYS A 20 0.81 9.04 -11.02
CA LYS A 20 0.41 9.77 -12.23
C LYS A 20 -0.79 10.67 -11.95
N GLY A 21 -1.79 10.11 -11.27
CA GLY A 21 -2.98 10.87 -10.95
C GLY A 21 -3.23 10.97 -9.46
N TYR A 22 -2.14 11.14 -8.70
CA TYR A 22 -2.24 11.25 -7.24
C TYR A 22 -1.97 12.67 -6.79
N GLY A 23 -2.41 13.64 -7.59
CA GLY A 23 -2.21 15.04 -7.25
C GLY A 23 -0.76 15.36 -6.94
N PHE A 24 0.12 15.06 -7.89
CA PHE A 24 1.55 15.32 -7.71
C PHE A 24 1.79 16.76 -7.25
N GLY A 25 2.67 16.92 -6.26
CA GLY A 25 2.97 18.24 -5.74
C GLY A 25 2.04 18.65 -4.62
N LEU A 26 2.48 18.43 -3.38
CA LEU A 26 1.68 18.78 -2.22
C LEU A 26 2.47 18.58 -0.93
N ILE A 27 1.89 19.00 0.18
CA ILE A 27 2.54 18.85 1.48
C ILE A 27 1.99 17.66 2.25
N LYS A 28 2.86 16.97 2.97
CA LYS A 28 2.45 15.81 3.76
C LYS A 28 3.00 15.89 5.18
N LEU A 29 2.13 15.69 6.16
CA LEU A 29 2.53 15.74 7.56
C LEU A 29 2.34 14.39 8.23
N ASP A 30 3.45 13.73 8.53
CA ASP A 30 3.42 12.42 9.18
C ASP A 30 4.15 12.44 10.52
N LEU A 31 3.60 11.74 11.51
CA LEU A 31 4.20 11.69 12.83
C LEU A 31 3.79 10.42 13.56
N LYS A 32 4.41 10.19 14.72
CA LYS A 32 4.11 9.01 15.52
C LYS A 32 4.61 7.75 14.83
N THR A 33 4.21 6.60 15.35
CA THR A 33 4.62 5.31 14.79
C THR A 33 3.73 4.17 15.29
N LYS A 34 3.67 3.09 14.53
CA LYS A 34 2.87 1.94 14.90
C LYS A 34 3.64 1.01 15.84
N SER A 35 4.66 0.36 15.31
CA SER A 35 5.48 -0.56 16.10
C SER A 35 6.01 0.13 17.36
N GLU A 36 5.66 -0.40 18.52
CA GLU A 36 6.10 0.16 19.78
C GLU A 36 5.70 -0.76 20.95
N ASN A 37 6.33 -0.53 22.10
CA ASN A 37 6.06 -1.34 23.29
C ASN A 37 4.82 -0.81 24.02
N GLY A 38 3.73 -1.56 23.91
CA GLY A 38 2.49 -1.15 24.57
C GLY A 38 1.42 -0.73 23.58
N LEU A 39 1.26 0.57 23.40
CA LEU A 39 0.26 1.10 22.47
C LEU A 39 0.91 1.58 21.18
N GLU A 40 0.08 1.94 20.21
CA GLU A 40 0.58 2.42 18.93
C GLU A 40 -0.20 3.64 18.46
N PHE A 41 0.45 4.50 17.68
CA PHE A 41 -0.18 5.71 17.17
C PHE A 41 0.43 6.12 15.83
N THR A 42 -0.42 6.34 14.84
CA THR A 42 0.03 6.73 13.51
C THR A 42 -0.71 7.98 13.03
N SER A 43 0.05 9.05 12.80
CA SER A 43 -0.53 10.31 12.33
C SER A 43 -0.03 10.65 10.94
N SER A 44 -0.97 10.83 10.01
CA SER A 44 -0.62 11.15 8.63
C SER A 44 -1.64 12.13 8.04
N GLY A 45 -1.14 13.15 7.34
CA GLY A 45 -2.03 14.12 6.73
C GLY A 45 -1.39 14.82 5.54
N SER A 46 -2.13 15.73 4.93
CA SER A 46 -1.63 16.47 3.76
C SER A 46 -2.31 17.83 3.65
N ALA A 47 -1.69 18.73 2.91
CA ALA A 47 -2.23 20.06 2.70
C ALA A 47 -1.59 20.75 1.51
N ASN A 48 -2.21 21.82 1.03
CA ASN A 48 -1.70 22.56 -0.11
C ASN A 48 -2.26 23.98 -0.14
N THR A 49 -1.81 24.78 -1.10
CA THR A 49 -2.27 26.15 -1.23
C THR A 49 -3.55 26.24 -2.04
N GLU A 50 -4.68 26.03 -1.38
CA GLU A 50 -5.98 26.08 -2.04
C GLU A 50 -7.02 26.77 -1.15
N THR A 51 -8.26 26.83 -1.64
CA THR A 51 -9.33 27.46 -0.90
C THR A 51 -10.02 26.48 0.03
N THR A 52 -9.22 25.75 0.81
CA THR A 52 -9.75 24.77 1.74
C THR A 52 -8.81 24.56 2.92
N LYS A 53 -9.31 23.94 3.99
CA LYS A 53 -8.51 23.68 5.18
C LYS A 53 -7.58 22.49 4.95
N VAL A 54 -6.64 22.30 5.86
CA VAL A 54 -5.68 21.20 5.78
C VAL A 54 -6.34 19.88 6.14
N THR A 55 -5.77 18.79 5.63
CA THR A 55 -6.29 17.45 5.90
C THR A 55 -5.33 16.64 6.76
N GLY A 56 -5.88 15.85 7.67
CA GLY A 56 -5.05 15.03 8.54
C GLY A 56 -5.83 13.88 9.15
N SER A 57 -5.12 12.80 9.48
CA SER A 57 -5.74 11.63 10.08
C SER A 57 -4.92 11.11 11.25
N LEU A 58 -5.58 10.89 12.38
CA LEU A 58 -4.92 10.40 13.58
C LEU A 58 -5.50 9.05 14.01
N GLU A 59 -4.67 8.02 13.96
CA GLU A 59 -5.11 6.68 14.35
C GLU A 59 -4.44 6.25 15.65
N THR A 60 -5.26 5.87 16.63
CA THR A 60 -4.77 5.44 17.93
C THR A 60 -5.07 3.97 18.18
N LYS A 61 -4.02 3.18 18.39
CA LYS A 61 -4.18 1.75 18.65
C LYS A 61 -3.96 1.43 20.11
N TYR A 62 -5.04 1.08 20.81
CA TYR A 62 -4.96 0.75 22.24
C TYR A 62 -5.51 -0.65 22.49
N ARG A 63 -4.69 -1.49 23.12
CA ARG A 63 -5.10 -2.85 23.43
C ARG A 63 -4.90 -3.14 24.92
N TRP A 64 -5.54 -4.21 25.39
CA TRP A 64 -5.44 -4.61 26.79
C TRP A 64 -4.88 -6.02 26.93
N THR A 65 -4.33 -6.32 28.09
CA THR A 65 -3.75 -7.64 28.36
C THR A 65 -4.52 -8.36 29.46
N GLU A 66 -5.84 -8.37 29.35
CA GLU A 66 -6.68 -9.04 30.33
C GLU A 66 -7.44 -10.20 29.71
N TYR A 67 -7.86 -10.02 28.46
CA TYR A 67 -8.59 -11.07 27.75
C TYR A 67 -8.01 -11.29 26.36
N GLY A 68 -8.21 -10.33 25.47
CA GLY A 68 -7.70 -10.45 24.11
C GLY A 68 -8.48 -9.60 23.12
N LEU A 69 -8.69 -8.34 23.47
CA LEU A 69 -9.43 -7.43 22.59
C LEU A 69 -8.61 -6.18 22.28
N THR A 70 -8.59 -5.79 21.02
CA THR A 70 -7.84 -4.61 20.59
C THR A 70 -8.78 -3.49 20.15
N PHE A 71 -8.66 -2.34 20.80
CA PHE A 71 -9.50 -1.19 20.46
C PHE A 71 -8.71 -0.14 19.68
N THR A 72 -9.10 0.06 18.43
CA THR A 72 -8.42 1.03 17.57
C THR A 72 -9.34 2.21 17.25
N VAL A 73 -9.01 3.37 17.80
CA VAL A 73 -9.80 4.58 17.57
C VAL A 73 -9.06 5.57 16.67
N LYS A 74 -9.62 5.82 15.49
CA LYS A 74 -9.02 6.75 14.54
C LYS A 74 -9.93 7.94 14.29
N TRP A 75 -9.44 9.12 14.64
CA TRP A 75 -10.21 10.35 14.45
C TRP A 75 -9.36 11.45 13.81
N ASN A 76 -10.01 12.42 13.20
CA ASN A 76 -9.31 13.52 12.55
C ASN A 76 -10.19 14.20 11.52
N THR A 77 -9.57 14.87 10.55
CA THR A 77 -10.30 15.58 9.50
C THR A 77 -9.89 15.07 8.12
N ASP A 78 -10.76 14.28 7.50
CA ASP A 78 -10.50 13.74 6.18
C ASP A 78 -11.77 13.16 5.56
N ASN A 79 -11.63 12.59 4.37
CA ASN A 79 -12.77 12.01 3.66
C ASN A 79 -13.51 11.01 4.55
N THR A 80 -12.75 10.27 5.35
CA THR A 80 -13.32 9.27 6.25
C THR A 80 -12.34 8.88 7.34
N LEU A 81 -12.87 8.52 8.51
CA LEU A 81 -12.02 8.12 9.64
C LEU A 81 -12.51 6.80 10.23
N GLY A 82 -13.80 6.74 10.55
CA GLY A 82 -14.36 5.53 11.11
C GLY A 82 -13.57 5.02 12.31
N THR A 83 -13.57 3.71 12.50
CA THR A 83 -12.86 3.11 13.62
C THR A 83 -12.50 1.65 13.32
N GLU A 84 -11.83 1.01 14.26
CA GLU A 84 -11.42 -0.38 14.10
C GLU A 84 -11.30 -1.08 15.46
N ILE A 85 -11.59 -2.38 15.47
CA ILE A 85 -11.51 -3.16 16.70
C ILE A 85 -11.21 -4.62 16.41
N THR A 86 -10.10 -5.12 16.96
CA THR A 86 -9.70 -6.50 16.75
C THR A 86 -10.33 -7.42 17.79
N VAL A 87 -10.92 -8.52 17.32
CA VAL A 87 -11.56 -9.47 18.20
C VAL A 87 -11.27 -10.91 17.77
N GLU A 88 -11.27 -11.82 18.73
CA GLU A 88 -11.00 -13.23 18.44
C GLU A 88 -12.18 -14.10 18.86
N ASP A 89 -12.63 -14.96 17.94
CA ASP A 89 -13.75 -15.85 18.21
C ASP A 89 -13.45 -16.76 19.41
N GLN A 90 -12.60 -17.76 19.17
CA GLN A 90 -12.24 -18.70 20.22
C GLN A 90 -10.73 -18.70 20.46
N LEU A 91 -9.97 -18.95 19.40
CA LEU A 91 -8.52 -18.97 19.49
C LEU A 91 -7.91 -17.85 18.66
N ALA A 92 -7.24 -16.92 19.33
CA ALA A 92 -6.60 -15.80 18.66
C ALA A 92 -5.47 -16.27 17.76
N ARG A 93 -4.76 -17.30 18.20
CA ARG A 93 -3.65 -17.85 17.44
C ARG A 93 -4.15 -18.81 16.35
N GLY A 94 -4.05 -18.38 15.10
CA GLY A 94 -4.50 -19.22 14.00
C GLY A 94 -5.70 -18.63 13.27
N LEU A 95 -6.61 -18.02 14.04
CA LEU A 95 -7.80 -17.41 13.47
C LEU A 95 -8.21 -16.17 14.24
N LYS A 96 -8.14 -15.01 13.59
CA LYS A 96 -8.51 -13.75 14.22
C LYS A 96 -9.52 -12.99 13.37
N LEU A 97 -10.33 -12.17 14.03
CA LEU A 97 -11.35 -11.39 13.33
C LEU A 97 -11.17 -9.91 13.61
N THR A 98 -10.64 -9.18 12.62
CA THR A 98 -10.42 -7.75 12.76
C THR A 98 -11.56 -6.95 12.15
N PHE A 99 -12.27 -6.19 12.98
CA PHE A 99 -13.39 -5.37 12.51
C PHE A 99 -12.90 -4.03 11.99
N ASP A 100 -13.03 -3.82 10.69
CA ASP A 100 -12.62 -2.57 10.07
C ASP A 100 -13.81 -1.64 9.83
N SER A 101 -14.02 -0.72 10.76
CA SER A 101 -15.12 0.22 10.66
C SER A 101 -14.70 1.49 9.92
N SER A 102 -13.85 1.32 8.91
CA SER A 102 -13.36 2.45 8.13
C SER A 102 -14.10 2.54 6.80
N PHE A 103 -14.64 3.72 6.51
CA PHE A 103 -15.37 3.95 5.27
C PHE A 103 -14.43 4.36 4.15
N SER A 104 -13.54 3.44 3.77
CA SER A 104 -12.58 3.71 2.71
C SER A 104 -13.27 4.21 1.44
N PRO A 105 -14.16 3.38 0.89
CA PRO A 105 -14.92 3.71 -0.32
C PRO A 105 -15.96 4.80 -0.07
N ASN A 106 -15.53 6.06 -0.19
CA ASN A 106 -16.42 7.19 0.01
C ASN A 106 -17.39 7.34 -1.15
N THR A 107 -18.63 6.88 -0.96
CA THR A 107 -19.65 6.97 -2.00
C THR A 107 -20.87 7.71 -1.50
N GLY A 108 -21.19 7.53 -0.22
CA GLY A 108 -22.35 8.19 0.35
C GLY A 108 -23.25 7.23 1.11
N LYS A 109 -22.64 6.25 1.77
CA LYS A 109 -23.40 5.26 2.54
C LYS A 109 -22.61 4.80 3.76
N LYS A 110 -23.14 3.82 4.47
CA LYS A 110 -22.48 3.29 5.65
C LYS A 110 -21.63 2.07 5.31
N ASN A 111 -20.49 2.31 4.68
CA ASN A 111 -19.58 1.23 4.30
C ASN A 111 -18.96 0.59 5.53
N ALA A 112 -18.65 -0.70 5.42
CA ALA A 112 -18.04 -1.44 6.51
C ALA A 112 -17.19 -2.60 6.00
N LYS A 113 -16.11 -2.90 6.72
CA LYS A 113 -15.21 -3.97 6.33
C LYS A 113 -14.86 -4.85 7.53
N ILE A 114 -14.66 -6.14 7.28
CA ILE A 114 -14.33 -7.07 8.35
C ILE A 114 -13.33 -8.12 7.85
N LYS A 115 -12.15 -8.13 8.46
CA LYS A 115 -11.11 -9.09 8.08
C LYS A 115 -11.19 -10.34 8.94
N THR A 116 -11.04 -11.50 8.30
CA THR A 116 -11.10 -12.77 9.02
C THR A 116 -10.05 -13.74 8.50
N GLY A 117 -9.13 -14.13 9.38
CA GLY A 117 -8.07 -15.06 8.99
C GLY A 117 -6.82 -14.90 9.83
N TYR A 118 -5.68 -15.25 9.26
CA TYR A 118 -4.41 -15.15 9.96
C TYR A 118 -3.33 -14.57 9.05
N LYS A 119 -2.71 -13.48 9.50
CA LYS A 119 -1.66 -12.83 8.73
C LYS A 119 -0.32 -12.93 9.45
N ARG A 120 0.76 -12.76 8.70
CA ARG A 120 2.10 -12.84 9.27
C ARG A 120 3.16 -12.52 8.22
N GLU A 121 4.16 -11.73 8.61
CA GLU A 121 5.23 -11.34 7.71
C GLU A 121 5.82 -12.58 7.01
N HIS A 122 5.86 -13.70 7.72
CA HIS A 122 6.39 -14.93 7.17
C HIS A 122 5.38 -15.60 6.26
N ILE A 123 4.10 -15.48 6.60
CA ILE A 123 3.04 -16.07 5.80
C ILE A 123 1.68 -15.44 6.14
N ASN A 124 0.95 -15.03 5.10
CA ASN A 124 -0.35 -14.42 5.29
C ASN A 124 -1.42 -15.18 4.51
N LEU A 125 -2.47 -15.59 5.22
CA LEU A 125 -3.58 -16.33 4.60
C LEU A 125 -4.89 -16.03 5.29
N GLY A 126 -5.93 -15.75 4.50
CA GLY A 126 -7.22 -15.45 5.07
C GLY A 126 -8.13 -14.72 4.09
N ALA A 127 -9.34 -14.39 4.52
CA ALA A 127 -10.29 -13.69 3.68
C ALA A 127 -10.85 -12.45 4.38
N ASP A 128 -11.45 -11.56 3.61
CA ASP A 128 -12.02 -10.34 4.15
C ASP A 128 -13.40 -10.06 3.57
N MET A 129 -14.35 -9.72 4.44
CA MET A 129 -15.72 -9.44 4.01
C MET A 129 -16.05 -7.96 4.17
N ASP A 130 -16.23 -7.27 3.06
CA ASP A 130 -16.56 -5.85 3.08
C ASP A 130 -17.74 -5.54 2.16
N PHE A 131 -18.46 -4.47 2.46
CA PHE A 131 -19.62 -4.08 1.66
C PHE A 131 -20.27 -2.83 2.24
N ASP A 132 -21.32 -2.35 1.57
CA ASP A 132 -22.04 -1.16 2.02
C ASP A 132 -23.12 -1.54 3.03
N ILE A 133 -24.22 -2.10 2.54
CA ILE A 133 -25.33 -2.50 3.40
C ILE A 133 -25.80 -3.90 3.07
N ALA A 134 -25.89 -4.19 1.77
CA ALA A 134 -26.33 -5.51 1.31
C ALA A 134 -25.39 -6.61 1.81
N GLY A 135 -25.54 -7.80 1.25
CA GLY A 135 -24.70 -8.92 1.64
C GLY A 135 -23.22 -8.57 1.61
N PRO A 136 -22.47 -9.07 2.61
CA PRO A 136 -21.03 -8.81 2.71
C PRO A 136 -20.24 -9.53 1.62
N SER A 137 -19.35 -8.80 0.95
CA SER A 137 -18.53 -9.37 -0.11
C SER A 137 -17.23 -9.94 0.46
N ILE A 138 -17.16 -11.27 0.50
CA ILE A 138 -15.97 -11.95 1.02
C ILE A 138 -14.98 -12.24 -0.10
N ARG A 139 -13.70 -12.04 0.19
CA ARG A 139 -12.64 -12.28 -0.79
C ARG A 139 -11.47 -13.02 -0.16
N GLY A 140 -10.96 -14.02 -0.88
CA GLY A 140 -9.84 -14.79 -0.37
C GLY A 140 -8.50 -14.22 -0.79
N ALA A 141 -7.54 -14.23 0.13
CA ALA A 141 -6.21 -13.70 -0.13
C ALA A 141 -5.14 -14.48 0.63
N LEU A 142 -4.00 -14.69 0.00
CA LEU A 142 -2.90 -15.42 0.61
C LEU A 142 -1.56 -14.98 0.03
N VAL A 143 -0.74 -14.33 0.84
CA VAL A 143 0.57 -13.87 0.40
C VAL A 143 1.68 -14.57 1.17
N LEU A 144 2.50 -15.32 0.44
CA LEU A 144 3.61 -16.06 1.05
C LEU A 144 4.77 -16.21 0.06
N GLY A 145 5.98 -16.28 0.59
CA GLY A 145 7.15 -16.43 -0.25
C GLY A 145 8.13 -17.46 0.29
N TYR A 146 8.67 -18.28 -0.61
CA TYR A 146 9.62 -19.31 -0.21
C TYR A 146 11.05 -18.90 -0.57
N GLU A 147 12.01 -19.74 -0.19
CA GLU A 147 13.42 -19.46 -0.46
C GLU A 147 13.63 -19.13 -1.94
N GLY A 148 13.84 -17.85 -2.23
CA GLY A 148 14.06 -17.43 -3.61
C GLY A 148 12.83 -17.62 -4.47
N TRP A 149 11.66 -17.50 -3.86
CA TRP A 149 10.39 -17.66 -4.58
C TRP A 149 9.28 -16.83 -3.93
N LEU A 150 8.19 -16.64 -4.67
CA LEU A 150 7.06 -15.87 -4.17
C LEU A 150 5.75 -16.40 -4.73
N ALA A 151 4.71 -16.38 -3.91
CA ALA A 151 3.40 -16.85 -4.32
C ALA A 151 2.28 -16.02 -3.69
N GLY A 152 1.36 -15.55 -4.53
CA GLY A 152 0.26 -14.75 -4.02
C GLY A 152 -1.05 -15.07 -4.71
N TYR A 153 -2.06 -15.43 -3.93
CA TYR A 153 -3.37 -15.77 -4.47
C TYR A 153 -4.44 -14.79 -3.99
N GLN A 154 -5.37 -14.45 -4.87
CA GLN A 154 -6.44 -13.53 -4.53
C GLN A 154 -7.71 -13.85 -5.32
N MET A 155 -8.68 -14.46 -4.64
CA MET A 155 -9.94 -14.81 -5.28
C MET A 155 -11.02 -15.08 -4.24
N ASN A 156 -12.27 -14.79 -4.59
CA ASN A 156 -13.39 -14.99 -3.69
C ASN A 156 -13.61 -16.48 -3.42
N PHE A 157 -13.41 -17.29 -4.45
CA PHE A 157 -13.58 -18.73 -4.34
C PHE A 157 -14.98 -19.07 -3.82
N GLU A 158 -15.99 -18.41 -4.39
CA GLU A 158 -17.36 -18.64 -3.99
C GLU A 158 -17.77 -20.10 -4.21
N THR A 159 -17.27 -20.68 -5.31
CA THR A 159 -17.58 -22.06 -5.64
C THR A 159 -16.92 -23.02 -4.66
N ALA A 160 -17.36 -24.28 -4.69
CA ALA A 160 -16.81 -25.29 -3.79
C ALA A 160 -15.73 -26.11 -4.49
N LYS A 161 -16.08 -26.70 -5.64
CA LYS A 161 -15.15 -27.51 -6.41
C LYS A 161 -15.01 -26.97 -7.83
N SER A 162 -16.14 -26.59 -8.43
CA SER A 162 -16.13 -26.07 -9.79
C SER A 162 -15.20 -24.86 -9.91
N ARG A 163 -14.56 -24.72 -11.05
CA ARG A 163 -13.64 -23.61 -11.29
C ARG A 163 -14.41 -22.34 -11.64
N VAL A 164 -13.99 -21.23 -11.03
CA VAL A 164 -14.65 -19.94 -11.27
C VAL A 164 -13.72 -19.01 -12.04
N THR A 165 -14.27 -18.32 -13.03
CA THR A 165 -13.51 -17.38 -13.84
C THR A 165 -12.94 -16.25 -12.99
N GLN A 166 -13.79 -15.66 -12.16
CA GLN A 166 -13.38 -14.56 -11.29
C GLN A 166 -12.36 -15.05 -10.25
N SER A 167 -11.08 -14.94 -10.59
CA SER A 167 -10.01 -15.36 -9.70
C SER A 167 -8.67 -14.75 -10.12
N ASN A 168 -8.07 -13.98 -9.22
CA ASN A 168 -6.79 -13.33 -9.50
C ASN A 168 -5.65 -14.13 -8.88
N PHE A 169 -4.62 -14.41 -9.68
CA PHE A 169 -3.46 -15.15 -9.21
C PHE A 169 -2.17 -14.39 -9.49
N ALA A 170 -1.16 -14.62 -8.66
CA ALA A 170 0.13 -13.95 -8.82
C ALA A 170 1.28 -14.91 -8.54
N VAL A 171 2.18 -15.04 -9.51
CA VAL A 171 3.33 -15.93 -9.35
C VAL A 171 4.63 -15.14 -9.28
N GLY A 172 5.37 -15.33 -8.19
CA GLY A 172 6.62 -14.62 -8.01
C GLY A 172 7.83 -15.54 -8.10
N TYR A 173 8.84 -15.13 -8.85
CA TYR A 173 10.05 -15.92 -9.02
C TYR A 173 11.29 -15.10 -8.69
N LYS A 174 11.92 -15.42 -7.56
CA LYS A 174 13.12 -14.72 -7.13
C LYS A 174 14.37 -15.50 -7.51
N THR A 175 15.00 -15.12 -8.61
CA THR A 175 16.21 -15.79 -9.08
C THR A 175 17.43 -15.29 -8.32
N ASP A 176 18.59 -15.85 -8.66
CA ASP A 176 19.84 -15.46 -8.01
C ASP A 176 20.03 -13.95 -8.05
N GLU A 177 20.08 -13.40 -9.26
CA GLU A 177 20.25 -11.96 -9.43
C GLU A 177 19.21 -11.39 -10.38
N PHE A 178 18.00 -11.96 -10.34
CA PHE A 178 16.92 -11.51 -11.21
C PHE A 178 15.57 -11.71 -10.53
N GLN A 179 14.79 -10.64 -10.44
CA GLN A 179 13.48 -10.69 -9.81
C GLN A 179 12.37 -10.61 -10.86
N LEU A 180 11.64 -11.72 -11.03
CA LEU A 180 10.55 -11.77 -12.00
C LEU A 180 9.28 -12.31 -11.35
N HIS A 181 8.29 -11.44 -11.18
CA HIS A 181 7.02 -11.82 -10.58
C HIS A 181 5.85 -11.29 -11.40
N THR A 182 5.03 -12.20 -11.91
CA THR A 182 3.87 -11.82 -12.71
C THR A 182 2.57 -12.12 -11.98
N ASN A 183 1.45 -11.73 -12.58
CA ASN A 183 0.14 -11.96 -11.98
C ASN A 183 -0.97 -11.58 -12.95
N VAL A 184 -2.12 -12.24 -12.82
CA VAL A 184 -3.26 -11.97 -13.67
C VAL A 184 -4.55 -11.83 -12.87
N ASN A 185 -5.34 -10.83 -13.20
CA ASN A 185 -6.61 -10.60 -12.49
C ASN A 185 -7.79 -11.11 -13.31
N ASP A 186 -8.51 -12.08 -12.75
CA ASP A 186 -9.66 -12.66 -13.43
C ASP A 186 -9.31 -13.08 -14.85
N GLY A 187 -8.08 -13.53 -15.05
CA GLY A 187 -7.63 -13.94 -16.37
C GLY A 187 -7.93 -12.91 -17.43
N THR A 188 -7.95 -11.64 -17.03
CA THR A 188 -8.23 -10.55 -17.96
C THR A 188 -7.17 -9.47 -17.88
N GLU A 189 -6.83 -9.08 -16.65
CA GLU A 189 -5.82 -8.04 -16.42
C GLU A 189 -4.43 -8.65 -16.37
N PHE A 190 -3.58 -8.24 -17.30
CA PHE A 190 -2.21 -8.74 -17.37
C PHE A 190 -1.27 -7.86 -16.55
N GLY A 191 -0.68 -8.44 -15.50
CA GLY A 191 0.23 -7.69 -14.66
C GLY A 191 1.58 -8.37 -14.51
N GLY A 192 2.65 -7.60 -14.74
CA GLY A 192 3.98 -8.14 -14.64
C GLY A 192 4.98 -7.15 -14.08
N SER A 193 5.70 -7.55 -13.04
CA SER A 193 6.68 -6.67 -12.41
C SER A 193 7.99 -7.43 -12.17
N ILE A 194 9.11 -6.77 -12.48
CA ILE A 194 10.42 -7.37 -12.30
C ILE A 194 11.40 -6.36 -11.70
N TYR A 195 12.45 -6.87 -11.07
CA TYR A 195 13.46 -6.02 -10.45
C TYR A 195 14.86 -6.57 -10.71
N GLN A 196 15.81 -5.68 -10.92
CA GLN A 196 17.20 -6.07 -11.17
C GLN A 196 18.17 -5.03 -10.62
N LYS A 197 19.38 -5.48 -10.28
CA LYS A 197 20.39 -4.60 -9.73
C LYS A 197 21.48 -4.32 -10.76
N VAL A 198 21.91 -3.07 -10.85
CA VAL A 198 22.94 -2.66 -11.80
C VAL A 198 24.28 -2.50 -11.10
N ASN A 199 24.38 -1.49 -10.23
CA ASN A 199 25.61 -1.23 -9.50
C ASN A 199 25.43 -1.52 -8.02
N LYS A 200 26.55 -1.54 -7.29
CA LYS A 200 26.52 -1.81 -5.85
C LYS A 200 25.60 -0.84 -5.13
N LYS A 201 25.58 0.41 -5.59
CA LYS A 201 24.74 1.43 -4.99
C LYS A 201 23.74 1.98 -6.01
N LEU A 202 23.15 1.08 -6.79
CA LEU A 202 22.17 1.47 -7.80
C LEU A 202 21.43 0.25 -8.34
N GLU A 203 20.13 0.39 -8.56
CA GLU A 203 19.33 -0.70 -9.09
C GLU A 203 18.20 -0.17 -9.97
N THR A 204 17.71 -1.01 -10.87
CA THR A 204 16.64 -0.63 -11.78
C THR A 204 15.47 -1.61 -11.69
N ALA A 205 14.27 -1.10 -11.95
CA ALA A 205 13.06 -1.92 -11.90
C ALA A 205 12.18 -1.68 -13.12
N VAL A 206 11.31 -2.63 -13.42
CA VAL A 206 10.40 -2.52 -14.56
C VAL A 206 9.01 -3.02 -14.21
N ASN A 207 8.00 -2.26 -14.61
CA ASN A 207 6.61 -2.63 -14.33
C ASN A 207 5.76 -2.56 -15.60
N LEU A 208 5.29 -3.71 -16.05
CA LEU A 208 4.47 -3.79 -17.25
C LEU A 208 3.13 -4.45 -16.96
N ALA A 209 2.05 -3.70 -17.12
CA ALA A 209 0.71 -4.22 -16.88
C ALA A 209 -0.30 -3.63 -17.87
N TRP A 210 -1.01 -4.51 -18.57
CA TRP A 210 -2.01 -4.07 -19.54
C TRP A 210 -3.36 -4.71 -19.26
N THR A 211 -4.41 -4.12 -19.82
CA THR A 211 -5.77 -4.64 -19.63
C THR A 211 -6.25 -5.39 -20.85
N ALA A 212 -7.54 -5.74 -20.86
CA ALA A 212 -8.13 -6.46 -21.97
C ALA A 212 -8.68 -5.49 -23.02
N GLY A 213 -8.25 -4.23 -22.95
CA GLY A 213 -8.72 -3.23 -23.89
C GLY A 213 -9.36 -2.05 -23.21
N ASN A 214 -8.58 -1.35 -22.38
CA ASN A 214 -9.09 -0.19 -21.66
C ASN A 214 -8.00 0.88 -21.53
N SER A 215 -8.34 1.99 -20.88
CA SER A 215 -7.40 3.09 -20.70
C SER A 215 -6.68 2.97 -19.36
N ASN A 216 -6.70 1.77 -18.80
CA ASN A 216 -6.05 1.51 -17.51
C ASN A 216 -4.61 1.05 -17.72
N THR A 217 -4.03 1.40 -18.87
CA THR A 217 -2.67 1.01 -19.19
C THR A 217 -1.74 1.23 -17.99
N ARG A 218 -0.86 0.27 -17.74
CA ARG A 218 0.08 0.36 -16.64
C ARG A 218 1.44 -0.21 -17.02
N PHE A 219 2.00 0.31 -18.12
CA PHE A 219 3.30 -0.14 -18.59
C PHE A 219 4.34 0.97 -18.46
N GLY A 220 5.52 0.60 -17.95
CA GLY A 220 6.58 1.58 -17.78
C GLY A 220 7.75 1.02 -17.02
N ILE A 221 8.80 1.84 -16.86
CA ILE A 221 9.99 1.40 -16.14
C ILE A 221 10.25 2.30 -14.92
N ALA A 222 10.87 1.73 -13.90
CA ALA A 222 11.18 2.48 -12.68
C ALA A 222 12.66 2.37 -12.33
N ALA A 223 13.11 3.23 -11.43
CA ALA A 223 14.51 3.24 -11.01
C ALA A 223 14.62 3.24 -9.49
N LYS A 224 15.76 2.77 -8.99
CA LYS A 224 16.00 2.71 -7.55
C LYS A 224 17.46 3.05 -7.23
N TYR A 225 17.66 3.75 -6.12
CA TYR A 225 19.00 4.14 -5.70
C TYR A 225 19.09 4.28 -4.19
N GLN A 226 19.97 3.52 -3.57
CA GLN A 226 20.15 3.56 -2.12
C GLN A 226 21.57 3.96 -1.76
N ILE A 227 21.91 5.22 -1.99
CA ILE A 227 23.24 5.72 -1.69
C ILE A 227 23.62 5.43 -0.24
N ASP A 228 22.64 5.50 0.65
CA ASP A 228 22.86 5.26 2.07
C ASP A 228 21.92 4.17 2.58
N PRO A 229 22.29 3.57 3.72
CA PRO A 229 21.49 2.49 4.34
C PRO A 229 20.17 3.01 4.91
N ASP A 230 20.22 4.21 5.50
CA ASP A 230 19.03 4.81 6.08
C ASP A 230 18.23 5.57 5.03
N ALA A 231 18.94 6.20 4.11
CA ALA A 231 18.30 6.97 3.05
C ALA A 231 17.79 6.05 1.94
N SER A 232 16.90 6.58 1.09
CA SER A 232 16.34 5.81 0.00
C SER A 232 15.90 6.72 -1.14
N PHE A 233 16.24 6.34 -2.37
CA PHE A 233 15.88 7.12 -3.54
C PHE A 233 15.29 6.23 -4.63
N SER A 234 14.35 6.78 -5.40
CA SER A 234 13.71 6.04 -6.48
C SER A 234 13.23 6.98 -7.58
N ALA A 235 12.78 6.40 -8.69
CA ALA A 235 12.28 7.18 -9.81
C ALA A 235 11.31 6.38 -10.66
N LYS A 236 10.71 7.04 -11.66
CA LYS A 236 9.76 6.38 -12.55
C LYS A 236 9.71 7.07 -13.89
N VAL A 237 9.59 6.28 -14.97
CA VAL A 237 9.52 6.83 -16.31
C VAL A 237 8.66 5.95 -17.22
N ASN A 238 7.72 6.57 -17.92
CA ASN A 238 6.84 5.85 -18.82
C ASN A 238 6.76 6.54 -20.17
N ASN A 239 5.99 5.95 -21.09
CA ASN A 239 5.83 6.50 -22.43
C ASN A 239 5.36 7.96 -22.36
N SER A 240 4.64 8.28 -21.29
CA SER A 240 4.13 9.63 -21.10
C SER A 240 5.26 10.65 -21.02
N SER A 241 6.47 10.15 -20.80
CA SER A 241 7.65 11.01 -20.69
C SER A 241 7.62 11.81 -19.39
N LEU A 242 7.17 11.17 -18.33
CA LEU A 242 7.09 11.82 -17.01
C LEU A 242 8.26 11.39 -16.13
N ILE A 243 9.11 12.35 -15.79
CA ILE A 243 10.27 12.08 -14.95
C ILE A 243 9.91 12.19 -13.47
N GLY A 244 9.75 11.04 -12.82
CA GLY A 244 9.41 11.03 -11.41
C GLY A 244 10.57 10.60 -10.53
N LEU A 245 10.68 11.22 -9.37
CA LEU A 245 11.76 10.91 -8.43
C LEU A 245 11.28 11.03 -7.00
N GLY A 246 11.76 10.12 -6.13
CA GLY A 246 11.38 10.15 -4.74
C GLY A 246 12.54 9.88 -3.81
N TYR A 247 12.85 10.85 -2.97
CA TYR A 247 13.95 10.72 -2.02
C TYR A 247 13.45 10.74 -0.58
N THR A 248 14.14 10.02 0.30
CA THR A 248 13.76 9.95 1.70
C THR A 248 14.97 9.63 2.58
N GLN A 249 15.30 10.55 3.47
CA GLN A 249 16.44 10.37 4.37
C GLN A 249 16.11 10.89 5.77
N THR A 250 16.90 10.45 6.75
CA THR A 250 16.70 10.86 8.13
C THR A 250 17.56 12.07 8.48
N LEU A 251 17.26 12.72 9.59
CA LEU A 251 18.01 13.89 10.04
C LEU A 251 19.19 13.48 10.91
N LYS A 252 18.89 12.88 12.05
CA LYS A 252 19.92 12.43 12.98
C LYS A 252 19.31 11.75 14.20
N PRO A 253 18.50 12.52 14.95
CA PRO A 253 17.84 12.02 16.16
C PRO A 253 16.74 11.00 15.84
N GLY A 254 15.88 11.36 14.90
CA GLY A 254 14.80 10.46 14.51
C GLY A 254 13.95 11.03 13.39
N ILE A 255 13.71 12.34 13.44
CA ILE A 255 12.90 13.01 12.42
C ILE A 255 13.38 12.65 11.02
N LYS A 256 12.46 12.17 10.19
CA LYS A 256 12.79 11.79 8.82
C LYS A 256 12.17 12.77 7.83
N LEU A 257 12.90 13.04 6.74
CA LEU A 257 12.42 13.96 5.72
C LEU A 257 12.29 13.25 4.37
N THR A 258 11.13 13.40 3.75
CA THR A 258 10.88 12.78 2.44
C THR A 258 10.59 13.83 1.38
N LEU A 259 11.45 13.90 0.37
CA LEU A 259 11.27 14.86 -0.72
C LEU A 259 10.87 14.14 -2.01
N SER A 260 10.01 14.79 -2.79
CA SER A 260 9.54 14.23 -4.04
C SER A 260 9.65 15.25 -5.17
N ALA A 261 9.85 14.75 -6.39
CA ALA A 261 9.98 15.62 -7.56
C ALA A 261 9.41 14.94 -8.80
N LEU A 262 8.50 15.63 -9.48
CA LEU A 262 7.88 15.10 -10.69
C LEU A 262 7.96 16.11 -11.83
N LEU A 263 8.35 15.63 -13.01
CA LEU A 263 8.46 16.50 -14.18
C LEU A 263 7.63 15.95 -15.34
N ASP A 264 6.45 16.52 -15.54
CA ASP A 264 5.57 16.09 -16.62
C ASP A 264 5.83 16.91 -17.88
N GLY A 265 5.32 16.41 -19.01
CA GLY A 265 5.50 17.11 -20.28
C GLY A 265 4.37 16.85 -21.25
N LYS A 266 3.58 17.88 -21.52
CA LYS A 266 2.46 17.77 -22.45
C LYS A 266 1.96 19.14 -22.87
N ASN A 267 1.34 19.20 -24.05
CA ASN A 267 0.80 20.46 -24.56
C ASN A 267 -0.70 20.55 -24.34
N VAL A 268 -1.38 19.40 -24.47
CA VAL A 268 -2.83 19.35 -24.27
C VAL A 268 -3.23 19.97 -22.94
N ASN A 269 -2.39 19.77 -21.93
CA ASN A 269 -2.66 20.31 -20.60
C ASN A 269 -1.55 21.25 -20.16
N ALA A 270 -1.71 21.84 -18.98
CA ALA A 270 -0.72 22.76 -18.43
C ALA A 270 0.55 22.02 -18.03
N GLY A 271 1.65 22.34 -18.70
CA GLY A 271 2.92 21.69 -18.39
C GLY A 271 3.67 22.39 -17.28
N GLY A 272 4.73 21.75 -16.79
CA GLY A 272 5.52 22.33 -15.71
C GLY A 272 6.05 21.28 -14.75
N HIS A 273 6.99 21.68 -13.90
CA HIS A 273 7.57 20.78 -12.93
C HIS A 273 6.99 21.01 -11.54
N LYS A 274 6.70 19.92 -10.83
CA LYS A 274 6.13 20.01 -9.49
C LYS A 274 6.97 19.21 -8.49
N LEU A 275 7.06 19.72 -7.27
CA LEU A 275 7.82 19.04 -6.22
C LEU A 275 6.97 18.83 -4.98
N GLY A 276 7.06 17.63 -4.41
CA GLY A 276 6.29 17.32 -3.22
C GLY A 276 7.14 17.34 -1.96
N LEU A 277 6.52 17.74 -0.85
CA LEU A 277 7.23 17.80 0.43
C LEU A 277 6.52 16.96 1.48
N GLY A 278 7.25 16.03 2.09
CA GLY A 278 6.68 15.18 3.10
C GLY A 278 7.56 15.07 4.33
N LEU A 279 6.97 15.26 5.51
CA LEU A 279 7.71 15.18 6.76
C LEU A 279 7.24 14.00 7.60
N GLU A 280 8.18 13.35 8.28
CA GLU A 280 7.87 12.21 9.11
C GLU A 280 8.53 12.33 10.48
N PHE A 281 7.71 12.45 11.53
CA PHE A 281 8.22 12.57 12.89
C PHE A 281 7.88 11.33 13.71
N GLN A 282 8.71 10.30 13.58
CA GLN A 282 8.50 9.06 14.32
C GLN A 282 9.13 9.13 15.71
N ALA A 283 10.27 9.81 15.79
CA ALA A 283 10.97 9.96 17.05
C ALA A 283 11.15 11.43 17.42
N MET A 1 7.60 -6.48 8.24
CA MET A 1 7.15 -5.11 8.08
C MET A 1 6.24 -4.97 6.86
N ALA A 2 5.44 -3.91 6.84
CA ALA A 2 4.53 -3.66 5.74
C ALA A 2 4.18 -2.18 5.64
N VAL A 3 4.68 -1.53 4.58
CA VAL A 3 4.42 -0.11 4.36
C VAL A 3 2.92 0.16 4.30
N PRO A 4 2.24 -0.49 3.36
CA PRO A 4 0.79 -0.34 3.17
C PRO A 4 -0.02 -0.93 4.32
N PRO A 5 -1.32 -0.60 4.37
CA PRO A 5 -2.22 -1.09 5.41
C PRO A 5 -2.50 -2.59 5.28
N THR A 6 -2.54 -3.07 4.04
CA THR A 6 -2.80 -4.49 3.79
C THR A 6 -1.82 -5.05 2.78
N TYR A 7 -0.53 -5.07 3.14
CA TYR A 7 0.50 -5.57 2.25
C TYR A 7 0.13 -6.95 1.71
N ALA A 8 -0.36 -7.81 2.59
CA ALA A 8 -0.75 -9.17 2.21
C ALA A 8 -1.74 -9.13 1.05
N ASP A 9 -2.58 -8.11 1.01
CA ASP A 9 -3.57 -7.96 -0.05
C ASP A 9 -3.07 -7.02 -1.13
N LEU A 10 -1.75 -6.97 -1.30
CA LEU A 10 -1.14 -6.10 -2.31
C LEU A 10 -1.82 -6.29 -3.67
N GLY A 11 -2.54 -5.26 -4.11
CA GLY A 11 -3.22 -5.33 -5.39
C GLY A 11 -2.55 -4.49 -6.46
N LYS A 12 -3.34 -3.96 -7.38
CA LYS A 12 -2.81 -3.13 -8.46
C LYS A 12 -2.39 -1.77 -7.93
N SER A 13 -2.71 -1.49 -6.67
CA SER A 13 -2.36 -0.22 -6.05
C SER A 13 -0.89 0.11 -6.27
N ALA A 14 -0.07 -0.92 -6.37
CA ALA A 14 1.36 -0.75 -6.58
C ALA A 14 1.63 0.20 -7.75
N ARG A 15 0.76 0.16 -8.75
CA ARG A 15 0.89 1.02 -9.93
C ARG A 15 0.07 2.29 -9.77
N ASP A 16 -0.88 2.26 -8.85
CA ASP A 16 -1.74 3.41 -8.59
C ASP A 16 -0.91 4.64 -8.24
N VAL A 17 0.33 4.41 -7.81
CA VAL A 17 1.22 5.49 -7.43
C VAL A 17 1.27 6.57 -8.53
N PHE A 18 0.94 6.18 -9.75
CA PHE A 18 0.95 7.11 -10.88
C PHE A 18 0.07 8.32 -10.58
N THR A 19 -0.85 8.16 -9.65
CA THR A 19 -1.76 9.24 -9.27
C THR A 19 -1.14 10.15 -8.21
N LYS A 20 0.18 10.02 -8.04
CA LYS A 20 0.89 10.82 -7.07
C LYS A 20 0.92 12.30 -7.49
N GLY A 21 0.54 12.56 -8.73
CA GLY A 21 0.53 13.92 -9.23
C GLY A 21 -0.77 14.64 -8.93
N TYR A 22 -1.27 14.46 -7.70
CA TYR A 22 -2.52 15.09 -7.30
C TYR A 22 -2.25 16.42 -6.59
N GLY A 23 -1.23 17.13 -7.05
CA GLY A 23 -0.88 18.40 -6.45
C GLY A 23 0.34 18.31 -5.55
N PHE A 24 1.40 17.68 -6.05
CA PHE A 24 2.62 17.52 -5.28
C PHE A 24 3.12 18.86 -4.76
N GLY A 25 4.14 18.83 -3.91
CA GLY A 25 4.69 20.05 -3.35
C GLY A 25 3.97 20.49 -2.09
N LEU A 26 4.51 20.10 -0.94
CA LEU A 26 3.90 20.45 0.34
C LEU A 26 4.70 19.86 1.50
N ILE A 27 4.44 20.36 2.70
CA ILE A 27 5.13 19.88 3.89
C ILE A 27 4.23 18.97 4.73
N LYS A 28 4.56 17.68 4.74
CA LYS A 28 3.77 16.70 5.50
C LYS A 28 4.62 16.06 6.59
N LEU A 29 3.97 15.36 7.50
CA LEU A 29 4.66 14.70 8.61
C LEU A 29 3.88 13.48 9.08
N ASP A 30 4.54 12.31 9.05
CA ASP A 30 3.91 11.07 9.48
C ASP A 30 4.24 10.78 10.94
N LEU A 31 3.24 10.91 11.81
CA LEU A 31 3.42 10.65 13.24
C LEU A 31 3.00 9.23 13.59
N LYS A 32 3.97 8.32 13.64
CA LYS A 32 3.70 6.93 13.97
C LYS A 32 4.05 6.64 15.43
N THR A 33 3.07 6.14 16.18
CA THR A 33 3.27 5.82 17.59
C THR A 33 2.77 4.42 17.91
N LYS A 34 3.57 3.41 17.57
CA LYS A 34 3.20 2.03 17.83
C LYS A 34 3.76 1.55 19.17
N SER A 35 3.39 0.34 19.57
CA SER A 35 3.86 -0.23 20.83
C SER A 35 3.87 -1.75 20.76
N GLU A 36 4.07 -2.39 21.92
CA GLU A 36 4.11 -3.84 21.99
C GLU A 36 2.78 -4.39 22.50
N ASN A 37 2.42 -4.01 23.72
CA ASN A 37 1.17 -4.46 24.33
C ASN A 37 -0.01 -4.18 23.42
N GLY A 38 -0.43 -2.91 23.37
CA GLY A 38 -1.54 -2.52 22.53
C GLY A 38 -1.63 -1.02 22.34
N LEU A 39 -1.07 -0.52 21.25
CA LEU A 39 -1.09 0.90 20.95
C LEU A 39 -0.50 1.18 19.57
N GLU A 40 -1.33 1.69 18.67
CA GLU A 40 -0.89 2.00 17.32
C GLU A 40 -1.47 3.34 16.85
N PHE A 41 -0.99 4.42 17.44
CA PHE A 41 -1.46 5.76 17.08
C PHE A 41 -0.65 6.33 15.92
N THR A 42 -1.18 6.18 14.71
CA THR A 42 -0.52 6.68 13.52
C THR A 42 -1.38 7.70 12.79
N SER A 43 -0.80 8.86 12.49
CA SER A 43 -1.52 9.92 11.79
C SER A 43 -0.57 10.76 10.94
N SER A 44 -0.83 10.79 9.63
CA SER A 44 0.01 11.55 8.71
C SER A 44 -0.71 12.82 8.26
N GLY A 45 -0.05 13.96 8.46
CA GLY A 45 -0.64 15.23 8.07
C GLY A 45 0.13 15.90 6.95
N SER A 46 -0.57 16.69 6.14
CA SER A 46 0.06 17.38 5.01
C SER A 46 -0.40 18.84 4.95
N ALA A 47 0.54 19.76 5.06
CA ALA A 47 0.24 21.19 5.01
C ALA A 47 0.88 21.85 3.79
N ASN A 48 0.35 23.01 3.41
CA ASN A 48 0.88 23.74 2.27
C ASN A 48 1.19 25.18 2.64
N THR A 49 1.91 25.88 1.76
CA THR A 49 2.29 27.26 2.01
C THR A 49 1.11 28.19 1.74
N GLU A 50 0.24 27.81 0.82
CA GLU A 50 -0.93 28.61 0.49
C GLU A 50 -1.82 28.81 1.70
N THR A 51 -3.02 29.35 1.48
CA THR A 51 -3.97 29.59 2.55
C THR A 51 -4.14 28.35 3.43
N THR A 52 -4.78 28.53 4.58
CA THR A 52 -5.01 27.42 5.51
C THR A 52 -5.64 26.24 4.80
N LYS A 53 -4.86 25.18 4.62
CA LYS A 53 -5.35 23.98 3.95
C LYS A 53 -4.56 22.75 4.40
N VAL A 54 -4.90 22.24 5.58
CA VAL A 54 -4.22 21.07 6.13
C VAL A 54 -5.08 19.82 5.97
N THR A 55 -4.45 18.72 5.56
CA THR A 55 -5.16 17.46 5.37
C THR A 55 -4.32 16.28 5.83
N GLY A 56 -4.91 15.44 6.68
CA GLY A 56 -4.19 14.28 7.18
C GLY A 56 -4.87 12.97 6.82
N SER A 57 -4.35 11.86 7.33
CA SER A 57 -4.91 10.55 7.06
C SER A 57 -4.04 9.45 7.66
N LEU A 58 -4.68 8.41 8.15
CA LEU A 58 -3.97 7.28 8.76
C LEU A 58 -4.91 6.41 9.58
N GLU A 59 -4.46 5.98 10.75
CA GLU A 59 -5.26 5.14 11.63
C GLU A 59 -4.74 5.19 13.06
N THR A 60 -5.66 5.18 14.02
CA THR A 60 -5.29 5.24 15.43
C THR A 60 -5.91 4.07 16.20
N LYS A 61 -5.07 3.12 16.59
CA LYS A 61 -5.53 1.96 17.33
C LYS A 61 -5.28 2.12 18.83
N TYR A 62 -6.32 1.93 19.63
CA TYR A 62 -6.21 2.06 21.08
C TYR A 62 -6.91 0.91 21.78
N ARG A 63 -6.34 0.48 22.90
CA ARG A 63 -6.91 -0.62 23.67
C ARG A 63 -7.88 -0.09 24.73
N TRP A 64 -8.94 -0.85 24.99
CA TRP A 64 -9.93 -0.47 25.98
C TRP A 64 -9.32 -0.37 27.38
N THR A 65 -9.97 0.38 28.25
CA THR A 65 -9.48 0.55 29.62
C THR A 65 -9.20 -0.80 30.28
N GLU A 66 -10.03 -1.79 29.97
CA GLU A 66 -9.87 -3.12 30.53
C GLU A 66 -9.67 -4.16 29.43
N TYR A 67 -9.21 -5.34 29.81
CA TYR A 67 -8.97 -6.42 28.85
C TYR A 67 -10.28 -6.89 28.24
N GLY A 68 -10.67 -6.27 27.12
CA GLY A 68 -11.90 -6.64 26.45
C GLY A 68 -11.74 -6.70 24.94
N LEU A 69 -11.64 -5.53 24.31
CA LEU A 69 -11.49 -5.45 22.86
C LEU A 69 -10.62 -4.27 22.48
N THR A 70 -10.19 -4.24 21.22
CA THR A 70 -9.36 -3.16 20.71
C THR A 70 -10.15 -2.22 19.80
N PHE A 71 -10.11 -0.93 20.11
CA PHE A 71 -10.83 0.06 19.32
C PHE A 71 -9.86 0.89 18.48
N THR A 72 -10.03 0.85 17.16
CA THR A 72 -9.18 1.60 16.25
C THR A 72 -10.00 2.46 15.30
N VAL A 73 -9.37 3.50 14.75
CA VAL A 73 -10.05 4.40 13.83
C VAL A 73 -9.17 4.72 12.62
N LYS A 74 -9.43 4.04 11.51
CA LYS A 74 -8.65 4.26 10.29
C LYS A 74 -9.47 5.06 9.27
N TRP A 75 -8.92 6.19 8.83
CA TRP A 75 -9.59 7.03 7.86
C TRP A 75 -8.72 8.21 7.47
N ASN A 76 -9.28 9.14 6.70
CA ASN A 76 -8.55 10.32 6.27
C ASN A 76 -8.97 11.56 7.06
N THR A 77 -7.99 12.29 7.56
CA THR A 77 -8.26 13.50 8.34
C THR A 77 -8.67 14.66 7.44
N ASP A 78 -9.95 14.71 7.09
CA ASP A 78 -10.48 15.76 6.24
C ASP A 78 -11.94 16.06 6.57
N ASN A 79 -12.73 15.00 6.69
CA ASN A 79 -14.15 15.14 7.00
C ASN A 79 -14.62 14.02 7.93
N THR A 80 -14.80 12.83 7.37
CA THR A 80 -15.24 11.69 8.15
C THR A 80 -15.41 10.45 7.28
N LEU A 81 -15.42 9.28 7.91
CA LEU A 81 -15.57 8.03 7.19
C LEU A 81 -16.26 6.97 8.05
N GLY A 82 -15.50 6.40 8.99
CA GLY A 82 -16.05 5.40 9.87
C GLY A 82 -15.13 5.04 11.01
N THR A 83 -15.26 3.83 11.53
CA THR A 83 -14.42 3.38 12.63
C THR A 83 -13.89 1.97 12.36
N GLU A 84 -13.13 1.44 13.32
CA GLU A 84 -12.56 0.10 13.19
C GLU A 84 -12.60 -0.64 14.52
N ILE A 85 -12.96 -1.92 14.48
CA ILE A 85 -13.04 -2.74 15.68
C ILE A 85 -12.13 -3.97 15.56
N THR A 86 -11.05 -3.99 16.34
CA THR A 86 -10.12 -5.10 16.31
C THR A 86 -10.27 -5.95 17.57
N VAL A 87 -10.12 -7.26 17.40
CA VAL A 87 -10.24 -8.20 18.53
C VAL A 87 -9.32 -9.40 18.33
N GLU A 88 -8.89 -9.99 19.44
CA GLU A 88 -8.01 -11.15 19.40
C GLU A 88 -8.68 -12.37 20.03
N ASP A 89 -8.03 -13.52 19.90
CA ASP A 89 -8.58 -14.76 20.46
C ASP A 89 -7.68 -15.28 21.58
N GLN A 90 -6.51 -15.79 21.21
CA GLN A 90 -5.56 -16.32 22.18
C GLN A 90 -4.25 -15.55 22.14
N LEU A 91 -3.74 -15.33 20.93
CA LEU A 91 -2.48 -14.61 20.75
C LEU A 91 -2.67 -13.40 19.84
N ALA A 92 -2.02 -12.29 20.20
CA ALA A 92 -2.12 -11.06 19.41
C ALA A 92 -1.41 -11.21 18.07
N ARG A 93 -0.21 -11.79 18.10
CA ARG A 93 0.57 -11.98 16.89
C ARG A 93 0.27 -13.34 16.26
N GLY A 94 -0.07 -13.33 14.98
CA GLY A 94 -0.37 -14.57 14.28
C GLY A 94 -1.83 -14.66 13.88
N LEU A 95 -2.71 -14.13 14.72
CA LEU A 95 -4.14 -14.16 14.44
C LEU A 95 -4.83 -12.92 15.00
N LYS A 96 -5.27 -12.03 14.10
CA LYS A 96 -5.95 -10.81 14.50
C LYS A 96 -7.25 -10.63 13.73
N LEU A 97 -8.29 -10.20 14.44
CA LEU A 97 -9.60 -9.98 13.81
C LEU A 97 -9.93 -8.50 13.75
N THR A 98 -9.74 -7.91 12.57
CA THR A 98 -10.02 -6.49 12.37
C THR A 98 -11.34 -6.29 11.63
N PHE A 99 -12.13 -5.33 12.10
CA PHE A 99 -13.43 -5.04 11.48
C PHE A 99 -13.45 -3.62 10.92
N ASP A 100 -13.79 -3.50 9.64
CA ASP A 100 -13.85 -2.20 8.99
C ASP A 100 -15.23 -1.58 9.14
N SER A 101 -15.38 -0.70 10.12
CA SER A 101 -16.64 -0.04 10.38
C SER A 101 -16.75 1.27 9.58
N SER A 102 -16.21 1.26 8.37
CA SER A 102 -16.23 2.44 7.51
C SER A 102 -16.76 2.09 6.12
N PHE A 103 -17.84 2.75 5.72
CA PHE A 103 -18.43 2.51 4.41
C PHE A 103 -19.05 3.79 3.84
N SER A 104 -19.07 3.89 2.52
CA SER A 104 -19.62 5.07 1.85
C SER A 104 -21.08 5.28 2.25
N PRO A 105 -21.58 6.51 2.04
CA PRO A 105 -22.96 6.87 2.36
C PRO A 105 -23.96 6.20 1.43
N ASN A 106 -24.44 5.02 1.82
CA ASN A 106 -25.41 4.29 1.02
C ASN A 106 -26.50 3.69 1.90
N THR A 107 -27.43 2.97 1.27
CA THR A 107 -28.52 2.34 2.00
C THR A 107 -28.01 1.25 2.94
N GLY A 108 -28.94 0.59 3.64
CA GLY A 108 -28.55 -0.46 4.56
C GLY A 108 -28.39 0.04 5.98
N LYS A 109 -28.58 -0.85 6.95
CA LYS A 109 -28.44 -0.48 8.35
C LYS A 109 -27.01 -0.70 8.83
N LYS A 110 -26.53 -1.94 8.75
CA LYS A 110 -25.19 -2.28 9.17
C LYS A 110 -24.30 -2.56 7.97
N ASN A 111 -23.70 -1.51 7.42
CA ASN A 111 -22.83 -1.64 6.26
C ASN A 111 -21.36 -1.50 6.67
N ALA A 112 -20.59 -2.57 6.48
CA ALA A 112 -19.17 -2.56 6.82
C ALA A 112 -18.47 -3.79 6.27
N LYS A 113 -17.17 -3.90 6.53
CA LYS A 113 -16.38 -5.04 6.07
C LYS A 113 -15.68 -5.72 7.23
N ILE A 114 -15.20 -6.94 6.98
CA ILE A 114 -14.52 -7.71 8.01
C ILE A 114 -13.20 -8.27 7.48
N LYS A 115 -12.23 -8.42 8.38
CA LYS A 115 -10.92 -8.95 8.02
C LYS A 115 -10.32 -9.75 9.16
N THR A 116 -9.71 -10.89 8.83
CA THR A 116 -9.10 -11.74 9.84
C THR A 116 -7.84 -12.42 9.28
N GLY A 117 -6.73 -12.27 9.99
CA GLY A 117 -5.49 -12.86 9.55
C GLY A 117 -4.28 -12.27 10.25
N TYR A 118 -3.13 -12.33 9.59
CA TYR A 118 -1.89 -11.78 10.15
C TYR A 118 -0.87 -11.51 9.05
N LYS A 119 -0.06 -10.48 9.26
CA LYS A 119 0.97 -10.12 8.28
C LYS A 119 2.34 -10.03 8.95
N ARG A 120 3.34 -10.65 8.33
CA ARG A 120 4.69 -10.65 8.87
C ARG A 120 5.69 -10.14 7.82
N GLU A 121 6.97 -10.30 8.12
CA GLU A 121 8.02 -9.86 7.20
C GLU A 121 8.33 -10.94 6.18
N HIS A 122 8.27 -12.19 6.61
CA HIS A 122 8.55 -13.32 5.72
C HIS A 122 7.29 -13.76 4.98
N ILE A 123 6.17 -13.81 5.70
CA ILE A 123 4.90 -14.20 5.12
C ILE A 123 3.75 -13.38 5.69
N ASN A 124 2.83 -12.98 4.82
CA ASN A 124 1.67 -12.19 5.24
C ASN A 124 0.42 -12.62 4.48
N LEU A 125 -0.63 -12.95 5.23
CA LEU A 125 -1.89 -13.37 4.62
C LEU A 125 -3.08 -12.93 5.48
N GLY A 126 -4.21 -12.71 4.84
CA GLY A 126 -5.41 -12.29 5.56
C GLY A 126 -6.68 -12.55 4.77
N ALA A 127 -7.78 -12.76 5.48
CA ALA A 127 -9.07 -13.01 4.84
C ALA A 127 -10.04 -11.87 5.10
N ASP A 128 -10.44 -11.19 4.03
CA ASP A 128 -11.38 -10.07 4.13
C ASP A 128 -12.71 -10.41 3.49
N MET A 129 -13.77 -9.73 3.91
CA MET A 129 -15.09 -9.95 3.36
C MET A 129 -15.97 -8.71 3.52
N ASP A 130 -16.77 -8.42 2.50
CA ASP A 130 -17.65 -7.27 2.53
C ASP A 130 -19.03 -7.64 3.06
N PHE A 131 -19.46 -6.95 4.12
CA PHE A 131 -20.76 -7.22 4.72
C PHE A 131 -21.65 -5.99 4.68
N ASP A 132 -22.42 -5.85 3.61
CA ASP A 132 -23.31 -4.71 3.45
C ASP A 132 -24.72 -5.05 3.91
N ILE A 133 -25.42 -5.86 3.13
CA ILE A 133 -26.78 -6.26 3.46
C ILE A 133 -27.33 -7.24 2.43
N ALA A 134 -27.75 -8.42 2.90
CA ALA A 134 -28.29 -9.44 2.02
C ALA A 134 -27.36 -9.72 0.85
N GLY A 135 -26.08 -9.95 1.14
CA GLY A 135 -25.12 -10.21 0.10
C GLY A 135 -23.69 -10.24 0.62
N PRO A 136 -23.39 -11.25 1.45
CA PRO A 136 -22.05 -11.42 2.03
C PRO A 136 -21.01 -11.82 1.00
N SER A 137 -19.98 -10.99 0.87
CA SER A 137 -18.91 -11.26 -0.10
C SER A 137 -17.63 -11.67 0.61
N ILE A 138 -17.08 -12.81 0.22
CA ILE A 138 -15.85 -13.31 0.82
C ILE A 138 -14.66 -13.14 -0.12
N ARG A 139 -13.51 -12.81 0.44
CA ARG A 139 -12.30 -12.61 -0.35
C ARG A 139 -11.05 -12.87 0.49
N GLY A 140 -10.42 -14.02 0.29
CA GLY A 140 -9.23 -14.37 1.04
C GLY A 140 -7.96 -14.20 0.21
N ALA A 141 -6.97 -13.52 0.77
CA ALA A 141 -5.71 -13.29 0.10
C ALA A 141 -4.53 -13.73 0.96
N LEU A 142 -3.40 -14.01 0.31
CA LEU A 142 -2.20 -14.44 1.01
C LEU A 142 -0.96 -14.27 0.13
N VAL A 143 0.02 -13.55 0.65
CA VAL A 143 1.27 -13.32 -0.09
C VAL A 143 2.48 -13.73 0.73
N LEU A 144 3.36 -14.51 0.13
CA LEU A 144 4.57 -14.97 0.81
C LEU A 144 5.70 -15.20 -0.18
N GLY A 145 6.81 -15.75 0.30
CA GLY A 145 7.95 -16.02 -0.56
C GLY A 145 9.18 -15.23 -0.15
N TYR A 146 10.33 -15.88 -0.18
CA TYR A 146 11.58 -15.23 0.19
C TYR A 146 11.83 -13.99 -0.66
N GLU A 147 12.91 -13.29 -0.36
CA GLU A 147 13.27 -12.08 -1.09
C GLU A 147 13.28 -12.34 -2.60
N GLY A 148 13.72 -13.54 -2.98
CA GLY A 148 13.77 -13.89 -4.39
C GLY A 148 12.47 -14.50 -4.88
N TRP A 149 12.11 -15.65 -4.31
CA TRP A 149 10.88 -16.33 -4.70
C TRP A 149 9.64 -15.56 -4.23
N LEU A 150 8.70 -15.33 -5.14
CA LEU A 150 7.48 -14.61 -4.82
C LEU A 150 6.26 -15.46 -5.13
N ALA A 151 5.32 -15.50 -4.19
CA ALA A 151 4.08 -16.26 -4.37
C ALA A 151 2.91 -15.58 -3.69
N GLY A 152 1.79 -15.50 -4.39
CA GLY A 152 0.60 -14.87 -3.84
C GLY A 152 -0.68 -15.55 -4.26
N TYR A 153 -1.76 -15.28 -3.54
CA TYR A 153 -3.06 -15.88 -3.85
C TYR A 153 -4.19 -14.97 -3.41
N GLN A 154 -5.31 -15.03 -4.15
CA GLN A 154 -6.47 -14.22 -3.83
C GLN A 154 -7.73 -14.80 -4.46
N MET A 155 -8.57 -15.42 -3.64
CA MET A 155 -9.81 -16.02 -4.12
C MET A 155 -11.00 -15.56 -3.29
N ASN A 156 -12.20 -15.97 -3.69
CA ASN A 156 -13.41 -15.60 -2.98
C ASN A 156 -14.06 -16.82 -2.35
N PHE A 157 -13.25 -17.68 -1.73
CA PHE A 157 -13.75 -18.88 -1.09
C PHE A 157 -12.92 -19.23 0.14
N GLU A 158 -13.28 -20.32 0.81
CA GLU A 158 -12.57 -20.76 2.01
C GLU A 158 -12.28 -22.26 1.94
N THR A 159 -11.94 -22.74 0.75
CA THR A 159 -11.64 -24.16 0.56
C THR A 159 -10.22 -24.48 0.98
N ALA A 160 -9.98 -25.72 1.39
CA ALA A 160 -8.67 -26.16 1.82
C ALA A 160 -7.78 -26.48 0.62
N LYS A 161 -8.15 -27.52 -0.12
CA LYS A 161 -7.39 -27.93 -1.29
C LYS A 161 -8.31 -28.52 -2.35
N SER A 162 -8.56 -27.76 -3.42
CA SER A 162 -9.42 -28.22 -4.50
C SER A 162 -8.77 -27.97 -5.86
N ARG A 163 -9.47 -28.33 -6.92
CA ARG A 163 -8.95 -28.15 -8.27
C ARG A 163 -9.73 -27.06 -9.01
N VAL A 164 -9.92 -25.92 -8.34
CA VAL A 164 -10.63 -24.80 -8.93
C VAL A 164 -9.68 -23.82 -9.60
N THR A 165 -10.07 -23.33 -10.77
CA THR A 165 -9.24 -22.39 -11.52
C THR A 165 -10.03 -21.13 -11.86
N GLN A 166 -10.77 -20.62 -10.89
CA GLN A 166 -11.56 -19.41 -11.10
C GLN A 166 -11.33 -18.41 -9.98
N SER A 167 -10.12 -17.85 -9.93
CA SER A 167 -9.76 -16.88 -8.91
C SER A 167 -8.49 -16.13 -9.29
N ASN A 168 -8.02 -15.27 -8.38
CA ASN A 168 -6.81 -14.49 -8.62
C ASN A 168 -5.64 -15.07 -7.86
N PHE A 169 -4.44 -14.91 -8.42
CA PHE A 169 -3.23 -15.42 -7.79
C PHE A 169 -1.99 -14.76 -8.37
N ALA A 170 -0.94 -14.65 -7.55
CA ALA A 170 0.30 -14.03 -8.00
C ALA A 170 1.43 -15.05 -8.03
N VAL A 171 2.40 -14.81 -8.92
CA VAL A 171 3.55 -15.71 -9.05
C VAL A 171 4.78 -14.96 -9.51
N GLY A 172 5.89 -15.15 -8.79
CA GLY A 172 7.14 -14.49 -9.14
C GLY A 172 8.35 -15.29 -8.74
N TYR A 173 9.50 -14.96 -9.33
CA TYR A 173 10.74 -15.64 -9.02
C TYR A 173 11.95 -14.72 -9.21
N LYS A 174 13.09 -15.14 -8.68
CA LYS A 174 14.31 -14.34 -8.80
C LYS A 174 15.40 -15.12 -9.54
N THR A 175 16.26 -14.39 -10.24
CA THR A 175 17.34 -15.00 -10.99
C THR A 175 18.65 -14.26 -10.79
N ASP A 176 19.76 -14.90 -11.15
CA ASP A 176 21.07 -14.29 -11.01
C ASP A 176 21.10 -12.91 -11.67
N GLU A 177 20.40 -12.77 -12.78
CA GLU A 177 20.35 -11.51 -13.51
C GLU A 177 19.51 -10.48 -12.74
N PHE A 178 18.22 -10.78 -12.59
CA PHE A 178 17.31 -9.88 -11.89
C PHE A 178 16.14 -10.65 -11.30
N GLN A 179 15.19 -9.92 -10.71
CA GLN A 179 14.02 -10.54 -10.10
C GLN A 179 12.74 -10.03 -10.76
N LEU A 180 11.79 -10.93 -10.96
CA LEU A 180 10.51 -10.58 -11.59
C LEU A 180 9.35 -11.21 -10.83
N HIS A 181 8.26 -10.46 -10.70
CA HIS A 181 7.07 -10.95 -10.00
C HIS A 181 5.80 -10.54 -10.74
N THR A 182 5.10 -11.54 -11.27
CA THR A 182 3.87 -11.29 -12.01
C THR A 182 2.65 -11.82 -11.25
N ASN A 183 1.47 -11.57 -11.79
CA ASN A 183 0.22 -12.02 -11.17
C ASN A 183 -0.95 -11.89 -12.13
N VAL A 184 -1.93 -12.78 -11.97
CA VAL A 184 -3.11 -12.77 -12.84
C VAL A 184 -4.38 -12.72 -12.00
N ASN A 185 -5.38 -11.99 -12.51
CA ASN A 185 -6.65 -11.85 -11.81
C ASN A 185 -7.83 -12.11 -12.76
N ASP A 186 -8.43 -13.29 -12.64
CA ASP A 186 -9.55 -13.67 -13.48
C ASP A 186 -9.24 -13.42 -14.94
N GLY A 187 -7.95 -13.42 -15.28
CA GLY A 187 -7.54 -13.19 -16.65
C GLY A 187 -7.66 -11.73 -17.06
N THR A 188 -8.47 -10.98 -16.33
CA THR A 188 -8.66 -9.56 -16.62
C THR A 188 -7.40 -8.75 -16.30
N GLU A 189 -6.85 -8.99 -15.12
CA GLU A 189 -5.65 -8.28 -14.70
C GLU A 189 -4.44 -9.20 -14.72
N PHE A 190 -3.72 -9.21 -15.85
CA PHE A 190 -2.54 -10.04 -16.00
C PHE A 190 -1.27 -9.20 -16.02
N GLY A 191 -0.26 -9.65 -15.27
CA GLY A 191 0.99 -8.93 -15.21
C GLY A 191 1.42 -8.63 -13.79
N GLY A 192 2.43 -7.77 -13.65
CA GLY A 192 2.92 -7.42 -12.33
C GLY A 192 4.06 -6.42 -12.37
N SER A 193 5.07 -6.63 -11.53
CA SER A 193 6.22 -5.74 -11.49
C SER A 193 7.52 -6.52 -11.51
N ILE A 194 8.57 -5.89 -12.03
CA ILE A 194 9.88 -6.54 -12.12
C ILE A 194 10.98 -5.61 -11.62
N TYR A 195 11.96 -6.17 -10.92
CA TYR A 195 13.07 -5.40 -10.40
C TYR A 195 14.39 -5.86 -11.00
N GLN A 196 15.06 -4.96 -11.73
CA GLN A 196 16.34 -5.27 -12.35
C GLN A 196 17.45 -4.39 -11.81
N LYS A 197 18.65 -4.94 -11.73
CA LYS A 197 19.79 -4.19 -11.22
C LYS A 197 20.89 -4.10 -12.28
N VAL A 198 21.57 -2.95 -12.33
CA VAL A 198 22.64 -2.73 -13.29
C VAL A 198 23.96 -2.41 -12.59
N ASN A 199 23.86 -1.69 -11.47
CA ASN A 199 25.05 -1.31 -10.71
C ASN A 199 24.83 -1.55 -9.22
N LYS A 200 25.93 -1.74 -8.49
CA LYS A 200 25.86 -1.97 -7.05
C LYS A 200 25.05 -0.89 -6.36
N LYS A 201 25.27 0.36 -6.77
CA LYS A 201 24.55 1.49 -6.18
C LYS A 201 23.59 2.11 -7.20
N LEU A 202 22.89 1.25 -7.94
CA LEU A 202 21.94 1.71 -8.94
C LEU A 202 21.02 0.58 -9.37
N GLU A 203 19.72 0.76 -9.16
CA GLU A 203 18.73 -0.25 -9.52
C GLU A 203 17.58 0.38 -10.31
N THR A 204 16.81 -0.46 -11.00
CA THR A 204 15.68 0.01 -11.79
C THR A 204 14.55 -1.02 -11.80
N ALA A 205 13.32 -0.53 -11.73
CA ALA A 205 12.15 -1.41 -11.74
C ALA A 205 11.29 -1.17 -12.97
N VAL A 206 10.26 -1.98 -13.14
CA VAL A 206 9.36 -1.86 -14.28
C VAL A 206 8.06 -2.63 -14.04
N ASN A 207 6.94 -1.93 -14.15
CA ASN A 207 5.63 -2.54 -13.94
C ASN A 207 4.88 -2.69 -15.27
N LEU A 208 4.41 -3.90 -15.54
CA LEU A 208 3.68 -4.17 -16.77
C LEU A 208 2.55 -5.16 -16.52
N ALA A 209 1.31 -4.71 -16.74
CA ALA A 209 0.15 -5.56 -16.56
C ALA A 209 -1.06 -5.02 -17.31
N TRP A 210 -1.73 -5.88 -18.06
CA TRP A 210 -2.90 -5.49 -18.83
C TRP A 210 -4.18 -5.75 -18.05
N THR A 211 -5.15 -4.85 -18.19
CA THR A 211 -6.42 -4.98 -17.49
C THR A 211 -7.55 -5.32 -18.46
N ALA A 212 -8.78 -5.27 -17.97
CA ALA A 212 -9.95 -5.57 -18.80
C ALA A 212 -9.86 -4.85 -20.15
N GLY A 213 -9.23 -3.68 -20.15
CA GLY A 213 -9.10 -2.92 -21.38
C GLY A 213 -9.60 -1.49 -21.23
N ASN A 214 -8.97 -0.75 -20.32
CA ASN A 214 -9.35 0.65 -20.08
C ASN A 214 -8.12 1.55 -20.09
N SER A 215 -8.30 2.78 -19.61
CA SER A 215 -7.21 3.75 -19.56
C SER A 215 -6.48 3.66 -18.23
N ASN A 216 -6.67 2.55 -17.53
CA ASN A 216 -6.02 2.35 -16.24
C ASN A 216 -4.98 1.23 -16.32
N THR A 217 -4.50 0.96 -17.54
CA THR A 217 -3.50 -0.08 -17.74
C THR A 217 -2.37 0.03 -16.73
N ARG A 218 -1.67 -1.08 -16.53
CA ARG A 218 -0.56 -1.11 -15.58
C ARG A 218 0.78 -1.21 -16.32
N PHE A 219 1.00 -0.29 -17.26
CA PHE A 219 2.24 -0.27 -18.03
C PHE A 219 3.08 0.97 -17.68
N GLY A 220 4.33 0.73 -17.32
CA GLY A 220 5.22 1.82 -16.97
C GLY A 220 6.53 1.33 -16.37
N ILE A 221 7.52 2.22 -16.33
CA ILE A 221 8.82 1.87 -15.79
C ILE A 221 9.18 2.76 -14.59
N ALA A 222 9.97 2.22 -13.68
CA ALA A 222 10.39 2.97 -12.49
C ALA A 222 11.89 2.81 -12.24
N ALA A 223 12.43 3.66 -11.37
CA ALA A 223 13.85 3.61 -11.05
C ALA A 223 14.06 3.60 -9.54
N LYS A 224 15.21 3.08 -9.11
CA LYS A 224 15.53 3.01 -7.69
C LYS A 224 17.04 3.00 -7.48
N TYR A 225 17.57 4.12 -6.98
CA TYR A 225 19.00 4.24 -6.73
C TYR A 225 19.30 4.27 -5.24
N GLN A 226 19.95 3.22 -4.74
CA GLN A 226 20.28 3.14 -3.33
C GLN A 226 21.80 3.18 -3.14
N ILE A 227 22.36 4.38 -3.14
CA ILE A 227 23.80 4.55 -2.96
C ILE A 227 24.23 4.16 -1.55
N ASP A 228 23.37 4.45 -0.57
CA ASP A 228 23.65 4.14 0.81
C ASP A 228 22.52 3.32 1.43
N PRO A 229 22.82 2.64 2.55
CA PRO A 229 21.84 1.81 3.25
C PRO A 229 20.76 2.64 3.94
N ASP A 230 21.15 3.82 4.42
CA ASP A 230 20.22 4.72 5.09
C ASP A 230 19.53 5.64 4.10
N ALA A 231 20.27 6.06 3.07
CA ALA A 231 19.73 6.95 2.05
C ALA A 231 19.28 6.16 0.82
N SER A 232 18.01 6.32 0.46
CA SER A 232 17.45 5.62 -0.69
C SER A 232 16.83 6.61 -1.68
N PHE A 233 16.97 6.32 -2.96
CA PHE A 233 16.42 7.17 -4.01
C PHE A 233 15.53 6.38 -4.95
N SER A 234 14.48 7.03 -5.46
CA SER A 234 13.55 6.38 -6.38
C SER A 234 13.26 7.27 -7.58
N ALA A 235 12.55 6.71 -8.56
CA ALA A 235 12.20 7.46 -9.76
C ALA A 235 11.08 6.77 -10.53
N LYS A 236 10.48 7.49 -11.48
CA LYS A 236 9.40 6.95 -12.29
C LYS A 236 9.46 7.48 -13.71
N VAL A 237 9.05 6.66 -14.67
CA VAL A 237 9.05 7.07 -16.08
C VAL A 237 8.04 6.27 -16.87
N ASN A 238 7.35 6.94 -17.79
CA ASN A 238 6.34 6.29 -18.62
C ASN A 238 6.86 6.09 -20.04
N ASN A 239 6.08 5.38 -20.86
CA ASN A 239 6.47 5.11 -22.24
C ASN A 239 6.26 6.34 -23.11
N SER A 240 5.28 7.16 -22.75
CA SER A 240 4.97 8.38 -23.49
C SER A 240 5.81 9.55 -22.99
N SER A 241 5.68 9.85 -21.71
CA SER A 241 6.42 10.95 -21.10
C SER A 241 6.10 11.09 -19.62
N LEU A 242 7.14 11.03 -18.79
CA LEU A 242 6.96 11.13 -17.34
C LEU A 242 8.31 11.14 -16.64
N ILE A 243 8.52 12.14 -15.77
CA ILE A 243 9.77 12.25 -15.03
C ILE A 243 9.51 12.30 -13.53
N GLY A 244 9.76 11.19 -12.85
CA GLY A 244 9.56 11.13 -11.41
C GLY A 244 10.84 10.90 -10.65
N LEU A 245 11.00 11.62 -9.55
CA LEU A 245 12.20 11.51 -8.72
C LEU A 245 11.84 11.42 -7.24
N GLY A 246 12.66 10.71 -6.47
CA GLY A 246 12.40 10.56 -5.06
C GLY A 246 13.68 10.42 -4.25
N TYR A 247 13.77 11.16 -3.15
CA TYR A 247 14.95 11.11 -2.29
C TYR A 247 14.56 11.04 -0.83
N THR A 248 14.91 9.92 -0.18
CA THR A 248 14.59 9.73 1.22
C THR A 248 15.85 9.47 2.05
N GLN A 249 16.00 10.21 3.14
CA GLN A 249 17.17 10.06 4.01
C GLN A 249 16.77 10.15 5.48
N THR A 250 17.55 9.53 6.34
CA THR A 250 17.28 9.55 7.77
C THR A 250 18.46 10.12 8.55
N LEU A 251 18.25 11.25 9.20
CA LEU A 251 19.29 11.91 9.98
C LEU A 251 19.30 11.39 11.42
N LYS A 252 20.03 10.30 11.64
CA LYS A 252 20.12 9.71 12.97
C LYS A 252 18.76 9.22 13.44
N PRO A 253 18.77 8.31 14.44
CA PRO A 253 17.54 7.75 15.00
C PRO A 253 16.75 8.77 15.80
N GLY A 254 15.88 9.52 15.12
CA GLY A 254 15.07 10.52 15.80
C GLY A 254 14.06 11.15 14.87
N ILE A 255 14.53 11.63 13.72
CA ILE A 255 13.64 12.27 12.75
C ILE A 255 14.07 11.94 11.33
N LYS A 256 13.15 11.36 10.56
CA LYS A 256 13.42 11.00 9.17
C LYS A 256 12.98 12.10 8.21
N LEU A 257 13.77 12.33 7.18
CA LEU A 257 13.46 13.36 6.19
C LEU A 257 13.37 12.76 4.79
N THR A 258 12.16 12.78 4.23
CA THR A 258 11.94 12.23 2.89
C THR A 258 11.32 13.27 1.98
N LEU A 259 11.99 13.56 0.86
CA LEU A 259 11.50 14.53 -0.10
C LEU A 259 11.14 13.86 -1.43
N SER A 260 10.11 14.37 -2.08
CA SER A 260 9.67 13.82 -3.36
C SER A 260 9.89 14.83 -4.49
N ALA A 261 9.89 14.33 -5.72
CA ALA A 261 10.07 15.19 -6.89
C ALA A 261 9.23 14.71 -8.06
N LEU A 262 8.38 15.60 -8.57
CA LEU A 262 7.50 15.27 -9.69
C LEU A 262 7.75 16.20 -10.87
N LEU A 263 7.91 15.63 -12.06
CA LEU A 263 8.16 16.41 -13.26
C LEU A 263 7.47 15.78 -14.47
N ASP A 264 6.63 16.56 -15.14
CA ASP A 264 5.92 16.07 -16.31
C ASP A 264 6.15 16.99 -17.51
N GLY A 265 5.49 18.15 -17.49
CA GLY A 265 5.64 19.10 -18.58
C GLY A 265 5.03 18.60 -19.88
N LYS A 266 3.80 18.10 -19.80
CA LYS A 266 3.12 17.58 -20.97
C LYS A 266 2.08 18.58 -21.48
N ASN A 267 1.26 19.10 -20.57
CA ASN A 267 0.23 20.07 -20.93
C ASN A 267 0.83 21.23 -21.71
N VAL A 268 0.14 21.62 -22.78
CA VAL A 268 0.59 22.73 -23.62
C VAL A 268 0.71 24.03 -22.81
N ASN A 269 1.86 24.67 -22.90
CA ASN A 269 2.11 25.92 -22.18
C ASN A 269 1.91 25.72 -20.68
N ALA A 270 2.41 24.61 -20.16
CA ALA A 270 2.29 24.30 -18.74
C ALA A 270 3.15 23.10 -18.36
N GLY A 271 3.55 23.04 -17.10
CA GLY A 271 4.37 21.94 -16.63
C GLY A 271 4.41 21.84 -15.11
N GLY A 272 4.50 20.63 -14.60
CA GLY A 272 4.54 20.43 -13.16
C GLY A 272 5.87 19.86 -12.69
N HIS A 273 6.88 20.70 -12.65
CA HIS A 273 8.22 20.28 -12.22
C HIS A 273 8.57 20.89 -10.87
N LYS A 274 8.33 20.15 -9.79
CA LYS A 274 8.63 20.63 -8.45
C LYS A 274 8.94 19.46 -7.52
N LEU A 275 9.13 19.77 -6.24
CA LEU A 275 9.43 18.74 -5.24
C LEU A 275 8.69 19.02 -3.94
N GLY A 276 8.39 17.96 -3.20
CA GLY A 276 7.68 18.10 -1.94
C GLY A 276 8.52 17.66 -0.76
N LEU A 277 8.11 18.07 0.44
CA LEU A 277 8.82 17.71 1.66
C LEU A 277 7.94 16.87 2.59
N GLY A 278 8.47 15.75 3.06
CA GLY A 278 7.71 14.89 3.95
C GLY A 278 8.57 14.35 5.09
N LEU A 279 8.22 14.71 6.32
CA LEU A 279 8.95 14.25 7.49
C LEU A 279 8.35 12.95 8.03
N GLU A 280 9.18 12.16 8.70
CA GLU A 280 8.75 10.90 9.27
C GLU A 280 9.17 10.78 10.73
N PHE A 281 8.20 10.87 11.63
CA PHE A 281 8.46 10.78 13.07
C PHE A 281 8.00 9.43 13.62
N GLN A 282 8.94 8.70 14.21
CA GLN A 282 8.63 7.39 14.78
C GLN A 282 8.89 7.38 16.28
N ALA A 283 9.94 8.08 16.70
CA ALA A 283 10.30 8.15 18.12
C ALA A 283 9.92 9.50 18.71
N MET A 1 -4.00 -8.33 16.95
CA MET A 1 -2.79 -7.94 16.25
C MET A 1 -1.83 -9.13 16.11
N ALA A 2 -1.20 -9.23 14.95
CA ALA A 2 -0.26 -10.32 14.69
C ALA A 2 1.17 -9.79 14.55
N VAL A 3 1.36 -8.83 13.66
CA VAL A 3 2.67 -8.25 13.44
C VAL A 3 2.56 -6.83 12.87
N PRO A 4 3.61 -6.03 13.09
CA PRO A 4 3.66 -4.65 12.61
C PRO A 4 3.76 -4.55 11.09
N PRO A 5 3.56 -3.34 10.55
CA PRO A 5 3.63 -3.10 9.11
C PRO A 5 5.05 -3.20 8.58
N THR A 6 5.42 -4.38 8.11
CA THR A 6 6.74 -4.62 7.56
C THR A 6 6.70 -4.79 6.05
N TYR A 7 6.33 -3.73 5.35
CA TYR A 7 6.24 -3.76 3.89
C TYR A 7 7.53 -4.28 3.28
N ALA A 8 8.66 -3.94 3.91
CA ALA A 8 9.97 -4.38 3.43
C ALA A 8 10.00 -5.89 3.22
N ASP A 9 9.28 -6.61 4.07
CA ASP A 9 9.23 -8.07 3.98
C ASP A 9 8.63 -8.51 2.64
N LEU A 10 7.69 -7.71 2.13
CA LEU A 10 7.04 -8.02 0.86
C LEU A 10 7.91 -7.60 -0.31
N GLY A 11 7.51 -7.99 -1.52
CA GLY A 11 8.27 -7.65 -2.70
C GLY A 11 8.51 -6.16 -2.84
N LYS A 12 9.71 -5.78 -3.26
CA LYS A 12 10.05 -4.38 -3.43
C LYS A 12 9.26 -3.74 -4.57
N SER A 13 8.98 -4.53 -5.60
CA SER A 13 8.22 -4.05 -6.75
C SER A 13 6.91 -3.41 -6.30
N ALA A 14 6.22 -4.07 -5.37
CA ALA A 14 4.96 -3.56 -4.86
C ALA A 14 5.13 -2.19 -4.20
N ARG A 15 6.34 -1.93 -3.70
CA ARG A 15 6.64 -0.67 -3.05
C ARG A 15 6.48 0.50 -4.02
N ASP A 16 6.43 0.18 -5.31
CA ASP A 16 6.29 1.20 -6.34
C ASP A 16 5.14 2.15 -6.00
N VAL A 17 4.16 1.64 -5.25
CA VAL A 17 3.01 2.45 -4.86
C VAL A 17 3.44 3.76 -4.22
N PHE A 18 4.67 3.77 -3.69
CA PHE A 18 5.19 4.96 -3.04
C PHE A 18 5.31 6.12 -4.03
N THR A 19 5.16 5.80 -5.31
CA THR A 19 5.25 6.81 -6.36
C THR A 19 3.94 7.58 -6.51
N LYS A 20 3.09 7.48 -5.50
CA LYS A 20 1.79 8.16 -5.50
C LYS A 20 1.97 9.67 -5.58
N GLY A 21 3.20 10.13 -5.30
CA GLY A 21 3.49 11.55 -5.36
C GLY A 21 3.64 12.06 -6.78
N TYR A 22 2.68 11.71 -7.64
CA TYR A 22 2.71 12.13 -9.03
C TYR A 22 2.19 13.56 -9.18
N GLY A 23 2.56 14.42 -8.23
CA GLY A 23 2.13 15.80 -8.27
C GLY A 23 1.02 16.10 -7.28
N PHE A 24 1.28 15.82 -6.00
CA PHE A 24 0.30 16.06 -4.95
C PHE A 24 0.76 17.17 -4.02
N GLY A 25 0.13 18.33 -4.13
CA GLY A 25 0.49 19.45 -3.28
C GLY A 25 0.03 19.28 -1.85
N LEU A 26 0.91 18.75 -1.00
CA LEU A 26 0.59 18.53 0.40
C LEU A 26 1.80 18.05 1.18
N ILE A 27 1.81 18.29 2.48
CA ILE A 27 2.91 17.88 3.33
C ILE A 27 2.45 16.90 4.41
N LYS A 28 2.69 15.61 4.17
CA LYS A 28 2.30 14.58 5.11
C LYS A 28 3.40 14.33 6.13
N LEU A 29 3.02 13.81 7.30
CA LEU A 29 3.97 13.52 8.36
C LEU A 29 3.55 12.29 9.15
N ASP A 30 4.36 11.24 9.08
CA ASP A 30 4.07 10.00 9.79
C ASP A 30 4.82 9.96 11.11
N LEU A 31 4.09 9.70 12.20
CA LEU A 31 4.69 9.63 13.52
C LEU A 31 4.16 8.41 14.29
N LYS A 32 4.99 7.36 14.37
CA LYS A 32 4.61 6.14 15.07
C LYS A 32 4.93 6.26 16.56
N THR A 33 3.99 5.84 17.39
CA THR A 33 4.16 5.90 18.84
C THR A 33 3.71 4.59 19.49
N LYS A 34 4.66 3.77 19.90
CA LYS A 34 4.37 2.50 20.54
C LYS A 34 4.26 2.66 22.05
N SER A 35 3.56 1.74 22.70
CA SER A 35 3.38 1.79 24.15
C SER A 35 3.69 0.43 24.78
N GLU A 36 2.78 -0.52 24.57
CA GLU A 36 2.95 -1.86 25.12
C GLU A 36 2.27 -2.90 24.23
N ASN A 37 2.49 -4.17 24.54
CA ASN A 37 1.92 -5.26 23.77
C ASN A 37 0.41 -5.11 23.65
N GLY A 38 -0.07 -4.90 22.42
CA GLY A 38 -1.49 -4.74 22.20
C GLY A 38 -1.89 -3.29 22.01
N LEU A 39 -1.42 -2.42 22.90
CA LEU A 39 -1.73 -1.00 22.83
C LEU A 39 -0.73 -0.27 21.93
N GLU A 40 -1.24 0.39 20.90
CA GLU A 40 -0.39 1.12 19.97
C GLU A 40 -0.99 2.49 19.64
N PHE A 41 -0.13 3.47 19.39
CA PHE A 41 -0.57 4.81 19.07
C PHE A 41 0.03 5.29 17.76
N THR A 42 -0.83 5.60 16.79
CA THR A 42 -0.38 6.06 15.49
C THR A 42 -0.77 7.51 15.25
N SER A 43 0.23 8.40 15.20
CA SER A 43 -0.02 9.82 14.98
C SER A 43 0.42 10.24 13.59
N SER A 44 -0.45 10.95 12.89
CA SER A 44 -0.15 11.42 11.54
C SER A 44 -0.75 12.80 11.30
N GLY A 45 -0.04 13.61 10.51
CA GLY A 45 -0.50 14.95 10.21
C GLY A 45 -0.32 15.32 8.76
N SER A 46 -1.13 16.24 8.27
CA SER A 46 -1.05 16.68 6.88
C SER A 46 -1.38 18.17 6.76
N ALA A 47 -0.51 18.91 6.09
CA ALA A 47 -0.69 20.34 5.90
C ALA A 47 -0.52 20.73 4.44
N ASN A 48 -0.61 22.03 4.16
CA ASN A 48 -0.45 22.53 2.80
C ASN A 48 0.70 23.54 2.72
N THR A 49 0.86 24.15 1.56
CA THR A 49 1.92 25.13 1.35
C THR A 49 1.79 26.29 2.33
N GLU A 50 0.56 26.70 2.61
CA GLU A 50 0.29 27.80 3.52
C GLU A 50 0.08 27.28 4.94
N THR A 51 -0.03 28.21 5.89
CA THR A 51 -0.24 27.84 7.30
C THR A 51 -1.61 28.29 7.78
N THR A 52 -2.67 27.67 7.25
CA THR A 52 -4.02 28.01 7.62
C THR A 52 -4.83 26.76 7.97
N LYS A 53 -5.17 25.98 6.96
CA LYS A 53 -5.93 24.75 7.15
C LYS A 53 -5.01 23.56 7.35
N VAL A 54 -5.01 23.00 8.56
CA VAL A 54 -4.17 21.86 8.88
C VAL A 54 -5.02 20.65 9.27
N THR A 55 -4.72 19.51 8.66
CA THR A 55 -5.46 18.28 8.95
C THR A 55 -4.64 17.36 9.84
N GLY A 56 -5.34 16.57 10.66
CA GLY A 56 -4.67 15.64 11.56
C GLY A 56 -5.26 14.25 11.50
N SER A 57 -4.54 13.28 12.05
CA SER A 57 -4.99 11.90 12.06
C SER A 57 -4.31 11.11 13.17
N LEU A 58 -4.98 11.02 14.32
CA LEU A 58 -4.44 10.29 15.46
C LEU A 58 -5.23 9.01 15.71
N GLU A 59 -4.69 7.90 15.24
CA GLU A 59 -5.35 6.60 15.41
C GLU A 59 -4.92 5.95 16.72
N THR A 60 -5.87 5.36 17.43
CA THR A 60 -5.59 4.69 18.69
C THR A 60 -5.89 3.20 18.61
N LYS A 61 -4.92 2.38 19.01
CA LYS A 61 -5.08 0.93 18.99
C LYS A 61 -5.16 0.37 20.40
N TYR A 62 -6.35 -0.10 20.77
CA TYR A 62 -6.55 -0.66 22.10
C TYR A 62 -6.84 -2.17 22.01
N ARG A 63 -6.67 -2.86 23.14
CA ARG A 63 -6.90 -4.30 23.19
C ARG A 63 -7.31 -4.73 24.60
N TRP A 64 -8.60 -5.03 24.77
CA TRP A 64 -9.12 -5.44 26.06
C TRP A 64 -10.12 -6.59 25.90
N THR A 65 -9.69 -7.80 26.23
CA THR A 65 -10.56 -8.97 26.12
C THR A 65 -9.86 -10.22 26.66
N GLU A 66 -10.55 -11.35 26.58
CA GLU A 66 -10.00 -12.61 27.07
C GLU A 66 -8.96 -13.16 26.10
N TYR A 67 -9.36 -13.30 24.84
CA TYR A 67 -8.45 -13.81 23.81
C TYR A 67 -7.57 -12.70 23.26
N GLY A 68 -8.15 -11.84 22.42
CA GLY A 68 -7.40 -10.75 21.84
C GLY A 68 -8.25 -9.88 20.94
N LEU A 69 -8.46 -8.63 21.34
CA LEU A 69 -9.27 -7.69 20.56
C LEU A 69 -8.42 -6.52 20.07
N THR A 70 -8.69 -6.08 18.85
CA THR A 70 -7.95 -4.97 18.26
C THR A 70 -8.90 -3.86 17.80
N PHE A 71 -9.05 -2.85 18.64
CA PHE A 71 -9.93 -1.73 18.32
C PHE A 71 -9.13 -0.53 17.84
N THR A 72 -9.32 -0.16 16.57
CA THR A 72 -8.62 0.97 15.99
C THR A 72 -9.55 2.17 15.80
N VAL A 73 -9.45 3.13 16.70
CA VAL A 73 -10.28 4.33 16.64
C VAL A 73 -9.53 5.49 16.00
N LYS A 74 -10.17 6.15 15.05
CA LYS A 74 -9.56 7.28 14.35
C LYS A 74 -10.02 8.60 14.96
N TRP A 75 -9.10 9.28 15.64
CA TRP A 75 -9.41 10.56 16.28
C TRP A 75 -8.68 11.69 15.58
N ASN A 76 -9.42 12.45 14.76
CA ASN A 76 -8.85 13.57 14.04
C ASN A 76 -9.70 13.93 12.82
N THR A 77 -9.09 14.60 11.84
CA THR A 77 -9.79 15.00 10.63
C THR A 77 -8.82 15.24 9.49
N ASP A 78 -9.00 14.50 8.40
CA ASP A 78 -8.14 14.64 7.23
C ASP A 78 -8.85 14.17 5.97
N ASN A 79 -10.15 14.48 5.88
CA ASN A 79 -10.94 14.09 4.73
C ASN A 79 -10.90 12.58 4.52
N THR A 80 -11.03 11.83 5.62
CA THR A 80 -11.00 10.37 5.55
C THR A 80 -11.74 9.76 6.73
N LEU A 81 -12.94 10.27 7.00
CA LEU A 81 -13.76 9.77 8.11
C LEU A 81 -13.89 8.26 8.05
N GLY A 82 -13.69 7.59 9.18
CA GLY A 82 -13.80 6.15 9.24
C GLY A 82 -12.97 5.55 10.36
N THR A 83 -13.30 4.32 10.75
CA THR A 83 -12.59 3.63 11.82
C THR A 83 -12.32 2.18 11.45
N GLU A 84 -11.69 1.45 12.37
CA GLU A 84 -11.38 0.05 12.14
C GLU A 84 -11.56 -0.76 13.42
N ILE A 85 -12.16 -1.94 13.29
CA ILE A 85 -12.39 -2.82 14.43
C ILE A 85 -12.10 -4.27 14.08
N THR A 86 -10.98 -4.78 14.58
CA THR A 86 -10.59 -6.16 14.33
C THR A 86 -10.86 -7.04 15.54
N VAL A 87 -11.47 -8.19 15.31
CA VAL A 87 -11.78 -9.13 16.38
C VAL A 87 -11.15 -10.49 16.13
N GLU A 88 -10.84 -11.21 17.20
CA GLU A 88 -10.23 -12.53 17.09
C GLU A 88 -11.14 -13.49 16.34
N ASP A 89 -10.77 -14.76 16.32
CA ASP A 89 -11.56 -15.78 15.64
C ASP A 89 -11.83 -16.98 16.55
N GLN A 90 -11.58 -16.78 17.85
CA GLN A 90 -11.79 -17.84 18.83
C GLN A 90 -10.87 -19.03 18.55
N LEU A 91 -11.27 -20.20 19.04
CA LEU A 91 -10.48 -21.41 18.85
C LEU A 91 -10.07 -21.58 17.40
N ALA A 92 -10.84 -20.98 16.49
CA ALA A 92 -10.56 -21.05 15.07
C ALA A 92 -9.60 -19.94 14.64
N ARG A 93 -8.65 -19.63 15.52
CA ARG A 93 -7.68 -18.59 15.24
C ARG A 93 -7.09 -18.75 13.85
N GLY A 94 -6.44 -17.70 13.34
CA GLY A 94 -5.85 -17.76 12.02
C GLY A 94 -6.51 -16.81 11.05
N LEU A 95 -7.80 -16.54 11.26
CA LEU A 95 -8.55 -15.64 10.39
C LEU A 95 -9.34 -14.62 11.21
N LYS A 96 -8.71 -13.49 11.50
CA LYS A 96 -9.35 -12.44 12.27
C LYS A 96 -10.34 -11.66 11.41
N LEU A 97 -11.35 -11.07 12.06
CA LEU A 97 -12.36 -10.30 11.35
C LEU A 97 -12.09 -8.80 11.48
N THR A 98 -11.53 -8.21 10.43
CA THR A 98 -11.22 -6.79 10.43
C THR A 98 -12.36 -5.99 9.82
N PHE A 99 -13.10 -5.27 10.67
CA PHE A 99 -14.21 -4.45 10.22
C PHE A 99 -13.73 -3.08 9.76
N ASP A 100 -13.86 -2.81 8.47
CA ASP A 100 -13.44 -1.53 7.90
C ASP A 100 -14.59 -0.52 7.95
N SER A 101 -14.57 0.33 8.98
CA SER A 101 -15.60 1.34 9.14
C SER A 101 -15.22 2.64 8.44
N SER A 102 -14.57 2.50 7.29
CA SER A 102 -14.14 3.66 6.51
C SER A 102 -14.80 3.67 5.13
N PHE A 103 -14.72 4.81 4.46
CA PHE A 103 -15.31 4.96 3.14
C PHE A 103 -14.38 4.42 2.06
N SER A 104 -14.92 4.23 0.85
CA SER A 104 -14.13 3.72 -0.26
C SER A 104 -14.99 3.58 -1.51
N PRO A 105 -16.03 2.74 -1.42
CA PRO A 105 -16.94 2.49 -2.54
C PRO A 105 -17.83 3.71 -2.84
N ASN A 106 -18.75 3.54 -3.77
CA ASN A 106 -19.65 4.62 -4.16
C ASN A 106 -20.43 5.13 -2.94
N THR A 107 -21.23 6.17 -3.16
CA THR A 107 -22.03 6.76 -2.10
C THR A 107 -23.26 5.91 -1.80
N GLY A 108 -24.00 6.29 -0.76
CA GLY A 108 -25.20 5.56 -0.40
C GLY A 108 -25.66 5.87 1.01
N LYS A 109 -26.33 4.91 1.64
CA LYS A 109 -26.83 5.08 3.00
C LYS A 109 -25.92 4.41 4.01
N LYS A 110 -25.69 3.12 3.82
CA LYS A 110 -24.83 2.35 4.72
C LYS A 110 -23.76 1.59 3.93
N ASN A 111 -22.62 2.24 3.70
CA ASN A 111 -21.53 1.63 2.95
C ASN A 111 -20.31 1.45 3.85
N ALA A 112 -19.60 0.34 3.66
CA ALA A 112 -18.41 0.06 4.44
C ALA A 112 -17.64 -1.12 3.86
N LYS A 113 -16.59 -1.55 4.56
CA LYS A 113 -15.77 -2.67 4.11
C LYS A 113 -15.58 -3.69 5.23
N ILE A 114 -15.42 -4.95 4.84
CA ILE A 114 -15.24 -6.03 5.81
C ILE A 114 -14.13 -6.99 5.36
N LYS A 115 -13.01 -6.96 6.06
CA LYS A 115 -11.89 -7.83 5.75
C LYS A 115 -11.80 -9.00 6.72
N THR A 116 -11.24 -10.12 6.26
CA THR A 116 -11.10 -11.30 7.09
C THR A 116 -9.83 -12.07 6.75
N GLY A 117 -9.00 -12.33 7.76
CA GLY A 117 -7.77 -13.06 7.54
C GLY A 117 -6.71 -12.72 8.58
N TYR A 118 -5.45 -12.90 8.20
CA TYR A 118 -4.34 -12.61 9.09
C TYR A 118 -3.09 -12.22 8.30
N LYS A 119 -2.26 -11.37 8.91
CA LYS A 119 -1.03 -10.91 8.27
C LYS A 119 0.18 -11.30 9.11
N ARG A 120 1.11 -12.02 8.49
CA ARG A 120 2.33 -12.45 9.18
C ARG A 120 3.55 -12.24 8.30
N GLU A 121 4.69 -11.94 8.92
CA GLU A 121 5.93 -11.72 8.18
C GLU A 121 6.22 -12.89 7.25
N HIS A 122 5.98 -14.11 7.74
CA HIS A 122 6.21 -15.31 6.96
C HIS A 122 5.08 -15.53 5.95
N ILE A 123 3.84 -15.41 6.42
CA ILE A 123 2.68 -15.59 5.56
C ILE A 123 1.57 -14.60 5.92
N ASN A 124 1.23 -13.74 4.97
CA ASN A 124 0.18 -12.75 5.17
C ASN A 124 -0.89 -12.85 4.08
N LEU A 125 -2.12 -13.11 4.50
CA LEU A 125 -3.24 -13.22 3.56
C LEU A 125 -4.53 -12.72 4.20
N GLY A 126 -5.38 -12.11 3.38
CA GLY A 126 -6.64 -11.59 3.87
C GLY A 126 -7.63 -11.32 2.76
N ALA A 127 -8.92 -11.54 3.05
CA ALA A 127 -9.97 -11.32 2.06
C ALA A 127 -10.78 -10.07 2.40
N ASP A 128 -10.75 -9.10 1.49
CA ASP A 128 -11.49 -7.85 1.70
C ASP A 128 -12.84 -7.91 1.01
N MET A 129 -13.87 -7.42 1.70
CA MET A 129 -15.22 -7.43 1.15
C MET A 129 -15.78 -6.01 1.10
N ASP A 130 -16.15 -5.55 -0.09
CA ASP A 130 -16.71 -4.22 -0.27
C ASP A 130 -18.21 -4.22 -0.04
N PHE A 131 -18.64 -3.69 1.11
CA PHE A 131 -20.05 -3.64 1.45
C PHE A 131 -20.70 -2.38 0.87
N ASP A 132 -21.13 -2.46 -0.38
CA ASP A 132 -21.77 -1.33 -1.04
C ASP A 132 -23.11 -1.74 -1.64
N ILE A 133 -24.19 -1.29 -1.02
CA ILE A 133 -25.53 -1.61 -1.49
C ILE A 133 -25.68 -1.29 -2.98
N ALA A 134 -26.73 -1.84 -3.60
CA ALA A 134 -26.98 -1.61 -5.01
C ALA A 134 -25.86 -2.18 -5.88
N GLY A 135 -25.29 -3.30 -5.44
CA GLY A 135 -24.22 -3.93 -6.19
C GLY A 135 -22.89 -3.85 -5.46
N PRO A 136 -22.72 -4.69 -4.43
CA PRO A 136 -21.49 -4.73 -3.64
C PRO A 136 -20.31 -5.30 -4.42
N SER A 137 -19.19 -5.50 -3.73
CA SER A 137 -18.00 -6.03 -4.36
C SER A 137 -17.17 -6.87 -3.38
N ILE A 138 -16.23 -7.64 -3.90
CA ILE A 138 -15.38 -8.48 -3.08
C ILE A 138 -14.03 -8.72 -3.74
N ARG A 139 -13.02 -8.97 -2.92
CA ARG A 139 -11.67 -9.22 -3.42
C ARG A 139 -10.73 -9.60 -2.28
N GLY A 140 -9.98 -10.68 -2.48
CA GLY A 140 -9.04 -11.13 -1.46
C GLY A 140 -7.65 -11.36 -2.00
N ALA A 141 -6.64 -11.07 -1.19
CA ALA A 141 -5.25 -11.24 -1.60
C ALA A 141 -4.49 -12.09 -0.59
N LEU A 142 -3.45 -12.77 -1.07
CA LEU A 142 -2.63 -13.61 -0.21
C LEU A 142 -1.17 -13.61 -0.67
N VAL A 143 -0.29 -13.11 0.21
CA VAL A 143 1.13 -13.05 -0.10
C VAL A 143 1.95 -13.82 0.92
N LEU A 144 2.71 -14.81 0.45
CA LEU A 144 3.53 -15.63 1.32
C LEU A 144 4.78 -16.12 0.59
N GLY A 145 5.57 -16.95 1.26
CA GLY A 145 6.77 -17.49 0.65
C GLY A 145 8.01 -17.24 1.50
N TYR A 146 9.11 -17.89 1.14
CA TYR A 146 10.35 -17.74 1.88
C TYR A 146 11.28 -16.73 1.20
N GLU A 147 12.40 -16.44 1.85
CA GLU A 147 13.37 -15.49 1.31
C GLU A 147 13.74 -15.85 -0.13
N GLY A 148 13.86 -17.14 -0.40
CA GLY A 148 14.21 -17.60 -1.73
C GLY A 148 13.11 -17.32 -2.74
N TRP A 149 12.05 -18.12 -2.69
CA TRP A 149 10.94 -17.96 -3.61
C TRP A 149 9.72 -17.37 -2.90
N LEU A 150 8.85 -16.71 -3.66
CA LEU A 150 7.66 -16.10 -3.10
C LEU A 150 6.40 -16.64 -3.77
N ALA A 151 5.42 -17.03 -2.97
CA ALA A 151 4.17 -17.56 -3.49
C ALA A 151 3.03 -16.57 -3.29
N GLY A 152 2.33 -16.27 -4.39
CA GLY A 152 1.22 -15.33 -4.31
C GLY A 152 -0.08 -15.95 -4.77
N TYR A 153 -1.20 -15.41 -4.27
CA TYR A 153 -2.52 -15.92 -4.63
C TYR A 153 -3.59 -14.87 -4.38
N GLN A 154 -4.67 -14.94 -5.16
CA GLN A 154 -5.77 -13.99 -5.02
C GLN A 154 -7.10 -14.65 -5.37
N MET A 155 -8.17 -14.16 -4.77
CA MET A 155 -9.51 -14.69 -5.01
C MET A 155 -10.56 -13.58 -4.97
N ASN A 156 -11.78 -13.91 -5.41
CA ASN A 156 -12.87 -12.94 -5.41
C ASN A 156 -13.71 -13.05 -4.14
N PHE A 157 -13.91 -14.28 -3.67
CA PHE A 157 -14.69 -14.52 -2.47
C PHE A 157 -13.88 -15.30 -1.44
N GLU A 158 -14.11 -15.00 -0.17
CA GLU A 158 -13.39 -15.68 0.91
C GLU A 158 -14.07 -17.01 1.26
N THR A 159 -13.29 -17.93 1.81
CA THR A 159 -13.80 -19.24 2.19
C THR A 159 -12.89 -19.92 3.20
N ALA A 160 -13.48 -20.46 4.26
CA ALA A 160 -12.72 -21.14 5.29
C ALA A 160 -11.84 -22.25 4.69
N LYS A 161 -12.49 -23.28 4.17
CA LYS A 161 -11.77 -24.40 3.56
C LYS A 161 -12.13 -24.55 2.09
N SER A 162 -11.13 -24.45 1.22
CA SER A 162 -11.35 -24.57 -0.21
C SER A 162 -10.70 -25.83 -0.76
N ARG A 163 -11.49 -26.89 -0.89
CA ARG A 163 -11.00 -28.16 -1.40
C ARG A 163 -10.60 -28.04 -2.87
N VAL A 164 -11.58 -27.76 -3.72
CA VAL A 164 -11.32 -27.61 -5.15
C VAL A 164 -12.15 -26.49 -5.75
N THR A 165 -11.49 -25.41 -6.13
CA THR A 165 -12.16 -24.25 -6.72
C THR A 165 -11.18 -23.38 -7.50
N GLN A 166 -11.64 -22.83 -8.62
CA GLN A 166 -10.80 -21.98 -9.45
C GLN A 166 -10.62 -20.61 -8.80
N SER A 167 -9.42 -20.05 -8.93
CA SER A 167 -9.11 -18.75 -8.36
C SER A 167 -7.90 -18.13 -9.04
N ASN A 168 -7.42 -17.01 -8.50
CA ASN A 168 -6.26 -16.32 -9.06
C ASN A 168 -4.98 -16.80 -8.38
N PHE A 169 -3.90 -16.87 -9.17
CA PHE A 169 -2.61 -17.31 -8.66
C PHE A 169 -1.50 -16.34 -9.06
N ALA A 170 -0.62 -16.02 -8.13
CA ALA A 170 0.49 -15.11 -8.39
C ALA A 170 1.82 -15.77 -8.08
N VAL A 171 2.83 -15.44 -8.88
CA VAL A 171 4.17 -16.01 -8.70
C VAL A 171 5.17 -14.92 -8.31
N GLY A 172 5.97 -15.21 -7.28
CA GLY A 172 6.96 -14.25 -6.83
C GLY A 172 8.33 -14.87 -6.66
N TYR A 173 9.37 -14.07 -6.90
CA TYR A 173 10.74 -14.54 -6.78
C TYR A 173 11.64 -13.47 -6.18
N LYS A 174 12.45 -13.86 -5.20
CA LYS A 174 13.37 -12.93 -4.56
C LYS A 174 14.77 -13.51 -4.48
N THR A 175 15.66 -13.01 -5.34
CA THR A 175 17.04 -13.48 -5.39
C THR A 175 18.02 -12.30 -5.35
N ASP A 176 19.26 -12.59 -4.96
CA ASP A 176 20.29 -11.57 -4.88
C ASP A 176 20.38 -10.78 -6.19
N GLU A 177 20.17 -11.47 -7.31
CA GLU A 177 20.23 -10.84 -8.62
C GLU A 177 19.10 -9.83 -8.78
N PHE A 178 17.87 -10.26 -8.54
CA PHE A 178 16.71 -9.39 -8.65
C PHE A 178 15.45 -10.08 -8.13
N GLN A 179 14.33 -9.39 -8.22
CA GLN A 179 13.05 -9.94 -7.76
C GLN A 179 11.93 -9.64 -8.75
N LEU A 180 10.94 -10.52 -8.78
CA LEU A 180 9.80 -10.34 -9.69
C LEU A 180 8.52 -10.87 -9.06
N HIS A 181 7.48 -10.05 -9.04
CA HIS A 181 6.20 -10.43 -8.48
C HIS A 181 5.06 -10.14 -9.46
N THR A 182 4.49 -11.20 -10.02
CA THR A 182 3.39 -11.06 -10.97
C THR A 182 2.18 -11.88 -10.54
N ASN A 183 0.99 -11.41 -10.90
CA ASN A 183 -0.25 -12.10 -10.55
C ASN A 183 -1.03 -12.48 -11.80
N VAL A 184 -1.65 -13.65 -11.76
CA VAL A 184 -2.45 -14.13 -12.89
C VAL A 184 -3.88 -14.45 -12.48
N ASN A 185 -4.84 -13.96 -13.25
CA ASN A 185 -6.25 -14.20 -12.96
C ASN A 185 -6.88 -15.08 -14.03
N ASP A 186 -7.35 -16.25 -13.61
CA ASP A 186 -7.97 -17.19 -14.53
C ASP A 186 -7.10 -17.42 -15.76
N GLY A 187 -5.79 -17.37 -15.57
CA GLY A 187 -4.86 -17.57 -16.67
C GLY A 187 -5.21 -16.72 -17.87
N THR A 188 -5.79 -15.55 -17.63
CA THR A 188 -6.17 -14.64 -18.70
C THR A 188 -5.68 -13.22 -18.41
N GLU A 189 -5.92 -12.75 -17.19
CA GLU A 189 -5.51 -11.41 -16.79
C GLU A 189 -4.17 -11.45 -16.06
N PHE A 190 -3.42 -10.36 -16.18
CA PHE A 190 -2.11 -10.27 -15.54
C PHE A 190 -1.97 -8.95 -14.79
N GLY A 191 -1.26 -8.98 -13.67
CA GLY A 191 -1.06 -7.78 -12.88
C GLY A 191 0.01 -7.96 -11.81
N GLY A 192 0.99 -7.06 -11.80
CA GLY A 192 2.06 -7.13 -10.83
C GLY A 192 3.24 -6.25 -11.18
N SER A 193 4.32 -6.38 -10.42
CA SER A 193 5.51 -5.58 -10.66
C SER A 193 6.77 -6.38 -10.36
N ILE A 194 7.88 -5.99 -10.98
CA ILE A 194 9.16 -6.66 -10.78
C ILE A 194 10.29 -5.67 -10.60
N TYR A 195 11.24 -6.00 -9.73
CA TYR A 195 12.38 -5.12 -9.47
C TYR A 195 13.67 -5.75 -9.98
N GLN A 196 14.48 -4.95 -10.66
CA GLN A 196 15.75 -5.43 -11.20
C GLN A 196 16.92 -4.64 -10.63
N LYS A 197 17.86 -5.35 -10.01
CA LYS A 197 19.03 -4.73 -9.42
C LYS A 197 20.18 -4.66 -10.42
N VAL A 198 20.16 -3.65 -11.27
CA VAL A 198 21.21 -3.48 -12.28
C VAL A 198 22.59 -3.53 -11.65
N ASN A 199 22.87 -2.58 -10.77
CA ASN A 199 24.17 -2.51 -10.09
C ASN A 199 24.07 -1.65 -8.82
N LYS A 200 25.02 -1.85 -7.91
CA LYS A 200 25.05 -1.10 -6.67
C LYS A 200 24.94 0.39 -6.92
N LYS A 201 25.54 0.85 -8.03
CA LYS A 201 25.52 2.25 -8.39
C LYS A 201 24.08 2.74 -8.59
N LEU A 202 23.31 1.98 -9.35
CA LEU A 202 21.92 2.32 -9.63
C LEU A 202 21.11 1.08 -9.99
N GLU A 203 19.82 1.12 -9.68
CA GLU A 203 18.93 0.00 -9.98
C GLU A 203 17.80 0.44 -10.92
N THR A 204 16.93 -0.51 -11.26
CA THR A 204 15.81 -0.22 -12.16
C THR A 204 14.60 -1.10 -11.81
N ALA A 205 13.42 -0.58 -12.09
CA ALA A 205 12.18 -1.31 -11.82
C ALA A 205 11.32 -1.43 -13.07
N VAL A 206 10.39 -2.38 -13.05
CA VAL A 206 9.50 -2.61 -14.18
C VAL A 206 8.16 -3.14 -13.73
N ASN A 207 7.08 -2.49 -14.18
CA ASN A 207 5.73 -2.91 -13.82
C ASN A 207 5.02 -3.54 -15.02
N LEU A 208 4.01 -4.36 -14.72
CA LEU A 208 3.24 -5.02 -15.78
C LEU A 208 1.85 -5.41 -15.27
N ALA A 209 0.84 -5.03 -16.04
CA ALA A 209 -0.54 -5.34 -15.68
C ALA A 209 -1.50 -5.06 -16.84
N TRP A 210 -2.22 -6.09 -17.28
CA TRP A 210 -3.16 -5.94 -18.37
C TRP A 210 -4.40 -6.80 -18.14
N THR A 211 -5.55 -6.30 -18.60
CA THR A 211 -6.80 -7.02 -18.44
C THR A 211 -7.08 -7.91 -19.64
N ALA A 212 -8.30 -8.42 -19.74
CA ALA A 212 -8.70 -9.29 -20.83
C ALA A 212 -9.04 -8.47 -22.09
N GLY A 213 -8.52 -7.24 -22.14
CA GLY A 213 -8.78 -6.39 -23.28
C GLY A 213 -9.24 -5.01 -22.87
N ASN A 214 -8.39 -4.29 -22.14
CA ASN A 214 -8.72 -2.95 -21.68
C ASN A 214 -7.81 -1.91 -22.32
N SER A 215 -8.05 -0.64 -22.04
CA SER A 215 -7.26 0.45 -22.59
C SER A 215 -6.37 1.07 -21.51
N ASN A 216 -6.86 1.06 -20.27
CA ASN A 216 -6.11 1.63 -19.15
C ASN A 216 -5.28 0.56 -18.46
N THR A 217 -5.00 -0.53 -19.18
CA THR A 217 -4.21 -1.63 -18.63
C THR A 217 -3.16 -2.10 -19.62
N ARG A 218 -1.93 -2.25 -19.15
CA ARG A 218 -0.83 -2.68 -20.00
C ARG A 218 0.40 -3.03 -19.16
N PHE A 219 1.18 -2.01 -18.82
CA PHE A 219 2.38 -2.21 -18.01
C PHE A 219 3.01 -0.86 -17.63
N GLY A 220 4.15 -0.92 -16.96
CA GLY A 220 4.83 0.29 -16.53
C GLY A 220 6.33 0.10 -16.43
N ILE A 221 7.04 1.21 -16.24
CA ILE A 221 8.50 1.17 -16.13
C ILE A 221 8.99 2.13 -15.06
N ALA A 222 10.05 1.74 -14.35
CA ALA A 222 10.62 2.57 -13.30
C ALA A 222 12.14 2.50 -13.31
N ALA A 223 12.78 3.47 -12.65
CA ALA A 223 14.24 3.51 -12.59
C ALA A 223 14.71 4.07 -11.26
N LYS A 224 15.76 3.48 -10.72
CA LYS A 224 16.32 3.92 -9.43
C LYS A 224 17.75 4.41 -9.60
N TYR A 225 17.97 5.69 -9.39
CA TYR A 225 19.29 6.28 -9.52
C TYR A 225 19.71 6.99 -8.23
N GLN A 226 20.72 6.44 -7.57
CA GLN A 226 21.22 7.01 -6.32
C GLN A 226 22.54 7.74 -6.54
N ILE A 227 22.54 9.05 -6.34
CA ILE A 227 23.75 9.86 -6.52
C ILE A 227 24.46 10.08 -5.19
N ASP A 228 23.67 10.22 -4.12
CA ASP A 228 24.24 10.43 -2.80
C ASP A 228 23.95 9.23 -1.89
N PRO A 229 24.72 9.12 -0.79
CA PRO A 229 24.58 8.03 0.17
C PRO A 229 23.29 8.15 0.98
N ASP A 230 22.86 9.37 1.24
CA ASP A 230 21.64 9.62 2.00
C ASP A 230 20.50 10.01 1.08
N ALA A 231 20.81 10.77 0.04
CA ALA A 231 19.80 11.21 -0.93
C ALA A 231 19.78 10.30 -2.15
N SER A 232 18.58 9.96 -2.61
CA SER A 232 18.43 9.10 -3.77
C SER A 232 17.28 9.59 -4.66
N PHE A 233 17.38 9.29 -5.95
CA PHE A 233 16.36 9.70 -6.91
C PHE A 233 15.87 8.51 -7.72
N SER A 234 14.66 8.62 -8.25
CA SER A 234 14.07 7.55 -9.05
C SER A 234 13.01 8.10 -10.01
N ALA A 235 12.97 7.55 -11.21
CA ALA A 235 12.02 7.98 -12.22
C ALA A 235 11.02 6.88 -12.54
N LYS A 236 9.89 7.25 -13.14
CA LYS A 236 8.85 6.29 -13.50
C LYS A 236 8.06 6.78 -14.71
N VAL A 237 7.60 5.83 -15.51
CA VAL A 237 6.82 6.16 -16.71
C VAL A 237 5.78 5.09 -16.99
N ASN A 238 4.69 5.49 -17.65
CA ASN A 238 3.62 4.55 -17.98
C ASN A 238 2.92 4.98 -19.27
N ASN A 239 1.84 4.28 -19.61
CA ASN A 239 1.08 4.59 -20.82
C ASN A 239 0.72 6.07 -20.88
N SER A 240 0.58 6.68 -19.71
CA SER A 240 0.24 8.10 -19.62
C SER A 240 1.19 8.94 -20.48
N SER A 241 2.38 8.40 -20.71
CA SER A 241 3.38 9.12 -21.52
C SER A 241 3.90 10.34 -20.78
N LEU A 242 4.10 10.20 -19.47
CA LEU A 242 4.58 11.30 -18.65
C LEU A 242 5.87 10.91 -17.93
N ILE A 243 6.50 11.88 -17.26
CA ILE A 243 7.73 11.64 -16.53
C ILE A 243 7.55 11.91 -15.04
N GLY A 244 7.65 10.85 -14.24
CA GLY A 244 7.49 11.00 -12.80
C GLY A 244 8.80 10.83 -12.06
N LEU A 245 9.22 11.86 -11.35
CA LEU A 245 10.46 11.83 -10.59
C LEU A 245 10.18 11.73 -9.09
N GLY A 246 11.12 11.13 -8.36
CA GLY A 246 10.96 10.99 -6.92
C GLY A 246 12.28 11.04 -6.18
N TYR A 247 12.34 11.84 -5.12
CA TYR A 247 13.55 11.98 -4.33
C TYR A 247 13.31 11.58 -2.88
N THR A 248 14.27 10.86 -2.31
CA THR A 248 14.16 10.40 -0.92
C THR A 248 15.42 10.74 -0.13
N GLN A 249 15.23 11.30 1.06
CA GLN A 249 16.35 11.67 1.91
C GLN A 249 16.06 11.35 3.37
N THR A 250 17.11 11.09 4.14
CA THR A 250 16.96 10.77 5.56
C THR A 250 17.98 11.53 6.41
N LEU A 251 17.77 12.82 6.56
CA LEU A 251 18.67 13.65 7.34
C LEU A 251 18.88 13.07 8.73
N LYS A 252 20.02 12.43 8.93
CA LYS A 252 20.36 11.82 10.21
C LYS A 252 19.39 10.69 10.55
N PRO A 253 19.86 9.73 11.35
CA PRO A 253 19.05 8.58 11.77
C PRO A 253 17.92 8.96 12.72
N GLY A 254 16.85 9.52 12.15
CA GLY A 254 15.72 9.93 12.97
C GLY A 254 14.47 10.17 12.15
N ILE A 255 14.43 11.30 11.44
CA ILE A 255 13.28 11.64 10.61
C ILE A 255 13.59 11.41 9.13
N LYS A 256 12.65 10.77 8.44
CA LYS A 256 12.81 10.49 7.02
C LYS A 256 11.93 11.41 6.18
N LEU A 257 12.53 12.09 5.20
CA LEU A 257 11.79 12.98 4.33
C LEU A 257 11.67 12.40 2.93
N THR A 258 10.47 12.49 2.36
CA THR A 258 10.22 11.97 1.02
C THR A 258 9.53 13.01 0.15
N LEU A 259 10.18 13.38 -0.95
CA LEU A 259 9.61 14.37 -1.87
C LEU A 259 9.44 13.77 -3.26
N SER A 260 8.38 14.20 -3.94
CA SER A 260 8.08 13.71 -5.29
C SER A 260 7.77 14.87 -6.23
N ALA A 261 7.92 14.62 -7.53
CA ALA A 261 7.65 15.64 -8.53
C ALA A 261 7.32 15.01 -9.89
N LEU A 262 6.19 15.38 -10.45
CA LEU A 262 5.76 14.85 -11.74
C LEU A 262 5.75 15.95 -12.80
N LEU A 263 6.05 15.55 -14.04
CA LEU A 263 6.08 16.50 -15.16
C LEU A 263 5.60 15.84 -16.44
N ASP A 264 5.09 16.66 -17.36
CA ASP A 264 4.59 16.16 -18.63
C ASP A 264 5.27 16.86 -19.80
N GLY A 265 5.64 16.08 -20.82
CA GLY A 265 6.31 16.64 -21.98
C GLY A 265 5.46 16.55 -23.23
N LYS A 266 4.15 16.67 -23.07
CA LYS A 266 3.22 16.59 -24.19
C LYS A 266 2.15 17.66 -24.08
N ASN A 267 1.21 17.66 -25.02
CA ASN A 267 0.12 18.63 -25.02
C ASN A 267 -1.06 18.12 -24.20
N VAL A 268 -0.84 17.93 -22.91
CA VAL A 268 -1.88 17.45 -22.01
C VAL A 268 -2.77 18.60 -21.54
N ASN A 269 -4.06 18.32 -21.40
CA ASN A 269 -5.02 19.33 -20.95
C ASN A 269 -4.80 19.66 -19.48
N ALA A 270 -4.46 18.65 -18.70
CA ALA A 270 -4.22 18.83 -17.27
C ALA A 270 -3.12 19.86 -17.02
N GLY A 271 -2.78 20.07 -15.75
CA GLY A 271 -1.75 21.04 -15.41
C GLY A 271 -0.40 20.68 -16.01
N GLY A 272 0.65 21.34 -15.52
CA GLY A 272 1.98 21.08 -16.02
C GLY A 272 2.78 20.17 -15.11
N HIS A 273 3.57 20.77 -14.23
CA HIS A 273 4.39 20.02 -13.29
C HIS A 273 3.93 20.25 -11.85
N LYS A 274 4.09 19.22 -11.01
CA LYS A 274 3.70 19.32 -9.61
C LYS A 274 4.67 18.55 -8.72
N LEU A 275 4.47 18.65 -7.42
CA LEU A 275 5.33 17.96 -6.46
C LEU A 275 4.64 17.82 -5.10
N GLY A 276 5.12 16.90 -4.29
CA GLY A 276 4.54 16.70 -2.97
C GLY A 276 5.58 16.37 -1.91
N LEU A 277 5.24 16.60 -0.65
CA LEU A 277 6.16 16.34 0.45
C LEU A 277 5.53 15.38 1.45
N GLY A 278 6.36 14.49 2.02
CA GLY A 278 5.87 13.53 2.99
C GLY A 278 6.97 12.97 3.86
N LEU A 279 6.88 13.23 5.16
CA LEU A 279 7.88 12.76 6.11
C LEU A 279 7.36 11.56 6.90
N GLU A 280 8.28 10.78 7.46
CA GLU A 280 7.91 9.60 8.24
C GLU A 280 8.95 9.32 9.31
N PHE A 281 8.49 8.97 10.50
CA PHE A 281 9.40 8.66 11.61
C PHE A 281 8.61 8.17 12.83
N GLN A 282 9.31 7.96 13.93
CA GLN A 282 8.68 7.48 15.16
C GLN A 282 9.17 8.28 16.37
N ALA A 283 8.31 8.43 17.37
CA ALA A 283 8.64 9.17 18.58
C ALA A 283 9.95 8.65 19.17
N MET A 1 0.64 -6.24 14.13
CA MET A 1 0.22 -4.85 14.29
C MET A 1 0.39 -4.08 12.98
N ALA A 2 -0.07 -4.68 11.89
CA ALA A 2 0.02 -4.04 10.57
C ALA A 2 -0.78 -2.75 10.53
N VAL A 3 -0.08 -1.63 10.34
CA VAL A 3 -0.73 -0.32 10.28
C VAL A 3 -1.62 -0.21 9.04
N PRO A 4 -1.01 -0.41 7.87
CA PRO A 4 -1.73 -0.33 6.59
C PRO A 4 -2.70 -1.50 6.39
N PRO A 5 -3.61 -1.36 5.42
CA PRO A 5 -4.60 -2.40 5.11
C PRO A 5 -3.98 -3.63 4.48
N THR A 6 -3.20 -3.42 3.43
CA THR A 6 -2.53 -4.51 2.72
C THR A 6 -1.06 -4.20 2.48
N TYR A 7 -0.75 -2.91 2.32
CA TYR A 7 0.62 -2.49 2.08
C TYR A 7 1.58 -3.17 3.03
N ALA A 8 1.09 -3.49 4.23
CA ALA A 8 1.92 -4.16 5.23
C ALA A 8 2.66 -5.34 4.64
N ASP A 9 2.04 -6.01 3.66
CA ASP A 9 2.65 -7.15 3.01
C ASP A 9 2.81 -6.92 1.51
N LEU A 10 1.86 -6.18 0.94
CA LEU A 10 1.89 -5.87 -0.48
C LEU A 10 2.65 -4.58 -0.75
N GLY A 11 2.77 -4.21 -2.02
CA GLY A 11 3.48 -3.00 -2.39
C GLY A 11 2.54 -1.84 -2.66
N LYS A 12 2.78 -0.73 -1.96
CA LYS A 12 1.95 0.46 -2.13
C LYS A 12 2.50 1.36 -3.23
N SER A 13 3.82 1.42 -3.32
CA SER A 13 4.49 2.25 -4.33
C SER A 13 3.92 1.96 -5.72
N ALA A 14 3.84 0.67 -6.06
CA ALA A 14 3.33 0.27 -7.37
C ALA A 14 1.96 0.90 -7.64
N ARG A 15 1.17 1.07 -6.59
CA ARG A 15 -0.15 1.66 -6.72
C ARG A 15 -0.06 3.17 -6.95
N ASP A 16 1.01 3.77 -6.43
CA ASP A 16 1.22 5.21 -6.57
C ASP A 16 1.07 5.63 -8.03
N VAL A 17 1.47 4.75 -8.94
CA VAL A 17 1.38 5.03 -10.36
C VAL A 17 -0.01 5.52 -10.75
N PHE A 18 -1.02 5.04 -10.04
CA PHE A 18 -2.40 5.43 -10.30
C PHE A 18 -2.55 6.94 -10.28
N THR A 19 -2.01 7.57 -9.24
CA THR A 19 -2.07 9.02 -9.09
C THR A 19 -0.79 9.69 -9.55
N LYS A 20 0.04 8.93 -10.27
CA LYS A 20 1.31 9.45 -10.77
C LYS A 20 1.17 9.90 -12.23
N GLY A 21 0.35 9.19 -12.99
CA GLY A 21 0.15 9.53 -14.39
C GLY A 21 -1.01 10.49 -14.59
N TYR A 22 -1.12 11.48 -13.72
CA TYR A 22 -2.20 12.45 -13.79
C TYR A 22 -1.64 13.86 -13.98
N GLY A 23 -0.46 14.10 -13.42
CA GLY A 23 0.17 15.40 -13.53
C GLY A 23 -0.32 16.38 -12.48
N PHE A 24 -0.68 15.86 -11.31
CA PHE A 24 -1.16 16.69 -10.22
C PHE A 24 -0.36 16.44 -8.95
N GLY A 25 -0.32 17.44 -8.07
CA GLY A 25 0.40 17.32 -6.82
C GLY A 25 0.03 16.06 -6.06
N LEU A 26 0.94 15.60 -5.21
CA LEU A 26 0.71 14.40 -4.42
C LEU A 26 1.27 14.56 -3.00
N ILE A 27 0.37 14.63 -2.03
CA ILE A 27 0.78 14.78 -0.64
C ILE A 27 0.26 13.63 0.21
N LYS A 28 1.14 12.70 0.54
CA LYS A 28 0.78 11.55 1.36
C LYS A 28 1.72 11.41 2.54
N LEU A 29 1.31 11.95 3.70
CA LEU A 29 2.12 11.87 4.91
C LEU A 29 1.63 10.75 5.81
N ASP A 30 2.35 9.64 5.83
CA ASP A 30 1.99 8.50 6.67
C ASP A 30 3.11 8.16 7.65
N LEU A 31 3.22 8.96 8.71
CA LEU A 31 4.24 8.75 9.72
C LEU A 31 3.67 8.03 10.93
N LYS A 32 4.54 7.36 11.69
CA LYS A 32 4.13 6.63 12.87
C LYS A 32 5.04 6.94 14.06
N THR A 33 4.54 6.70 15.27
CA THR A 33 5.31 6.97 16.47
C THR A 33 4.66 6.30 17.69
N LYS A 34 5.46 6.08 18.73
CA LYS A 34 4.98 5.46 19.95
C LYS A 34 4.92 6.45 21.09
N SER A 35 3.90 6.34 21.93
CA SER A 35 3.73 7.23 23.08
C SER A 35 3.61 6.44 24.37
N GLU A 36 3.45 7.16 25.48
CA GLU A 36 3.32 6.53 26.78
C GLU A 36 1.87 6.18 27.09
N ASN A 37 0.96 7.04 26.67
CA ASN A 37 -0.47 6.83 26.88
C ASN A 37 -0.89 5.45 26.37
N GLY A 38 -0.93 5.31 25.04
CA GLY A 38 -1.32 4.05 24.45
C GLY A 38 -0.13 3.28 23.90
N LEU A 39 -0.39 2.06 23.43
CA LEU A 39 0.67 1.22 22.88
C LEU A 39 1.45 1.96 21.79
N GLU A 40 0.73 2.47 20.80
CA GLU A 40 1.35 3.21 19.71
C GLU A 40 0.31 3.95 18.88
N PHE A 41 0.76 4.97 18.15
CA PHE A 41 -0.14 5.77 17.32
C PHE A 41 0.48 6.02 15.95
N THR A 42 -0.37 6.06 14.93
CA THR A 42 0.09 6.30 13.56
C THR A 42 -0.62 7.50 12.95
N SER A 43 0.17 8.49 12.54
CA SER A 43 -0.37 9.71 11.94
C SER A 43 -0.28 9.65 10.42
N SER A 44 -1.44 9.52 9.77
CA SER A 44 -1.48 9.44 8.31
C SER A 44 -2.41 10.52 7.74
N GLY A 45 -2.10 10.97 6.53
CA GLY A 45 -2.91 11.99 5.89
C GLY A 45 -2.65 12.09 4.40
N SER A 46 -3.74 12.23 3.64
CA SER A 46 -3.63 12.32 2.18
C SER A 46 -4.24 13.63 1.68
N ALA A 47 -3.56 14.27 0.74
CA ALA A 47 -4.04 15.52 0.17
C ALA A 47 -3.25 15.90 -1.08
N ASN A 48 -3.60 17.04 -1.67
CA ASN A 48 -2.92 17.51 -2.88
C ASN A 48 -2.58 18.99 -2.77
N THR A 49 -2.21 19.58 -3.89
CA THR A 49 -1.86 21.00 -3.93
C THR A 49 -3.01 21.86 -3.42
N GLU A 50 -2.82 23.18 -3.47
CA GLU A 50 -3.84 24.11 -3.01
C GLU A 50 -5.17 23.85 -3.73
N THR A 51 -6.07 23.16 -3.05
CA THR A 51 -7.38 22.85 -3.62
C THR A 51 -8.37 22.44 -2.53
N THR A 52 -9.58 22.10 -2.94
CA THR A 52 -10.62 21.69 -2.01
C THR A 52 -10.82 20.17 -2.02
N LYS A 53 -9.86 19.45 -1.46
CA LYS A 53 -9.91 18.00 -1.41
C LYS A 53 -8.82 17.44 -0.50
N VAL A 54 -9.18 17.17 0.76
CA VAL A 54 -8.23 16.63 1.72
C VAL A 54 -8.89 15.57 2.59
N THR A 55 -8.10 14.58 3.00
CA THR A 55 -8.59 13.50 3.84
C THR A 55 -7.60 13.14 4.92
N GLY A 56 -8.01 13.29 6.18
CA GLY A 56 -7.14 12.98 7.29
C GLY A 56 -7.20 11.51 7.69
N SER A 57 -6.07 10.98 8.16
CA SER A 57 -6.00 9.58 8.56
C SER A 57 -5.23 9.42 9.85
N LEU A 58 -5.83 9.87 10.96
CA LEU A 58 -5.19 9.79 12.26
C LEU A 58 -5.61 8.51 12.99
N GLU A 59 -4.71 7.53 13.00
CA GLU A 59 -4.99 6.26 13.66
C GLU A 59 -4.25 6.16 14.99
N THR A 60 -4.84 5.45 15.93
CA THR A 60 -4.24 5.28 17.26
C THR A 60 -4.51 3.88 17.81
N LYS A 61 -3.43 3.16 18.10
CA LYS A 61 -3.54 1.80 18.63
C LYS A 61 -3.31 1.79 20.14
N TYR A 62 -4.32 1.37 20.89
CA TYR A 62 -4.22 1.31 22.34
C TYR A 62 -4.51 -0.09 22.86
N ARG A 63 -3.49 -0.73 23.42
CA ARG A 63 -3.63 -2.08 23.95
C ARG A 63 -4.01 -2.05 25.43
N TRP A 64 -4.75 -3.06 25.86
CA TRP A 64 -5.19 -3.15 27.25
C TRP A 64 -4.01 -3.44 28.17
N THR A 65 -4.26 -3.38 29.48
CA THR A 65 -3.21 -3.64 30.47
C THR A 65 -2.51 -4.96 30.19
N GLU A 66 -3.27 -5.94 29.71
CA GLU A 66 -2.72 -7.25 29.40
C GLU A 66 -2.51 -7.42 27.89
N TYR A 67 -1.36 -7.96 27.52
CA TYR A 67 -1.03 -8.17 26.11
C TYR A 67 -1.89 -9.29 25.52
N GLY A 68 -3.04 -8.91 24.97
CA GLY A 68 -3.93 -9.90 24.38
C GLY A 68 -4.83 -9.29 23.32
N LEU A 69 -5.31 -8.08 23.57
CA LEU A 69 -6.20 -7.39 22.63
C LEU A 69 -5.86 -5.91 22.56
N THR A 70 -6.11 -5.31 21.41
CA THR A 70 -5.84 -3.89 21.20
C THR A 70 -6.92 -3.23 20.34
N PHE A 71 -7.13 -1.94 20.54
CA PHE A 71 -8.13 -1.20 19.79
C PHE A 71 -7.47 -0.23 18.81
N THR A 72 -7.93 -0.25 17.57
CA THR A 72 -7.39 0.62 16.53
C THR A 72 -8.41 1.68 16.11
N VAL A 73 -8.24 2.90 16.63
CA VAL A 73 -9.13 3.99 16.32
C VAL A 73 -8.62 4.79 15.12
N LYS A 74 -9.52 5.54 14.49
CA LYS A 74 -9.16 6.36 13.32
C LYS A 74 -10.11 7.52 13.17
N TRP A 75 -9.55 8.71 12.91
CA TRP A 75 -10.36 9.91 12.73
C TRP A 75 -9.67 10.90 11.80
N ASN A 76 -10.09 12.15 11.86
CA ASN A 76 -9.51 13.19 11.02
C ASN A 76 -10.25 13.28 9.68
N THR A 77 -10.07 12.27 8.84
CA THR A 77 -10.71 12.23 7.53
C THR A 77 -11.37 13.57 7.21
N ASP A 78 -12.65 13.68 7.56
CA ASP A 78 -13.39 14.91 7.32
C ASP A 78 -14.60 15.02 8.24
N ASN A 79 -15.26 13.89 8.47
CA ASN A 79 -16.43 13.85 9.35
C ASN A 79 -16.38 12.64 10.27
N THR A 80 -17.46 12.44 11.03
CA THR A 80 -17.54 11.32 11.96
C THR A 80 -17.29 10.00 11.25
N LEU A 81 -16.44 9.17 11.82
CA LEU A 81 -16.11 7.87 11.25
C LEU A 81 -16.34 6.74 12.26
N GLY A 82 -16.00 5.52 11.86
CA GLY A 82 -16.17 4.38 12.75
C GLY A 82 -14.95 4.11 13.59
N THR A 83 -14.70 2.83 13.88
CA THR A 83 -13.56 2.44 14.69
C THR A 83 -13.17 0.99 14.42
N GLU A 84 -11.88 0.69 14.55
CA GLU A 84 -11.39 -0.66 14.33
C GLU A 84 -10.87 -1.28 15.62
N ILE A 85 -10.88 -2.60 15.67
CA ILE A 85 -10.41 -3.32 16.87
C ILE A 85 -9.71 -4.62 16.48
N THR A 86 -8.54 -4.84 17.05
CA THR A 86 -7.76 -6.04 16.78
C THR A 86 -7.77 -6.99 17.98
N VAL A 87 -8.08 -8.25 17.72
CA VAL A 87 -8.12 -9.26 18.78
C VAL A 87 -7.27 -10.48 18.40
N GLU A 88 -6.55 -11.01 19.39
CA GLU A 88 -5.70 -12.17 19.18
C GLU A 88 -5.50 -12.96 20.47
N ASP A 89 -5.73 -14.26 20.41
CA ASP A 89 -5.58 -15.12 21.57
C ASP A 89 -4.19 -14.96 22.18
N GLN A 90 -3.20 -15.58 21.54
CA GLN A 90 -1.82 -15.52 22.02
C GLN A 90 -0.88 -16.28 21.10
N LEU A 91 0.18 -15.61 20.66
CA LEU A 91 1.15 -16.23 19.76
C LEU A 91 0.46 -16.88 18.57
N ALA A 92 -0.62 -16.27 18.11
CA ALA A 92 -1.37 -16.78 16.97
C ALA A 92 -0.92 -16.12 15.67
N ARG A 93 0.36 -15.79 15.59
CA ARG A 93 0.91 -15.15 14.41
C ARG A 93 0.45 -15.86 13.14
N GLY A 94 -0.24 -15.13 12.27
CA GLY A 94 -0.71 -15.71 11.03
C GLY A 94 -2.22 -15.78 10.97
N LEU A 95 -2.85 -15.94 12.13
CA LEU A 95 -4.31 -16.03 12.20
C LEU A 95 -4.84 -15.13 13.32
N LYS A 96 -5.14 -13.89 12.98
CA LYS A 96 -5.67 -12.93 13.96
C LYS A 96 -7.13 -12.60 13.65
N LEU A 97 -7.83 -12.06 14.64
CA LEU A 97 -9.23 -11.70 14.48
C LEU A 97 -9.45 -10.22 14.83
N THR A 98 -9.58 -9.40 13.80
CA THR A 98 -9.79 -7.97 13.99
C THR A 98 -11.08 -7.51 13.29
N PHE A 99 -11.91 -6.79 14.03
CA PHE A 99 -13.17 -6.28 13.50
C PHE A 99 -13.03 -4.83 13.04
N ASP A 100 -13.62 -4.50 11.90
CA ASP A 100 -13.56 -3.15 11.37
C ASP A 100 -14.93 -2.48 11.45
N SER A 101 -15.13 -1.70 12.51
CA SER A 101 -16.40 -1.00 12.71
C SER A 101 -16.36 0.39 12.07
N SER A 102 -15.70 0.49 10.92
CA SER A 102 -15.59 1.76 10.21
C SER A 102 -16.96 2.22 9.72
N PHE A 103 -17.07 3.52 9.44
CA PHE A 103 -18.32 4.09 8.96
C PHE A 103 -19.48 3.71 9.88
N SER A 104 -19.47 4.24 11.09
CA SER A 104 -20.52 3.95 12.06
C SER A 104 -21.89 4.38 11.53
N PRO A 105 -22.95 3.81 12.11
CA PRO A 105 -24.33 4.12 11.72
C PRO A 105 -24.74 5.54 12.11
N ASN A 106 -25.33 6.26 11.16
CA ASN A 106 -25.78 7.63 11.40
C ASN A 106 -27.18 7.85 10.84
N THR A 107 -28.12 7.01 11.25
CA THR A 107 -29.49 7.12 10.80
C THR A 107 -29.57 7.03 9.28
N GLY A 108 -29.03 5.95 8.72
CA GLY A 108 -29.06 5.77 7.28
C GLY A 108 -28.26 4.55 6.84
N LYS A 109 -27.85 4.55 5.58
CA LYS A 109 -27.08 3.43 5.03
C LYS A 109 -25.80 3.21 5.84
N LYS A 110 -25.82 2.19 6.69
CA LYS A 110 -24.66 1.87 7.52
C LYS A 110 -23.73 0.90 6.80
N ASN A 111 -22.53 0.71 7.36
CA ASN A 111 -21.55 -0.19 6.77
C ASN A 111 -20.71 -0.87 7.84
N ALA A 112 -20.32 -2.11 7.59
CA ALA A 112 -19.51 -2.86 8.55
C ALA A 112 -18.47 -3.71 7.83
N LYS A 113 -17.29 -3.83 8.44
CA LYS A 113 -16.21 -4.61 7.86
C LYS A 113 -15.57 -5.52 8.91
N ILE A 114 -15.04 -6.65 8.46
CA ILE A 114 -14.40 -7.60 9.36
C ILE A 114 -13.13 -8.18 8.74
N LYS A 115 -12.06 -8.26 9.53
CA LYS A 115 -10.79 -8.79 9.05
C LYS A 115 -10.42 -10.06 9.81
N THR A 116 -10.29 -11.16 9.08
CA THR A 116 -9.94 -12.44 9.68
C THR A 116 -8.66 -13.00 9.07
N GLY A 117 -7.55 -12.86 9.78
CA GLY A 117 -6.28 -13.36 9.29
C GLY A 117 -5.10 -12.58 9.83
N TYR A 118 -4.01 -12.56 9.08
CA TYR A 118 -2.81 -11.85 9.49
C TYR A 118 -2.11 -11.20 8.30
N LYS A 119 -1.65 -9.97 8.49
CA LYS A 119 -0.97 -9.23 7.43
C LYS A 119 0.33 -8.61 7.94
N ARG A 120 1.44 -8.95 7.30
CA ARG A 120 2.74 -8.43 7.69
C ARG A 120 3.72 -8.51 6.53
N GLU A 121 4.79 -7.71 6.60
CA GLU A 121 5.81 -7.69 5.57
C GLU A 121 6.30 -9.10 5.26
N HIS A 122 6.33 -9.95 6.28
CA HIS A 122 6.77 -11.33 6.13
C HIS A 122 5.79 -12.12 5.27
N ILE A 123 4.57 -12.29 5.79
CA ILE A 123 3.54 -13.03 5.07
C ILE A 123 2.14 -12.53 5.43
N ASN A 124 1.25 -12.51 4.44
CA ASN A 124 -0.11 -12.05 4.67
C ASN A 124 -1.12 -13.05 4.11
N LEU A 125 -2.00 -13.55 4.97
CA LEU A 125 -3.02 -14.51 4.57
C LEU A 125 -4.28 -14.35 5.40
N GLY A 126 -5.43 -14.38 4.72
CA GLY A 126 -6.70 -14.24 5.42
C GLY A 126 -7.79 -13.70 4.51
N ALA A 127 -8.99 -13.53 5.08
CA ALA A 127 -10.12 -13.02 4.32
C ALA A 127 -10.75 -11.82 5.01
N ASP A 128 -11.60 -11.10 4.29
CA ASP A 128 -12.26 -9.92 4.84
C ASP A 128 -13.74 -9.91 4.46
N MET A 129 -14.60 -9.68 5.44
CA MET A 129 -16.03 -9.65 5.22
C MET A 129 -16.59 -8.25 5.48
N ASP A 130 -17.02 -7.58 4.42
CA ASP A 130 -17.57 -6.24 4.54
C ASP A 130 -18.88 -6.13 3.77
N PHE A 131 -19.72 -5.16 4.16
CA PHE A 131 -21.00 -4.95 3.50
C PHE A 131 -21.77 -3.81 4.16
N ASP A 132 -23.04 -3.68 3.82
CA ASP A 132 -23.88 -2.63 4.39
C ASP A 132 -24.86 -3.22 5.41
N ILE A 133 -25.82 -4.00 4.93
CA ILE A 133 -26.81 -4.62 5.80
C ILE A 133 -27.03 -6.08 5.43
N ALA A 134 -27.22 -6.33 4.14
CA ALA A 134 -27.46 -7.68 3.65
C ALA A 134 -26.27 -8.60 3.99
N GLY A 135 -26.28 -9.79 3.41
CA GLY A 135 -25.20 -10.74 3.66
C GLY A 135 -23.83 -10.12 3.53
N PRO A 136 -22.91 -10.47 4.44
CA PRO A 136 -21.54 -9.95 4.43
C PRO A 136 -20.72 -10.48 3.26
N SER A 137 -20.10 -9.58 2.51
CA SER A 137 -19.30 -9.96 1.36
C SER A 137 -17.88 -10.33 1.79
N ILE A 138 -17.59 -11.63 1.74
CA ILE A 138 -16.27 -12.13 2.12
C ILE A 138 -15.32 -12.16 0.92
N ARG A 139 -14.05 -11.89 1.18
CA ARG A 139 -13.05 -11.88 0.13
C ARG A 139 -11.77 -12.59 0.59
N GLY A 140 -11.27 -13.49 -0.26
CA GLY A 140 -10.06 -14.23 0.08
C GLY A 140 -8.81 -13.53 -0.40
N ALA A 141 -7.83 -13.40 0.49
CA ALA A 141 -6.56 -12.75 0.15
C ALA A 141 -5.38 -13.51 0.73
N LEU A 142 -4.52 -14.01 -0.16
CA LEU A 142 -3.35 -14.77 0.27
C LEU A 142 -2.10 -14.30 -0.48
N VAL A 143 -1.28 -13.49 0.19
CA VAL A 143 -0.06 -12.97 -0.40
C VAL A 143 1.14 -13.17 0.52
N LEU A 144 2.06 -14.03 0.11
CA LEU A 144 3.25 -14.32 0.90
C LEU A 144 4.42 -14.69 -0.01
N GLY A 145 5.54 -15.06 0.62
CA GLY A 145 6.73 -15.44 -0.14
C GLY A 145 8.00 -15.29 0.66
N TYR A 146 9.00 -16.09 0.32
CA TYR A 146 10.28 -16.05 1.02
C TYR A 146 11.29 -15.20 0.26
N GLU A 147 12.45 -14.99 0.87
CA GLU A 147 13.51 -14.19 0.24
C GLU A 147 13.93 -14.78 -1.10
N GLY A 148 13.38 -14.23 -2.17
CA GLY A 148 13.71 -14.72 -3.50
C GLY A 148 12.53 -14.66 -4.45
N TRP A 149 11.39 -15.17 -4.01
CA TRP A 149 10.18 -15.17 -4.83
C TRP A 149 8.96 -14.75 -4.01
N LEU A 150 7.84 -14.57 -4.69
CA LEU A 150 6.60 -14.17 -4.01
C LEU A 150 5.39 -14.82 -4.67
N ALA A 151 4.24 -14.71 -4.02
CA ALA A 151 3.01 -15.29 -4.54
C ALA A 151 1.78 -14.60 -3.94
N GLY A 152 0.81 -14.30 -4.79
CA GLY A 152 -0.40 -13.63 -4.33
C GLY A 152 -1.64 -14.15 -5.03
N TYR A 153 -2.73 -14.25 -4.28
CA TYR A 153 -4.00 -14.74 -4.84
C TYR A 153 -5.19 -14.10 -4.14
N GLN A 154 -5.97 -13.34 -4.89
CA GLN A 154 -7.14 -12.66 -4.34
C GLN A 154 -8.40 -13.04 -5.11
N MET A 155 -9.43 -13.46 -4.38
CA MET A 155 -10.69 -13.84 -5.01
C MET A 155 -11.87 -13.56 -4.08
N ASN A 156 -13.09 -13.79 -4.58
CA ASN A 156 -14.28 -13.55 -3.79
C ASN A 156 -14.66 -14.78 -2.97
N PHE A 157 -14.85 -15.90 -3.66
CA PHE A 157 -15.21 -17.15 -2.99
C PHE A 157 -14.35 -18.30 -3.51
N GLU A 158 -14.30 -19.38 -2.73
CA GLU A 158 -13.52 -20.56 -3.10
C GLU A 158 -14.39 -21.61 -3.77
N THR A 159 -14.63 -21.43 -5.07
CA THR A 159 -15.46 -22.36 -5.82
C THR A 159 -15.19 -22.25 -7.32
N ALA A 160 -14.65 -23.33 -7.89
CA ALA A 160 -14.34 -23.35 -9.32
C ALA A 160 -15.51 -23.91 -10.13
N LYS A 161 -16.56 -23.11 -10.27
CA LYS A 161 -17.75 -23.54 -11.02
C LYS A 161 -17.66 -23.06 -12.47
N SER A 162 -17.74 -21.76 -12.67
CA SER A 162 -17.68 -21.19 -14.01
C SER A 162 -16.24 -21.13 -14.51
N ARG A 163 -16.09 -20.95 -15.82
CA ARG A 163 -14.76 -20.87 -16.42
C ARG A 163 -14.22 -19.45 -16.37
N VAL A 164 -15.10 -18.47 -16.60
CA VAL A 164 -14.71 -17.07 -16.58
C VAL A 164 -15.48 -16.30 -15.51
N THR A 165 -14.74 -15.72 -14.56
CA THR A 165 -15.36 -14.95 -13.49
C THR A 165 -14.36 -14.01 -12.84
N GLN A 166 -14.87 -12.94 -12.22
CA GLN A 166 -14.01 -11.96 -11.57
C GLN A 166 -13.06 -12.63 -10.59
N SER A 167 -11.76 -12.47 -10.83
CA SER A 167 -10.73 -13.06 -9.98
C SER A 167 -9.40 -12.35 -10.17
N ASN A 168 -8.59 -12.32 -9.10
CA ASN A 168 -7.29 -11.69 -9.15
C ASN A 168 -6.19 -12.66 -8.77
N PHE A 169 -5.15 -12.73 -9.59
CA PHE A 169 -4.03 -13.64 -9.34
C PHE A 169 -2.70 -12.90 -9.46
N ALA A 170 -1.69 -13.39 -8.75
CA ALA A 170 -0.37 -12.78 -8.77
C ALA A 170 0.71 -13.81 -8.47
N VAL A 171 1.87 -13.63 -9.09
CA VAL A 171 2.99 -14.54 -8.89
C VAL A 171 4.33 -13.83 -9.05
N GLY A 172 5.24 -14.07 -8.12
CA GLY A 172 6.55 -13.44 -8.17
C GLY A 172 7.68 -14.45 -8.13
N TYR A 173 8.66 -14.27 -9.02
CA TYR A 173 9.80 -15.17 -9.08
C TYR A 173 10.87 -14.63 -10.03
N LYS A 174 12.11 -15.06 -9.82
CA LYS A 174 13.21 -14.62 -10.66
C LYS A 174 14.55 -15.17 -10.14
N THR A 175 15.64 -14.74 -10.76
CA THR A 175 16.97 -15.19 -10.35
C THR A 175 17.25 -14.84 -8.90
N ASP A 176 18.50 -14.99 -8.50
CA ASP A 176 18.91 -14.69 -7.13
C ASP A 176 19.02 -13.18 -6.92
N GLU A 177 19.16 -12.44 -8.01
CA GLU A 177 19.27 -10.98 -7.95
C GLU A 177 18.19 -10.32 -8.80
N PHE A 178 17.05 -10.98 -8.91
CA PHE A 178 15.94 -10.45 -9.69
C PHE A 178 14.60 -10.80 -9.06
N GLN A 179 13.54 -10.10 -9.46
CA GLN A 179 12.21 -10.33 -8.93
C GLN A 179 11.14 -9.95 -9.94
N LEU A 180 10.57 -10.95 -10.60
CA LEU A 180 9.53 -10.72 -11.60
C LEU A 180 8.15 -11.04 -11.04
N HIS A 181 7.40 -10.01 -10.69
CA HIS A 181 6.06 -10.18 -10.14
C HIS A 181 5.00 -9.70 -11.12
N THR A 182 4.05 -10.57 -11.44
CA THR A 182 2.98 -10.23 -12.37
C THR A 182 1.62 -10.57 -11.79
N ASN A 183 0.65 -9.68 -12.00
CA ASN A 183 -0.70 -9.88 -11.50
C ASN A 183 -1.73 -9.72 -12.61
N VAL A 184 -2.81 -10.50 -12.52
CA VAL A 184 -3.86 -10.45 -13.53
C VAL A 184 -5.23 -10.25 -12.87
N ASN A 185 -6.09 -9.47 -13.53
CA ASN A 185 -7.42 -9.20 -13.01
C ASN A 185 -8.48 -9.52 -14.07
N ASP A 186 -9.35 -10.48 -13.76
CA ASP A 186 -10.41 -10.87 -14.68
C ASP A 186 -9.85 -11.17 -16.06
N GLY A 187 -8.63 -11.69 -16.10
CA GLY A 187 -8.01 -12.01 -17.38
C GLY A 187 -8.06 -10.86 -18.35
N THR A 188 -8.04 -9.64 -17.83
CA THR A 188 -8.09 -8.44 -18.66
C THR A 188 -7.02 -7.44 -18.24
N GLU A 189 -6.96 -7.15 -16.95
CA GLU A 189 -5.99 -6.20 -16.42
C GLU A 189 -4.70 -6.91 -16.02
N PHE A 190 -3.62 -6.65 -16.76
CA PHE A 190 -2.34 -7.26 -16.49
C PHE A 190 -1.36 -6.23 -15.93
N GLY A 191 -1.12 -6.31 -14.62
CA GLY A 191 -0.20 -5.39 -13.98
C GLY A 191 0.86 -6.09 -13.16
N GLY A 192 2.12 -5.77 -13.42
CA GLY A 192 3.21 -6.39 -12.69
C GLY A 192 4.45 -5.52 -12.64
N SER A 193 5.36 -5.84 -11.73
CA SER A 193 6.59 -5.06 -11.58
C SER A 193 7.80 -5.98 -11.53
N ILE A 194 8.93 -5.50 -12.04
CA ILE A 194 10.17 -6.28 -12.05
C ILE A 194 11.27 -5.56 -11.29
N TYR A 195 11.76 -6.19 -10.23
CA TYR A 195 12.82 -5.62 -9.42
C TYR A 195 14.16 -6.27 -9.74
N GLN A 196 15.21 -5.45 -9.79
CA GLN A 196 16.55 -5.94 -10.09
C GLN A 196 17.57 -5.35 -9.13
N LYS A 197 18.26 -6.22 -8.39
CA LYS A 197 19.28 -5.77 -7.43
C LYS A 197 20.68 -6.03 -7.98
N VAL A 198 21.01 -5.37 -9.08
CA VAL A 198 22.33 -5.52 -9.70
C VAL A 198 23.44 -5.17 -8.71
N ASN A 199 23.16 -4.22 -7.82
CA ASN A 199 24.13 -3.78 -6.82
C ASN A 199 23.50 -3.73 -5.44
N LYS A 200 24.28 -4.10 -4.43
CA LYS A 200 23.80 -4.09 -3.05
C LYS A 200 23.23 -2.72 -2.68
N LYS A 201 23.85 -1.67 -3.21
CA LYS A 201 23.40 -0.31 -2.93
C LYS A 201 22.51 0.20 -4.06
N LEU A 202 23.03 0.21 -5.28
CA LEU A 202 22.28 0.67 -6.43
C LEU A 202 21.31 -0.39 -6.91
N GLU A 203 20.03 -0.03 -7.03
CA GLU A 203 19.01 -0.96 -7.48
C GLU A 203 18.15 -0.34 -8.58
N THR A 204 17.57 -1.18 -9.42
CA THR A 204 16.73 -0.71 -10.52
C THR A 204 15.55 -1.64 -10.74
N ALA A 205 14.41 -1.07 -11.13
CA ALA A 205 13.20 -1.86 -11.38
C ALA A 205 12.40 -1.27 -12.52
N VAL A 206 11.26 -1.89 -12.83
CA VAL A 206 10.40 -1.43 -13.91
C VAL A 206 8.96 -1.91 -13.70
N ASN A 207 8.02 -0.98 -13.77
CA ASN A 207 6.60 -1.32 -13.60
C ASN A 207 5.88 -1.31 -14.93
N LEU A 208 5.30 -2.46 -15.29
CA LEU A 208 4.57 -2.60 -16.54
C LEU A 208 3.15 -3.11 -16.30
N ALA A 209 2.17 -2.29 -16.65
CA ALA A 209 0.77 -2.67 -16.48
C ALA A 209 -0.07 -2.24 -17.67
N TRP A 210 -0.76 -3.20 -18.27
CA TRP A 210 -1.60 -2.92 -19.43
C TRP A 210 -2.97 -3.59 -19.28
N THR A 211 -3.81 -3.43 -20.30
CA THR A 211 -5.15 -4.01 -20.29
C THR A 211 -5.75 -4.03 -21.69
N ALA A 212 -7.06 -4.29 -21.76
CA ALA A 212 -7.75 -4.33 -23.04
C ALA A 212 -7.32 -3.19 -23.94
N GLY A 213 -6.95 -2.06 -23.33
CA GLY A 213 -6.51 -0.91 -24.10
C GLY A 213 -7.21 0.37 -23.68
N ASN A 214 -7.02 0.75 -22.43
CA ASN A 214 -7.65 1.95 -21.90
C ASN A 214 -6.59 3.04 -21.62
N SER A 215 -7.00 4.08 -20.89
CA SER A 215 -6.09 5.17 -20.56
C SER A 215 -5.41 4.92 -19.22
N ASN A 216 -5.42 3.67 -18.79
CA ASN A 216 -4.81 3.30 -17.52
C ASN A 216 -3.39 2.78 -17.75
N THR A 217 -2.80 3.14 -18.89
CA THR A 217 -1.45 2.71 -19.22
C THR A 217 -0.50 2.91 -18.04
N ARG A 218 0.03 1.80 -17.54
CA ARG A 218 0.96 1.85 -16.40
C ARG A 218 2.28 1.19 -16.75
N PHE A 219 2.90 1.63 -17.85
CA PHE A 219 4.16 1.08 -18.29
C PHE A 219 5.28 2.11 -18.14
N GLY A 220 6.35 1.71 -17.45
CA GLY A 220 7.47 2.62 -17.25
C GLY A 220 8.55 2.02 -16.36
N ILE A 221 9.75 2.56 -16.45
CA ILE A 221 10.87 2.07 -15.63
C ILE A 221 11.11 2.98 -14.43
N ALA A 222 11.61 2.39 -13.35
CA ALA A 222 11.90 3.15 -12.14
C ALA A 222 13.01 2.48 -11.33
N ALA A 223 14.02 3.28 -10.97
CA ALA A 223 15.15 2.77 -10.20
C ALA A 223 15.33 3.56 -8.92
N LYS A 224 16.27 3.12 -8.08
CA LYS A 224 16.54 3.80 -6.82
C LYS A 224 17.96 3.47 -6.33
N TYR A 225 18.57 4.43 -5.63
CA TYR A 225 19.92 4.24 -5.10
C TYR A 225 20.15 5.14 -3.89
N GLN A 226 21.11 4.75 -3.05
CA GLN A 226 21.44 5.51 -1.85
C GLN A 226 22.78 6.22 -2.02
N ILE A 227 22.78 7.29 -2.81
CA ILE A 227 24.00 8.05 -3.04
C ILE A 227 24.53 8.67 -1.75
N ASP A 228 23.60 9.08 -0.88
CA ASP A 228 23.96 9.69 0.39
C ASP A 228 23.93 8.65 1.52
N PRO A 229 24.60 8.96 2.62
CA PRO A 229 24.67 8.08 3.79
C PRO A 229 23.34 7.98 4.52
N ASP A 230 22.71 9.13 4.76
CA ASP A 230 21.43 9.18 5.45
C ASP A 230 20.30 9.41 4.45
N ALA A 231 20.54 10.26 3.47
CA ALA A 231 19.54 10.57 2.45
C ALA A 231 19.61 9.59 1.30
N SER A 232 18.46 9.35 0.66
CA SER A 232 18.38 8.42 -0.46
C SER A 232 17.84 9.13 -1.71
N PHE A 233 18.24 8.63 -2.87
CA PHE A 233 17.80 9.20 -4.14
C PHE A 233 17.08 8.16 -4.99
N SER A 234 16.24 8.63 -5.91
CA SER A 234 15.48 7.74 -6.78
C SER A 234 15.39 8.32 -8.19
N ALA A 235 15.06 7.45 -9.15
CA ALA A 235 14.93 7.88 -10.54
C ALA A 235 13.78 7.16 -11.23
N LYS A 236 13.25 7.76 -12.29
CA LYS A 236 12.15 7.17 -13.04
C LYS A 236 12.16 7.64 -14.49
N VAL A 237 12.00 6.69 -15.41
CA VAL A 237 12.00 7.01 -16.83
C VAL A 237 10.97 6.17 -17.58
N ASN A 238 10.50 6.69 -18.71
CA ASN A 238 9.51 6.00 -19.52
C ASN A 238 9.57 6.44 -20.97
N ASN A 239 8.91 5.70 -21.85
CA ASN A 239 8.89 6.02 -23.27
C ASN A 239 8.41 7.45 -23.50
N SER A 240 7.57 7.94 -22.59
CA SER A 240 7.04 9.29 -22.70
C SER A 240 8.16 10.33 -22.60
N SER A 241 9.33 9.88 -22.16
CA SER A 241 10.47 10.77 -22.02
C SER A 241 10.27 11.75 -20.86
N LEU A 242 9.95 11.20 -19.69
CA LEU A 242 9.72 12.02 -18.50
C LEU A 242 10.85 11.82 -17.49
N ILE A 243 11.39 12.93 -16.99
CA ILE A 243 12.47 12.87 -16.01
C ILE A 243 11.92 12.78 -14.59
N GLY A 244 11.96 11.59 -14.01
CA GLY A 244 11.46 11.40 -12.67
C GLY A 244 12.58 11.10 -11.67
N LEU A 245 12.40 11.58 -10.45
CA LEU A 245 13.40 11.38 -9.40
C LEU A 245 12.77 11.50 -8.02
N GLY A 246 13.36 10.81 -7.04
CA GLY A 246 12.85 10.86 -5.68
C GLY A 246 13.93 11.16 -4.67
N TYR A 247 13.53 11.66 -3.50
CA TYR A 247 14.46 11.99 -2.44
C TYR A 247 13.87 11.70 -1.07
N THR A 248 14.55 10.86 -0.30
CA THR A 248 14.09 10.50 1.04
C THR A 248 15.05 11.00 2.11
N GLN A 249 14.51 11.71 3.10
CA GLN A 249 15.33 12.24 4.18
C GLN A 249 14.93 11.61 5.52
N THR A 250 15.64 12.00 6.58
CA THR A 250 15.37 11.47 7.91
C THR A 250 15.28 9.94 7.89
N LEU A 251 16.29 9.30 7.32
CA LEU A 251 16.33 7.85 7.23
C LEU A 251 16.22 7.22 8.62
N LYS A 252 16.68 7.95 9.62
CA LYS A 252 16.64 7.47 11.00
C LYS A 252 15.27 6.90 11.34
N PRO A 253 15.21 6.05 12.38
CA PRO A 253 13.96 5.43 12.83
C PRO A 253 13.01 6.43 13.46
N GLY A 254 11.72 6.07 13.52
CA GLY A 254 10.73 6.95 14.10
C GLY A 254 9.82 7.58 13.06
N ILE A 255 10.41 8.40 12.19
CA ILE A 255 9.65 9.06 11.13
C ILE A 255 10.53 9.39 9.94
N LYS A 256 10.22 8.78 8.79
CA LYS A 256 10.99 9.02 7.57
C LYS A 256 10.28 10.02 6.67
N LEU A 257 11.07 10.77 5.90
CA LEU A 257 10.52 11.77 4.99
C LEU A 257 10.79 11.38 3.54
N THR A 258 9.82 11.66 2.67
CA THR A 258 9.95 11.35 1.25
C THR A 258 9.44 12.50 0.39
N LEU A 259 10.11 12.72 -0.74
CA LEU A 259 9.72 13.79 -1.65
C LEU A 259 9.79 13.31 -3.10
N SER A 260 8.78 13.67 -3.88
CA SER A 260 8.73 13.28 -5.29
C SER A 260 8.97 14.48 -6.20
N ALA A 261 9.88 14.32 -7.16
CA ALA A 261 10.20 15.38 -8.09
C ALA A 261 10.15 14.88 -9.53
N LEU A 262 9.48 15.64 -10.39
CA LEU A 262 9.35 15.27 -11.80
C LEU A 262 9.68 16.45 -12.70
N LEU A 263 10.05 16.16 -13.94
CA LEU A 263 10.41 17.20 -14.90
C LEU A 263 10.11 16.74 -16.32
N ASP A 264 9.47 17.60 -17.11
CA ASP A 264 9.15 17.28 -18.49
C ASP A 264 9.78 18.29 -19.45
N GLY A 265 9.94 17.89 -20.70
CA GLY A 265 10.54 18.77 -21.69
C GLY A 265 12.05 18.66 -21.74
N LYS A 266 12.65 19.29 -22.75
CA LYS A 266 14.10 19.26 -22.90
C LYS A 266 14.79 20.04 -21.79
N ASN A 267 16.11 20.00 -21.77
CA ASN A 267 16.89 20.71 -20.76
C ASN A 267 17.15 22.16 -21.18
N VAL A 268 16.07 22.89 -21.43
CA VAL A 268 16.18 24.28 -21.84
C VAL A 268 16.34 25.20 -20.63
N ASN A 269 15.33 25.23 -19.78
CA ASN A 269 15.36 26.06 -18.58
C ASN A 269 14.72 25.34 -17.40
N ALA A 270 14.97 25.85 -16.19
CA ALA A 270 14.43 25.26 -14.98
C ALA A 270 12.98 25.69 -14.76
N GLY A 271 12.06 24.73 -14.81
CA GLY A 271 10.66 25.03 -14.61
C GLY A 271 9.97 24.04 -13.69
N GLY A 272 9.87 22.79 -14.14
CA GLY A 272 9.23 21.76 -13.33
C GLY A 272 10.03 21.43 -12.09
N HIS A 273 10.67 20.26 -12.08
CA HIS A 273 11.47 19.82 -10.95
C HIS A 273 10.62 19.80 -9.68
N LYS A 274 9.53 19.05 -9.72
CA LYS A 274 8.63 18.94 -8.57
C LYS A 274 7.54 17.91 -8.83
N LEU A 275 6.86 17.50 -7.76
CA LEU A 275 5.78 16.51 -7.87
C LEU A 275 4.92 16.51 -6.62
N GLY A 276 5.53 16.21 -5.48
CA GLY A 276 4.80 16.17 -4.23
C GLY A 276 5.67 15.80 -3.05
N LEU A 277 5.04 15.45 -1.93
CA LEU A 277 5.76 15.07 -0.73
C LEU A 277 5.02 13.98 0.03
N GLY A 278 5.73 13.29 0.91
CA GLY A 278 5.12 12.24 1.70
C GLY A 278 5.91 11.90 2.95
N LEU A 279 5.35 11.05 3.80
CA LEU A 279 6.01 10.65 5.04
C LEU A 279 5.92 9.14 5.24
N GLU A 280 7.01 8.54 5.70
CA GLU A 280 7.05 7.10 5.94
C GLU A 280 6.95 6.80 7.43
N PHE A 281 5.96 6.00 7.80
CA PHE A 281 5.75 5.62 9.19
C PHE A 281 7.07 5.65 9.96
N GLN A 282 8.07 4.95 9.42
CA GLN A 282 9.38 4.88 10.06
C GLN A 282 10.49 4.87 9.01
N ALA A 283 10.24 4.21 7.89
CA ALA A 283 11.21 4.13 6.81
C ALA A 283 10.54 3.79 5.49
N MET A 1 10.82 -24.22 5.90
CA MET A 1 9.72 -25.15 5.66
C MET A 1 8.41 -24.59 6.21
N ALA A 2 7.30 -24.97 5.58
CA ALA A 2 5.99 -24.51 6.01
C ALA A 2 5.94 -22.98 6.06
N VAL A 3 6.21 -22.34 4.93
CA VAL A 3 6.19 -20.89 4.84
C VAL A 3 7.30 -20.28 5.69
N PRO A 4 8.05 -19.34 5.09
CA PRO A 4 9.15 -18.66 5.76
C PRO A 4 8.66 -17.70 6.86
N PRO A 5 9.59 -17.22 7.69
CA PRO A 5 9.29 -16.31 8.78
C PRO A 5 8.88 -14.92 8.28
N THR A 6 9.40 -14.55 7.11
CA THR A 6 9.09 -13.25 6.52
C THR A 6 7.70 -13.24 5.92
N TYR A 7 6.68 -13.35 6.78
CA TYR A 7 5.29 -13.35 6.33
C TYR A 7 4.97 -12.08 5.55
N ALA A 8 5.69 -11.00 5.86
CA ALA A 8 5.48 -9.73 5.20
C ALA A 8 6.39 -9.59 3.97
N ASP A 9 6.96 -10.72 3.54
CA ASP A 9 7.85 -10.73 2.39
C ASP A 9 7.11 -10.28 1.13
N LEU A 10 5.82 -10.58 1.08
CA LEU A 10 5.00 -10.21 -0.08
C LEU A 10 5.18 -8.74 -0.41
N GLY A 11 5.55 -8.47 -1.67
CA GLY A 11 5.74 -7.09 -2.10
C GLY A 11 4.56 -6.21 -1.78
N LYS A 12 4.79 -5.15 -1.01
CA LYS A 12 3.73 -4.23 -0.64
C LYS A 12 3.67 -3.05 -1.60
N SER A 13 4.83 -2.64 -2.11
CA SER A 13 4.91 -1.51 -3.04
C SER A 13 3.93 -1.70 -4.19
N ALA A 14 3.70 -2.95 -4.57
CA ALA A 14 2.79 -3.26 -5.66
C ALA A 14 1.45 -2.55 -5.47
N ARG A 15 0.97 -2.53 -4.24
CA ARG A 15 -0.30 -1.89 -3.93
C ARG A 15 -0.23 -0.39 -4.20
N ASP A 16 0.95 0.19 -4.00
CA ASP A 16 1.14 1.62 -4.22
C ASP A 16 1.24 1.93 -5.71
N VAL A 17 1.71 0.95 -6.49
CA VAL A 17 1.84 1.11 -7.93
C VAL A 17 0.57 1.69 -8.54
N PHE A 18 -0.57 1.35 -7.96
CA PHE A 18 -1.85 1.83 -8.45
C PHE A 18 -1.83 3.35 -8.63
N THR A 19 -1.24 4.05 -7.66
CA THR A 19 -1.14 5.50 -7.70
C THR A 19 0.22 5.95 -8.19
N LYS A 20 1.25 5.17 -7.85
CA LYS A 20 2.61 5.49 -8.25
C LYS A 20 2.70 5.68 -9.77
N GLY A 21 1.79 5.04 -10.49
CA GLY A 21 1.79 5.14 -11.93
C GLY A 21 0.98 6.32 -12.43
N TYR A 22 1.11 7.47 -11.76
CA TYR A 22 0.38 8.67 -12.12
C TYR A 22 1.34 9.79 -12.50
N GLY A 23 2.51 9.79 -11.86
CA GLY A 23 3.50 10.82 -12.14
C GLY A 23 2.95 12.22 -11.96
N PHE A 24 2.02 12.37 -11.02
CA PHE A 24 1.41 13.67 -10.76
C PHE A 24 1.86 14.23 -9.42
N GLY A 25 2.19 15.52 -9.40
CA GLY A 25 2.64 16.15 -8.17
C GLY A 25 1.62 16.05 -7.06
N LEU A 26 1.79 15.06 -6.19
CA LEU A 26 0.87 14.87 -5.07
C LEU A 26 1.61 14.93 -3.74
N ILE A 27 0.87 15.13 -2.65
CA ILE A 27 1.45 15.20 -1.32
C ILE A 27 0.86 14.14 -0.40
N LYS A 28 1.59 13.03 -0.23
CA LYS A 28 1.14 11.95 0.62
C LYS A 28 2.13 11.70 1.76
N LEU A 29 1.82 12.24 2.93
CA LEU A 29 2.69 12.07 4.10
C LEU A 29 2.14 10.99 5.03
N ASP A 30 2.75 9.81 4.98
CA ASP A 30 2.33 8.70 5.83
C ASP A 30 3.44 8.31 6.80
N LEU A 31 3.63 9.13 7.83
CA LEU A 31 4.66 8.88 8.84
C LEU A 31 4.12 7.96 9.94
N LYS A 32 5.03 7.24 10.59
CA LYS A 32 4.65 6.34 11.67
C LYS A 32 5.46 6.62 12.93
N THR A 33 4.77 7.02 14.00
CA THR A 33 5.42 7.34 15.25
C THR A 33 5.26 6.19 16.26
N LYS A 34 6.37 5.58 16.65
CA LYS A 34 6.36 4.48 17.59
C LYS A 34 6.94 4.90 18.94
N SER A 35 6.11 4.90 19.96
CA SER A 35 6.55 5.29 21.30
C SER A 35 7.42 4.20 21.92
N GLU A 36 8.18 4.58 22.95
CA GLU A 36 9.06 3.65 23.62
C GLU A 36 8.30 2.39 24.06
N ASN A 37 7.11 2.59 24.61
CA ASN A 37 6.28 1.48 25.07
C ASN A 37 4.85 1.94 25.31
N GLY A 38 3.90 1.03 25.14
CA GLY A 38 2.50 1.35 25.35
C GLY A 38 1.68 1.27 24.08
N LEU A 39 1.33 2.41 23.52
CA LEU A 39 0.55 2.45 22.29
C LEU A 39 1.33 3.11 21.16
N GLU A 40 0.96 2.78 19.92
CA GLU A 40 1.63 3.34 18.75
C GLU A 40 0.76 4.38 18.06
N PHE A 41 1.37 5.19 17.20
CA PHE A 41 0.65 6.22 16.47
C PHE A 41 1.21 6.39 15.07
N THR A 42 0.38 6.92 14.17
CA THR A 42 0.79 7.13 12.78
C THR A 42 0.04 8.30 12.16
N SER A 43 0.75 9.13 11.41
CA SER A 43 0.15 10.29 10.76
C SER A 43 0.11 10.10 9.25
N SER A 44 -1.10 10.02 8.69
CA SER A 44 -1.26 9.83 7.26
C SER A 44 -2.08 10.97 6.66
N GLY A 45 -1.48 11.69 5.73
CA GLY A 45 -2.16 12.81 5.09
C GLY A 45 -2.00 12.80 3.58
N SER A 46 -3.03 13.27 2.88
CA SER A 46 -3.00 13.31 1.42
C SER A 46 -3.52 14.64 0.90
N ALA A 47 -2.83 15.20 -0.08
CA ALA A 47 -3.21 16.48 -0.66
C ALA A 47 -2.93 16.51 -2.16
N ASN A 48 -3.74 17.27 -2.90
CA ASN A 48 -3.57 17.38 -4.34
C ASN A 48 -2.88 18.68 -4.71
N THR A 49 -2.57 18.83 -6.00
CA THR A 49 -1.90 20.04 -6.48
C THR A 49 -2.86 20.92 -7.28
N GLU A 50 -3.72 20.28 -8.07
CA GLU A 50 -4.69 21.00 -8.88
C GLU A 50 -5.50 21.98 -8.03
N THR A 51 -6.22 21.44 -7.06
CA THR A 51 -7.04 22.26 -6.18
C THR A 51 -6.48 22.27 -4.75
N THR A 52 -6.78 23.33 -4.02
CA THR A 52 -6.30 23.46 -2.63
C THR A 52 -7.13 22.62 -1.68
N LYS A 53 -6.50 21.58 -1.12
CA LYS A 53 -7.19 20.69 -0.19
C LYS A 53 -6.20 19.72 0.46
N VAL A 54 -6.23 19.65 1.78
CA VAL A 54 -5.33 18.77 2.52
C VAL A 54 -6.10 17.93 3.53
N THR A 55 -5.86 16.62 3.54
CA THR A 55 -6.53 15.71 4.45
C THR A 55 -5.52 14.98 5.34
N GLY A 56 -5.91 14.74 6.58
CA GLY A 56 -5.03 14.05 7.51
C GLY A 56 -5.75 12.98 8.30
N SER A 57 -4.98 12.04 8.84
CA SER A 57 -5.56 10.93 9.62
C SER A 57 -4.54 10.38 10.62
N LEU A 58 -4.72 10.73 11.89
CA LEU A 58 -3.82 10.27 12.94
C LEU A 58 -4.35 9.01 13.60
N GLU A 59 -3.81 7.86 13.19
CA GLU A 59 -4.23 6.58 13.74
C GLU A 59 -3.44 6.24 15.01
N THR A 60 -4.09 5.56 15.95
CA THR A 60 -3.44 5.18 17.19
C THR A 60 -3.73 3.72 17.54
N LYS A 61 -2.68 2.95 17.77
CA LYS A 61 -2.81 1.54 18.11
C LYS A 61 -2.69 1.33 19.61
N TYR A 62 -3.69 0.69 20.21
CA TYR A 62 -3.69 0.43 21.64
C TYR A 62 -3.95 -1.05 21.92
N ARG A 63 -2.89 -1.80 22.19
CA ARG A 63 -3.00 -3.23 22.48
C ARG A 63 -2.80 -3.50 23.96
N TRP A 64 -3.26 -4.65 24.40
CA TRP A 64 -3.13 -5.04 25.81
C TRP A 64 -2.39 -6.36 25.95
N THR A 65 -2.27 -6.84 27.18
CA THR A 65 -1.58 -8.09 27.45
C THR A 65 -2.13 -9.22 26.58
N GLU A 66 -1.46 -10.37 26.61
CA GLU A 66 -1.88 -11.52 25.82
C GLU A 66 -3.36 -11.84 26.07
N TYR A 67 -3.79 -11.64 27.31
CA TYR A 67 -5.18 -11.91 27.68
C TYR A 67 -6.02 -10.64 27.59
N GLY A 68 -5.89 -9.92 26.46
CA GLY A 68 -6.65 -8.71 26.27
C GLY A 68 -7.21 -8.60 24.87
N LEU A 69 -7.34 -7.36 24.38
CA LEU A 69 -7.87 -7.13 23.04
C LEU A 69 -7.20 -5.92 22.39
N THR A 70 -7.21 -5.89 21.07
CA THR A 70 -6.60 -4.78 20.32
C THR A 70 -7.64 -3.72 19.98
N PHE A 71 -7.28 -2.46 20.22
CA PHE A 71 -8.19 -1.34 19.93
C PHE A 71 -7.41 -0.16 19.36
N THR A 72 -7.86 0.34 18.21
CA THR A 72 -7.22 1.47 17.55
C THR A 72 -8.23 2.55 17.20
N VAL A 73 -7.75 3.77 17.05
CA VAL A 73 -8.61 4.90 16.70
C VAL A 73 -7.86 5.93 15.87
N LYS A 74 -8.54 6.49 14.87
CA LYS A 74 -7.94 7.49 14.00
C LYS A 74 -8.68 8.82 14.10
N TRP A 75 -7.95 9.92 13.98
CA TRP A 75 -8.53 11.25 14.07
C TRP A 75 -7.57 12.30 13.53
N ASN A 76 -8.11 13.30 12.84
CA ASN A 76 -7.31 14.37 12.28
C ASN A 76 -8.15 15.30 11.41
N THR A 77 -8.25 14.99 10.13
CA THR A 77 -9.02 15.79 9.20
C THR A 77 -9.27 15.04 7.90
N ASP A 78 -10.19 14.08 7.93
CA ASP A 78 -10.52 13.29 6.75
C ASP A 78 -12.01 12.95 6.74
N ASN A 79 -12.46 12.36 5.64
CA ASN A 79 -13.87 11.98 5.49
C ASN A 79 -14.11 10.59 6.06
N THR A 80 -13.75 10.41 7.33
CA THR A 80 -13.94 9.12 7.99
C THR A 80 -14.26 9.32 9.47
N LEU A 81 -14.79 8.27 10.10
CA LEU A 81 -15.14 8.32 11.51
C LEU A 81 -15.47 6.93 12.04
N GLY A 82 -14.96 6.61 13.22
CA GLY A 82 -15.22 5.32 13.82
C GLY A 82 -14.03 4.81 14.64
N THR A 83 -13.88 3.50 14.69
CA THR A 83 -12.79 2.88 15.45
C THR A 83 -12.47 1.50 14.93
N GLU A 84 -11.44 0.87 15.49
CA GLU A 84 -11.02 -0.46 15.07
C GLU A 84 -10.82 -1.36 16.29
N ILE A 85 -11.16 -2.63 16.14
CA ILE A 85 -11.01 -3.60 17.22
C ILE A 85 -10.58 -4.96 16.68
N THR A 86 -9.46 -5.45 17.18
CA THR A 86 -8.93 -6.74 16.76
C THR A 86 -8.98 -7.77 17.89
N VAL A 87 -9.60 -8.91 17.62
CA VAL A 87 -9.71 -9.96 18.62
C VAL A 87 -8.98 -11.23 18.18
N GLU A 88 -8.73 -12.12 19.12
CA GLU A 88 -8.03 -13.37 18.83
C GLU A 88 -8.73 -14.56 19.50
N ASP A 89 -9.00 -15.59 18.71
CA ASP A 89 -9.66 -16.79 19.22
C ASP A 89 -8.91 -17.36 20.43
N GLN A 90 -7.78 -18.00 20.16
CA GLN A 90 -6.98 -18.60 21.23
C GLN A 90 -5.58 -17.98 21.25
N LEU A 91 -4.99 -17.82 20.07
CA LEU A 91 -3.65 -17.25 19.95
C LEU A 91 -3.65 -16.09 18.96
N ALA A 92 -2.77 -15.12 19.20
CA ALA A 92 -2.65 -13.96 18.32
C ALA A 92 -2.17 -14.36 16.94
N ARG A 93 -1.04 -15.07 16.88
CA ARG A 93 -0.48 -15.52 15.62
C ARG A 93 -1.24 -16.73 15.08
N GLY A 94 -1.36 -16.82 13.76
CA GLY A 94 -2.06 -17.92 13.14
C GLY A 94 -3.52 -17.62 12.91
N LEU A 95 -4.15 -16.92 13.85
CA LEU A 95 -5.55 -16.56 13.74
C LEU A 95 -5.82 -15.19 14.35
N LYS A 96 -6.24 -14.24 13.53
CA LYS A 96 -6.54 -12.89 14.01
C LYS A 96 -7.75 -12.32 13.29
N LEU A 97 -8.71 -11.80 14.07
CA LEU A 97 -9.92 -11.22 13.51
C LEU A 97 -9.93 -9.71 13.69
N THR A 98 -9.87 -8.98 12.58
CA THR A 98 -9.88 -7.53 12.62
C THR A 98 -11.28 -6.98 12.34
N PHE A 99 -11.72 -6.03 13.17
CA PHE A 99 -13.04 -5.43 13.00
C PHE A 99 -12.92 -3.94 12.68
N ASP A 100 -13.43 -3.54 11.52
CA ASP A 100 -13.39 -2.14 11.10
C ASP A 100 -14.66 -1.42 11.48
N SER A 101 -14.63 -0.72 12.62
CA SER A 101 -15.80 0.01 13.09
C SER A 101 -15.79 1.44 12.55
N SER A 102 -15.35 1.60 11.30
CA SER A 102 -15.28 2.91 10.67
C SER A 102 -15.94 2.88 9.30
N PHE A 103 -16.54 4.00 8.91
CA PHE A 103 -17.20 4.10 7.61
C PHE A 103 -17.14 5.53 7.08
N SER A 104 -17.62 5.72 5.86
CA SER A 104 -17.61 7.03 5.23
C SER A 104 -18.88 7.81 5.58
N PRO A 105 -18.83 9.14 5.41
CA PRO A 105 -19.97 10.02 5.71
C PRO A 105 -21.11 9.84 4.72
N ASN A 106 -22.10 9.04 5.11
CA ASN A 106 -23.26 8.78 4.27
C ASN A 106 -24.55 8.79 5.09
N THR A 107 -25.66 9.08 4.43
CA THR A 107 -26.95 9.13 5.10
C THR A 107 -27.26 7.80 5.79
N GLY A 108 -26.83 6.70 5.16
CA GLY A 108 -27.07 5.39 5.73
C GLY A 108 -26.53 5.26 7.15
N LYS A 109 -27.29 4.61 8.02
CA LYS A 109 -26.89 4.41 9.40
C LYS A 109 -26.06 3.14 9.56
N LYS A 110 -26.58 2.04 9.01
CA LYS A 110 -25.88 0.76 9.09
C LYS A 110 -24.70 0.71 8.12
N ASN A 111 -23.49 0.75 8.66
CA ASN A 111 -22.28 0.71 7.85
C ASN A 111 -21.07 0.33 8.68
N ALA A 112 -20.27 -0.58 8.15
CA ALA A 112 -19.07 -1.04 8.85
C ALA A 112 -18.29 -2.03 8.01
N LYS A 113 -17.07 -2.35 8.45
CA LYS A 113 -16.22 -3.29 7.73
C LYS A 113 -15.60 -4.31 8.69
N ILE A 114 -15.10 -5.41 8.14
CA ILE A 114 -14.49 -6.46 8.94
C ILE A 114 -13.49 -7.27 8.12
N LYS A 115 -12.27 -7.41 8.65
CA LYS A 115 -11.23 -8.15 7.96
C LYS A 115 -10.83 -9.38 8.77
N THR A 116 -10.43 -10.45 8.08
CA THR A 116 -10.02 -11.68 8.74
C THR A 116 -8.65 -12.14 8.23
N GLY A 117 -7.77 -12.48 9.17
CA GLY A 117 -6.44 -12.93 8.81
C GLY A 117 -6.12 -14.29 9.38
N TYR A 118 -5.86 -15.25 8.50
CA TYR A 118 -5.53 -16.61 8.92
C TYR A 118 -4.20 -17.07 8.34
N LYS A 119 -3.37 -17.68 9.18
CA LYS A 119 -2.06 -18.16 8.74
C LYS A 119 -1.88 -19.64 9.10
N ARG A 120 -1.23 -20.38 8.21
CA ARG A 120 -1.00 -21.80 8.42
C ARG A 120 0.44 -22.16 8.10
N GLU A 121 0.73 -23.47 8.08
CA GLU A 121 2.08 -23.94 7.77
C GLU A 121 2.15 -24.48 6.35
N HIS A 122 1.16 -24.14 5.54
CA HIS A 122 1.12 -24.58 4.15
C HIS A 122 0.64 -23.46 3.24
N ILE A 123 -0.21 -22.59 3.76
CA ILE A 123 -0.74 -21.47 2.99
C ILE A 123 -1.55 -20.53 3.88
N ASN A 124 -1.44 -19.23 3.61
CA ASN A 124 -2.17 -18.22 4.38
C ASN A 124 -3.50 -17.88 3.71
N LEU A 125 -4.53 -17.69 4.53
CA LEU A 125 -5.85 -17.36 4.03
C LEU A 125 -6.33 -16.03 4.60
N GLY A 126 -6.60 -15.07 3.71
CA GLY A 126 -7.07 -13.77 4.13
C GLY A 126 -8.43 -13.42 3.56
N ALA A 127 -9.15 -12.54 4.23
CA ALA A 127 -10.47 -12.11 3.78
C ALA A 127 -10.77 -10.69 4.22
N ASP A 128 -11.45 -9.94 3.36
CA ASP A 128 -11.80 -8.55 3.65
C ASP A 128 -13.25 -8.27 3.26
N MET A 129 -14.13 -8.28 4.26
CA MET A 129 -15.55 -8.03 4.03
C MET A 129 -15.89 -6.58 4.35
N ASP A 130 -16.75 -5.98 3.53
CA ASP A 130 -17.17 -4.60 3.73
C ASP A 130 -18.68 -4.47 3.65
N PHE A 131 -19.29 -3.96 4.72
CA PHE A 131 -20.74 -3.79 4.77
C PHE A 131 -21.11 -2.32 4.73
N ASP A 132 -21.20 -1.77 3.52
CA ASP A 132 -21.55 -0.35 3.35
C ASP A 132 -22.66 -0.19 2.32
N ILE A 133 -22.99 1.05 2.00
CA ILE A 133 -24.04 1.34 1.03
C ILE A 133 -23.78 0.61 -0.29
N ALA A 134 -24.75 0.69 -1.19
CA ALA A 134 -24.63 0.04 -2.48
C ALA A 134 -24.55 -1.48 -2.34
N GLY A 135 -25.36 -2.02 -1.44
CA GLY A 135 -25.36 -3.46 -1.22
C GLY A 135 -24.11 -3.93 -0.49
N PRO A 136 -24.13 -5.19 -0.04
CA PRO A 136 -23.00 -5.80 0.69
C PRO A 136 -21.80 -6.03 -0.22
N SER A 137 -20.61 -5.87 0.34
CA SER A 137 -19.37 -6.06 -0.42
C SER A 137 -18.43 -7.01 0.32
N ILE A 138 -17.71 -7.82 -0.44
CA ILE A 138 -16.76 -8.77 0.13
C ILE A 138 -15.64 -9.09 -0.84
N ARG A 139 -14.43 -9.29 -0.31
CA ARG A 139 -13.28 -9.60 -1.12
C ARG A 139 -12.36 -10.61 -0.43
N GLY A 140 -12.13 -11.74 -1.08
CA GLY A 140 -11.29 -12.77 -0.51
C GLY A 140 -9.83 -12.61 -0.91
N ALA A 141 -8.94 -13.22 -0.13
CA ALA A 141 -7.51 -13.13 -0.41
C ALA A 141 -6.81 -14.45 -0.07
N LEU A 142 -5.81 -14.80 -0.87
CA LEU A 142 -5.06 -16.04 -0.65
C LEU A 142 -3.57 -15.81 -0.85
N VAL A 143 -2.78 -16.19 0.14
CA VAL A 143 -1.33 -16.04 0.08
C VAL A 143 -0.62 -17.39 0.06
N LEU A 144 0.03 -17.70 -1.05
CA LEU A 144 0.74 -18.96 -1.19
C LEU A 144 2.19 -18.72 -1.60
N GLY A 145 3.10 -18.88 -0.64
CA GLY A 145 4.51 -18.68 -0.92
C GLY A 145 5.30 -19.97 -0.85
N TYR A 146 6.26 -20.13 -1.76
CA TYR A 146 7.09 -21.32 -1.80
C TYR A 146 8.47 -21.06 -1.20
N GLU A 147 9.34 -22.06 -1.26
CA GLU A 147 10.69 -21.93 -0.72
C GLU A 147 11.37 -20.67 -1.24
N GLY A 148 11.07 -20.32 -2.49
CA GLY A 148 11.67 -19.14 -3.08
C GLY A 148 10.66 -18.32 -3.88
N TRP A 149 9.76 -19.01 -4.56
CA TRP A 149 8.74 -18.34 -5.37
C TRP A 149 7.66 -17.74 -4.47
N LEU A 150 6.92 -16.77 -5.02
CA LEU A 150 5.85 -16.11 -4.28
C LEU A 150 4.56 -16.07 -5.10
N ALA A 151 3.49 -16.59 -4.52
CA ALA A 151 2.19 -16.60 -5.20
C ALA A 151 1.10 -16.03 -4.30
N GLY A 152 0.13 -15.37 -4.90
CA GLY A 152 -0.96 -14.78 -4.15
C GLY A 152 -1.98 -14.10 -5.03
N TYR A 153 -3.23 -14.04 -4.55
CA TYR A 153 -4.31 -13.41 -5.30
C TYR A 153 -5.46 -13.04 -4.39
N GLN A 154 -6.46 -12.37 -4.96
CA GLN A 154 -7.63 -11.95 -4.19
C GLN A 154 -8.88 -11.92 -5.08
N MET A 155 -9.98 -12.45 -4.55
CA MET A 155 -11.23 -12.49 -5.29
C MET A 155 -12.42 -12.63 -4.33
N ASN A 156 -13.53 -11.98 -4.67
CA ASN A 156 -14.73 -12.03 -3.84
C ASN A 156 -15.37 -13.42 -3.90
N PHE A 157 -14.90 -14.31 -3.03
CA PHE A 157 -15.42 -15.67 -2.98
C PHE A 157 -16.85 -15.69 -2.43
N GLU A 158 -17.81 -15.92 -3.31
CA GLU A 158 -19.22 -15.96 -2.92
C GLU A 158 -19.79 -17.36 -3.11
N THR A 159 -19.02 -18.38 -2.72
CA THR A 159 -19.45 -19.76 -2.85
C THR A 159 -19.75 -20.11 -4.30
N ALA A 160 -18.78 -19.88 -5.18
CA ALA A 160 -18.93 -20.18 -6.60
C ALA A 160 -17.66 -19.87 -7.36
N LYS A 161 -17.46 -20.59 -8.47
CA LYS A 161 -16.27 -20.40 -9.30
C LYS A 161 -16.65 -19.98 -10.72
N SER A 162 -16.32 -18.75 -11.08
CA SER A 162 -16.64 -18.24 -12.42
C SER A 162 -15.75 -17.04 -12.76
N ARG A 163 -15.53 -16.83 -14.05
CA ARG A 163 -14.71 -15.73 -14.52
C ARG A 163 -15.56 -14.59 -15.05
N VAL A 164 -16.65 -14.30 -14.34
CA VAL A 164 -17.55 -13.22 -14.74
C VAL A 164 -17.64 -12.15 -13.66
N THR A 165 -16.52 -11.89 -13.00
CA THR A 165 -16.46 -10.89 -11.95
C THR A 165 -15.08 -10.27 -11.86
N GLN A 166 -14.91 -9.35 -10.91
CA GLN A 166 -13.63 -8.67 -10.72
C GLN A 166 -12.74 -9.46 -9.76
N SER A 167 -11.44 -9.41 -9.99
CA SER A 167 -10.48 -10.11 -9.15
C SER A 167 -9.05 -9.65 -9.44
N ASN A 168 -8.11 -10.12 -8.63
CA ASN A 168 -6.70 -9.77 -8.80
C ASN A 168 -5.80 -10.97 -8.58
N PHE A 169 -4.82 -11.14 -9.46
CA PHE A 169 -3.89 -12.26 -9.36
C PHE A 169 -2.44 -11.76 -9.34
N ALA A 170 -1.60 -12.44 -8.57
CA ALA A 170 -0.20 -12.07 -8.47
C ALA A 170 0.69 -13.31 -8.38
N VAL A 171 1.68 -13.39 -9.27
CA VAL A 171 2.60 -14.52 -9.30
C VAL A 171 4.00 -14.07 -9.70
N GLY A 172 4.99 -14.49 -8.92
CA GLY A 172 6.37 -14.13 -9.20
C GLY A 172 7.24 -14.16 -7.97
N TYR A 173 8.36 -13.45 -8.02
CA TYR A 173 9.30 -13.40 -6.91
C TYR A 173 9.94 -12.02 -6.78
N LYS A 174 9.74 -11.38 -5.63
CA LYS A 174 10.29 -10.06 -5.38
C LYS A 174 10.98 -10.00 -4.02
N THR A 175 12.28 -9.77 -4.02
CA THR A 175 13.05 -9.69 -2.79
C THR A 175 13.90 -8.43 -2.75
N ASP A 176 14.16 -7.92 -1.54
CA ASP A 176 14.96 -6.72 -1.37
C ASP A 176 16.29 -6.84 -2.12
N GLU A 177 16.73 -8.08 -2.34
CA GLU A 177 17.99 -8.32 -3.05
C GLU A 177 17.87 -7.91 -4.52
N PHE A 178 17.21 -8.74 -5.30
CA PHE A 178 17.03 -8.46 -6.73
C PHE A 178 16.19 -9.55 -7.40
N GLN A 179 14.91 -9.23 -7.62
CA GLN A 179 14.00 -10.19 -8.24
C GLN A 179 12.90 -9.45 -9.02
N LEU A 180 11.91 -10.20 -9.48
CA LEU A 180 10.81 -9.63 -10.24
C LEU A 180 9.51 -10.40 -9.98
N HIS A 181 8.44 -9.66 -9.71
CA HIS A 181 7.15 -10.28 -9.45
C HIS A 181 6.13 -9.89 -10.53
N THR A 182 5.31 -10.85 -10.92
CA THR A 182 4.29 -10.61 -11.94
C THR A 182 2.89 -10.66 -11.35
N ASN A 183 1.91 -10.27 -12.16
CA ASN A 183 0.51 -10.26 -11.71
C ASN A 183 -0.43 -10.00 -12.89
N VAL A 184 -1.70 -10.36 -12.71
CA VAL A 184 -2.70 -10.15 -13.75
C VAL A 184 -4.05 -9.81 -13.15
N ASN A 185 -4.83 -9.00 -13.87
CA ASN A 185 -6.15 -8.59 -13.40
C ASN A 185 -7.24 -9.16 -14.30
N ASP A 186 -8.11 -9.98 -13.71
CA ASP A 186 -9.20 -10.59 -14.46
C ASP A 186 -8.69 -11.26 -15.73
N GLY A 187 -7.47 -11.80 -15.65
CA GLY A 187 -6.89 -12.46 -16.80
C GLY A 187 -6.96 -11.61 -18.06
N THR A 188 -6.91 -10.30 -17.88
CA THR A 188 -6.97 -9.37 -19.02
C THR A 188 -5.88 -8.32 -18.91
N GLU A 189 -5.76 -7.70 -17.74
CA GLU A 189 -4.76 -6.66 -17.52
C GLU A 189 -3.43 -7.29 -17.10
N PHE A 190 -2.39 -7.06 -17.90
CA PHE A 190 -1.07 -7.60 -17.61
C PHE A 190 -0.31 -6.69 -16.65
N GLY A 191 0.24 -7.29 -15.59
CA GLY A 191 0.98 -6.52 -14.62
C GLY A 191 2.29 -7.17 -14.23
N GLY A 192 3.31 -6.36 -13.94
CA GLY A 192 4.60 -6.89 -13.57
C GLY A 192 5.53 -5.82 -13.01
N SER A 193 6.20 -6.15 -11.91
CA SER A 193 7.11 -5.20 -11.28
C SER A 193 8.47 -5.86 -11.01
N ILE A 194 9.53 -5.25 -11.53
CA ILE A 194 10.88 -5.77 -11.35
C ILE A 194 11.69 -4.87 -10.44
N TYR A 195 12.26 -5.45 -9.38
CA TYR A 195 13.07 -4.70 -8.43
C TYR A 195 14.46 -5.30 -8.31
N GLN A 196 15.46 -4.55 -8.76
CA GLN A 196 16.85 -5.00 -8.70
C GLN A 196 17.67 -4.11 -7.78
N LYS A 197 18.14 -4.68 -6.67
CA LYS A 197 18.94 -3.93 -5.71
C LYS A 197 20.34 -4.52 -5.61
N VAL A 198 21.12 -4.36 -6.68
CA VAL A 198 22.48 -4.87 -6.72
C VAL A 198 23.28 -4.40 -5.50
N ASN A 199 23.00 -3.19 -5.04
CA ASN A 199 23.69 -2.63 -3.89
C ASN A 199 22.83 -1.55 -3.22
N LYS A 200 23.37 -0.94 -2.17
CA LYS A 200 22.67 0.11 -1.45
C LYS A 200 22.98 1.48 -2.05
N LYS A 201 24.17 1.63 -2.61
CA LYS A 201 24.59 2.88 -3.22
C LYS A 201 23.66 3.27 -4.35
N LEU A 202 23.09 2.27 -5.02
CA LEU A 202 22.17 2.51 -6.13
C LEU A 202 21.14 1.39 -6.24
N GLU A 203 20.06 1.66 -6.95
CA GLU A 203 19.00 0.66 -7.14
C GLU A 203 18.28 0.89 -8.47
N THR A 204 17.91 -0.20 -9.13
CA THR A 204 17.20 -0.14 -10.40
C THR A 204 15.88 -0.89 -10.34
N ALA A 205 14.80 -0.20 -10.70
CA ALA A 205 13.47 -0.80 -10.69
C ALA A 205 12.79 -0.65 -12.04
N VAL A 206 12.41 -1.77 -12.65
CA VAL A 206 11.76 -1.76 -13.95
C VAL A 206 10.31 -2.23 -13.83
N ASN A 207 9.37 -1.31 -14.06
CA ASN A 207 7.95 -1.63 -13.98
C ASN A 207 7.40 -2.01 -15.35
N LEU A 208 6.29 -2.75 -15.36
CA LEU A 208 5.66 -3.18 -16.60
C LEU A 208 4.19 -3.51 -16.38
N ALA A 209 3.37 -3.14 -17.35
CA ALA A 209 1.93 -3.40 -17.27
C ALA A 209 1.26 -3.17 -18.61
N TRP A 210 0.60 -4.21 -19.13
CA TRP A 210 -0.10 -4.11 -20.41
C TRP A 210 -1.57 -4.46 -20.25
N THR A 211 -2.27 -4.59 -21.38
CA THR A 211 -3.69 -4.92 -21.37
C THR A 211 -4.10 -5.59 -22.67
N ALA A 212 -5.41 -5.67 -22.89
CA ALA A 212 -5.95 -6.30 -24.10
C ALA A 212 -5.20 -5.80 -25.34
N GLY A 213 -4.66 -4.59 -25.26
CA GLY A 213 -3.93 -4.02 -26.38
C GLY A 213 -4.37 -2.62 -26.71
N ASN A 214 -4.19 -1.71 -25.75
CA ASN A 214 -4.58 -0.31 -25.94
C ASN A 214 -3.36 0.60 -25.90
N SER A 215 -3.60 1.91 -25.85
CA SER A 215 -2.51 2.88 -25.81
C SER A 215 -2.40 3.50 -24.43
N ASN A 216 -2.97 2.84 -23.43
CA ASN A 216 -2.93 3.33 -22.06
C ASN A 216 -1.94 2.51 -21.22
N THR A 217 -1.95 1.20 -21.43
CA THR A 217 -1.06 0.31 -20.69
C THR A 217 0.24 0.09 -21.45
N ARG A 218 1.33 -0.09 -20.70
CA ARG A 218 2.65 -0.31 -21.30
C ARG A 218 3.65 -0.77 -20.26
N PHE A 219 4.28 0.18 -19.58
CA PHE A 219 5.27 -0.13 -18.55
C PHE A 219 5.70 1.13 -17.81
N GLY A 220 6.69 1.00 -16.94
CA GLY A 220 7.18 2.13 -16.18
C GLY A 220 8.63 1.97 -15.77
N ILE A 221 9.29 3.08 -15.49
CA ILE A 221 10.69 3.06 -15.08
C ILE A 221 10.89 3.82 -13.78
N ALA A 222 11.61 3.20 -12.84
CA ALA A 222 11.89 3.81 -11.55
C ALA A 222 13.27 3.42 -11.03
N ALA A 223 14.09 4.43 -10.76
CA ALA A 223 15.44 4.19 -10.26
C ALA A 223 15.73 5.02 -9.01
N LYS A 224 16.73 4.62 -8.25
CA LYS A 224 17.10 5.33 -7.03
C LYS A 224 18.61 5.31 -6.83
N TYR A 225 19.23 6.49 -6.85
CA TYR A 225 20.67 6.60 -6.67
C TYR A 225 21.00 7.42 -5.43
N GLN A 226 21.98 6.97 -4.67
CA GLN A 226 22.39 7.66 -3.45
C GLN A 226 23.28 8.85 -3.78
N ILE A 227 22.68 10.03 -3.86
CA ILE A 227 23.42 11.24 -4.16
C ILE A 227 24.07 11.83 -2.91
N ASP A 228 23.32 11.85 -1.82
CA ASP A 228 23.82 12.38 -0.56
C ASP A 228 24.02 11.25 0.47
N PRO A 229 24.84 11.52 1.49
CA PRO A 229 25.12 10.54 2.55
C PRO A 229 23.92 10.28 3.44
N ASP A 230 23.09 11.30 3.62
CA ASP A 230 21.89 11.17 4.45
C ASP A 230 20.63 11.08 3.59
N ALA A 231 20.64 11.80 2.47
CA ALA A 231 19.50 11.79 1.56
C ALA A 231 19.74 10.85 0.39
N SER A 232 18.75 10.75 -0.50
CA SER A 232 18.86 9.89 -1.67
C SER A 232 18.06 10.45 -2.84
N PHE A 233 18.44 10.05 -4.05
CA PHE A 233 17.77 10.52 -5.25
C PHE A 233 16.87 9.43 -5.82
N SER A 234 15.60 9.76 -6.03
CA SER A 234 14.63 8.81 -6.57
C SER A 234 13.91 9.39 -7.79
N ALA A 235 14.10 8.75 -8.94
CA ALA A 235 13.46 9.20 -10.17
C ALA A 235 12.42 8.19 -10.66
N LYS A 236 11.26 8.70 -11.05
CA LYS A 236 10.19 7.85 -11.54
C LYS A 236 9.56 8.43 -12.80
N VAL A 237 9.57 7.64 -13.88
CA VAL A 237 9.00 8.08 -15.15
C VAL A 237 8.16 6.97 -15.78
N ASN A 238 7.08 7.36 -16.44
CA ASN A 238 6.19 6.41 -17.09
C ASN A 238 5.85 6.86 -18.51
N ASN A 239 5.83 5.91 -19.44
CA ASN A 239 5.52 6.22 -20.84
C ASN A 239 4.05 6.60 -20.99
N SER A 240 3.21 6.04 -20.13
CA SER A 240 1.78 6.31 -20.17
C SER A 240 1.41 7.45 -19.22
N SER A 241 1.88 7.32 -17.97
CA SER A 241 1.60 8.33 -16.95
C SER A 241 2.62 9.45 -17.01
N LEU A 242 2.36 10.51 -16.25
CA LEU A 242 3.27 11.66 -16.21
C LEU A 242 4.60 11.28 -15.56
N ILE A 243 5.49 12.26 -15.46
CA ILE A 243 6.81 12.03 -14.86
C ILE A 243 6.88 12.63 -13.45
N GLY A 244 7.74 12.05 -12.63
CA GLY A 244 7.89 12.54 -11.27
C GLY A 244 9.24 12.20 -10.68
N LEU A 245 9.89 13.19 -10.07
CA LEU A 245 11.21 13.00 -9.47
C LEU A 245 11.23 13.51 -8.03
N GLY A 246 11.77 12.70 -7.13
CA GLY A 246 11.85 13.09 -5.73
C GLY A 246 13.16 12.68 -5.09
N TYR A 247 13.30 12.99 -3.80
CA TYR A 247 14.52 12.67 -3.07
C TYR A 247 14.20 12.28 -1.63
N THR A 248 14.80 11.18 -1.17
CA THR A 248 14.58 10.71 0.18
C THR A 248 15.43 11.47 1.18
N GLN A 249 14.80 11.90 2.27
CA GLN A 249 15.51 12.66 3.31
C GLN A 249 15.11 12.18 4.70
N THR A 250 16.09 12.07 5.59
CA THR A 250 15.84 11.62 6.95
C THR A 250 16.18 12.71 7.96
N LEU A 251 15.25 12.98 8.87
CA LEU A 251 15.45 13.99 9.89
C LEU A 251 15.52 13.37 11.28
N LYS A 252 14.55 12.50 11.59
CA LYS A 252 14.51 11.83 12.88
C LYS A 252 14.71 10.33 12.71
N PRO A 253 15.08 9.65 13.82
CA PRO A 253 15.32 8.22 13.81
C PRO A 253 14.04 7.41 13.65
N GLY A 254 13.57 7.31 12.41
CA GLY A 254 12.35 6.56 12.13
C GLY A 254 11.68 7.02 10.86
N ILE A 255 10.71 7.92 10.97
CA ILE A 255 9.99 8.43 9.83
C ILE A 255 10.95 8.95 8.76
N LYS A 256 10.57 8.74 7.49
CA LYS A 256 11.40 9.19 6.38
C LYS A 256 10.68 10.25 5.56
N LEU A 257 11.29 11.42 5.44
CA LEU A 257 10.71 12.52 4.69
C LEU A 257 11.32 12.59 3.28
N THR A 258 10.53 12.21 2.29
CA THR A 258 10.98 12.23 0.90
C THR A 258 10.23 13.29 0.09
N LEU A 259 10.98 14.17 -0.56
CA LEU A 259 10.39 15.23 -1.36
C LEU A 259 10.04 14.71 -2.76
N SER A 260 9.11 15.40 -3.42
CA SER A 260 8.68 15.01 -4.76
C SER A 260 8.50 16.24 -5.65
N ALA A 261 8.65 16.04 -6.95
CA ALA A 261 8.50 17.13 -7.91
C ALA A 261 7.83 16.65 -9.20
N LEU A 262 6.68 17.23 -9.52
CA LEU A 262 5.96 16.86 -10.73
C LEU A 262 6.79 17.11 -11.97
N LEU A 263 6.59 16.29 -13.00
CA LEU A 263 7.33 16.42 -14.25
C LEU A 263 6.53 15.83 -15.41
N ASP A 264 6.90 16.22 -16.62
CA ASP A 264 6.22 15.74 -17.82
C ASP A 264 7.20 15.59 -18.99
N GLY A 265 6.77 14.90 -20.03
CA GLY A 265 7.63 14.69 -21.18
C GLY A 265 6.92 15.02 -22.49
N LYS A 266 6.04 14.13 -22.93
CA LYS A 266 5.29 14.32 -24.16
C LYS A 266 3.88 14.81 -23.88
N ASN A 267 3.60 16.06 -24.25
CA ASN A 267 2.28 16.65 -24.04
C ASN A 267 2.14 17.96 -24.80
N VAL A 268 0.94 18.54 -24.74
CA VAL A 268 0.68 19.80 -25.43
C VAL A 268 0.81 20.98 -24.47
N ASN A 269 1.79 20.89 -23.56
CA ASN A 269 2.02 21.95 -22.59
C ASN A 269 0.80 22.18 -21.72
N ALA A 270 0.19 21.07 -21.28
CA ALA A 270 -1.01 21.16 -20.44
C ALA A 270 -0.73 20.56 -19.06
N GLY A 271 0.24 21.12 -18.34
CA GLY A 271 0.58 20.63 -17.03
C GLY A 271 1.70 21.42 -16.39
N GLY A 272 1.99 21.12 -15.12
CA GLY A 272 3.04 21.82 -14.41
C GLY A 272 4.15 20.89 -13.96
N HIS A 273 4.82 21.27 -12.88
CA HIS A 273 5.91 20.47 -12.34
C HIS A 273 6.19 20.83 -10.88
N LYS A 274 7.00 20.01 -10.21
CA LYS A 274 7.34 20.24 -8.82
C LYS A 274 6.12 20.10 -7.92
N LEU A 275 6.20 20.65 -6.72
CA LEU A 275 5.08 20.58 -5.77
C LEU A 275 4.76 19.13 -5.42
N GLY A 276 5.78 18.39 -4.99
CA GLY A 276 5.58 17.00 -4.62
C GLY A 276 6.09 16.69 -3.23
N LEU A 277 5.36 15.86 -2.50
CA LEU A 277 5.75 15.48 -1.14
C LEU A 277 5.37 14.03 -0.84
N GLY A 278 6.23 13.32 -0.12
CA GLY A 278 5.96 11.95 0.22
C GLY A 278 6.69 11.50 1.47
N LEU A 279 5.93 11.16 2.51
CA LEU A 279 6.52 10.71 3.76
C LEU A 279 6.28 9.22 3.97
N GLU A 280 7.33 8.52 4.40
CA GLU A 280 7.24 7.08 4.64
C GLU A 280 7.21 6.79 6.14
N PHE A 281 6.19 6.05 6.57
CA PHE A 281 6.04 5.70 7.98
C PHE A 281 7.40 5.63 8.66
N GLN A 282 8.33 4.89 8.06
CA GLN A 282 9.67 4.74 8.61
C GLN A 282 10.72 4.70 7.50
N ALA A 283 10.75 3.60 6.76
CA ALA A 283 11.70 3.44 5.67
C ALA A 283 11.33 4.33 4.50
N MET A 1 9.42 -9.89 11.51
CA MET A 1 10.35 -10.77 10.81
C MET A 1 10.80 -10.14 9.50
N ALA A 2 9.90 -10.07 8.53
CA ALA A 2 10.22 -9.48 7.23
C ALA A 2 10.19 -7.96 7.29
N VAL A 3 11.31 -7.36 7.69
CA VAL A 3 11.41 -5.91 7.79
C VAL A 3 11.31 -5.25 6.41
N PRO A 4 12.22 -5.64 5.51
CA PRO A 4 12.25 -5.11 4.15
C PRO A 4 11.06 -5.58 3.31
N PRO A 5 10.17 -4.64 2.96
CA PRO A 5 8.99 -4.93 2.16
C PRO A 5 9.34 -5.28 0.71
N THR A 6 8.57 -6.19 0.12
CA THR A 6 8.79 -6.61 -1.25
C THR A 6 7.49 -6.64 -2.04
N TYR A 7 6.66 -5.62 -1.83
CA TYR A 7 5.37 -5.54 -2.52
C TYR A 7 5.56 -5.69 -4.03
N ALA A 8 6.67 -5.18 -4.54
CA ALA A 8 6.97 -5.26 -5.96
C ALA A 8 6.89 -6.69 -6.46
N ASP A 9 7.31 -7.63 -5.61
CA ASP A 9 7.28 -9.04 -5.97
C ASP A 9 5.89 -9.63 -5.77
N LEU A 10 5.17 -9.11 -4.78
CA LEU A 10 3.82 -9.59 -4.50
C LEU A 10 2.97 -9.62 -5.76
N GLY A 11 1.82 -10.29 -5.68
CA GLY A 11 0.94 -10.38 -6.83
C GLY A 11 0.29 -9.05 -7.18
N LYS A 12 -0.92 -9.10 -7.69
CA LYS A 12 -1.65 -7.89 -8.07
C LYS A 12 -1.63 -6.87 -6.94
N SER A 13 -1.57 -7.37 -5.70
CA SER A 13 -1.54 -6.50 -4.53
C SER A 13 -0.50 -5.39 -4.69
N ALA A 14 0.59 -5.72 -5.38
CA ALA A 14 1.66 -4.75 -5.61
C ALA A 14 1.11 -3.44 -6.16
N ARG A 15 0.04 -3.53 -6.95
CA ARG A 15 -0.58 -2.35 -7.53
C ARG A 15 -1.33 -1.54 -6.48
N ASP A 16 -1.89 -2.24 -5.50
CA ASP A 16 -2.63 -1.59 -4.42
C ASP A 16 -1.79 -0.47 -3.79
N VAL A 17 -0.61 -0.83 -3.30
CA VAL A 17 0.28 0.14 -2.67
C VAL A 17 0.77 1.18 -3.67
N PHE A 18 0.97 0.74 -4.91
CA PHE A 18 1.44 1.63 -5.97
C PHE A 18 0.44 2.74 -6.22
N THR A 19 -0.84 2.42 -6.09
CA THR A 19 -1.90 3.40 -6.30
C THR A 19 -1.65 4.67 -5.51
N LYS A 20 -1.06 4.51 -4.32
CA LYS A 20 -0.77 5.64 -3.45
C LYS A 20 0.71 6.03 -3.56
N GLY A 21 1.57 5.04 -3.75
CA GLY A 21 2.99 5.30 -3.86
C GLY A 21 3.42 5.53 -5.30
N TYR A 22 2.62 6.27 -6.05
CA TYR A 22 2.92 6.57 -7.44
C TYR A 22 3.56 7.94 -7.59
N GLY A 23 4.25 8.38 -6.55
CA GLY A 23 4.90 9.68 -6.58
C GLY A 23 3.92 10.82 -6.37
N PHE A 24 3.18 10.77 -5.26
CA PHE A 24 2.21 11.81 -4.94
C PHE A 24 2.89 13.05 -4.37
N GLY A 25 2.95 14.10 -5.18
CA GLY A 25 3.58 15.34 -4.74
C GLY A 25 2.68 16.16 -3.84
N LEU A 26 3.06 16.27 -2.58
CA LEU A 26 2.28 17.04 -1.61
C LEU A 26 3.02 17.15 -0.28
N ILE A 27 2.54 18.04 0.58
CA ILE A 27 3.15 18.25 1.89
C ILE A 27 2.42 17.47 2.98
N LYS A 28 2.97 16.33 3.37
CA LYS A 28 2.36 15.50 4.41
C LYS A 28 3.29 15.38 5.61
N LEU A 29 2.83 15.89 6.75
CA LEU A 29 3.61 15.84 7.97
C LEU A 29 2.91 14.98 9.03
N ASP A 30 3.56 13.91 9.44
CA ASP A 30 3.00 13.01 10.44
C ASP A 30 3.69 13.20 11.79
N LEU A 31 2.90 13.40 12.83
CA LEU A 31 3.44 13.60 14.18
C LEU A 31 2.77 12.66 15.18
N LYS A 32 3.47 11.57 15.50
CA LYS A 32 2.95 10.59 16.45
C LYS A 32 3.09 11.09 17.88
N THR A 33 2.23 10.59 18.76
CA THR A 33 2.27 10.98 20.18
C THR A 33 1.76 9.86 21.07
N LYS A 34 2.66 9.24 21.81
CA LYS A 34 2.30 8.16 22.72
C LYS A 34 2.69 8.49 24.16
N SER A 35 2.52 9.75 24.53
CA SER A 35 2.86 10.20 25.87
C SER A 35 2.19 9.32 26.92
N GLU A 36 0.98 8.88 26.63
CA GLU A 36 0.22 8.03 27.55
C GLU A 36 0.86 6.64 27.65
N ASN A 37 0.26 5.78 28.47
CA ASN A 37 0.77 4.43 28.66
C ASN A 37 0.11 3.46 27.68
N GLY A 38 -1.21 3.60 27.51
CA GLY A 38 -1.93 2.73 26.61
C GLY A 38 -2.44 3.46 25.38
N LEU A 39 -3.43 4.32 25.58
CA LEU A 39 -4.01 5.09 24.48
C LEU A 39 -2.93 5.81 23.69
N GLU A 40 -3.04 5.78 22.37
CA GLU A 40 -2.06 6.45 21.51
C GLU A 40 -2.75 7.44 20.57
N PHE A 41 -2.08 8.56 20.32
CA PHE A 41 -2.63 9.60 19.45
C PHE A 41 -1.64 9.95 18.34
N THR A 42 -2.17 10.26 17.16
CA THR A 42 -1.33 10.61 16.02
C THR A 42 -1.94 11.78 15.24
N SER A 43 -1.21 12.89 15.18
CA SER A 43 -1.68 14.07 14.47
C SER A 43 -0.85 14.30 13.22
N SER A 44 -1.51 14.29 12.06
CA SER A 44 -0.84 14.50 10.78
C SER A 44 -1.65 15.43 9.89
N GLY A 45 -0.96 16.11 8.98
CA GLY A 45 -1.64 17.02 8.08
C GLY A 45 -1.13 16.90 6.65
N SER A 46 -2.02 17.10 5.69
CA SER A 46 -1.67 17.00 4.27
C SER A 46 -2.15 18.23 3.51
N ALA A 47 -1.27 18.78 2.68
CA ALA A 47 -1.60 19.96 1.89
C ALA A 47 -0.83 19.98 0.57
N ASN A 48 -1.54 20.20 -0.53
CA ASN A 48 -0.92 20.24 -1.84
C ASN A 48 -1.14 21.60 -2.51
N THR A 49 -2.36 21.83 -2.98
CA THR A 49 -2.70 23.09 -3.64
C THR A 49 -2.35 24.28 -2.75
N GLU A 50 -1.84 25.34 -3.38
CA GLU A 50 -1.47 26.55 -2.65
C GLU A 50 -2.69 27.17 -1.98
N THR A 51 -3.81 27.18 -2.70
CA THR A 51 -5.05 27.75 -2.17
C THR A 51 -5.41 27.15 -0.82
N THR A 52 -6.45 27.70 -0.19
CA THR A 52 -6.89 27.22 1.11
C THR A 52 -7.67 25.91 0.97
N LYS A 53 -6.95 24.83 0.67
CA LYS A 53 -7.58 23.52 0.51
C LYS A 53 -6.79 22.45 1.25
N VAL A 54 -6.28 22.80 2.43
CA VAL A 54 -5.50 21.87 3.23
C VAL A 54 -6.41 20.87 3.95
N THR A 55 -5.94 19.63 4.05
CA THR A 55 -6.71 18.58 4.71
C THR A 55 -5.99 18.07 5.95
N GLY A 56 -6.76 17.55 6.89
CA GLY A 56 -6.18 17.02 8.13
C GLY A 56 -6.29 15.51 8.23
N SER A 57 -5.42 14.91 9.02
CA SER A 57 -5.42 13.46 9.20
C SER A 57 -4.88 13.09 10.58
N LEU A 58 -5.79 12.74 11.49
CA LEU A 58 -5.41 12.36 12.84
C LEU A 58 -6.06 11.03 13.23
N GLU A 59 -5.26 10.14 13.82
CA GLU A 59 -5.77 8.84 14.24
C GLU A 59 -5.55 8.64 15.74
N THR A 60 -6.38 7.78 16.34
CA THR A 60 -6.28 7.50 17.77
C THR A 60 -6.48 6.01 18.05
N LYS A 61 -5.52 5.42 18.74
CA LYS A 61 -5.58 4.01 19.08
C LYS A 61 -6.06 3.82 20.51
N TYR A 62 -7.21 3.16 20.66
CA TYR A 62 -7.78 2.91 21.99
C TYR A 62 -7.37 1.54 22.50
N ARG A 63 -6.89 1.50 23.74
CA ARG A 63 -6.46 0.26 24.35
C ARG A 63 -7.64 -0.48 24.98
N TRP A 64 -7.64 -1.80 24.84
CA TRP A 64 -8.72 -2.62 25.39
C TRP A 64 -8.83 -2.44 26.90
N THR A 65 -9.70 -3.23 27.53
CA THR A 65 -9.90 -3.16 28.97
C THR A 65 -10.17 -4.54 29.56
N GLU A 66 -9.10 -5.18 30.05
CA GLU A 66 -9.24 -6.51 30.63
C GLU A 66 -9.60 -7.55 29.57
N TYR A 67 -9.11 -7.33 28.36
CA TYR A 67 -9.39 -8.24 27.26
C TYR A 67 -8.38 -8.04 26.11
N GLY A 68 -8.75 -8.50 24.93
CA GLY A 68 -7.88 -8.36 23.77
C GLY A 68 -8.59 -7.75 22.58
N LEU A 69 -8.65 -6.43 22.53
CA LEU A 69 -9.31 -5.73 21.43
C LEU A 69 -8.62 -4.39 21.15
N THR A 70 -7.86 -4.34 20.06
CA THR A 70 -7.15 -3.12 19.68
C THR A 70 -8.06 -2.18 18.89
N PHE A 71 -8.30 -1.00 19.45
CA PHE A 71 -9.15 0.00 18.81
C PHE A 71 -8.31 1.02 18.03
N THR A 72 -8.78 1.39 16.85
CA THR A 72 -8.07 2.35 16.02
C THR A 72 -9.05 3.24 15.25
N VAL A 73 -9.21 4.48 15.71
CA VAL A 73 -10.11 5.42 15.07
C VAL A 73 -9.37 6.31 14.08
N LYS A 74 -10.00 6.57 12.94
CA LYS A 74 -9.40 7.41 11.90
C LYS A 74 -10.22 8.67 11.67
N TRP A 75 -9.69 9.81 12.09
CA TRP A 75 -10.39 11.08 11.93
C TRP A 75 -9.59 12.02 11.03
N ASN A 76 -10.09 12.24 9.82
CA ASN A 76 -9.43 13.12 8.87
C ASN A 76 -10.29 14.35 8.56
N THR A 77 -9.67 15.51 8.53
CA THR A 77 -10.37 16.76 8.24
C THR A 77 -10.51 16.98 6.74
N ASP A 78 -11.75 17.15 6.29
CA ASP A 78 -12.02 17.38 4.87
C ASP A 78 -11.60 16.18 4.04
N ASN A 79 -12.03 14.99 4.47
CA ASN A 79 -11.70 13.75 3.76
C ASN A 79 -12.61 12.61 4.21
N THR A 80 -12.40 11.43 3.62
CA THR A 80 -13.21 10.26 3.95
C THR A 80 -13.10 9.92 5.43
N LEU A 81 -13.92 8.99 5.89
CA LEU A 81 -13.92 8.58 7.28
C LEU A 81 -13.91 7.06 7.40
N GLY A 82 -13.86 6.56 8.63
CA GLY A 82 -13.85 5.12 8.86
C GLY A 82 -13.13 4.74 10.13
N THR A 83 -13.36 3.52 10.59
CA THR A 83 -12.73 3.03 11.82
C THR A 83 -12.00 1.71 11.56
N GLU A 84 -11.22 1.28 12.54
CA GLU A 84 -10.47 0.03 12.42
C GLU A 84 -10.25 -0.60 13.80
N ILE A 85 -10.30 -1.93 13.85
CA ILE A 85 -10.11 -2.66 15.10
C ILE A 85 -9.36 -3.95 14.87
N THR A 86 -8.27 -4.15 15.62
CA THR A 86 -7.46 -5.36 15.50
C THR A 86 -7.85 -6.39 16.55
N VAL A 87 -8.15 -7.59 16.10
CA VAL A 87 -8.54 -8.67 17.00
C VAL A 87 -7.43 -9.72 17.12
N GLU A 88 -6.70 -9.67 18.23
CA GLU A 88 -5.61 -10.61 18.46
C GLU A 88 -5.20 -10.62 19.93
N ASP A 89 -5.12 -11.81 20.51
CA ASP A 89 -4.75 -11.95 21.91
C ASP A 89 -3.34 -12.54 22.03
N GLN A 90 -2.61 -12.54 20.93
CA GLN A 90 -1.24 -13.07 20.92
C GLN A 90 -1.22 -14.49 21.47
N LEU A 91 -2.30 -15.22 21.28
CA LEU A 91 -2.40 -16.60 21.77
C LEU A 91 -2.85 -17.53 20.65
N ALA A 92 -3.72 -17.04 19.78
CA ALA A 92 -4.22 -17.83 18.67
C ALA A 92 -3.38 -17.60 17.41
N ARG A 93 -2.07 -17.41 17.60
CA ARG A 93 -1.17 -17.18 16.49
C ARG A 93 -1.50 -18.10 15.32
N GLY A 94 -1.42 -17.56 14.10
CA GLY A 94 -1.72 -18.34 12.92
C GLY A 94 -2.98 -17.87 12.21
N LEU A 95 -3.95 -17.39 12.98
CA LEU A 95 -5.20 -16.91 12.42
C LEU A 95 -5.76 -15.75 13.25
N LYS A 96 -5.36 -14.53 12.90
CA LYS A 96 -5.82 -13.35 13.60
C LYS A 96 -7.07 -12.77 12.94
N LEU A 97 -7.79 -11.94 13.68
CA LEU A 97 -9.01 -11.31 13.17
C LEU A 97 -8.89 -9.80 13.17
N THR A 98 -9.69 -9.14 12.34
CA THR A 98 -9.68 -7.69 12.24
C THR A 98 -11.03 -7.15 11.79
N PHE A 99 -11.26 -5.86 12.02
CA PHE A 99 -12.51 -5.22 11.63
C PHE A 99 -12.25 -3.89 10.93
N ASP A 100 -12.67 -3.79 9.69
CA ASP A 100 -12.49 -2.57 8.91
C ASP A 100 -13.79 -1.79 8.80
N SER A 101 -13.95 -0.78 9.64
CA SER A 101 -15.15 0.04 9.66
C SER A 101 -15.01 1.22 8.70
N SER A 102 -14.33 0.99 7.58
CA SER A 102 -14.12 2.03 6.59
C SER A 102 -15.33 2.16 5.66
N PHE A 103 -15.27 3.11 4.74
CA PHE A 103 -16.36 3.34 3.80
C PHE A 103 -17.66 3.64 4.53
N SER A 104 -17.58 4.45 5.57
CA SER A 104 -18.74 4.81 6.36
C SER A 104 -18.67 6.26 6.83
N PRO A 105 -18.85 7.20 5.87
CA PRO A 105 -18.81 8.63 6.15
C PRO A 105 -20.01 9.10 6.98
N ASN A 106 -21.10 9.40 6.29
CA ASN A 106 -22.31 9.86 6.96
C ASN A 106 -23.46 10.02 5.95
N THR A 107 -24.66 10.29 6.47
CA THR A 107 -25.83 10.47 5.62
C THR A 107 -25.96 9.32 4.63
N GLY A 108 -25.64 8.11 5.08
CA GLY A 108 -25.73 6.94 4.22
C GLY A 108 -24.46 6.12 4.22
N LYS A 109 -24.39 5.16 3.31
CA LYS A 109 -23.22 4.29 3.20
C LYS A 109 -22.88 3.66 4.55
N LYS A 110 -23.92 3.24 5.27
CA LYS A 110 -23.73 2.60 6.57
C LYS A 110 -23.33 1.15 6.42
N ASN A 111 -22.15 0.91 5.85
CA ASN A 111 -21.65 -0.44 5.65
C ASN A 111 -20.42 -0.69 6.49
N ALA A 112 -19.97 -1.95 6.53
CA ALA A 112 -18.80 -2.32 7.31
C ALA A 112 -18.05 -3.47 6.64
N LYS A 113 -16.78 -3.64 7.02
CA LYS A 113 -15.96 -4.71 6.46
C LYS A 113 -15.22 -5.46 7.56
N ILE A 114 -14.88 -6.72 7.29
CA ILE A 114 -14.17 -7.54 8.27
C ILE A 114 -13.00 -8.27 7.62
N LYS A 115 -11.93 -8.46 8.37
CA LYS A 115 -10.74 -9.15 7.88
C LYS A 115 -10.33 -10.27 8.82
N THR A 116 -9.60 -11.25 8.29
CA THR A 116 -9.14 -12.38 9.08
C THR A 116 -8.04 -13.15 8.35
N GLY A 117 -6.96 -13.44 9.07
CA GLY A 117 -5.85 -14.17 8.47
C GLY A 117 -4.55 -13.95 9.22
N TYR A 118 -3.44 -14.12 8.52
CA TYR A 118 -2.12 -13.95 9.12
C TYR A 118 -1.05 -13.81 8.05
N LYS A 119 -0.06 -12.95 8.32
CA LYS A 119 1.03 -12.72 7.38
C LYS A 119 2.38 -13.00 8.02
N ARG A 120 3.17 -13.86 7.39
CA ARG A 120 4.49 -14.21 7.91
C ARG A 120 5.56 -14.06 6.84
N GLU A 121 6.80 -14.36 7.20
CA GLU A 121 7.91 -14.25 6.26
C GLU A 121 7.85 -15.36 5.21
N HIS A 122 7.45 -16.55 5.64
CA HIS A 122 7.35 -17.69 4.73
C HIS A 122 6.19 -17.51 3.76
N ILE A 123 4.98 -17.40 4.28
CA ILE A 123 3.80 -17.22 3.46
C ILE A 123 2.81 -16.24 4.10
N ASN A 124 2.16 -15.44 3.28
CA ASN A 124 1.19 -14.46 3.76
C ASN A 124 -0.21 -14.80 3.27
N LEU A 125 -1.17 -14.83 4.19
CA LEU A 125 -2.55 -15.13 3.85
C LEU A 125 -3.51 -14.19 4.58
N GLY A 126 -4.53 -13.71 3.86
CA GLY A 126 -5.50 -12.81 4.45
C GLY A 126 -6.82 -12.81 3.71
N ALA A 127 -7.91 -12.72 4.45
CA ALA A 127 -9.24 -12.71 3.85
C ALA A 127 -10.02 -11.47 4.29
N ASP A 128 -10.76 -10.88 3.35
CA ASP A 128 -11.56 -9.70 3.66
C ASP A 128 -12.98 -9.85 3.11
N MET A 129 -13.95 -9.34 3.86
CA MET A 129 -15.35 -9.42 3.45
C MET A 129 -16.04 -8.07 3.61
N ASP A 130 -16.90 -7.74 2.66
CA ASP A 130 -17.63 -6.47 2.69
C ASP A 130 -19.13 -6.71 2.84
N PHE A 131 -19.72 -6.09 3.85
CA PHE A 131 -21.15 -6.25 4.10
C PHE A 131 -21.81 -4.88 4.29
N ASP A 132 -22.89 -4.65 3.54
CA ASP A 132 -23.62 -3.38 3.62
C ASP A 132 -25.07 -3.61 4.03
N ILE A 133 -25.87 -4.14 3.10
CA ILE A 133 -27.27 -4.42 3.38
C ILE A 133 -27.61 -5.89 3.13
N ALA A 134 -26.97 -6.48 2.13
CA ALA A 134 -27.18 -7.88 1.81
C ALA A 134 -26.17 -8.38 0.78
N GLY A 135 -25.99 -9.69 0.71
CA GLY A 135 -25.05 -10.26 -0.23
C GLY A 135 -23.64 -9.76 0.00
N PRO A 136 -22.99 -10.26 1.06
CA PRO A 136 -21.62 -9.87 1.39
C PRO A 136 -20.60 -10.41 0.40
N SER A 137 -19.58 -9.61 0.12
CA SER A 137 -18.53 -10.01 -0.82
C SER A 137 -17.25 -10.38 -0.09
N ILE A 138 -16.93 -11.67 -0.06
CA ILE A 138 -15.74 -12.15 0.61
C ILE A 138 -14.68 -12.59 -0.41
N ARG A 139 -13.42 -12.33 -0.08
CA ARG A 139 -12.31 -12.69 -0.96
C ARG A 139 -11.06 -13.05 -0.15
N GLY A 140 -10.41 -14.14 -0.54
CA GLY A 140 -9.21 -14.56 0.16
C GLY A 140 -7.97 -14.50 -0.71
N ALA A 141 -6.97 -13.74 -0.26
CA ALA A 141 -5.73 -13.60 -1.01
C ALA A 141 -4.54 -14.05 -0.18
N LEU A 142 -3.66 -14.84 -0.79
CA LEU A 142 -2.48 -15.35 -0.10
C LEU A 142 -1.31 -15.49 -1.08
N VAL A 143 -0.16 -14.95 -0.68
CA VAL A 143 1.03 -15.02 -1.52
C VAL A 143 2.14 -15.82 -0.83
N LEU A 144 2.71 -16.79 -1.56
CA LEU A 144 3.77 -17.62 -1.03
C LEU A 144 4.91 -17.76 -2.03
N GLY A 145 5.90 -18.57 -1.68
CA GLY A 145 7.04 -18.78 -2.56
C GLY A 145 8.35 -18.89 -1.81
N TYR A 146 9.28 -19.66 -2.36
CA TYR A 146 10.58 -19.85 -1.73
C TYR A 146 11.64 -18.98 -2.39
N GLU A 147 12.88 -19.12 -1.93
CA GLU A 147 13.99 -18.34 -2.48
C GLU A 147 14.04 -18.47 -4.00
N GLY A 148 13.77 -19.67 -4.49
CA GLY A 148 13.79 -19.92 -5.93
C GLY A 148 12.86 -18.99 -6.69
N TRP A 149 11.57 -19.28 -6.64
CA TRP A 149 10.58 -18.46 -7.33
C TRP A 149 9.42 -18.12 -6.40
N LEU A 150 8.56 -17.21 -6.84
CA LEU A 150 7.41 -16.79 -6.05
C LEU A 150 6.11 -17.11 -6.77
N ALA A 151 5.01 -17.11 -6.03
CA ALA A 151 3.70 -17.40 -6.59
C ALA A 151 2.58 -16.89 -5.68
N GLY A 152 1.53 -16.34 -6.29
CA GLY A 152 0.42 -15.82 -5.52
C GLY A 152 -0.91 -16.40 -5.98
N TYR A 153 -1.86 -16.48 -5.05
CA TYR A 153 -3.18 -17.01 -5.36
C TYR A 153 -4.26 -16.29 -4.57
N GLN A 154 -5.25 -15.75 -5.28
CA GLN A 154 -6.35 -15.03 -4.64
C GLN A 154 -7.69 -15.56 -5.12
N MET A 155 -8.42 -16.23 -4.24
CA MET A 155 -9.73 -16.77 -4.57
C MET A 155 -10.85 -15.87 -4.08
N ASN A 156 -12.06 -16.09 -4.57
CA ASN A 156 -13.21 -15.29 -4.18
C ASN A 156 -14.42 -16.18 -3.93
N PHE A 157 -14.84 -16.27 -2.68
CA PHE A 157 -15.99 -17.08 -2.30
C PHE A 157 -15.86 -18.50 -2.84
N GLU A 158 -14.63 -19.00 -2.87
CA GLU A 158 -14.36 -20.35 -3.36
C GLU A 158 -14.98 -20.54 -4.74
N THR A 159 -14.94 -19.49 -5.56
CA THR A 159 -15.50 -19.55 -6.90
C THR A 159 -14.56 -20.27 -7.86
N ALA A 160 -15.06 -21.33 -8.50
CA ALA A 160 -14.25 -22.09 -9.45
C ALA A 160 -15.14 -22.87 -10.42
N LYS A 161 -14.53 -23.48 -11.41
CA LYS A 161 -15.25 -24.25 -12.41
C LYS A 161 -16.34 -23.40 -13.07
N SER A 162 -15.95 -22.23 -13.57
CA SER A 162 -16.89 -21.32 -14.21
C SER A 162 -16.24 -20.62 -15.40
N ARG A 163 -17.05 -20.16 -16.34
CA ARG A 163 -16.56 -19.46 -17.51
C ARG A 163 -16.01 -18.09 -17.14
N VAL A 164 -16.81 -17.31 -16.43
CA VAL A 164 -16.40 -15.97 -16.01
C VAL A 164 -15.28 -16.03 -14.98
N THR A 165 -14.88 -14.88 -14.47
CA THR A 165 -13.82 -14.80 -13.48
C THR A 165 -14.09 -15.74 -12.32
N GLN A 166 -13.07 -16.49 -11.92
CA GLN A 166 -13.20 -17.44 -10.82
C GLN A 166 -12.22 -17.10 -9.70
N SER A 167 -11.01 -16.73 -10.08
CA SER A 167 -9.97 -16.38 -9.10
C SER A 167 -8.78 -15.72 -9.79
N ASN A 168 -7.97 -15.02 -9.00
CA ASN A 168 -6.79 -14.34 -9.53
C ASN A 168 -5.54 -15.19 -9.35
N PHE A 169 -4.83 -15.42 -10.45
CA PHE A 169 -3.61 -16.22 -10.42
C PHE A 169 -2.37 -15.33 -10.45
N ALA A 170 -1.36 -15.67 -9.65
CA ALA A 170 -0.13 -14.91 -9.59
C ALA A 170 1.09 -15.82 -9.66
N VAL A 171 2.08 -15.42 -10.43
CA VAL A 171 3.30 -16.21 -10.58
C VAL A 171 4.50 -15.31 -10.87
N GLY A 172 5.64 -15.65 -10.27
CA GLY A 172 6.85 -14.87 -10.47
C GLY A 172 8.10 -15.60 -10.04
N TYR A 173 9.24 -14.93 -10.16
CA TYR A 173 10.52 -15.53 -9.78
C TYR A 173 11.60 -14.46 -9.63
N LYS A 174 12.41 -14.59 -8.59
CA LYS A 174 13.49 -13.65 -8.34
C LYS A 174 14.83 -14.36 -8.23
N THR A 175 15.91 -13.63 -8.48
CA THR A 175 17.25 -14.19 -8.41
C THR A 175 18.31 -13.09 -8.33
N ASP A 176 19.56 -13.49 -8.15
CA ASP A 176 20.67 -12.55 -8.05
C ASP A 176 20.72 -11.66 -9.29
N GLU A 177 20.42 -12.25 -10.45
CA GLU A 177 20.45 -11.51 -11.71
C GLU A 177 19.35 -10.46 -11.74
N PHE A 178 18.11 -10.91 -11.90
CA PHE A 178 16.96 -10.01 -11.94
C PHE A 178 15.70 -10.70 -11.45
N GLN A 179 14.68 -9.91 -11.13
CA GLN A 179 13.42 -10.45 -10.64
C GLN A 179 12.27 -10.04 -11.55
N LEU A 180 11.35 -10.98 -11.80
CA LEU A 180 10.20 -10.72 -12.66
C LEU A 180 8.94 -11.36 -12.09
N HIS A 181 7.91 -10.55 -11.89
CA HIS A 181 6.65 -11.05 -11.36
C HIS A 181 5.47 -10.61 -12.23
N THR A 182 4.50 -11.50 -12.40
CA THR A 182 3.33 -11.21 -13.22
C THR A 182 2.10 -11.95 -12.71
N ASN A 183 0.93 -11.35 -12.86
CA ASN A 183 -0.32 -11.95 -12.42
C ASN A 183 -1.42 -11.75 -13.46
N VAL A 184 -2.37 -12.68 -13.49
CA VAL A 184 -3.49 -12.60 -14.43
C VAL A 184 -4.78 -13.08 -13.78
N ASN A 185 -5.88 -12.41 -14.12
CA ASN A 185 -7.19 -12.75 -13.57
C ASN A 185 -8.27 -12.64 -14.64
N ASP A 186 -9.12 -13.66 -14.73
CA ASP A 186 -10.20 -13.66 -15.70
C ASP A 186 -9.68 -13.39 -17.11
N GLY A 187 -8.41 -13.74 -17.34
CA GLY A 187 -7.80 -13.53 -18.64
C GLY A 187 -8.05 -12.13 -19.17
N THR A 188 -8.15 -11.17 -18.27
CA THR A 188 -8.39 -9.78 -18.65
C THR A 188 -7.57 -8.82 -17.79
N GLU A 189 -7.48 -9.11 -16.50
CA GLU A 189 -6.73 -8.28 -15.57
C GLU A 189 -5.29 -8.78 -15.43
N PHE A 190 -4.36 -8.04 -16.03
CA PHE A 190 -2.95 -8.40 -15.98
C PHE A 190 -2.14 -7.36 -15.21
N GLY A 191 -1.23 -7.83 -14.35
CA GLY A 191 -0.42 -6.93 -13.56
C GLY A 191 0.87 -7.58 -13.10
N GLY A 192 1.99 -6.93 -13.40
CA GLY A 192 3.29 -7.47 -13.01
C GLY A 192 4.37 -6.41 -13.00
N SER A 193 5.54 -6.76 -12.47
CA SER A 193 6.66 -5.83 -12.39
C SER A 193 7.97 -6.59 -12.23
N ILE A 194 9.05 -6.02 -12.77
CA ILE A 194 10.37 -6.63 -12.68
C ILE A 194 11.38 -5.67 -12.07
N TYR A 195 12.39 -6.23 -11.42
CA TYR A 195 13.43 -5.42 -10.79
C TYR A 195 14.82 -5.91 -11.20
N GLN A 196 15.55 -5.06 -11.91
CA GLN A 196 16.90 -5.41 -12.37
C GLN A 196 17.95 -4.64 -11.58
N LYS A 197 18.78 -5.36 -10.85
CA LYS A 197 19.84 -4.74 -10.04
C LYS A 197 21.20 -5.04 -10.63
N VAL A 198 21.44 -4.56 -11.85
CA VAL A 198 22.72 -4.78 -12.52
C VAL A 198 23.88 -4.37 -11.63
N ASN A 199 23.68 -3.33 -10.83
CA ASN A 199 24.71 -2.83 -9.94
C ASN A 199 24.10 -2.35 -8.62
N LYS A 200 24.68 -2.80 -7.51
CA LYS A 200 24.19 -2.41 -6.19
C LYS A 200 24.07 -0.89 -6.07
N LYS A 201 24.95 -0.18 -6.77
CA LYS A 201 24.94 1.28 -6.75
C LYS A 201 23.62 1.82 -7.30
N LEU A 202 23.31 1.46 -8.55
CA LEU A 202 22.09 1.91 -9.18
C LEU A 202 21.24 0.73 -9.63
N GLU A 203 19.96 0.75 -9.28
CA GLU A 203 19.04 -0.32 -9.65
C GLU A 203 17.84 0.22 -10.41
N THR A 204 17.11 -0.68 -11.07
CA THR A 204 15.93 -0.29 -11.84
C THR A 204 14.79 -1.28 -11.64
N ALA A 205 13.57 -0.83 -11.92
CA ALA A 205 12.40 -1.68 -11.77
C ALA A 205 11.22 -1.12 -12.57
N VAL A 206 10.62 -1.97 -13.39
CA VAL A 206 9.48 -1.57 -14.21
C VAL A 206 8.19 -2.22 -13.72
N ASN A 207 7.07 -1.57 -13.98
CA ASN A 207 5.77 -2.08 -13.56
C ASN A 207 4.74 -1.93 -14.69
N LEU A 208 4.28 -3.06 -15.22
CA LEU A 208 3.29 -3.06 -16.28
C LEU A 208 2.02 -3.79 -15.86
N ALA A 209 0.92 -3.04 -15.81
CA ALA A 209 -0.37 -3.62 -15.42
C ALA A 209 -1.50 -3.06 -16.28
N TRP A 210 -2.20 -3.95 -16.97
CA TRP A 210 -3.31 -3.55 -17.83
C TRP A 210 -4.63 -4.15 -17.35
N THR A 211 -5.72 -3.45 -17.60
CA THR A 211 -7.03 -3.90 -17.19
C THR A 211 -8.10 -2.86 -17.48
N ALA A 212 -9.21 -3.30 -18.09
CA ALA A 212 -10.30 -2.39 -18.43
C ALA A 212 -10.62 -1.47 -17.26
N GLY A 213 -11.09 -2.06 -16.16
CA GLY A 213 -11.43 -1.26 -14.99
C GLY A 213 -11.71 0.19 -15.33
N ASN A 214 -10.66 0.91 -15.74
CA ASN A 214 -10.80 2.32 -16.09
C ASN A 214 -9.49 2.87 -16.65
N SER A 215 -9.38 4.19 -16.70
CA SER A 215 -8.19 4.84 -17.21
C SER A 215 -7.10 4.91 -16.14
N ASN A 216 -7.22 4.05 -15.13
CA ASN A 216 -6.25 4.01 -14.04
C ASN A 216 -5.17 2.98 -14.31
N THR A 217 -4.92 2.69 -15.58
CA THR A 217 -3.91 1.72 -15.96
C THR A 217 -2.68 1.82 -15.08
N ARG A 218 -1.96 0.72 -14.96
CA ARG A 218 -0.75 0.69 -14.14
C ARG A 218 0.47 0.27 -14.97
N PHE A 219 0.70 0.99 -16.06
CA PHE A 219 1.82 0.68 -16.94
C PHE A 219 2.86 1.80 -16.89
N GLY A 220 4.11 1.43 -16.70
CA GLY A 220 5.18 2.41 -16.64
C GLY A 220 6.49 1.81 -16.18
N ILE A 221 7.52 2.64 -16.08
CA ILE A 221 8.83 2.19 -15.65
C ILE A 221 9.36 3.03 -14.48
N ALA A 222 10.15 2.41 -13.62
CA ALA A 222 10.72 3.09 -12.47
C ALA A 222 12.14 2.63 -12.19
N ALA A 223 12.72 3.14 -11.12
CA ALA A 223 14.09 2.77 -10.74
C ALA A 223 14.47 3.39 -9.40
N LYS A 224 15.62 2.97 -8.86
CA LYS A 224 16.10 3.48 -7.59
C LYS A 224 17.61 3.68 -7.61
N TYR A 225 18.10 4.63 -6.83
CA TYR A 225 19.52 4.91 -6.76
C TYR A 225 19.94 5.28 -5.34
N GLN A 226 20.72 4.41 -4.72
CA GLN A 226 21.20 4.65 -3.35
C GLN A 226 22.60 5.26 -3.36
N ILE A 227 22.70 6.52 -3.78
CA ILE A 227 23.98 7.21 -3.83
C ILE A 227 24.60 7.31 -2.44
N ASP A 228 23.76 7.30 -1.42
CA ASP A 228 24.22 7.39 -0.04
C ASP A 228 23.39 6.49 0.87
N PRO A 229 23.96 6.17 2.05
CA PRO A 229 23.30 5.31 3.04
C PRO A 229 22.09 5.99 3.68
N ASP A 230 22.28 7.23 4.10
CA ASP A 230 21.21 7.99 4.73
C ASP A 230 20.33 8.68 3.69
N ALA A 231 20.98 9.20 2.65
CA ALA A 231 20.27 9.88 1.57
C ALA A 231 20.20 9.02 0.31
N SER A 232 19.00 8.53 -0.01
CA SER A 232 18.82 7.70 -1.19
C SER A 232 17.83 8.33 -2.15
N PHE A 233 18.14 8.25 -3.45
CA PHE A 233 17.28 8.82 -4.48
C PHE A 233 16.60 7.73 -5.29
N SER A 234 15.58 8.10 -6.06
CA SER A 234 14.85 7.15 -6.89
C SER A 234 14.20 7.85 -8.07
N ALA A 235 13.96 7.09 -9.14
CA ALA A 235 13.34 7.63 -10.34
C ALA A 235 12.05 6.90 -10.67
N LYS A 236 11.07 7.64 -11.18
CA LYS A 236 9.78 7.05 -11.54
C LYS A 236 9.25 7.66 -12.84
N VAL A 237 8.64 6.82 -13.67
CA VAL A 237 8.09 7.26 -14.95
C VAL A 237 6.79 6.55 -15.27
N ASN A 238 5.69 7.29 -15.25
CA ASN A 238 4.37 6.72 -15.55
C ASN A 238 3.84 7.23 -16.87
N ASN A 239 2.54 7.02 -17.11
CA ASN A 239 1.91 7.47 -18.34
C ASN A 239 2.23 8.94 -18.62
N SER A 240 2.43 9.70 -17.55
CA SER A 240 2.74 11.13 -17.68
C SER A 240 3.88 11.35 -18.66
N SER A 241 4.76 10.37 -18.77
CA SER A 241 5.90 10.46 -19.66
C SER A 241 6.88 11.53 -19.20
N LEU A 242 7.02 11.66 -17.89
CA LEU A 242 7.92 12.65 -17.30
C LEU A 242 9.00 11.98 -16.45
N ILE A 243 9.74 12.79 -15.71
CA ILE A 243 10.79 12.27 -14.85
C ILE A 243 10.56 12.64 -13.39
N GLY A 244 10.19 11.64 -12.59
CA GLY A 244 9.93 11.87 -11.18
C GLY A 244 11.10 11.46 -10.30
N LEU A 245 11.65 12.42 -9.57
CA LEU A 245 12.78 12.15 -8.69
C LEU A 245 12.33 12.08 -7.23
N GLY A 246 12.43 10.88 -6.65
CA GLY A 246 12.02 10.70 -5.27
C GLY A 246 13.21 10.56 -4.33
N TYR A 247 13.01 10.91 -3.06
CA TYR A 247 14.08 10.81 -2.08
C TYR A 247 13.62 10.02 -0.86
N THR A 248 14.56 9.33 -0.22
CA THR A 248 14.25 8.52 0.95
C THR A 248 15.38 8.58 1.98
N GLN A 249 15.03 8.75 3.24
CA GLN A 249 16.02 8.82 4.32
C GLN A 249 15.42 8.37 5.64
N THR A 250 16.14 7.51 6.34
CA THR A 250 15.68 6.99 7.64
C THR A 250 16.84 6.86 8.62
N LEU A 251 17.32 7.99 9.12
CA LEU A 251 18.42 8.00 10.07
C LEU A 251 18.10 7.14 11.28
N LYS A 252 16.92 7.35 11.86
CA LYS A 252 16.49 6.60 13.02
C LYS A 252 15.44 5.56 12.65
N PRO A 253 15.27 4.55 13.51
CA PRO A 253 14.29 3.47 13.29
C PRO A 253 12.86 3.96 13.40
N GLY A 254 12.63 4.93 14.27
CA GLY A 254 11.30 5.47 14.46
C GLY A 254 10.95 6.54 13.44
N ILE A 255 11.53 7.73 13.60
CA ILE A 255 11.29 8.83 12.69
C ILE A 255 11.82 8.53 11.29
N LYS A 256 11.24 9.17 10.29
CA LYS A 256 11.66 8.97 8.91
C LYS A 256 11.46 10.25 8.08
N LEU A 257 12.09 10.29 6.91
CA LEU A 257 11.97 11.44 6.03
C LEU A 257 11.98 11.02 4.57
N THR A 258 11.06 11.58 3.79
CA THR A 258 10.96 11.26 2.37
C THR A 258 10.57 12.48 1.55
N LEU A 259 10.93 12.48 0.27
CA LEU A 259 10.63 13.59 -0.61
C LEU A 259 10.28 13.09 -2.01
N SER A 260 9.69 13.97 -2.83
CA SER A 260 9.32 13.61 -4.19
C SER A 260 9.14 14.87 -5.04
N ALA A 261 9.67 14.83 -6.26
CA ALA A 261 9.58 15.95 -7.17
C ALA A 261 9.45 15.48 -8.62
N LEU A 262 8.36 15.87 -9.27
CA LEU A 262 8.12 15.49 -10.65
C LEU A 262 8.42 16.64 -11.61
N LEU A 263 9.30 16.39 -12.57
CA LEU A 263 9.68 17.40 -13.54
C LEU A 263 9.83 16.80 -14.93
N ASP A 264 10.31 17.60 -15.88
CA ASP A 264 10.52 17.14 -17.24
C ASP A 264 11.84 17.67 -17.80
N GLY A 265 12.14 17.28 -19.04
CA GLY A 265 13.38 17.73 -19.67
C GLY A 265 13.52 19.23 -19.65
N LYS A 266 14.76 19.71 -19.73
CA LYS A 266 15.04 21.14 -19.72
C LYS A 266 14.47 21.80 -20.98
N ASN A 267 13.24 22.27 -20.89
CA ASN A 267 12.59 22.93 -22.02
C ASN A 267 11.34 23.69 -21.57
N VAL A 268 11.44 25.02 -21.58
CA VAL A 268 10.32 25.86 -21.16
C VAL A 268 9.87 25.53 -19.75
N ASN A 269 10.74 25.79 -18.77
CA ASN A 269 10.43 25.51 -17.38
C ASN A 269 11.51 26.05 -16.46
N ALA A 270 11.16 26.31 -15.21
CA ALA A 270 12.10 26.83 -14.22
C ALA A 270 12.06 26.02 -12.94
N GLY A 271 13.12 25.26 -12.70
CA GLY A 271 13.19 24.45 -11.50
C GLY A 271 12.45 23.13 -11.64
N GLY A 272 11.24 23.06 -11.10
CA GLY A 272 10.46 21.84 -11.19
C GLY A 272 8.99 22.12 -11.46
N HIS A 273 8.17 21.07 -11.44
CA HIS A 273 6.75 21.21 -11.69
C HIS A 273 5.94 20.84 -10.45
N LYS A 274 6.04 19.60 -10.03
CA LYS A 274 5.33 19.13 -8.84
C LYS A 274 6.28 18.88 -7.69
N LEU A 275 6.09 19.61 -6.60
CA LEU A 275 6.94 19.47 -5.42
C LEU A 275 6.18 18.80 -4.28
N GLY A 276 6.79 17.77 -3.69
CA GLY A 276 6.16 17.07 -2.59
C GLY A 276 7.14 16.69 -1.50
N LEU A 277 6.74 16.88 -0.25
CA LEU A 277 7.60 16.55 0.88
C LEU A 277 6.83 15.75 1.94
N GLY A 278 7.52 14.81 2.58
CA GLY A 278 6.90 13.99 3.59
C GLY A 278 7.77 13.82 4.82
N LEU A 279 7.21 14.15 5.99
CA LEU A 279 7.95 14.04 7.24
C LEU A 279 7.29 13.03 8.16
N GLU A 280 8.10 12.17 8.77
CA GLU A 280 7.60 11.14 9.68
C GLU A 280 8.22 11.30 11.07
N PHE A 281 7.41 11.74 12.03
CA PHE A 281 7.87 11.92 13.40
C PHE A 281 7.27 10.88 14.33
N GLN A 282 8.04 9.83 14.60
CA GLN A 282 7.58 8.76 15.48
C GLN A 282 8.29 8.80 16.83
N ALA A 283 8.31 9.98 17.44
CA ALA A 283 8.96 10.16 18.72
C ALA A 283 7.93 10.43 19.83
N MET A 1 7.91 -12.91 4.18
CA MET A 1 8.19 -11.68 3.44
C MET A 1 8.42 -10.51 4.40
N ALA A 2 7.34 -10.03 5.01
CA ALA A 2 7.42 -8.92 5.95
C ALA A 2 7.99 -7.68 5.27
N VAL A 3 7.51 -7.38 4.07
CA VAL A 3 7.97 -6.22 3.32
C VAL A 3 6.82 -5.28 2.98
N PRO A 4 6.25 -4.64 4.02
CA PRO A 4 5.14 -3.71 3.86
C PRO A 4 5.55 -2.42 3.17
N PRO A 5 6.84 -2.07 3.29
CA PRO A 5 7.40 -0.86 2.68
C PRO A 5 7.46 -0.96 1.16
N THR A 6 7.69 -2.17 0.65
CA THR A 6 7.78 -2.39 -0.79
C THR A 6 6.49 -3.00 -1.32
N TYR A 7 5.38 -2.31 -1.11
CA TYR A 7 4.09 -2.79 -1.57
C TYR A 7 4.14 -3.15 -3.05
N ALA A 8 4.97 -2.45 -3.80
CA ALA A 8 5.12 -2.70 -5.22
C ALA A 8 5.39 -4.18 -5.50
N ASP A 9 6.05 -4.84 -4.56
CA ASP A 9 6.38 -6.25 -4.70
C ASP A 9 5.10 -7.09 -4.78
N LEU A 10 4.06 -6.65 -4.10
CA LEU A 10 2.79 -7.36 -4.10
C LEU A 10 2.30 -7.60 -5.53
N GLY A 11 1.23 -8.37 -5.66
CA GLY A 11 0.68 -8.67 -6.97
C GLY A 11 0.12 -7.45 -7.66
N LYS A 12 -0.91 -7.64 -8.47
CA LYS A 12 -1.53 -6.54 -9.20
C LYS A 12 -1.85 -5.39 -8.26
N SER A 13 -2.18 -5.72 -7.02
CA SER A 13 -2.51 -4.70 -6.02
C SER A 13 -1.45 -3.61 -5.98
N ALA A 14 -0.20 -3.99 -6.23
CA ALA A 14 0.90 -3.04 -6.22
C ALA A 14 0.59 -1.83 -7.10
N ARG A 15 -0.14 -2.06 -8.19
CA ARG A 15 -0.51 -0.99 -9.11
C ARG A 15 -1.51 -0.04 -8.46
N ASP A 16 -2.37 -0.58 -7.61
CA ASP A 16 -3.37 0.22 -6.92
C ASP A 16 -2.71 1.24 -5.99
N VAL A 17 -1.94 0.74 -5.02
CA VAL A 17 -1.26 1.60 -4.07
C VAL A 17 -0.47 2.69 -4.79
N PHE A 18 0.10 2.33 -5.93
CA PHE A 18 0.90 3.27 -6.71
C PHE A 18 0.03 4.44 -7.19
N THR A 19 -1.22 4.14 -7.52
CA THR A 19 -2.14 5.17 -8.01
C THR A 19 -2.27 6.30 -7.00
N LYS A 20 -2.41 5.94 -5.73
CA LYS A 20 -2.56 6.93 -4.66
C LYS A 20 -1.19 7.46 -4.23
N GLY A 21 -0.19 6.59 -4.25
CA GLY A 21 1.16 6.99 -3.86
C GLY A 21 1.99 7.43 -5.04
N TYR A 22 1.37 8.17 -5.95
CA TYR A 22 2.07 8.66 -7.13
C TYR A 22 2.89 9.91 -6.81
N GLY A 23 2.41 10.70 -5.85
CA GLY A 23 3.10 11.91 -5.47
C GLY A 23 2.49 13.15 -6.08
N PHE A 24 1.20 13.36 -5.83
CA PHE A 24 0.48 14.51 -6.35
C PHE A 24 1.04 15.80 -5.77
N GLY A 25 0.62 16.94 -6.33
CA GLY A 25 1.08 18.22 -5.85
C GLY A 25 0.40 18.64 -4.56
N LEU A 26 1.05 18.36 -3.44
CA LEU A 26 0.50 18.72 -2.13
C LEU A 26 1.45 18.33 -1.01
N ILE A 27 1.13 18.72 0.21
CA ILE A 27 1.95 18.41 1.37
C ILE A 27 1.36 17.26 2.18
N LYS A 28 2.05 16.13 2.17
CA LYS A 28 1.60 14.95 2.90
C LYS A 28 2.39 14.76 4.19
N LEU A 29 1.69 14.73 5.31
CA LEU A 29 2.33 14.56 6.61
C LEU A 29 2.39 13.09 7.00
N ASP A 30 3.50 12.66 7.59
CA ASP A 30 3.67 11.29 8.02
C ASP A 30 4.62 11.20 9.21
N LEU A 31 4.08 10.84 10.36
CA LEU A 31 4.88 10.72 11.58
C LEU A 31 4.92 9.27 12.06
N LYS A 32 6.13 8.71 12.12
CA LYS A 32 6.30 7.34 12.57
C LYS A 32 6.95 7.29 13.95
N THR A 33 6.35 6.53 14.86
CA THR A 33 6.86 6.39 16.21
C THR A 33 6.41 5.09 16.85
N LYS A 34 7.33 4.15 16.95
CA LYS A 34 7.03 2.84 17.55
C LYS A 34 7.77 2.66 18.87
N SER A 35 7.61 1.48 19.47
CA SER A 35 8.27 1.19 20.74
C SER A 35 8.89 -0.20 20.71
N GLU A 36 9.39 -0.64 21.86
CA GLU A 36 10.01 -1.96 21.97
C GLU A 36 9.04 -2.98 22.58
N ASN A 37 8.29 -2.54 23.58
CA ASN A 37 7.33 -3.41 24.24
C ASN A 37 6.40 -4.08 23.23
N GLY A 38 5.46 -3.31 22.68
CA GLY A 38 4.53 -3.84 21.71
C GLY A 38 3.47 -2.84 21.31
N LEU A 39 3.88 -1.59 21.10
CA LEU A 39 2.95 -0.54 20.72
C LEU A 39 3.45 0.20 19.48
N GLU A 40 2.51 0.60 18.62
CA GLU A 40 2.86 1.32 17.40
C GLU A 40 2.07 2.62 17.30
N PHE A 41 2.78 3.72 17.06
CA PHE A 41 2.14 5.02 16.94
C PHE A 41 2.51 5.69 15.60
N THR A 42 1.48 6.07 14.85
CA THR A 42 1.69 6.71 13.55
C THR A 42 0.70 7.84 13.34
N SER A 43 1.22 9.07 13.23
CA SER A 43 0.38 10.24 13.02
C SER A 43 0.63 10.84 11.65
N SER A 44 -0.30 10.61 10.73
CA SER A 44 -0.18 11.14 9.37
C SER A 44 -0.99 12.43 9.22
N GLY A 45 -0.98 12.97 8.01
CA GLY A 45 -1.71 14.20 7.75
C GLY A 45 -1.57 14.66 6.31
N SER A 46 -2.13 15.83 6.01
CA SER A 46 -2.07 16.39 4.66
C SER A 46 -2.54 17.83 4.65
N ALA A 47 -1.95 18.64 3.76
CA ALA A 47 -2.31 20.04 3.64
C ALA A 47 -1.58 20.70 2.48
N ASN A 48 -1.74 22.01 2.36
CA ASN A 48 -1.09 22.77 1.28
C ASN A 48 -0.24 23.89 1.86
N THR A 49 0.54 24.53 0.98
CA THR A 49 1.42 25.62 1.40
C THR A 49 0.62 26.71 2.11
N GLU A 50 -0.16 27.47 1.34
CA GLU A 50 -0.96 28.55 1.91
C GLU A 50 -1.94 28.01 2.96
N THR A 51 -2.16 28.80 4.01
CA THR A 51 -3.06 28.38 5.09
C THR A 51 -4.52 28.41 4.62
N THR A 52 -5.01 27.24 4.19
CA THR A 52 -6.38 27.13 3.72
C THR A 52 -7.11 25.98 4.42
N LYS A 53 -6.41 24.86 4.58
CA LYS A 53 -6.99 23.70 5.24
C LYS A 53 -5.91 22.70 5.63
N VAL A 54 -6.06 22.09 6.80
CA VAL A 54 -5.10 21.11 7.29
C VAL A 54 -5.79 19.93 7.96
N THR A 55 -5.47 18.72 7.50
CA THR A 55 -6.06 17.51 8.06
C THR A 55 -5.00 16.60 8.65
N GLY A 56 -5.38 15.85 9.68
CA GLY A 56 -4.45 14.94 10.32
C GLY A 56 -5.02 13.54 10.48
N SER A 57 -4.20 12.62 10.98
CA SER A 57 -4.62 11.24 11.16
C SER A 57 -3.80 10.57 12.27
N LEU A 58 -4.35 10.53 13.48
CA LEU A 58 -3.68 9.92 14.61
C LEU A 58 -3.99 8.43 14.69
N GLU A 59 -3.14 7.63 14.07
CA GLU A 59 -3.32 6.18 14.07
C GLU A 59 -2.60 5.54 15.26
N THR A 60 -3.38 5.08 16.24
CA THR A 60 -2.83 4.45 17.42
C THR A 60 -2.99 2.93 17.38
N LYS A 61 -1.88 2.22 17.30
CA LYS A 61 -1.90 0.77 17.24
C LYS A 61 -1.49 0.17 18.59
N TYR A 62 -2.36 -0.65 19.15
CA TYR A 62 -2.10 -1.29 20.43
C TYR A 62 -2.45 -2.77 20.40
N ARG A 63 -1.43 -3.62 20.31
CA ARG A 63 -1.63 -5.06 20.27
C ARG A 63 -1.32 -5.71 21.61
N TRP A 64 -1.79 -6.92 21.81
CA TRP A 64 -1.56 -7.64 23.05
C TRP A 64 -0.65 -8.84 22.83
N THR A 65 -0.44 -9.64 23.88
CA THR A 65 0.40 -10.81 23.79
C THR A 65 -0.01 -11.71 22.62
N GLU A 66 0.86 -12.64 22.25
CA GLU A 66 0.59 -13.55 21.15
C GLU A 66 -0.77 -14.24 21.34
N TYR A 67 -1.09 -14.53 22.59
CA TYR A 67 -2.36 -15.20 22.92
C TYR A 67 -3.40 -14.18 23.38
N GLY A 68 -3.37 -13.00 22.78
CA GLY A 68 -4.32 -11.96 23.13
C GLY A 68 -5.09 -11.44 21.94
N LEU A 69 -5.40 -10.15 21.95
CA LEU A 69 -6.14 -9.52 20.87
C LEU A 69 -5.48 -8.21 20.44
N THR A 70 -5.89 -7.69 19.30
CA THR A 70 -5.34 -6.44 18.78
C THR A 70 -6.39 -5.34 18.78
N PHE A 71 -5.95 -4.12 19.07
CA PHE A 71 -6.86 -2.97 19.10
C PHE A 71 -6.14 -1.70 18.64
N THR A 72 -6.73 -1.03 17.64
CA THR A 72 -6.15 0.19 17.11
C THR A 72 -7.24 1.18 16.69
N VAL A 73 -6.96 2.47 16.87
CA VAL A 73 -7.91 3.51 16.52
C VAL A 73 -7.23 4.66 15.79
N LYS A 74 -7.84 5.11 14.70
CA LYS A 74 -7.29 6.20 13.90
C LYS A 74 -8.18 7.44 13.99
N TRP A 75 -7.70 8.47 14.67
CA TRP A 75 -8.44 9.71 14.82
C TRP A 75 -8.05 10.72 13.74
N ASN A 76 -8.89 10.87 12.74
CA ASN A 76 -8.64 11.81 11.65
C ASN A 76 -8.95 13.24 12.09
N THR A 77 -7.90 14.06 12.14
CA THR A 77 -8.05 15.46 12.53
C THR A 77 -8.73 16.27 11.44
N ASP A 78 -9.89 16.83 11.76
CA ASP A 78 -10.64 17.64 10.81
C ASP A 78 -11.10 16.80 9.63
N ASN A 79 -11.46 15.55 9.90
CA ASN A 79 -11.91 14.63 8.86
C ASN A 79 -12.54 13.38 9.47
N THR A 80 -13.05 12.51 8.61
CA THR A 80 -13.69 11.28 9.06
C THR A 80 -12.68 10.34 9.70
N LEU A 81 -12.97 9.89 10.91
CA LEU A 81 -12.09 8.98 11.64
C LEU A 81 -12.53 7.53 11.47
N GLY A 82 -11.86 6.63 12.18
CA GLY A 82 -12.20 5.22 12.09
C GLY A 82 -11.51 4.40 13.16
N THR A 83 -12.01 3.18 13.37
CA THR A 83 -11.43 2.29 14.37
C THR A 83 -11.07 0.95 13.76
N GLU A 84 -10.35 0.12 14.53
CA GLU A 84 -9.93 -1.19 14.06
C GLU A 84 -9.64 -2.12 15.24
N ILE A 85 -10.17 -3.34 15.16
CA ILE A 85 -9.95 -4.32 16.21
C ILE A 85 -9.73 -5.72 15.64
N THR A 86 -8.99 -6.54 16.36
CA THR A 86 -8.69 -7.90 15.92
C THR A 86 -8.95 -8.91 17.03
N VAL A 87 -9.91 -9.81 16.80
CA VAL A 87 -10.25 -10.83 17.77
C VAL A 87 -10.69 -12.12 17.09
N GLU A 88 -10.70 -13.21 17.86
CA GLU A 88 -11.10 -14.51 17.32
C GLU A 88 -12.33 -15.04 18.06
N ASP A 89 -12.82 -16.20 17.62
CA ASP A 89 -13.99 -16.82 18.24
C ASP A 89 -13.57 -17.99 19.12
N GLN A 90 -13.22 -19.10 18.47
CA GLN A 90 -12.82 -20.30 19.19
C GLN A 90 -12.35 -21.39 18.23
N LEU A 91 -11.17 -21.93 18.48
CA LEU A 91 -10.60 -22.98 17.63
C LEU A 91 -10.62 -22.57 16.16
N ALA A 92 -10.39 -21.28 15.92
CA ALA A 92 -10.38 -20.75 14.57
C ALA A 92 -8.95 -20.41 14.13
N ARG A 93 -7.99 -21.19 14.61
CA ARG A 93 -6.59 -20.98 14.28
C ARG A 93 -6.41 -20.86 12.76
N GLY A 94 -5.97 -19.69 12.31
CA GLY A 94 -5.76 -19.47 10.89
C GLY A 94 -6.73 -18.45 10.31
N LEU A 95 -7.94 -18.41 10.86
CA LEU A 95 -8.96 -17.48 10.40
C LEU A 95 -9.52 -16.65 11.55
N LYS A 96 -8.88 -15.51 11.81
CA LYS A 96 -9.32 -14.62 12.89
C LYS A 96 -10.24 -13.53 12.36
N LEU A 97 -10.99 -12.91 13.26
CA LEU A 97 -11.91 -11.85 12.89
C LEU A 97 -11.28 -10.48 13.12
N THR A 98 -11.69 -9.49 12.33
CA THR A 98 -11.18 -8.13 12.46
C THR A 98 -12.26 -7.10 12.18
N PHE A 99 -12.58 -6.31 13.20
CA PHE A 99 -13.61 -5.27 13.07
C PHE A 99 -13.00 -3.98 12.54
N ASP A 100 -13.25 -3.69 11.26
CA ASP A 100 -12.73 -2.49 10.64
C ASP A 100 -13.77 -1.37 10.67
N SER A 101 -13.67 -0.50 11.66
CA SER A 101 -14.61 0.61 11.80
C SER A 101 -14.11 1.85 11.07
N SER A 102 -13.45 1.63 9.93
CA SER A 102 -12.91 2.72 9.14
C SER A 102 -14.02 3.44 8.36
N PHE A 103 -14.93 4.07 9.09
CA PHE A 103 -16.05 4.79 8.48
C PHE A 103 -16.94 5.41 9.54
N SER A 104 -16.87 6.74 9.67
CA SER A 104 -17.67 7.46 10.64
C SER A 104 -17.72 8.95 10.32
N PRO A 105 -18.39 9.30 9.22
CA PRO A 105 -18.51 10.69 8.77
C PRO A 105 -19.41 11.51 9.70
N ASN A 106 -20.43 10.87 10.25
CA ASN A 106 -21.36 11.54 11.15
C ASN A 106 -21.69 10.67 12.35
N THR A 107 -22.66 11.10 13.15
CA THR A 107 -23.06 10.35 14.33
C THR A 107 -23.55 8.95 13.97
N GLY A 108 -24.64 8.90 13.22
CA GLY A 108 -25.19 7.61 12.81
C GLY A 108 -24.21 6.80 11.99
N LYS A 109 -24.56 5.54 11.73
CA LYS A 109 -23.71 4.66 10.95
C LYS A 109 -23.95 4.84 9.46
N LYS A 110 -22.87 4.74 8.67
CA LYS A 110 -22.98 4.90 7.23
C LYS A 110 -22.40 3.67 6.51
N ASN A 111 -21.34 3.11 7.07
CA ASN A 111 -20.70 1.93 6.49
C ASN A 111 -19.73 1.29 7.48
N ALA A 112 -19.41 0.02 7.24
CA ALA A 112 -18.49 -0.70 8.11
C ALA A 112 -17.78 -1.81 7.34
N LYS A 113 -16.57 -2.14 7.78
CA LYS A 113 -15.78 -3.19 7.14
C LYS A 113 -15.34 -4.24 8.16
N ILE A 114 -15.21 -5.48 7.71
CA ILE A 114 -14.78 -6.57 8.58
C ILE A 114 -13.90 -7.56 7.83
N LYS A 115 -12.84 -8.02 8.50
CA LYS A 115 -11.91 -8.97 7.91
C LYS A 115 -12.02 -10.33 8.58
N THR A 116 -11.84 -11.39 7.81
CA THR A 116 -11.91 -12.75 8.33
C THR A 116 -10.91 -13.66 7.62
N GLY A 117 -9.87 -14.07 8.36
CA GLY A 117 -8.86 -14.94 7.79
C GLY A 117 -7.53 -14.83 8.50
N TYR A 118 -6.46 -15.11 7.78
CA TYR A 118 -5.11 -15.05 8.35
C TYR A 118 -4.43 -13.73 7.98
N LYS A 119 -4.17 -12.91 8.99
CA LYS A 119 -3.51 -11.62 8.78
C LYS A 119 -2.18 -11.56 9.51
N ARG A 120 -1.11 -11.31 8.76
CA ARG A 120 0.23 -11.22 9.35
C ARG A 120 1.19 -10.51 8.40
N GLU A 121 2.08 -9.70 8.95
CA GLU A 121 3.05 -8.95 8.17
C GLU A 121 3.80 -9.89 7.22
N HIS A 122 4.04 -11.11 7.67
CA HIS A 122 4.75 -12.10 6.87
C HIS A 122 3.83 -12.67 5.79
N ILE A 123 2.56 -12.84 6.13
CA ILE A 123 1.59 -13.39 5.19
C ILE A 123 0.18 -12.89 5.51
N ASN A 124 -0.57 -12.53 4.48
CA ASN A 124 -1.93 -12.05 4.66
C ASN A 124 -2.86 -12.65 3.60
N LEU A 125 -3.74 -13.54 4.03
CA LEU A 125 -4.68 -14.19 3.12
C LEU A 125 -6.01 -14.46 3.82
N GLY A 126 -7.09 -14.44 3.04
CA GLY A 126 -8.41 -14.68 3.61
C GLY A 126 -9.50 -13.93 2.88
N ALA A 127 -10.61 -13.68 3.57
CA ALA A 127 -11.73 -12.96 2.98
C ALA A 127 -11.99 -11.64 3.69
N ASP A 128 -12.56 -10.69 2.98
CA ASP A 128 -12.85 -9.37 3.55
C ASP A 128 -14.31 -8.99 3.31
N MET A 129 -15.10 -8.98 4.39
CA MET A 129 -16.51 -8.63 4.29
C MET A 129 -16.74 -7.19 4.71
N ASP A 130 -16.92 -6.31 3.74
CA ASP A 130 -17.16 -4.89 4.01
C ASP A 130 -18.29 -4.35 3.15
N PHE A 131 -19.05 -3.42 3.70
CA PHE A 131 -20.18 -2.82 2.99
C PHE A 131 -20.98 -1.90 3.89
N ASP A 132 -22.15 -1.49 3.43
CA ASP A 132 -23.02 -0.60 4.21
C ASP A 132 -23.46 -1.29 5.50
N ILE A 133 -24.49 -0.72 6.13
CA ILE A 133 -25.02 -1.26 7.38
C ILE A 133 -26.13 -2.27 7.11
N ALA A 134 -25.96 -3.08 6.07
CA ALA A 134 -26.94 -4.09 5.71
C ALA A 134 -26.51 -4.86 4.47
N GLY A 135 -25.82 -5.97 4.68
CA GLY A 135 -25.36 -6.78 3.57
C GLY A 135 -23.88 -6.56 3.25
N PRO A 136 -23.01 -7.21 4.04
CA PRO A 136 -21.56 -7.09 3.86
C PRO A 136 -21.07 -7.78 2.58
N SER A 137 -20.02 -7.23 1.99
CA SER A 137 -19.45 -7.78 0.76
C SER A 137 -18.16 -8.53 1.04
N ILE A 138 -18.23 -9.85 1.01
CA ILE A 138 -17.06 -10.69 1.26
C ILE A 138 -16.30 -10.96 -0.03
N ARG A 139 -15.03 -10.55 -0.06
CA ARG A 139 -14.19 -10.75 -1.24
C ARG A 139 -13.01 -11.65 -0.91
N GLY A 140 -12.57 -12.44 -1.89
CA GLY A 140 -11.45 -13.33 -1.69
C GLY A 140 -10.12 -12.69 -2.04
N ALA A 141 -9.17 -12.73 -1.11
CA ALA A 141 -7.85 -12.14 -1.34
C ALA A 141 -6.78 -12.91 -0.56
N LEU A 142 -5.85 -13.49 -1.29
CA LEU A 142 -4.76 -14.25 -0.67
C LEU A 142 -3.40 -13.72 -1.13
N VAL A 143 -2.64 -13.19 -0.17
CA VAL A 143 -1.32 -12.65 -0.47
C VAL A 143 -0.25 -13.26 0.44
N LEU A 144 0.47 -14.24 -0.08
CA LEU A 144 1.51 -14.92 0.69
C LEU A 144 2.83 -14.92 -0.09
N GLY A 145 3.86 -15.53 0.51
CA GLY A 145 5.15 -15.60 -0.13
C GLY A 145 6.27 -15.95 0.83
N TYR A 146 7.17 -16.81 0.40
CA TYR A 146 8.29 -17.23 1.24
C TYR A 146 9.28 -16.10 1.43
N GLU A 147 10.39 -16.39 2.11
CA GLU A 147 11.42 -15.39 2.35
C GLU A 147 11.84 -14.70 1.06
N GLY A 148 11.83 -15.45 -0.04
CA GLY A 148 12.20 -14.90 -1.33
C GLY A 148 11.08 -15.01 -2.35
N TRP A 149 10.51 -16.20 -2.47
CA TRP A 149 9.43 -16.44 -3.42
C TRP A 149 8.17 -15.69 -3.01
N LEU A 150 7.21 -15.62 -3.92
CA LEU A 150 5.95 -14.92 -3.65
C LEU A 150 4.80 -15.59 -4.41
N ALA A 151 3.59 -15.44 -3.87
CA ALA A 151 2.40 -16.01 -4.48
C ALA A 151 1.14 -15.39 -3.92
N GLY A 152 0.23 -14.99 -4.81
CA GLY A 152 -1.02 -14.38 -4.38
C GLY A 152 -2.11 -14.47 -5.43
N TYR A 153 -3.35 -14.29 -5.02
CA TYR A 153 -4.48 -14.35 -5.93
C TYR A 153 -5.61 -13.46 -5.47
N GLN A 154 -6.36 -12.90 -6.42
CA GLN A 154 -7.48 -12.02 -6.10
C GLN A 154 -8.74 -12.46 -6.82
N MET A 155 -9.83 -12.61 -6.08
CA MET A 155 -11.11 -13.02 -6.65
C MET A 155 -12.27 -12.47 -5.84
N ASN A 156 -13.23 -11.86 -6.54
CA ASN A 156 -14.39 -11.28 -5.89
C ASN A 156 -15.57 -12.25 -5.92
N PHE A 157 -16.08 -12.59 -4.75
CA PHE A 157 -17.22 -13.51 -4.64
C PHE A 157 -18.42 -12.82 -4.01
N GLU A 158 -19.28 -12.27 -4.86
CA GLU A 158 -20.47 -11.58 -4.39
C GLU A 158 -21.74 -12.20 -4.99
N THR A 159 -22.89 -11.84 -4.43
CA THR A 159 -24.16 -12.36 -4.91
C THR A 159 -24.96 -11.28 -5.63
N ALA A 160 -24.89 -11.28 -6.95
CA ALA A 160 -25.62 -10.30 -7.75
C ALA A 160 -25.66 -10.72 -9.22
N LYS A 161 -26.54 -10.09 -9.98
CA LYS A 161 -26.69 -10.40 -11.40
C LYS A 161 -25.42 -10.01 -12.17
N SER A 162 -24.61 -11.00 -12.50
CA SER A 162 -23.37 -10.77 -13.25
C SER A 162 -23.05 -11.94 -14.15
N ARG A 163 -22.24 -11.70 -15.18
CA ARG A 163 -21.85 -12.73 -16.13
C ARG A 163 -20.35 -12.99 -16.06
N VAL A 164 -19.56 -11.96 -16.34
CA VAL A 164 -18.11 -12.08 -16.32
C VAL A 164 -17.61 -12.35 -14.91
N THR A 165 -16.57 -13.17 -14.81
CA THR A 165 -15.99 -13.53 -13.52
C THR A 165 -14.55 -13.03 -13.41
N GLN A 166 -14.35 -11.98 -12.63
CA GLN A 166 -13.02 -11.40 -12.44
C GLN A 166 -12.11 -12.38 -11.72
N SER A 167 -10.93 -12.61 -12.29
CA SER A 167 -9.96 -13.53 -11.70
C SER A 167 -8.53 -13.05 -11.95
N ASN A 168 -7.85 -12.67 -10.86
CA ASN A 168 -6.48 -12.18 -10.95
C ASN A 168 -5.50 -13.20 -10.37
N PHE A 169 -4.50 -13.57 -11.14
CA PHE A 169 -3.49 -14.53 -10.69
C PHE A 169 -2.15 -13.85 -10.46
N ALA A 170 -1.64 -13.94 -9.25
CA ALA A 170 -0.36 -13.32 -8.90
C ALA A 170 0.69 -14.39 -8.58
N VAL A 171 1.84 -14.30 -9.23
CA VAL A 171 2.92 -15.25 -9.00
C VAL A 171 4.27 -14.55 -8.93
N GLY A 172 4.98 -14.74 -7.82
CA GLY A 172 6.27 -14.11 -7.65
C GLY A 172 7.38 -15.12 -7.48
N TYR A 173 8.53 -14.87 -8.11
CA TYR A 173 9.67 -15.77 -8.03
C TYR A 173 10.92 -15.01 -7.58
N LYS A 174 11.84 -15.73 -6.94
CA LYS A 174 13.09 -15.14 -6.47
C LYS A 174 14.28 -15.76 -7.18
N THR A 175 15.48 -15.26 -6.87
CA THR A 175 16.70 -15.77 -7.48
C THR A 175 17.90 -15.53 -6.57
N ASP A 176 19.10 -15.80 -7.08
CA ASP A 176 20.32 -15.62 -6.31
C ASP A 176 20.37 -14.22 -5.69
N GLU A 177 20.05 -13.21 -6.50
CA GLU A 177 20.07 -11.84 -6.03
C GLU A 177 19.11 -10.97 -6.86
N PHE A 178 18.01 -11.57 -7.28
CA PHE A 178 17.01 -10.86 -8.08
C PHE A 178 15.59 -11.28 -7.69
N GLN A 179 14.67 -10.33 -7.72
CA GLN A 179 13.28 -10.60 -7.37
C GLN A 179 12.35 -10.18 -8.50
N LEU A 180 11.41 -11.06 -8.85
CA LEU A 180 10.46 -10.77 -9.91
C LEU A 180 9.05 -11.18 -9.50
N HIS A 181 8.08 -10.29 -9.74
CA HIS A 181 6.69 -10.56 -9.38
C HIS A 181 5.78 -10.34 -10.60
N THR A 182 5.25 -11.42 -11.14
CA THR A 182 4.36 -11.35 -12.29
C THR A 182 2.91 -11.55 -11.88
N ASN A 183 1.99 -11.24 -12.79
CA ASN A 183 0.56 -11.39 -12.53
C ASN A 183 -0.24 -11.35 -13.83
N VAL A 184 -1.40 -11.99 -13.81
CA VAL A 184 -2.27 -12.03 -14.99
C VAL A 184 -3.68 -11.57 -14.64
N ASN A 185 -4.24 -10.72 -15.49
CA ASN A 185 -5.59 -10.20 -15.28
C ASN A 185 -6.50 -10.56 -16.44
N ASP A 186 -7.32 -11.59 -16.27
CA ASP A 186 -8.23 -12.03 -17.30
C ASP A 186 -7.49 -12.28 -18.61
N GLY A 187 -6.18 -12.51 -18.52
CA GLY A 187 -5.38 -12.76 -19.71
C GLY A 187 -5.00 -11.48 -20.42
N THR A 188 -5.83 -10.46 -20.28
CA THR A 188 -5.59 -9.18 -20.93
C THR A 188 -4.36 -8.49 -20.34
N GLU A 189 -4.31 -8.43 -19.00
CA GLU A 189 -3.21 -7.79 -18.31
C GLU A 189 -2.17 -8.83 -17.87
N PHE A 190 -1.20 -9.08 -18.74
CA PHE A 190 -0.15 -10.05 -18.46
C PHE A 190 1.16 -9.35 -18.12
N GLY A 191 1.75 -9.71 -16.98
CA GLY A 191 3.00 -9.11 -16.57
C GLY A 191 2.98 -8.65 -15.12
N GLY A 192 3.96 -7.84 -14.74
CA GLY A 192 4.03 -7.36 -13.38
C GLY A 192 5.20 -6.41 -13.15
N SER A 193 5.86 -6.55 -12.02
CA SER A 193 7.00 -5.70 -11.68
C SER A 193 8.12 -6.52 -11.06
N ILE A 194 9.36 -6.11 -11.32
CA ILE A 194 10.52 -6.80 -10.78
C ILE A 194 11.56 -5.81 -10.28
N TYR A 195 12.40 -6.26 -9.34
CA TYR A 195 13.45 -5.42 -8.79
C TYR A 195 14.67 -6.24 -8.41
N GLN A 196 15.79 -5.56 -8.20
CA GLN A 196 17.03 -6.24 -7.83
C GLN A 196 17.81 -5.42 -6.80
N LYS A 197 18.23 -6.08 -5.72
CA LYS A 197 18.98 -5.42 -4.67
C LYS A 197 20.37 -6.05 -4.51
N VAL A 198 21.18 -5.94 -5.56
CA VAL A 198 22.52 -6.50 -5.54
C VAL A 198 23.30 -6.01 -4.32
N ASN A 199 23.06 -4.76 -3.94
CA ASN A 199 23.73 -4.17 -2.78
C ASN A 199 22.72 -3.69 -1.75
N LYS A 200 23.21 -2.96 -0.75
CA LYS A 200 22.35 -2.44 0.31
C LYS A 200 21.85 -1.05 -0.03
N LYS A 201 22.78 -0.15 -0.37
CA LYS A 201 22.44 1.22 -0.72
C LYS A 201 22.30 1.37 -2.23
N LEU A 202 21.65 0.40 -2.86
CA LEU A 202 21.44 0.43 -4.30
C LEU A 202 20.43 -0.64 -4.73
N GLU A 203 19.29 -0.20 -5.24
CA GLU A 203 18.24 -1.11 -5.69
C GLU A 203 17.60 -0.61 -6.98
N THR A 204 17.48 -1.50 -7.96
CA THR A 204 16.88 -1.15 -9.24
C THR A 204 15.47 -1.72 -9.36
N ALA A 205 14.59 -0.96 -9.99
CA ALA A 205 13.21 -1.38 -10.17
C ALA A 205 12.78 -1.27 -11.63
N VAL A 206 11.87 -2.13 -12.05
CA VAL A 206 11.38 -2.12 -13.43
C VAL A 206 10.02 -2.80 -13.53
N ASN A 207 9.00 -2.03 -13.87
CA ASN A 207 7.64 -2.55 -14.00
C ASN A 207 7.26 -2.72 -15.47
N LEU A 208 6.86 -3.94 -15.84
CA LEU A 208 6.48 -4.22 -17.20
C LEU A 208 5.25 -5.13 -17.25
N ALA A 209 4.16 -4.62 -17.82
CA ALA A 209 2.93 -5.38 -17.92
C ALA A 209 2.15 -5.01 -19.18
N TRP A 210 1.84 -6.00 -20.01
CA TRP A 210 1.10 -5.77 -21.24
C TRP A 210 -0.40 -5.88 -21.00
N THR A 211 -1.17 -5.00 -21.64
CA THR A 211 -2.61 -4.99 -21.51
C THR A 211 -3.29 -5.53 -22.76
N ALA A 212 -4.61 -5.39 -22.82
CA ALA A 212 -5.38 -5.85 -23.97
C ALA A 212 -4.77 -5.34 -25.27
N GLY A 213 -4.10 -4.20 -25.20
CA GLY A 213 -3.49 -3.63 -26.38
C GLY A 213 -3.89 -2.18 -26.61
N ASN A 214 -3.58 -1.32 -25.64
CA ASN A 214 -3.91 0.09 -25.74
C ASN A 214 -2.72 0.97 -25.36
N SER A 215 -2.98 2.25 -25.16
CA SER A 215 -1.91 3.19 -24.81
C SER A 215 -1.76 3.29 -23.29
N ASN A 216 -2.29 2.30 -22.58
CA ASN A 216 -2.22 2.27 -21.13
C ASN A 216 -1.23 1.21 -20.65
N THR A 217 -0.30 0.83 -21.53
CA THR A 217 0.69 -0.17 -21.21
C THR A 217 1.34 0.11 -19.85
N ARG A 218 1.79 -0.95 -19.19
CA ARG A 218 2.43 -0.82 -17.89
C ARG A 218 3.92 -1.11 -17.97
N PHE A 219 4.61 -0.43 -18.87
CA PHE A 219 6.03 -0.61 -19.06
C PHE A 219 6.81 0.63 -18.65
N GLY A 220 7.78 0.45 -17.75
CA GLY A 220 8.58 1.57 -17.29
C GLY A 220 9.65 1.15 -16.29
N ILE A 221 10.73 1.92 -16.24
CA ILE A 221 11.82 1.62 -15.32
C ILE A 221 11.83 2.57 -14.13
N ALA A 222 12.27 2.07 -12.99
CA ALA A 222 12.33 2.88 -11.76
C ALA A 222 13.65 2.67 -11.03
N ALA A 223 14.03 3.65 -10.22
CA ALA A 223 15.26 3.57 -9.46
C ALA A 223 15.00 3.71 -7.96
N LYS A 224 15.71 2.92 -7.17
CA LYS A 224 15.56 2.94 -5.72
C LYS A 224 16.92 2.93 -5.03
N TYR A 225 17.37 4.10 -4.61
CA TYR A 225 18.65 4.23 -3.93
C TYR A 225 18.48 4.85 -2.54
N GLN A 226 18.95 4.14 -1.52
CA GLN A 226 18.86 4.62 -0.14
C GLN A 226 20.23 4.86 0.45
N ILE A 227 20.88 5.94 0.01
CA ILE A 227 22.21 6.28 0.51
C ILE A 227 22.24 6.31 2.03
N ASP A 228 21.14 6.75 2.64
CA ASP A 228 21.04 6.82 4.09
C ASP A 228 19.98 5.86 4.61
N PRO A 229 20.07 5.52 5.91
CA PRO A 229 19.13 4.60 6.55
C PRO A 229 17.73 5.21 6.69
N ASP A 230 17.68 6.51 6.92
CA ASP A 230 16.41 7.21 7.08
C ASP A 230 15.96 7.83 5.75
N ALA A 231 16.92 8.36 5.00
CA ALA A 231 16.63 8.98 3.71
C ALA A 231 16.44 7.93 2.63
N SER A 232 15.85 8.34 1.51
CA SER A 232 15.60 7.43 0.40
C SER A 232 15.40 8.20 -0.90
N PHE A 233 15.75 7.57 -2.02
CA PHE A 233 15.60 8.20 -3.32
C PHE A 233 14.88 7.27 -4.30
N SER A 234 13.80 7.76 -4.88
CA SER A 234 13.01 6.98 -5.82
C SER A 234 12.93 7.68 -7.17
N ALA A 235 12.87 6.89 -8.24
CA ALA A 235 12.78 7.44 -9.59
C ALA A 235 11.88 6.57 -10.48
N LYS A 236 11.20 7.21 -11.41
CA LYS A 236 10.30 6.51 -12.33
C LYS A 236 10.32 7.15 -13.71
N VAL A 237 10.65 6.35 -14.72
CA VAL A 237 10.70 6.85 -16.09
C VAL A 237 10.10 5.84 -17.06
N ASN A 238 9.40 6.34 -18.08
CA ASN A 238 8.78 5.49 -19.07
C ASN A 238 8.18 6.31 -20.20
N ASN A 239 8.24 5.77 -21.41
CA ASN A 239 7.71 6.46 -22.58
C ASN A 239 6.18 6.41 -22.60
N SER A 240 5.63 5.35 -22.04
CA SER A 240 4.18 5.18 -21.98
C SER A 240 3.51 6.42 -21.41
N SER A 241 3.90 6.78 -20.19
CA SER A 241 3.33 7.96 -19.52
C SER A 241 4.42 8.99 -19.22
N LEU A 242 4.06 9.99 -18.43
CA LEU A 242 5.00 11.04 -18.06
C LEU A 242 6.09 10.50 -17.14
N ILE A 243 7.11 11.31 -16.90
CA ILE A 243 8.21 10.92 -16.03
C ILE A 243 8.11 11.60 -14.66
N GLY A 244 8.56 10.89 -13.63
CA GLY A 244 8.51 11.45 -12.29
C GLY A 244 9.45 10.74 -11.33
N LEU A 245 9.76 11.39 -10.22
CA LEU A 245 10.66 10.81 -9.23
C LEU A 245 10.41 11.42 -7.84
N GLY A 246 10.96 10.79 -6.81
CA GLY A 246 10.79 11.29 -5.47
C GLY A 246 12.07 11.23 -4.65
N TYR A 247 12.20 12.12 -3.68
CA TYR A 247 13.39 12.17 -2.84
C TYR A 247 13.03 12.59 -1.41
N THR A 248 13.36 11.75 -0.45
CA THR A 248 13.07 12.03 0.95
C THR A 248 14.36 12.14 1.77
N GLN A 249 14.61 13.31 2.33
CA GLN A 249 15.81 13.53 3.13
C GLN A 249 15.45 14.15 4.49
N THR A 250 16.45 14.28 5.35
CA THR A 250 16.24 14.86 6.67
C THR A 250 16.72 16.30 6.72
N LEU A 251 15.80 17.24 6.48
CA LEU A 251 16.14 18.66 6.50
C LEU A 251 16.28 19.16 7.94
N LYS A 252 17.51 19.29 8.39
CA LYS A 252 17.79 19.77 9.74
C LYS A 252 17.23 18.80 10.78
N PRO A 253 17.76 18.88 12.02
CA PRO A 253 17.34 18.02 13.12
C PRO A 253 15.93 18.36 13.60
N GLY A 254 15.12 17.33 13.83
CA GLY A 254 13.76 17.55 14.30
C GLY A 254 12.74 16.84 13.42
N ILE A 255 12.77 17.14 12.13
CA ILE A 255 11.83 16.53 11.19
C ILE A 255 12.50 16.25 9.85
N LYS A 256 11.77 15.58 8.96
CA LYS A 256 12.30 15.25 7.65
C LYS A 256 11.43 15.86 6.55
N LEU A 257 12.03 16.08 5.38
CA LEU A 257 11.32 16.66 4.26
C LEU A 257 11.47 15.79 3.01
N THR A 258 10.41 15.72 2.22
CA THR A 258 10.42 14.92 0.99
C THR A 258 9.87 15.71 -0.18
N LEU A 259 10.64 15.78 -1.26
CA LEU A 259 10.23 16.51 -2.46
C LEU A 259 10.16 15.58 -3.66
N SER A 260 9.18 15.82 -4.53
CA SER A 260 8.99 14.99 -5.72
C SER A 260 8.83 15.87 -6.96
N ALA A 261 9.16 15.31 -8.12
CA ALA A 261 9.05 16.04 -9.38
C ALA A 261 8.31 15.21 -10.42
N LEU A 262 7.34 15.83 -11.08
CA LEU A 262 6.56 15.15 -12.11
C LEU A 262 6.48 15.98 -13.38
N LEU A 263 7.18 15.54 -14.42
CA LEU A 263 7.18 16.25 -15.69
C LEU A 263 7.06 15.28 -16.86
N ASP A 264 7.17 15.80 -18.08
CA ASP A 264 7.08 14.97 -19.27
C ASP A 264 8.45 14.44 -19.67
N GLY A 265 9.43 15.33 -19.77
CA GLY A 265 10.77 14.93 -20.14
C GLY A 265 11.10 15.26 -21.58
N LYS A 266 10.78 16.48 -21.99
CA LYS A 266 11.05 16.93 -23.35
C LYS A 266 10.73 18.41 -23.51
N ASN A 267 11.77 19.20 -23.78
CA ASN A 267 11.61 20.64 -23.95
C ASN A 267 10.68 20.95 -25.13
N VAL A 268 9.41 21.18 -24.81
CA VAL A 268 8.42 21.49 -25.84
C VAL A 268 7.63 22.74 -25.48
N ASN A 269 6.81 23.21 -26.41
CA ASN A 269 5.99 24.40 -26.20
C ASN A 269 5.04 24.20 -25.02
N ALA A 270 4.07 23.31 -25.20
CA ALA A 270 3.09 23.02 -24.16
C ALA A 270 3.67 22.07 -23.13
N GLY A 271 2.92 21.85 -22.05
CA GLY A 271 3.36 20.95 -21.00
C GLY A 271 3.68 21.68 -19.71
N GLY A 272 3.21 21.13 -18.59
CA GLY A 272 3.45 21.75 -17.30
C GLY A 272 4.04 20.78 -16.29
N HIS A 273 5.07 21.22 -15.58
CA HIS A 273 5.73 20.39 -14.58
C HIS A 273 5.05 20.55 -13.22
N LYS A 274 5.13 19.50 -12.40
CA LYS A 274 4.53 19.52 -11.07
C LYS A 274 5.55 19.12 -10.02
N LEU A 275 5.21 19.37 -8.76
CA LEU A 275 6.10 19.03 -7.65
C LEU A 275 5.30 18.62 -6.42
N GLY A 276 5.78 17.60 -5.72
CA GLY A 276 5.11 17.13 -4.52
C GLY A 276 5.90 17.39 -3.26
N LEU A 277 5.20 17.54 -2.14
CA LEU A 277 5.84 17.79 -0.86
C LEU A 277 5.38 16.80 0.20
N GLY A 278 6.29 16.41 1.07
CA GLY A 278 5.96 15.47 2.13
C GLY A 278 6.71 15.72 3.41
N LEU A 279 5.99 16.03 4.47
CA LEU A 279 6.61 16.30 5.77
C LEU A 279 6.68 15.03 6.61
N GLU A 280 7.89 14.52 6.81
CA GLU A 280 8.09 13.30 7.59
C GLU A 280 8.47 13.65 9.02
N PHE A 281 8.02 12.84 9.97
CA PHE A 281 8.33 13.05 11.38
C PHE A 281 8.80 11.76 12.05
N GLN A 282 9.81 11.89 12.91
CA GLN A 282 10.35 10.73 13.61
C GLN A 282 11.07 11.16 14.88
N ALA A 283 10.53 10.75 16.03
CA ALA A 283 11.11 11.08 17.32
C ALA A 283 10.95 9.93 18.31
N MET A 1 4.90 -12.65 13.93
CA MET A 1 6.34 -12.40 13.83
C MET A 1 6.89 -12.88 12.49
N ALA A 2 6.21 -12.48 11.41
CA ALA A 2 6.63 -12.87 10.07
C ALA A 2 7.16 -11.67 9.29
N VAL A 3 8.48 -11.61 9.14
CA VAL A 3 9.12 -10.51 8.42
C VAL A 3 10.33 -11.00 7.64
N PRO A 4 10.09 -11.73 6.55
CA PRO A 4 11.15 -12.28 5.70
C PRO A 4 11.88 -11.19 4.92
N PRO A 5 13.03 -11.55 4.32
CA PRO A 5 13.83 -10.61 3.53
C PRO A 5 13.16 -10.22 2.22
N THR A 6 12.40 -11.15 1.64
CA THR A 6 11.71 -10.89 0.39
C THR A 6 10.32 -10.33 0.64
N TYR A 7 10.24 -9.32 1.51
CA TYR A 7 8.98 -8.68 1.84
C TYR A 7 8.30 -8.13 0.59
N ALA A 8 9.09 -7.88 -0.45
CA ALA A 8 8.57 -7.36 -1.70
C ALA A 8 8.16 -8.49 -2.64
N ASP A 9 8.03 -9.69 -2.09
CA ASP A 9 7.64 -10.86 -2.88
C ASP A 9 6.13 -11.07 -2.84
N LEU A 10 5.40 -9.98 -2.67
CA LEU A 10 3.94 -10.04 -2.60
C LEU A 10 3.34 -10.14 -4.01
N GLY A 11 2.01 -10.23 -4.07
CA GLY A 11 1.35 -10.33 -5.35
C GLY A 11 1.29 -8.99 -6.08
N LYS A 12 0.23 -8.78 -6.85
CA LYS A 12 0.06 -7.55 -7.60
C LYS A 12 0.26 -6.33 -6.70
N SER A 13 -0.04 -6.49 -5.41
CA SER A 13 0.10 -5.41 -4.45
C SER A 13 1.51 -4.81 -4.52
N ALA A 14 2.49 -5.64 -4.82
CA ALA A 14 3.88 -5.19 -4.92
C ALA A 14 4.01 -4.07 -5.95
N ARG A 15 3.07 -4.01 -6.88
CA ARG A 15 3.09 -2.98 -7.91
C ARG A 15 2.64 -1.63 -7.36
N ASP A 16 1.83 -1.68 -6.30
CA ASP A 16 1.34 -0.46 -5.66
C ASP A 16 2.19 -0.09 -4.45
N VAL A 17 2.48 -1.08 -3.61
CA VAL A 17 3.27 -0.87 -2.41
C VAL A 17 4.76 -0.84 -2.75
N PHE A 18 5.08 -1.02 -4.02
CA PHE A 18 6.47 -1.00 -4.47
C PHE A 18 7.30 -0.03 -3.65
N THR A 19 6.76 1.16 -3.44
CA THR A 19 7.45 2.19 -2.67
C THR A 19 6.90 2.29 -1.25
N LYS A 20 5.70 2.87 -1.12
CA LYS A 20 5.06 3.02 0.18
C LYS A 20 3.78 2.20 0.25
N GLY A 21 2.74 2.68 -0.44
CA GLY A 21 1.47 1.98 -0.44
C GLY A 21 0.94 1.73 -1.83
N TYR A 22 0.72 2.81 -2.58
CA TYR A 22 0.21 2.71 -3.94
C TYR A 22 0.91 3.70 -4.87
N GLY A 23 1.27 4.85 -4.31
CA GLY A 23 1.95 5.86 -5.09
C GLY A 23 1.02 6.99 -5.51
N PHE A 24 0.38 7.62 -4.54
CA PHE A 24 -0.55 8.72 -4.81
C PHE A 24 0.20 10.04 -4.93
N GLY A 25 -0.49 11.06 -5.45
CA GLY A 25 0.14 12.36 -5.62
C GLY A 25 -0.57 13.44 -4.82
N LEU A 26 -0.07 13.72 -3.63
CA LEU A 26 -0.66 14.74 -2.77
C LEU A 26 0.21 14.99 -1.54
N ILE A 27 -0.16 15.99 -0.76
CA ILE A 27 0.59 16.34 0.45
C ILE A 27 0.05 15.59 1.66
N LYS A 28 0.78 14.59 2.11
CA LYS A 28 0.38 13.79 3.26
C LYS A 28 1.42 13.88 4.38
N LEU A 29 0.93 14.00 5.61
CA LEU A 29 1.81 14.09 6.77
C LEU A 29 1.71 12.85 7.64
N ASP A 30 2.76 12.56 8.40
CA ASP A 30 2.79 11.41 9.27
C ASP A 30 3.75 11.63 10.44
N LEU A 31 3.22 11.56 11.66
CA LEU A 31 4.02 11.76 12.86
C LEU A 31 3.83 10.60 13.83
N LYS A 32 4.79 9.66 13.83
CA LYS A 32 4.72 8.51 14.71
C LYS A 32 5.23 8.86 16.11
N THR A 33 4.41 8.62 17.11
CA THR A 33 4.77 8.91 18.49
C THR A 33 4.32 7.79 19.43
N LYS A 34 5.28 7.09 20.01
CA LYS A 34 4.99 6.00 20.93
C LYS A 34 6.27 5.46 21.56
N SER A 35 6.12 4.72 22.66
CA SER A 35 7.26 4.15 23.35
C SER A 35 6.98 2.71 23.75
N GLU A 36 6.27 1.99 22.89
CA GLU A 36 5.94 0.59 23.14
C GLU A 36 5.31 0.42 24.53
N ASN A 37 4.29 1.23 24.81
CA ASN A 37 3.61 1.17 26.10
C ASN A 37 2.12 0.91 25.91
N GLY A 38 1.80 -0.12 25.12
CA GLY A 38 0.42 -0.47 24.87
C GLY A 38 -0.39 0.71 24.39
N LEU A 39 0.23 1.60 23.63
CA LEU A 39 -0.44 2.78 23.10
C LEU A 39 0.39 3.43 21.99
N GLU A 40 -0.25 3.64 20.84
CA GLU A 40 0.42 4.26 19.70
C GLU A 40 -0.28 5.54 19.27
N PHE A 41 0.50 6.61 19.08
CA PHE A 41 -0.04 7.89 18.68
C PHE A 41 0.57 8.36 17.36
N THR A 42 -0.16 8.16 16.28
CA THR A 42 0.31 8.55 14.94
C THR A 42 -0.57 9.65 14.36
N SER A 43 -0.02 10.85 14.25
CA SER A 43 -0.75 11.98 13.70
C SER A 43 -0.47 12.14 12.21
N SER A 44 -1.47 11.85 11.39
CA SER A 44 -1.34 11.96 9.94
C SER A 44 -2.12 13.15 9.41
N GLY A 45 -1.57 13.79 8.38
CA GLY A 45 -2.22 14.95 7.79
C GLY A 45 -2.65 14.71 6.35
N SER A 46 -3.72 15.38 5.93
CA SER A 46 -4.24 15.22 4.58
C SER A 46 -4.34 16.58 3.88
N ALA A 47 -3.58 16.75 2.81
CA ALA A 47 -3.59 17.99 2.06
C ALA A 47 -3.49 17.73 0.56
N ASN A 48 -4.52 18.11 -0.18
CA ASN A 48 -4.55 17.92 -1.62
C ASN A 48 -3.78 19.03 -2.33
N THR A 49 -3.73 18.94 -3.67
CA THR A 49 -3.03 19.94 -4.46
C THR A 49 -4.00 20.75 -5.31
N GLU A 50 -3.72 22.04 -5.44
CA GLU A 50 -4.58 22.93 -6.23
C GLU A 50 -6.01 22.89 -5.72
N THR A 51 -6.16 22.77 -4.40
CA THR A 51 -7.49 22.71 -3.79
C THR A 51 -7.41 23.05 -2.30
N THR A 52 -8.34 23.87 -1.84
CA THR A 52 -8.38 24.27 -0.43
C THR A 52 -9.24 23.31 0.39
N LYS A 53 -8.72 22.12 0.62
CA LYS A 53 -9.43 21.11 1.39
C LYS A 53 -8.49 20.41 2.37
N VAL A 54 -8.08 21.12 3.41
CA VAL A 54 -7.18 20.56 4.41
C VAL A 54 -7.93 19.63 5.35
N THR A 55 -7.29 18.51 5.70
CA THR A 55 -7.89 17.53 6.59
C THR A 55 -6.84 16.89 7.49
N GLY A 56 -7.30 16.10 8.47
CA GLY A 56 -6.39 15.45 9.38
C GLY A 56 -6.85 14.06 9.76
N SER A 57 -5.93 13.22 10.23
CA SER A 57 -6.26 11.86 10.63
C SER A 57 -5.22 11.34 11.63
N LEU A 58 -5.58 11.38 12.90
CA LEU A 58 -4.69 10.91 13.96
C LEU A 58 -5.10 9.51 14.43
N GLU A 59 -4.32 8.51 14.05
CA GLU A 59 -4.60 7.13 14.43
C GLU A 59 -4.09 6.84 15.85
N THR A 60 -4.94 6.22 16.66
CA THR A 60 -4.57 5.88 18.04
C THR A 60 -4.77 4.40 18.31
N LYS A 61 -3.68 3.71 18.60
CA LYS A 61 -3.74 2.27 18.89
C LYS A 61 -3.69 2.02 20.39
N TYR A 62 -4.37 0.97 20.83
CA TYR A 62 -4.40 0.62 22.25
C TYR A 62 -4.50 -0.90 22.43
N ARG A 63 -3.61 -1.44 23.25
CA ARG A 63 -3.60 -2.88 23.51
C ARG A 63 -4.40 -3.21 24.76
N TRP A 64 -4.98 -4.42 24.79
CA TRP A 64 -5.78 -4.85 25.92
C TRP A 64 -4.91 -5.07 27.15
N THR A 65 -5.54 -5.15 28.32
CA THR A 65 -4.82 -5.37 29.56
C THR A 65 -5.25 -6.67 30.23
N GLU A 66 -6.52 -7.02 30.10
CA GLU A 66 -7.05 -8.24 30.68
C GLU A 66 -8.29 -8.71 29.94
N TYR A 67 -8.30 -8.50 28.62
CA TYR A 67 -9.43 -8.90 27.80
C TYR A 67 -8.97 -9.78 26.64
N GLY A 68 -8.23 -9.19 25.70
CA GLY A 68 -7.74 -9.94 24.56
C GLY A 68 -8.28 -9.41 23.25
N LEU A 69 -8.29 -8.09 23.11
CA LEU A 69 -8.78 -7.46 21.89
C LEU A 69 -8.01 -6.17 21.59
N THR A 70 -7.71 -5.95 20.32
CA THR A 70 -6.98 -4.76 19.90
C THR A 70 -7.93 -3.60 19.61
N PHE A 71 -7.56 -2.42 20.10
CA PHE A 71 -8.38 -1.23 19.90
C PHE A 71 -7.63 -0.19 19.07
N THR A 72 -8.32 0.37 18.08
CA THR A 72 -7.72 1.38 17.21
C THR A 72 -8.74 2.44 16.81
N VAL A 73 -8.62 3.62 17.38
CA VAL A 73 -9.53 4.72 17.07
C VAL A 73 -8.84 5.79 16.24
N LYS A 74 -9.64 6.52 15.45
CA LYS A 74 -9.11 7.58 14.59
C LYS A 74 -9.71 8.92 14.97
N TRP A 75 -8.88 9.78 15.57
CA TRP A 75 -9.32 11.12 15.97
C TRP A 75 -8.85 12.17 14.98
N ASN A 76 -9.79 12.82 14.31
CA ASN A 76 -9.47 13.85 13.33
C ASN A 76 -10.66 14.11 12.41
N THR A 77 -10.36 14.61 11.20
CA THR A 77 -11.39 14.90 10.22
C THR A 77 -10.96 14.47 8.83
N ASP A 78 -11.72 13.53 8.25
CA ASP A 78 -11.41 13.04 6.90
C ASP A 78 -12.51 12.09 6.42
N ASN A 79 -12.28 11.47 5.26
CA ASN A 79 -13.25 10.55 4.69
C ASN A 79 -13.18 9.19 5.38
N THR A 80 -13.80 9.11 6.56
CA THR A 80 -13.80 7.87 7.33
C THR A 80 -14.85 7.91 8.43
N LEU A 81 -15.01 6.81 9.15
CA LEU A 81 -15.98 6.72 10.24
C LEU A 81 -15.71 5.50 11.11
N GLY A 82 -16.44 5.39 12.22
CA GLY A 82 -16.27 4.27 13.11
C GLY A 82 -14.84 4.10 13.57
N THR A 83 -14.58 3.02 14.31
CA THR A 83 -13.24 2.76 14.82
C THR A 83 -12.80 1.33 14.47
N GLU A 84 -11.49 1.15 14.32
CA GLU A 84 -10.94 -0.17 13.99
C GLU A 84 -10.69 -0.99 15.27
N ILE A 85 -11.04 -2.27 15.21
CA ILE A 85 -10.85 -3.15 16.36
C ILE A 85 -10.57 -4.58 15.90
N THR A 86 -9.76 -5.30 16.67
CA THR A 86 -9.42 -6.68 16.35
C THR A 86 -9.82 -7.63 17.47
N VAL A 87 -10.45 -8.73 17.10
CA VAL A 87 -10.90 -9.72 18.09
C VAL A 87 -10.72 -11.14 17.55
N GLU A 88 -10.76 -12.11 18.45
CA GLU A 88 -10.61 -13.51 18.07
C GLU A 88 -11.70 -14.36 18.69
N ASP A 89 -11.59 -15.68 18.52
CA ASP A 89 -12.57 -16.61 19.06
C ASP A 89 -11.90 -17.61 20.01
N GLN A 90 -11.19 -18.57 19.44
CA GLN A 90 -10.50 -19.58 20.24
C GLN A 90 -9.53 -20.39 19.38
N LEU A 91 -8.30 -20.52 19.85
CA LEU A 91 -7.28 -21.26 19.13
C LEU A 91 -7.17 -20.77 17.68
N ALA A 92 -7.35 -19.47 17.49
CA ALA A 92 -7.27 -18.87 16.16
C ALA A 92 -5.88 -18.29 15.90
N ARG A 93 -4.86 -18.92 16.48
CA ARG A 93 -3.49 -18.46 16.32
C ARG A 93 -3.15 -18.28 14.84
N GLY A 94 -3.10 -17.04 14.39
CA GLY A 94 -2.80 -16.75 13.00
C GLY A 94 -3.97 -16.15 12.25
N LEU A 95 -5.17 -16.58 12.61
CA LEU A 95 -6.38 -16.09 11.96
C LEU A 95 -7.20 -15.22 12.92
N LYS A 96 -7.00 -13.91 12.83
CA LYS A 96 -7.72 -12.97 13.69
C LYS A 96 -8.73 -12.17 12.89
N LEU A 97 -9.72 -11.62 13.58
CA LEU A 97 -10.76 -10.83 12.93
C LEU A 97 -10.54 -9.33 13.16
N THR A 98 -10.60 -8.56 12.09
CA THR A 98 -10.39 -7.11 12.17
C THR A 98 -11.50 -6.37 11.43
N PHE A 99 -12.22 -5.52 12.16
CA PHE A 99 -13.30 -4.75 11.56
C PHE A 99 -13.32 -3.33 12.13
N ASP A 100 -13.76 -2.37 11.31
CA ASP A 100 -13.83 -0.98 11.72
C ASP A 100 -15.27 -0.58 12.04
N SER A 101 -15.66 -0.76 13.30
CA SER A 101 -17.02 -0.43 13.73
C SER A 101 -17.01 0.83 14.59
N SER A 102 -16.58 0.68 15.84
CA SER A 102 -16.52 1.80 16.76
C SER A 102 -16.11 1.35 18.16
N PHE A 103 -16.23 2.24 19.13
CA PHE A 103 -15.86 1.92 20.51
C PHE A 103 -17.00 1.18 21.22
N SER A 104 -18.24 1.55 20.89
CA SER A 104 -19.41 0.92 21.48
C SER A 104 -20.29 0.29 20.42
N PRO A 105 -19.79 -0.80 19.80
CA PRO A 105 -20.52 -1.52 18.76
C PRO A 105 -21.73 -2.26 19.30
N ASN A 106 -22.83 -1.54 19.50
CA ASN A 106 -24.06 -2.14 20.01
C ASN A 106 -25.24 -1.17 19.87
N THR A 107 -26.15 -1.50 18.97
CA THR A 107 -27.32 -0.66 18.74
C THR A 107 -26.94 0.81 18.63
N GLY A 108 -26.00 1.11 17.72
CA GLY A 108 -25.56 2.48 17.53
C GLY A 108 -25.24 2.79 16.08
N LYS A 109 -23.96 2.92 15.78
CA LYS A 109 -23.52 3.21 14.42
C LYS A 109 -23.72 2.01 13.51
N LYS A 110 -24.24 2.26 12.31
CA LYS A 110 -24.48 1.20 11.34
C LYS A 110 -23.26 1.00 10.44
N ASN A 111 -22.72 2.11 9.93
CA ASN A 111 -21.56 2.04 9.05
C ASN A 111 -20.39 1.34 9.75
N ALA A 112 -19.73 0.46 9.00
CA ALA A 112 -18.59 -0.28 9.54
C ALA A 112 -17.95 -1.16 8.47
N LYS A 113 -16.69 -1.50 8.68
CA LYS A 113 -15.96 -2.34 7.73
C LYS A 113 -15.59 -3.69 8.36
N ILE A 114 -15.56 -4.72 7.54
CA ILE A 114 -15.21 -6.06 8.01
C ILE A 114 -14.04 -6.64 7.23
N LYS A 115 -13.04 -7.15 7.95
CA LYS A 115 -11.87 -7.73 7.33
C LYS A 115 -11.36 -8.92 8.14
N THR A 116 -10.72 -9.86 7.46
CA THR A 116 -10.18 -11.05 8.12
C THR A 116 -8.69 -11.18 7.88
N GLY A 117 -7.92 -11.29 8.96
CA GLY A 117 -6.48 -11.42 8.84
C GLY A 117 -6.00 -12.83 9.11
N TYR A 118 -5.37 -13.45 8.12
CA TYR A 118 -4.87 -14.80 8.26
C TYR A 118 -3.38 -14.88 7.87
N LYS A 119 -2.54 -15.19 8.85
CA LYS A 119 -1.11 -15.30 8.61
C LYS A 119 -0.58 -16.66 9.07
N ARG A 120 0.14 -17.34 8.18
CA ARG A 120 0.70 -18.64 8.50
C ARG A 120 2.09 -18.81 7.89
N GLU A 121 2.95 -19.56 8.57
CA GLU A 121 4.30 -19.79 8.09
C GLU A 121 4.29 -20.28 6.64
N HIS A 122 3.29 -21.07 6.29
CA HIS A 122 3.16 -21.60 4.93
C HIS A 122 2.84 -20.48 3.94
N ILE A 123 1.71 -19.81 4.16
CA ILE A 123 1.29 -18.72 3.29
C ILE A 123 0.52 -17.66 4.07
N ASN A 124 0.09 -16.62 3.37
CA ASN A 124 -0.66 -15.53 3.99
C ASN A 124 -1.94 -15.25 3.23
N LEU A 125 -3.01 -14.93 3.97
CA LEU A 125 -4.30 -14.63 3.36
C LEU A 125 -5.04 -13.55 4.14
N GLY A 126 -5.81 -12.73 3.44
CA GLY A 126 -6.57 -11.68 4.10
C GLY A 126 -7.71 -11.17 3.24
N ALA A 127 -8.80 -10.79 3.89
CA ALA A 127 -9.97 -10.27 3.18
C ALA A 127 -10.32 -8.87 3.66
N ASP A 128 -10.50 -7.96 2.71
CA ASP A 128 -10.86 -6.57 3.03
C ASP A 128 -12.25 -6.23 2.51
N MET A 129 -13.20 -6.13 3.42
CA MET A 129 -14.58 -5.82 3.07
C MET A 129 -15.06 -4.57 3.80
N ASP A 130 -15.91 -3.78 3.15
CA ASP A 130 -16.43 -2.57 3.74
C ASP A 130 -17.97 -2.56 3.70
N PHE A 131 -18.59 -2.27 4.84
CA PHE A 131 -20.04 -2.23 4.93
C PHE A 131 -20.52 -0.83 5.32
N ASP A 132 -20.58 0.06 4.34
CA ASP A 132 -21.03 1.42 4.58
C ASP A 132 -22.55 1.51 4.51
N ILE A 133 -23.08 2.70 4.83
CA ILE A 133 -24.52 2.92 4.81
C ILE A 133 -25.11 2.49 3.47
N ALA A 134 -24.36 2.70 2.40
CA ALA A 134 -24.81 2.34 1.06
C ALA A 134 -23.63 2.22 0.09
N GLY A 135 -23.38 1.01 -0.38
CA GLY A 135 -22.28 0.79 -1.30
C GLY A 135 -21.17 -0.05 -0.69
N PRO A 136 -21.46 -1.33 -0.45
CA PRO A 136 -20.49 -2.27 0.14
C PRO A 136 -19.35 -2.60 -0.81
N SER A 137 -18.20 -2.99 -0.26
CA SER A 137 -17.04 -3.33 -1.07
C SER A 137 -16.49 -4.70 -0.66
N ILE A 138 -16.21 -5.52 -1.67
CA ILE A 138 -15.68 -6.86 -1.43
C ILE A 138 -14.28 -7.01 -2.02
N ARG A 139 -13.26 -6.85 -1.18
CA ARG A 139 -11.88 -6.96 -1.62
C ARG A 139 -11.17 -8.12 -0.90
N GLY A 140 -10.11 -8.62 -1.51
CA GLY A 140 -9.37 -9.72 -0.91
C GLY A 140 -7.92 -9.75 -1.37
N ALA A 141 -7.12 -10.58 -0.71
CA ALA A 141 -5.71 -10.71 -1.06
C ALA A 141 -5.12 -12.01 -0.52
N LEU A 142 -4.57 -12.82 -1.41
CA LEU A 142 -3.98 -14.10 -1.01
C LEU A 142 -2.58 -14.25 -1.60
N VAL A 143 -1.59 -14.39 -0.73
CA VAL A 143 -0.21 -14.54 -1.16
C VAL A 143 0.34 -15.90 -0.75
N LEU A 144 0.75 -16.69 -1.73
CA LEU A 144 1.30 -18.02 -1.48
C LEU A 144 2.67 -18.17 -2.12
N GLY A 145 3.50 -19.04 -1.54
CA GLY A 145 4.83 -19.26 -2.07
C GLY A 145 5.11 -20.73 -2.36
N TYR A 146 5.74 -21.00 -3.49
CA TYR A 146 6.05 -22.37 -3.88
C TYR A 146 7.53 -22.67 -3.66
N GLU A 147 7.95 -23.87 -4.06
CA GLU A 147 9.34 -24.28 -3.91
C GLU A 147 10.21 -23.72 -5.03
N GLY A 148 10.19 -22.40 -5.18
CA GLY A 148 10.97 -21.76 -6.23
C GLY A 148 10.37 -20.45 -6.69
N TRP A 149 9.05 -20.45 -6.88
CA TRP A 149 8.35 -19.24 -7.32
C TRP A 149 7.13 -18.98 -6.46
N LEU A 150 6.73 -17.71 -6.39
CA LEU A 150 5.57 -17.32 -5.59
C LEU A 150 4.33 -17.16 -6.47
N ALA A 151 3.17 -17.39 -5.89
CA ALA A 151 1.91 -17.26 -6.62
C ALA A 151 0.76 -16.89 -5.67
N GLY A 152 -0.26 -16.24 -6.22
CA GLY A 152 -1.40 -15.84 -5.42
C GLY A 152 -2.43 -15.06 -6.22
N TYR A 153 -3.38 -14.45 -5.52
CA TYR A 153 -4.43 -13.67 -6.18
C TYR A 153 -5.03 -12.65 -5.22
N GLN A 154 -5.21 -11.43 -5.71
CA GLN A 154 -5.78 -10.36 -4.89
C GLN A 154 -6.72 -9.49 -5.72
N MET A 155 -7.51 -8.67 -5.03
CA MET A 155 -8.46 -7.78 -5.70
C MET A 155 -8.89 -6.65 -4.77
N ASN A 156 -8.44 -5.44 -5.07
CA ASN A 156 -8.78 -4.27 -4.26
C ASN A 156 -9.35 -3.16 -5.12
N PHE A 157 -8.72 -2.93 -6.27
CA PHE A 157 -9.17 -1.88 -7.19
C PHE A 157 -10.10 -2.46 -8.25
N GLU A 158 -10.78 -1.58 -8.98
CA GLU A 158 -11.71 -2.00 -10.01
C GLU A 158 -11.31 -1.41 -11.37
N THR A 159 -11.35 -0.09 -11.46
CA THR A 159 -11.00 0.60 -12.70
C THR A 159 -11.81 0.07 -13.87
N ALA A 160 -13.10 -0.17 -13.64
CA ALA A 160 -13.98 -0.68 -14.67
C ALA A 160 -15.44 -0.50 -14.28
N LYS A 161 -16.28 -0.14 -15.26
CA LYS A 161 -17.70 0.05 -15.01
C LYS A 161 -18.49 -1.21 -15.33
N SER A 162 -18.40 -1.66 -16.58
CA SER A 162 -19.11 -2.85 -17.02
C SER A 162 -18.61 -4.08 -16.27
N ARG A 163 -17.28 -4.21 -16.17
CA ARG A 163 -16.68 -5.35 -15.48
C ARG A 163 -16.91 -5.25 -13.98
N VAL A 164 -17.20 -6.40 -13.36
CA VAL A 164 -17.45 -6.45 -11.93
C VAL A 164 -16.30 -7.13 -11.20
N THR A 165 -16.14 -8.43 -11.45
CA THR A 165 -15.07 -9.20 -10.81
C THR A 165 -13.74 -9.00 -11.53
N GLN A 166 -12.89 -8.13 -11.00
CA GLN A 166 -11.59 -7.86 -11.59
C GLN A 166 -10.48 -8.53 -10.79
N SER A 167 -10.67 -9.79 -10.45
CA SER A 167 -9.68 -10.54 -9.68
C SER A 167 -8.34 -10.58 -10.41
N ASN A 168 -7.27 -10.32 -9.69
CA ASN A 168 -5.92 -10.32 -10.26
C ASN A 168 -5.12 -11.49 -9.73
N PHE A 169 -4.41 -12.17 -10.63
CA PHE A 169 -3.58 -13.31 -10.26
C PHE A 169 -2.10 -12.98 -10.38
N ALA A 170 -1.35 -13.28 -9.32
CA ALA A 170 0.09 -13.02 -9.31
C ALA A 170 0.89 -14.31 -9.43
N VAL A 171 1.88 -14.31 -10.32
CA VAL A 171 2.72 -15.49 -10.54
C VAL A 171 4.12 -15.08 -10.98
N GLY A 172 5.12 -15.50 -10.22
CA GLY A 172 6.49 -15.18 -10.56
C GLY A 172 7.40 -15.19 -9.35
N TYR A 173 8.54 -14.51 -9.46
CA TYR A 173 9.50 -14.44 -8.36
C TYR A 173 10.24 -13.10 -8.37
N LYS A 174 10.08 -12.35 -7.28
CA LYS A 174 10.74 -11.05 -7.16
C LYS A 174 11.43 -10.92 -5.81
N THR A 175 12.75 -10.73 -5.84
CA THR A 175 13.53 -10.58 -4.63
C THR A 175 14.43 -9.36 -4.69
N ASP A 176 14.74 -8.79 -3.53
CA ASP A 176 15.60 -7.62 -3.47
C ASP A 176 16.91 -7.86 -4.21
N GLU A 177 17.29 -9.12 -4.34
CA GLU A 177 18.52 -9.49 -5.03
C GLU A 177 18.41 -9.18 -6.52
N PHE A 178 17.70 -10.04 -7.24
CA PHE A 178 17.51 -9.86 -8.68
C PHE A 178 16.61 -10.95 -9.25
N GLN A 179 15.35 -10.61 -9.47
CA GLN A 179 14.38 -11.55 -10.02
C GLN A 179 13.30 -10.83 -10.82
N LEU A 180 12.27 -11.57 -11.21
CA LEU A 180 11.17 -11.00 -11.98
C LEU A 180 9.86 -11.70 -11.64
N HIS A 181 8.81 -10.90 -11.41
CA HIS A 181 7.50 -11.44 -11.09
C HIS A 181 6.48 -11.07 -12.16
N THR A 182 5.52 -11.97 -12.39
CA THR A 182 4.48 -11.74 -13.39
C THR A 182 3.09 -11.78 -12.78
N ASN A 183 2.09 -11.41 -13.56
CA ASN A 183 0.71 -11.40 -13.09
C ASN A 183 -0.25 -11.03 -14.20
N VAL A 184 -1.49 -11.51 -14.10
CA VAL A 184 -2.51 -11.23 -15.11
C VAL A 184 -3.80 -10.74 -14.47
N ASN A 185 -4.58 -9.99 -15.22
CA ASN A 185 -5.84 -9.45 -14.73
C ASN A 185 -7.00 -9.88 -15.62
N ASP A 186 -7.99 -10.54 -15.02
CA ASP A 186 -9.15 -11.01 -15.77
C ASP A 186 -8.73 -11.81 -16.99
N GLY A 187 -7.61 -12.50 -16.89
CA GLY A 187 -7.11 -13.30 -18.00
C GLY A 187 -7.08 -12.51 -19.30
N THR A 188 -6.85 -11.20 -19.19
CA THR A 188 -6.80 -10.33 -20.36
C THR A 188 -5.60 -9.38 -20.28
N GLU A 189 -5.48 -8.69 -19.16
CA GLU A 189 -4.39 -7.74 -18.95
C GLU A 189 -3.12 -8.46 -18.50
N PHE A 190 -1.98 -8.03 -19.03
CA PHE A 190 -0.70 -8.63 -18.69
C PHE A 190 0.15 -7.68 -17.88
N GLY A 191 0.81 -8.20 -16.84
CA GLY A 191 1.65 -7.37 -16.00
C GLY A 191 2.85 -8.13 -15.46
N GLY A 192 3.96 -7.42 -15.28
CA GLY A 192 5.17 -8.05 -14.76
C GLY A 192 6.14 -7.05 -14.18
N SER A 193 6.55 -7.28 -12.93
CA SER A 193 7.48 -6.38 -12.26
C SER A 193 8.83 -7.07 -12.05
N ILE A 194 9.88 -6.45 -12.57
CA ILE A 194 11.24 -7.00 -12.43
C ILE A 194 12.09 -6.12 -11.53
N TYR A 195 12.88 -6.76 -10.67
CA TYR A 195 13.75 -6.04 -9.75
C TYR A 195 15.17 -6.60 -9.79
N GLN A 196 16.16 -5.73 -9.64
CA GLN A 196 17.55 -6.15 -9.66
C GLN A 196 18.45 -5.04 -9.13
N LYS A 197 19.51 -5.42 -8.41
CA LYS A 197 20.44 -4.46 -7.85
C LYS A 197 21.84 -4.68 -8.43
N VAL A 198 22.26 -3.78 -9.31
CA VAL A 198 23.57 -3.85 -9.93
C VAL A 198 24.67 -3.57 -8.92
N ASN A 199 24.39 -2.65 -8.00
CA ASN A 199 25.37 -2.28 -6.97
C ASN A 199 24.79 -2.49 -5.57
N LYS A 200 25.63 -2.30 -4.56
CA LYS A 200 25.20 -2.48 -3.17
C LYS A 200 24.37 -1.26 -2.72
N LYS A 201 24.90 -0.08 -2.97
CA LYS A 201 24.21 1.16 -2.59
C LYS A 201 23.38 1.70 -3.74
N LEU A 202 22.69 0.80 -4.44
CA LEU A 202 21.85 1.19 -5.57
C LEU A 202 20.91 0.06 -5.97
N GLU A 203 19.73 0.42 -6.45
CA GLU A 203 18.74 -0.57 -6.87
C GLU A 203 17.98 -0.09 -8.11
N THR A 204 17.66 -1.03 -8.98
CA THR A 204 16.94 -0.71 -10.22
C THR A 204 15.81 -1.72 -10.47
N ALA A 205 14.76 -1.26 -11.14
CA ALA A 205 13.62 -2.12 -11.45
C ALA A 205 12.85 -1.58 -12.65
N VAL A 206 11.92 -2.39 -13.14
CA VAL A 206 11.11 -1.99 -14.30
C VAL A 206 9.72 -2.63 -14.24
N ASN A 207 8.70 -1.85 -14.53
CA ASN A 207 7.32 -2.34 -14.51
C ASN A 207 6.74 -2.36 -15.92
N LEU A 208 6.45 -3.56 -16.41
CA LEU A 208 5.87 -3.73 -17.74
C LEU A 208 4.52 -4.41 -17.68
N ALA A 209 3.48 -3.70 -18.11
CA ALA A 209 2.13 -4.24 -18.11
C ALA A 209 1.33 -3.72 -19.29
N TRP A 210 0.77 -4.65 -20.07
CA TRP A 210 -0.01 -4.30 -21.24
C TRP A 210 -1.50 -4.53 -21.00
N THR A 211 -2.34 -3.82 -21.75
CA THR A 211 -3.79 -3.96 -21.60
C THR A 211 -4.43 -4.42 -22.91
N ALA A 212 -5.76 -4.39 -22.95
CA ALA A 212 -6.49 -4.80 -24.15
C ALA A 212 -5.87 -4.20 -25.41
N GLY A 213 -5.29 -3.01 -25.26
CA GLY A 213 -4.67 -2.36 -26.40
C GLY A 213 -5.15 -0.93 -26.57
N ASN A 214 -4.91 -0.10 -25.56
CA ASN A 214 -5.33 1.30 -25.60
C ASN A 214 -4.15 2.22 -25.28
N SER A 215 -4.46 3.49 -25.02
CA SER A 215 -3.43 4.48 -24.70
C SER A 215 -3.19 4.53 -23.19
N ASN A 216 -3.63 3.49 -22.49
CA ASN A 216 -3.46 3.43 -21.04
C ASN A 216 -2.41 2.38 -20.66
N THR A 217 -1.55 2.06 -21.60
CA THR A 217 -0.50 1.07 -21.37
C THR A 217 0.21 1.32 -20.04
N ARG A 218 0.79 0.26 -19.47
CA ARG A 218 1.49 0.37 -18.20
C ARG A 218 2.92 -0.14 -18.33
N PHE A 219 3.65 0.39 -19.30
CA PHE A 219 5.03 0.00 -19.53
C PHE A 219 6.00 1.13 -19.20
N GLY A 220 6.97 0.85 -18.33
CA GLY A 220 7.94 1.85 -17.94
C GLY A 220 8.99 1.32 -16.99
N ILE A 221 10.08 2.05 -16.85
CA ILE A 221 11.17 1.63 -15.96
C ILE A 221 11.28 2.56 -14.75
N ALA A 222 11.99 2.09 -13.73
CA ALA A 222 12.17 2.88 -12.51
C ALA A 222 13.53 2.60 -11.88
N ALA A 223 14.32 3.66 -11.70
CA ALA A 223 15.64 3.53 -11.10
C ALA A 223 15.68 4.15 -9.72
N LYS A 224 16.41 3.52 -8.81
CA LYS A 224 16.53 4.01 -7.44
C LYS A 224 18.00 4.13 -7.03
N TYR A 225 18.41 5.36 -6.70
CA TYR A 225 19.79 5.61 -6.29
C TYR A 225 19.88 5.86 -4.79
N GLN A 226 20.65 5.03 -4.10
CA GLN A 226 20.82 5.16 -2.65
C GLN A 226 22.26 5.48 -2.31
N ILE A 227 22.68 6.70 -2.62
CA ILE A 227 24.05 7.15 -2.34
C ILE A 227 24.39 6.97 -0.87
N ASP A 228 23.40 7.18 0.00
CA ASP A 228 23.59 7.03 1.43
C ASP A 228 22.32 6.51 2.10
N PRO A 229 22.48 5.96 3.31
CA PRO A 229 21.37 5.41 4.08
C PRO A 229 20.41 6.49 4.59
N ASP A 230 20.98 7.66 4.89
CA ASP A 230 20.19 8.78 5.38
C ASP A 230 19.60 9.58 4.23
N ALA A 231 20.37 9.69 3.15
CA ALA A 231 19.91 10.43 1.97
C ALA A 231 19.85 9.53 0.74
N SER A 232 18.70 9.50 0.09
CA SER A 232 18.51 8.67 -1.09
C SER A 232 17.53 9.32 -2.06
N PHE A 233 17.69 9.04 -3.34
CA PHE A 233 16.82 9.59 -4.37
C PHE A 233 16.50 8.55 -5.44
N SER A 234 15.30 8.62 -5.99
CA SER A 234 14.87 7.68 -7.02
C SER A 234 14.01 8.38 -8.08
N ALA A 235 14.10 7.91 -9.31
CA ALA A 235 13.33 8.49 -10.41
C ALA A 235 12.72 7.41 -11.29
N LYS A 236 11.48 7.62 -11.71
CA LYS A 236 10.79 6.66 -12.55
C LYS A 236 10.51 7.25 -13.94
N VAL A 237 10.84 6.48 -14.97
CA VAL A 237 10.62 6.92 -16.35
C VAL A 237 9.66 6.00 -17.08
N ASN A 238 8.78 6.60 -17.88
CA ASN A 238 7.78 5.83 -18.63
C ASN A 238 7.10 6.71 -19.67
N ASN A 239 7.15 6.29 -20.93
CA ASN A 239 6.52 7.04 -22.01
C ASN A 239 5.02 6.83 -22.01
N SER A 240 4.57 5.67 -21.55
CA SER A 240 3.15 5.34 -21.49
C SER A 240 2.38 6.45 -20.79
N SER A 241 2.75 6.73 -19.54
CA SER A 241 2.08 7.76 -18.76
C SER A 241 3.08 8.80 -18.26
N LEU A 242 2.63 9.68 -17.37
CA LEU A 242 3.48 10.72 -16.82
C LEU A 242 4.69 10.12 -16.12
N ILE A 243 5.78 10.89 -16.07
CA ILE A 243 7.00 10.44 -15.42
C ILE A 243 7.05 10.87 -13.95
N GLY A 244 7.90 10.22 -13.18
CA GLY A 244 8.02 10.56 -11.77
C GLY A 244 9.47 10.73 -11.33
N LEU A 245 9.68 11.50 -10.27
CA LEU A 245 11.02 11.75 -9.76
C LEU A 245 10.97 12.34 -8.36
N GLY A 246 11.47 11.59 -7.38
CA GLY A 246 11.48 12.06 -6.01
C GLY A 246 12.67 11.56 -5.24
N TYR A 247 12.64 11.75 -3.92
CA TYR A 247 13.73 11.31 -3.05
C TYR A 247 13.28 11.26 -1.59
N THR A 248 14.10 10.63 -0.75
CA THR A 248 13.78 10.51 0.67
C THR A 248 15.00 10.79 1.52
N GLN A 249 14.79 11.42 2.68
CA GLN A 249 15.87 11.75 3.59
C GLN A 249 15.53 11.35 5.02
N THR A 250 15.96 10.16 5.41
CA THR A 250 15.69 9.66 6.76
C THR A 250 16.91 9.84 7.66
N LEU A 251 17.27 11.10 7.91
CA LEU A 251 18.42 11.40 8.76
C LEU A 251 18.19 10.91 10.18
N LYS A 252 18.68 9.71 10.48
CA LYS A 252 18.53 9.12 11.81
C LYS A 252 17.06 8.88 12.13
N PRO A 253 16.81 8.01 13.12
CA PRO A 253 15.45 7.67 13.55
C PRO A 253 14.77 8.83 14.27
N GLY A 254 14.27 9.80 13.51
CA GLY A 254 13.61 10.95 14.09
C GLY A 254 12.99 11.86 13.06
N ILE A 255 13.68 12.00 11.92
CA ILE A 255 13.19 12.85 10.85
C ILE A 255 13.24 12.12 9.51
N LYS A 256 12.14 12.18 8.77
CA LYS A 256 12.05 11.53 7.46
C LYS A 256 11.32 12.42 6.46
N LEU A 257 12.06 13.00 5.53
CA LEU A 257 11.48 13.86 4.51
C LEU A 257 11.33 13.12 3.18
N THR A 258 10.11 13.05 2.67
CA THR A 258 9.84 12.38 1.42
C THR A 258 9.19 13.33 0.41
N LEU A 259 9.77 13.40 -0.78
CA LEU A 259 9.24 14.27 -1.83
C LEU A 259 9.11 13.51 -3.15
N SER A 260 8.04 13.79 -3.89
CA SER A 260 7.80 13.14 -5.16
C SER A 260 7.28 14.14 -6.20
N ALA A 261 7.92 14.14 -7.36
CA ALA A 261 7.54 15.05 -8.44
C ALA A 261 7.02 14.28 -9.65
N LEU A 262 5.78 14.56 -10.04
CA LEU A 262 5.17 13.88 -11.19
C LEU A 262 5.04 14.84 -12.36
N LEU A 263 5.77 14.56 -13.44
CA LEU A 263 5.73 15.39 -14.64
C LEU A 263 4.85 14.76 -15.71
N ASP A 264 3.76 15.43 -16.05
CA ASP A 264 2.84 14.94 -17.07
C ASP A 264 3.02 15.69 -18.38
N GLY A 265 2.55 15.09 -19.48
CA GLY A 265 2.68 15.72 -20.78
C GLY A 265 2.14 17.14 -20.79
N LYS A 266 1.09 17.38 -20.01
CA LYS A 266 0.48 18.69 -19.94
C LYS A 266 -0.10 19.10 -21.28
N ASN A 267 -0.96 18.24 -21.84
CA ASN A 267 -1.60 18.52 -23.12
C ASN A 267 -2.60 19.66 -23.00
N VAL A 268 -3.24 19.99 -24.11
CA VAL A 268 -4.22 21.06 -24.14
C VAL A 268 -5.27 20.87 -23.05
N ASN A 269 -5.62 19.61 -22.79
CA ASN A 269 -6.61 19.30 -21.76
C ASN A 269 -6.23 19.91 -20.43
N ALA A 270 -7.14 19.82 -19.46
CA ALA A 270 -6.90 20.38 -18.13
C ALA A 270 -6.41 19.29 -17.17
N GLY A 271 -5.56 19.68 -16.23
CA GLY A 271 -5.03 18.74 -15.26
C GLY A 271 -4.09 17.72 -15.90
N GLY A 272 -3.01 17.41 -15.20
CA GLY A 272 -2.04 16.46 -15.72
C GLY A 272 -0.90 16.21 -14.77
N HIS A 273 -0.07 17.24 -14.57
CA HIS A 273 1.08 17.14 -13.68
C HIS A 273 0.63 16.91 -12.23
N LYS A 274 1.50 16.31 -11.44
CA LYS A 274 1.19 16.02 -10.04
C LYS A 274 2.40 16.33 -9.15
N LEU A 275 2.12 16.71 -7.90
CA LEU A 275 3.17 17.03 -6.95
C LEU A 275 2.93 16.34 -5.61
N GLY A 276 3.68 15.28 -5.34
CA GLY A 276 3.52 14.55 -4.10
C GLY A 276 4.48 15.02 -3.03
N LEU A 277 3.98 15.16 -1.80
CA LEU A 277 4.80 15.62 -0.70
C LEU A 277 4.50 14.81 0.57
N GLY A 278 5.44 13.94 0.94
CA GLY A 278 5.26 13.12 2.12
C GLY A 278 6.17 13.54 3.26
N LEU A 279 5.57 13.98 4.37
CA LEU A 279 6.34 14.41 5.53
C LEU A 279 6.25 13.38 6.65
N GLU A 280 7.38 12.75 6.96
CA GLU A 280 7.42 11.74 8.01
C GLU A 280 8.25 12.23 9.20
N PHE A 281 7.70 12.10 10.39
CA PHE A 281 8.39 12.53 11.61
C PHE A 281 8.17 11.53 12.74
N GLN A 282 9.15 11.45 13.64
CA GLN A 282 9.07 10.54 14.77
C GLN A 282 9.60 11.19 16.05
N ALA A 283 8.90 10.98 17.15
CA ALA A 283 9.30 11.55 18.44
C ALA A 283 9.25 10.50 19.54
N MET A 1 8.02 -9.84 15.33
CA MET A 1 7.01 -8.92 14.80
C MET A 1 6.52 -9.37 13.42
N ALA A 2 7.46 -9.43 12.47
CA ALA A 2 7.12 -9.85 11.11
C ALA A 2 6.00 -8.99 10.54
N VAL A 3 6.20 -7.68 10.53
CA VAL A 3 5.20 -6.76 10.00
C VAL A 3 5.79 -5.86 8.92
N PRO A 4 6.01 -6.45 7.73
CA PRO A 4 6.57 -5.71 6.59
C PRO A 4 5.60 -4.68 6.02
N PRO A 5 6.15 -3.61 5.44
CA PRO A 5 5.35 -2.53 4.85
C PRO A 5 4.64 -2.98 3.58
N THR A 6 5.38 -3.55 2.65
CA THR A 6 4.83 -4.02 1.40
C THR A 6 5.22 -5.47 1.12
N TYR A 7 6.37 -5.87 1.64
CA TYR A 7 6.87 -7.22 1.44
C TYR A 7 5.73 -8.24 1.52
N ALA A 8 5.14 -8.37 2.70
CA ALA A 8 4.03 -9.29 2.91
C ALA A 8 2.69 -8.57 2.85
N ASP A 9 2.70 -7.34 2.35
CA ASP A 9 1.49 -6.54 2.24
C ASP A 9 1.23 -6.12 0.80
N LEU A 10 1.71 -6.93 -0.13
CA LEU A 10 1.54 -6.65 -1.56
C LEU A 10 0.16 -6.04 -1.83
N GLY A 11 0.15 -4.79 -2.28
CA GLY A 11 -1.11 -4.11 -2.57
C GLY A 11 -1.35 -3.97 -4.05
N LYS A 12 -2.54 -3.48 -4.42
CA LYS A 12 -2.90 -3.30 -5.81
C LYS A 12 -2.58 -1.88 -6.27
N SER A 13 -2.60 -0.93 -5.33
CA SER A 13 -2.31 0.46 -5.64
C SER A 13 -1.01 0.59 -6.42
N ALA A 14 -0.10 -0.35 -6.19
CA ALA A 14 1.19 -0.33 -6.87
C ALA A 14 1.01 -0.19 -8.38
N ARG A 15 -0.10 -0.71 -8.89
CA ARG A 15 -0.38 -0.63 -10.32
C ARG A 15 -0.98 0.72 -10.68
N ASP A 16 -1.70 1.32 -9.74
CA ASP A 16 -2.32 2.62 -9.96
C ASP A 16 -1.35 3.75 -9.66
N VAL A 17 -0.19 3.40 -9.10
CA VAL A 17 0.83 4.38 -8.75
C VAL A 17 1.09 5.33 -9.92
N PHE A 18 0.91 4.83 -11.14
CA PHE A 18 1.14 5.63 -12.33
C PHE A 18 0.40 6.97 -12.24
N THR A 19 -0.76 6.94 -11.58
CA THR A 19 -1.57 8.15 -11.41
C THR A 19 -0.74 9.30 -10.85
N LYS A 20 0.24 8.95 -10.02
CA LYS A 20 1.11 9.95 -9.41
C LYS A 20 1.73 10.86 -10.47
N GLY A 21 1.88 10.33 -11.68
CA GLY A 21 2.46 11.10 -12.77
C GLY A 21 1.40 11.88 -13.54
N TYR A 22 0.46 12.48 -12.82
CA TYR A 22 -0.60 13.25 -13.44
C TYR A 22 -0.26 14.74 -13.47
N GLY A 23 0.50 15.18 -12.48
CA GLY A 23 0.90 16.58 -12.41
C GLY A 23 0.08 17.36 -11.40
N PHE A 24 -0.18 16.74 -10.25
CA PHE A 24 -0.96 17.38 -9.19
C PHE A 24 -0.20 17.36 -7.87
N GLY A 25 0.22 18.55 -7.41
CA GLY A 25 0.94 18.64 -6.16
C GLY A 25 0.21 17.99 -5.01
N LEU A 26 0.92 17.72 -3.92
CA LEU A 26 0.33 17.10 -2.74
C LEU A 26 1.30 17.13 -1.56
N ILE A 27 0.76 17.33 -0.37
CA ILE A 27 1.57 17.38 0.83
C ILE A 27 1.08 16.38 1.88
N LYS A 28 2.01 15.64 2.46
CA LYS A 28 1.67 14.65 3.47
C LYS A 28 2.52 14.83 4.72
N LEU A 29 1.88 14.78 5.88
CA LEU A 29 2.58 14.94 7.15
C LEU A 29 2.19 13.84 8.14
N ASP A 30 3.19 13.07 8.57
CA ASP A 30 2.96 11.98 9.51
C ASP A 30 3.48 12.34 10.90
N LEU A 31 2.59 12.29 11.89
CA LEU A 31 2.97 12.61 13.27
C LEU A 31 2.68 11.43 14.19
N LYS A 32 3.72 10.93 14.83
CA LYS A 32 3.59 9.80 15.75
C LYS A 32 3.70 10.27 17.21
N THR A 33 2.86 9.71 18.07
CA THR A 33 2.86 10.07 19.48
C THR A 33 2.49 8.88 20.35
N LYS A 34 2.94 8.90 21.60
CA LYS A 34 2.66 7.81 22.53
C LYS A 34 3.27 6.50 22.06
N SER A 35 4.46 6.60 21.47
CA SER A 35 5.16 5.42 20.97
C SER A 35 5.41 4.41 22.09
N GLU A 36 4.87 3.21 21.93
CA GLU A 36 5.03 2.16 22.92
C GLU A 36 4.44 0.84 22.43
N ASN A 37 4.96 -0.26 22.95
CA ASN A 37 4.48 -1.59 22.57
C ASN A 37 3.09 -1.85 23.13
N GLY A 38 2.13 -2.12 22.26
CA GLY A 38 0.77 -2.38 22.68
C GLY A 38 -0.13 -1.16 22.56
N LEU A 39 0.44 0.01 22.82
CA LEU A 39 -0.31 1.26 22.74
C LEU A 39 0.47 2.32 21.96
N GLU A 40 -0.21 2.94 21.00
CA GLU A 40 0.41 3.98 20.18
C GLU A 40 -0.63 4.93 19.60
N PHE A 41 -0.21 6.12 19.22
CA PHE A 41 -1.10 7.12 18.66
C PHE A 41 -0.38 7.96 17.60
N THR A 42 -0.46 7.51 16.35
CA THR A 42 0.17 8.23 15.25
C THR A 42 -0.83 8.62 14.18
N SER A 43 -0.96 9.91 13.94
CA SER A 43 -1.90 10.42 12.95
C SER A 43 -1.17 11.20 11.86
N SER A 44 -1.61 11.03 10.62
CA SER A 44 -1.01 11.72 9.48
C SER A 44 -2.05 12.51 8.70
N GLY A 45 -1.70 13.74 8.32
CA GLY A 45 -2.61 14.57 7.58
C GLY A 45 -2.02 15.05 6.26
N SER A 46 -2.83 15.00 5.20
CA SER A 46 -2.37 15.42 3.88
C SER A 46 -3.36 16.40 3.25
N ALA A 47 -2.91 17.10 2.21
CA ALA A 47 -3.75 18.07 1.53
C ALA A 47 -3.28 18.29 0.09
N ASN A 48 -4.21 18.66 -0.78
CA ASN A 48 -3.88 18.90 -2.18
C ASN A 48 -4.63 20.12 -2.70
N THR A 49 -4.52 20.36 -4.02
CA THR A 49 -5.17 21.50 -4.64
C THR A 49 -6.23 21.04 -5.64
N GLU A 50 -6.93 19.96 -5.31
CA GLU A 50 -7.96 19.41 -6.18
C GLU A 50 -9.32 19.46 -5.50
N THR A 51 -9.36 19.10 -4.22
CA THR A 51 -10.59 19.09 -3.45
C THR A 51 -10.56 20.14 -2.35
N THR A 52 -11.71 20.38 -1.72
CA THR A 52 -11.80 21.36 -0.65
C THR A 52 -12.00 20.67 0.70
N LYS A 53 -11.02 19.86 1.10
CA LYS A 53 -11.08 19.15 2.36
C LYS A 53 -9.78 18.41 2.63
N VAL A 54 -9.28 18.53 3.86
CA VAL A 54 -8.03 17.87 4.25
C VAL A 54 -8.25 16.37 4.44
N THR A 55 -7.25 15.58 4.08
CA THR A 55 -7.33 14.13 4.21
C THR A 55 -5.95 13.53 4.44
N GLY A 56 -5.89 12.51 5.30
CA GLY A 56 -4.62 11.86 5.59
C GLY A 56 -4.80 10.42 6.02
N SER A 57 -3.88 9.93 6.85
CA SER A 57 -3.94 8.55 7.32
C SER A 57 -3.69 8.47 8.82
N LEU A 58 -4.70 8.02 9.56
CA LEU A 58 -4.60 7.90 11.00
C LEU A 58 -4.33 6.46 11.41
N GLU A 59 -3.60 6.29 12.51
CA GLU A 59 -3.28 4.96 13.01
C GLU A 59 -2.98 5.00 14.50
N THR A 60 -3.83 4.34 15.28
CA THR A 60 -3.66 4.30 16.74
C THR A 60 -4.03 2.93 17.30
N LYS A 61 -3.30 2.49 18.31
CA LYS A 61 -3.55 1.19 18.94
C LYS A 61 -3.78 1.36 20.44
N TYR A 62 -4.81 0.71 20.94
CA TYR A 62 -5.14 0.77 22.36
C TYR A 62 -5.89 -0.47 22.81
N ARG A 63 -5.17 -1.39 23.47
CA ARG A 63 -5.77 -2.62 23.95
C ARG A 63 -6.50 -2.40 25.27
N TRP A 64 -7.40 -3.31 25.61
CA TRP A 64 -8.17 -3.21 26.85
C TRP A 64 -7.78 -4.32 27.82
N THR A 65 -7.17 -3.92 28.93
CA THR A 65 -6.73 -4.88 29.95
C THR A 65 -7.93 -5.55 30.61
N GLU A 66 -7.74 -6.77 31.09
CA GLU A 66 -8.80 -7.51 31.76
C GLU A 66 -10.02 -7.67 30.84
N TYR A 67 -9.75 -7.83 29.55
CA TYR A 67 -10.82 -7.99 28.56
C TYR A 67 -10.26 -8.29 27.19
N GLY A 68 -10.78 -9.34 26.55
CA GLY A 68 -10.32 -9.71 25.23
C GLY A 68 -10.88 -8.82 24.13
N LEU A 69 -10.60 -7.52 24.23
CA LEU A 69 -11.08 -6.56 23.24
C LEU A 69 -10.08 -5.44 23.04
N THR A 70 -9.40 -5.45 21.89
CA THR A 70 -8.41 -4.44 21.57
C THR A 70 -9.00 -3.34 20.69
N PHE A 71 -8.92 -2.11 21.17
CA PHE A 71 -9.45 -0.97 20.42
C PHE A 71 -8.35 -0.30 19.59
N THR A 72 -8.53 -0.31 18.27
CA THR A 72 -7.56 0.29 17.37
C THR A 72 -8.25 0.92 16.17
N VAL A 73 -7.55 1.85 15.51
CA VAL A 73 -8.10 2.53 14.34
C VAL A 73 -6.99 2.91 13.36
N LYS A 74 -6.98 2.25 12.21
CA LYS A 74 -5.97 2.53 11.19
C LYS A 74 -6.62 2.64 9.81
N TRP A 75 -6.67 3.86 9.29
CA TRP A 75 -7.26 4.11 7.98
C TRP A 75 -7.09 5.57 7.56
N ASN A 76 -7.66 5.93 6.43
CA ASN A 76 -7.57 7.30 5.92
C ASN A 76 -8.48 8.22 6.72
N THR A 77 -7.89 9.28 7.29
CA THR A 77 -8.65 10.24 8.08
C THR A 77 -9.22 11.34 7.19
N ASP A 78 -10.53 11.58 7.32
CA ASP A 78 -11.19 12.61 6.53
C ASP A 78 -12.58 12.91 7.10
N ASN A 79 -13.28 11.86 7.53
CA ASN A 79 -14.62 12.01 8.08
C ASN A 79 -14.63 11.64 9.57
N THR A 80 -15.83 11.59 10.15
CA THR A 80 -15.98 11.26 11.55
C THR A 80 -16.61 9.88 11.74
N LEU A 81 -16.68 9.43 12.97
CA LEU A 81 -17.26 8.11 13.27
C LEU A 81 -16.54 7.01 12.51
N GLY A 82 -15.56 6.39 13.15
CA GLY A 82 -14.81 5.32 12.52
C GLY A 82 -13.74 4.74 13.42
N THR A 83 -13.80 3.42 13.63
CA THR A 83 -12.83 2.75 14.48
C THR A 83 -12.76 1.26 14.15
N GLU A 84 -11.88 0.55 14.84
CA GLU A 84 -11.70 -0.89 14.62
C GLU A 84 -11.48 -1.62 15.94
N ILE A 85 -11.74 -2.93 15.94
CA ILE A 85 -11.56 -3.74 17.13
C ILE A 85 -10.98 -5.11 16.77
N THR A 86 -10.05 -5.57 17.60
CA THR A 86 -9.40 -6.86 17.38
C THR A 86 -9.70 -7.83 18.53
N VAL A 87 -9.99 -9.08 18.18
CA VAL A 87 -10.29 -10.10 19.18
C VAL A 87 -9.82 -11.47 18.73
N GLU A 88 -9.62 -12.37 19.68
CA GLU A 88 -9.19 -13.73 19.37
C GLU A 88 -10.21 -14.75 19.82
N ASP A 89 -10.06 -15.98 19.34
CA ASP A 89 -10.97 -17.07 19.69
C ASP A 89 -10.38 -17.96 20.78
N GLN A 90 -9.05 -17.95 20.88
CA GLN A 90 -8.37 -18.77 21.87
C GLN A 90 -8.52 -20.25 21.57
N LEU A 91 -8.43 -20.60 20.29
CA LEU A 91 -8.56 -21.99 19.86
C LEU A 91 -8.39 -22.11 18.35
N ALA A 92 -8.85 -21.11 17.62
CA ALA A 92 -8.73 -21.10 16.17
C ALA A 92 -7.50 -20.34 15.72
N ARG A 93 -6.43 -20.43 16.49
CA ARG A 93 -5.19 -19.73 16.18
C ARG A 93 -4.91 -19.78 14.67
N GLY A 94 -4.31 -18.71 14.16
CA GLY A 94 -4.00 -18.64 12.74
C GLY A 94 -4.78 -17.56 12.03
N LEU A 95 -5.98 -17.27 12.54
CA LEU A 95 -6.83 -16.25 11.94
C LEU A 95 -7.52 -15.41 13.02
N LYS A 96 -7.00 -14.21 13.23
CA LYS A 96 -7.57 -13.31 14.24
C LYS A 96 -8.84 -12.65 13.73
N LEU A 97 -9.66 -12.16 14.65
CA LEU A 97 -10.91 -11.50 14.29
C LEU A 97 -10.83 -10.01 14.53
N THR A 98 -10.62 -9.25 13.45
CA THR A 98 -10.52 -7.80 13.54
C THR A 98 -11.61 -7.13 12.73
N PHE A 99 -12.57 -6.51 13.43
CA PHE A 99 -13.67 -5.83 12.79
C PHE A 99 -13.29 -4.39 12.42
N ASP A 100 -13.66 -3.96 11.22
CA ASP A 100 -13.36 -2.62 10.75
C ASP A 100 -14.61 -1.74 10.78
N SER A 101 -14.77 -0.99 11.85
CA SER A 101 -15.93 -0.11 12.01
C SER A 101 -15.62 1.29 11.48
N SER A 102 -14.86 1.34 10.39
CA SER A 102 -14.49 2.61 9.78
C SER A 102 -15.72 3.48 9.55
N PHE A 103 -16.84 2.85 9.23
CA PHE A 103 -18.09 3.56 8.99
C PHE A 103 -19.21 3.00 9.85
N SER A 104 -19.87 3.87 10.61
CA SER A 104 -20.96 3.46 11.48
C SER A 104 -21.77 4.66 11.96
N PRO A 105 -22.54 5.26 11.04
CA PRO A 105 -23.37 6.43 11.34
C PRO A 105 -24.55 6.09 12.25
N ASN A 106 -25.11 4.89 12.06
CA ASN A 106 -26.23 4.45 12.87
C ASN A 106 -26.47 2.95 12.69
N THR A 107 -27.12 2.34 13.68
CA THR A 107 -27.41 0.90 13.63
C THR A 107 -28.40 0.58 12.52
N GLY A 108 -28.53 -0.70 12.21
CA GLY A 108 -29.44 -1.12 11.16
C GLY A 108 -28.74 -1.37 9.84
N LYS A 109 -29.10 -0.58 8.83
CA LYS A 109 -28.50 -0.72 7.51
C LYS A 109 -27.32 0.23 7.34
N LYS A 110 -26.13 -0.21 7.73
CA LYS A 110 -24.93 0.60 7.63
C LYS A 110 -23.83 -0.16 6.88
N ASN A 111 -22.94 0.59 6.23
CA ASN A 111 -21.85 0.00 5.47
C ASN A 111 -20.56 0.01 6.29
N ALA A 112 -20.11 -1.17 6.69
CA ALA A 112 -18.89 -1.30 7.47
C ALA A 112 -17.91 -2.28 6.82
N LYS A 113 -16.87 -2.64 7.56
CA LYS A 113 -15.86 -3.57 7.05
C LYS A 113 -15.46 -4.56 8.12
N ILE A 114 -14.95 -5.72 7.70
CA ILE A 114 -14.52 -6.75 8.63
C ILE A 114 -13.35 -7.55 8.06
N LYS A 115 -12.34 -7.79 8.89
CA LYS A 115 -11.16 -8.56 8.46
C LYS A 115 -10.92 -9.74 9.39
N THR A 116 -10.73 -10.92 8.81
CA THR A 116 -10.49 -12.13 9.58
C THR A 116 -9.30 -12.90 9.02
N GLY A 117 -8.24 -13.00 9.81
CA GLY A 117 -7.06 -13.73 9.38
C GLY A 117 -5.80 -13.24 10.04
N TYR A 118 -4.66 -13.41 9.38
CA TYR A 118 -3.38 -12.98 9.93
C TYR A 118 -2.37 -12.71 8.80
N LYS A 119 -1.52 -11.72 9.03
CA LYS A 119 -0.51 -11.34 8.04
C LYS A 119 0.89 -11.37 8.66
N ARG A 120 1.78 -12.15 8.06
CA ARG A 120 3.15 -12.26 8.56
C ARG A 120 4.15 -12.10 7.42
N GLU A 121 5.40 -11.79 7.77
CA GLU A 121 6.45 -11.60 6.78
C GLU A 121 6.62 -12.85 5.92
N HIS A 122 6.58 -14.01 6.56
CA HIS A 122 6.73 -15.29 5.87
C HIS A 122 5.46 -15.63 5.09
N ILE A 123 4.33 -15.65 5.79
CA ILE A 123 3.04 -15.96 5.18
C ILE A 123 1.95 -15.02 5.67
N ASN A 124 1.09 -14.59 4.75
CA ASN A 124 -0.01 -13.69 5.10
C ASN A 124 -1.27 -14.04 4.32
N LEU A 125 -2.33 -14.36 5.05
CA LEU A 125 -3.60 -14.73 4.44
C LEU A 125 -4.77 -14.33 5.33
N GLY A 126 -5.98 -14.37 4.77
CA GLY A 126 -7.16 -14.01 5.52
C GLY A 126 -8.29 -13.51 4.64
N ALA A 127 -9.51 -13.57 5.15
CA ALA A 127 -10.68 -13.13 4.40
C ALA A 127 -11.32 -11.91 5.03
N ASP A 128 -11.75 -10.96 4.19
CA ASP A 128 -12.37 -9.74 4.69
C ASP A 128 -13.67 -9.45 3.92
N MET A 129 -14.64 -8.88 4.63
CA MET A 129 -15.92 -8.55 4.02
C MET A 129 -16.18 -7.05 4.04
N ASP A 130 -16.84 -6.55 3.02
CA ASP A 130 -17.15 -5.11 2.93
C ASP A 130 -18.66 -4.88 2.95
N PHE A 131 -19.06 -3.70 3.41
CA PHE A 131 -20.47 -3.35 3.49
C PHE A 131 -21.16 -4.11 4.61
N ASP A 132 -21.28 -5.43 4.44
CA ASP A 132 -21.92 -6.27 5.45
C ASP A 132 -23.40 -5.96 5.56
N ILE A 133 -24.06 -5.82 4.42
CA ILE A 133 -25.49 -5.51 4.38
C ILE A 133 -26.04 -5.61 2.96
N ALA A 134 -27.08 -6.41 2.79
CA ALA A 134 -27.70 -6.58 1.48
C ALA A 134 -26.66 -6.92 0.42
N GLY A 135 -26.16 -8.16 0.47
CA GLY A 135 -25.17 -8.58 -0.50
C GLY A 135 -23.83 -7.87 -0.31
N PRO A 136 -23.09 -8.28 0.73
CA PRO A 136 -21.78 -7.68 1.04
C PRO A 136 -20.72 -8.06 0.01
N SER A 137 -19.49 -7.63 0.25
CA SER A 137 -18.39 -7.91 -0.66
C SER A 137 -17.31 -8.75 0.04
N ILE A 138 -17.23 -10.02 -0.33
CA ILE A 138 -16.24 -10.92 0.26
C ILE A 138 -14.97 -10.96 -0.58
N ARG A 139 -13.83 -10.89 0.09
CA ARG A 139 -12.54 -10.92 -0.59
C ARG A 139 -11.52 -11.71 0.23
N GLY A 140 -11.02 -12.80 -0.35
CA GLY A 140 -10.05 -13.62 0.33
C GLY A 140 -8.66 -13.50 -0.28
N ALA A 141 -7.66 -13.27 0.56
CA ALA A 141 -6.29 -13.14 0.11
C ALA A 141 -5.39 -14.18 0.75
N LEU A 142 -4.39 -14.65 0.00
CA LEU A 142 -3.46 -15.65 0.51
C LEU A 142 -2.11 -15.54 -0.19
N VAL A 143 -1.11 -15.06 0.53
CA VAL A 143 0.23 -14.91 -0.01
C VAL A 143 1.25 -15.74 0.76
N LEU A 144 1.85 -16.71 0.08
CA LEU A 144 2.84 -17.58 0.70
C LEU A 144 4.05 -17.76 -0.20
N GLY A 145 4.96 -18.65 0.21
CA GLY A 145 6.16 -18.90 -0.57
C GLY A 145 7.41 -18.92 0.27
N TYR A 146 8.36 -19.77 -0.10
CA TYR A 146 9.61 -19.89 0.64
C TYR A 146 10.75 -19.17 -0.09
N GLU A 147 11.92 -19.13 0.55
CA GLU A 147 13.07 -18.47 -0.04
C GLU A 147 13.35 -19.01 -1.44
N GLY A 148 12.99 -18.23 -2.46
CA GLY A 148 13.21 -18.65 -3.84
C GLY A 148 12.10 -18.20 -4.75
N TRP A 149 10.86 -18.37 -4.31
CA TRP A 149 9.70 -17.98 -5.10
C TRP A 149 8.58 -17.45 -4.22
N LEU A 150 7.65 -16.71 -4.81
CA LEU A 150 6.52 -16.15 -4.08
C LEU A 150 5.21 -16.37 -4.82
N ALA A 151 4.20 -16.86 -4.11
CA ALA A 151 2.89 -17.11 -4.70
C ALA A 151 1.80 -16.36 -3.96
N GLY A 152 0.97 -15.63 -4.71
CA GLY A 152 -0.11 -14.88 -4.11
C GLY A 152 -1.43 -15.09 -4.80
N TYR A 153 -2.50 -15.26 -4.02
CA TYR A 153 -3.83 -15.48 -4.57
C TYR A 153 -4.86 -14.56 -3.92
N GLN A 154 -5.71 -13.96 -4.73
CA GLN A 154 -6.73 -13.06 -4.22
C GLN A 154 -8.03 -13.22 -5.00
N MET A 155 -9.04 -13.78 -4.34
CA MET A 155 -10.34 -14.00 -4.97
C MET A 155 -11.44 -13.23 -4.23
N ASN A 156 -12.59 -13.09 -4.88
CA ASN A 156 -13.72 -12.37 -4.28
C ASN A 156 -14.86 -13.33 -3.98
N PHE A 157 -14.52 -14.54 -3.57
CA PHE A 157 -15.52 -15.55 -3.23
C PHE A 157 -14.88 -16.73 -2.50
N GLU A 158 -15.60 -17.27 -1.52
CA GLU A 158 -15.11 -18.39 -0.74
C GLU A 158 -15.72 -19.70 -1.23
N THR A 159 -15.33 -20.12 -2.42
CA THR A 159 -15.83 -21.36 -3.00
C THR A 159 -14.76 -22.07 -3.81
N ALA A 160 -14.61 -23.37 -3.57
CA ALA A 160 -13.61 -24.17 -4.27
C ALA A 160 -13.76 -24.03 -5.78
N LYS A 161 -12.69 -23.58 -6.44
CA LYS A 161 -12.70 -23.40 -7.89
C LYS A 161 -11.59 -24.23 -8.55
N SER A 162 -11.73 -24.45 -9.85
CA SER A 162 -10.74 -25.21 -10.60
C SER A 162 -9.98 -24.33 -11.58
N ARG A 163 -10.73 -23.70 -12.49
CA ARG A 163 -10.12 -22.82 -13.49
C ARG A 163 -10.44 -21.36 -13.20
N VAL A 164 -9.41 -20.60 -12.85
CA VAL A 164 -9.58 -19.18 -12.55
C VAL A 164 -10.24 -18.44 -13.70
N THR A 165 -11.36 -17.78 -13.41
CA THR A 165 -12.10 -17.04 -14.42
C THR A 165 -12.38 -15.61 -13.95
N GLN A 166 -12.79 -15.48 -12.70
CA GLN A 166 -13.10 -14.17 -12.13
C GLN A 166 -12.37 -13.97 -10.81
N SER A 167 -11.07 -14.24 -10.81
CA SER A 167 -10.26 -14.09 -9.61
C SER A 167 -8.92 -13.44 -9.94
N ASN A 168 -8.26 -12.90 -8.91
CA ASN A 168 -6.96 -12.24 -9.10
C ASN A 168 -5.83 -13.19 -8.74
N PHE A 169 -4.99 -13.50 -9.72
CA PHE A 169 -3.85 -14.39 -9.50
C PHE A 169 -2.55 -13.60 -9.47
N ALA A 170 -1.72 -13.88 -8.47
CA ALA A 170 -0.44 -13.20 -8.33
C ALA A 170 0.71 -14.21 -8.28
N VAL A 171 1.63 -14.11 -9.23
CA VAL A 171 2.78 -15.00 -9.28
C VAL A 171 4.09 -14.23 -9.25
N GLY A 172 4.92 -14.54 -8.26
CA GLY A 172 6.21 -13.86 -8.13
C GLY A 172 7.36 -14.82 -8.01
N TYR A 173 8.56 -14.36 -8.36
CA TYR A 173 9.75 -15.19 -8.28
C TYR A 173 10.94 -14.41 -7.73
N LYS A 174 11.71 -15.05 -6.86
CA LYS A 174 12.87 -14.42 -6.25
C LYS A 174 14.15 -15.17 -6.62
N THR A 175 14.86 -14.65 -7.62
CA THR A 175 16.10 -15.27 -8.07
C THR A 175 17.32 -14.47 -7.60
N ASP A 176 18.45 -15.15 -7.45
CA ASP A 176 19.68 -14.51 -7.00
C ASP A 176 20.00 -13.29 -7.86
N GLU A 177 19.69 -13.39 -9.15
CA GLU A 177 19.95 -12.30 -10.09
C GLU A 177 19.01 -11.14 -9.83
N PHE A 178 17.73 -11.44 -9.69
CA PHE A 178 16.72 -10.41 -9.43
C PHE A 178 15.40 -11.03 -9.00
N GLN A 179 14.40 -10.19 -8.75
CA GLN A 179 13.09 -10.66 -8.32
C GLN A 179 11.98 -9.89 -9.03
N LEU A 180 10.86 -10.56 -9.27
CA LEU A 180 9.73 -9.93 -9.93
C LEU A 180 8.41 -10.50 -9.42
N HIS A 181 7.33 -9.76 -9.63
CA HIS A 181 6.01 -10.18 -9.17
C HIS A 181 4.92 -9.65 -10.10
N THR A 182 4.29 -10.56 -10.86
CA THR A 182 3.24 -10.19 -11.78
C THR A 182 1.92 -10.85 -11.41
N ASN A 183 0.82 -10.12 -11.61
CA ASN A 183 -0.50 -10.64 -11.29
C ASN A 183 -1.52 -10.24 -12.36
N VAL A 184 -2.45 -11.14 -12.66
CA VAL A 184 -3.47 -10.88 -13.66
C VAL A 184 -4.87 -11.05 -13.08
N ASN A 185 -5.84 -10.37 -13.68
CA ASN A 185 -7.22 -10.45 -13.21
C ASN A 185 -8.18 -10.52 -14.40
N ASP A 186 -9.14 -11.45 -14.32
CA ASP A 186 -10.12 -11.62 -15.39
C ASP A 186 -9.44 -11.78 -16.73
N GLY A 187 -8.22 -12.31 -16.72
CA GLY A 187 -7.47 -12.51 -17.95
C GLY A 187 -7.50 -11.29 -18.84
N THR A 188 -7.57 -10.11 -18.23
CA THR A 188 -7.61 -8.86 -18.98
C THR A 188 -6.68 -7.82 -18.34
N GLU A 189 -6.76 -7.71 -17.02
CA GLU A 189 -5.93 -6.75 -16.29
C GLU A 189 -4.57 -7.35 -15.95
N PHE A 190 -3.50 -6.68 -16.40
CA PHE A 190 -2.15 -7.15 -16.14
C PHE A 190 -1.37 -6.14 -15.31
N GLY A 191 -1.19 -6.45 -14.03
CA GLY A 191 -0.47 -5.56 -13.15
C GLY A 191 0.65 -6.26 -12.40
N GLY A 192 1.86 -5.71 -12.49
CA GLY A 192 2.99 -6.30 -11.82
C GLY A 192 4.20 -5.38 -11.78
N SER A 193 5.26 -5.83 -11.12
CA SER A 193 6.48 -5.03 -11.00
C SER A 193 7.70 -5.92 -10.81
N ILE A 194 8.82 -5.54 -11.43
CA ILE A 194 10.05 -6.31 -11.32
C ILE A 194 11.19 -5.44 -10.80
N TYR A 195 12.04 -6.03 -9.97
CA TYR A 195 13.18 -5.31 -9.41
C TYR A 195 14.48 -6.08 -9.61
N GLN A 196 15.50 -5.40 -10.12
CA GLN A 196 16.78 -6.01 -10.38
C GLN A 196 17.92 -5.08 -9.97
N LYS A 197 19.03 -5.67 -9.51
CA LYS A 197 20.18 -4.88 -9.10
C LYS A 197 21.40 -5.21 -9.96
N VAL A 198 21.38 -4.75 -11.21
CA VAL A 198 22.47 -5.00 -12.13
C VAL A 198 23.81 -4.53 -11.55
N ASN A 199 23.93 -3.23 -11.34
CA ASN A 199 25.16 -2.65 -10.77
C ASN A 199 25.22 -2.88 -9.27
N LYS A 200 26.36 -2.57 -8.68
CA LYS A 200 26.55 -2.73 -7.24
C LYS A 200 26.07 -1.49 -6.48
N LYS A 201 26.36 -0.32 -7.04
CA LYS A 201 25.95 0.94 -6.43
C LYS A 201 24.83 1.60 -7.22
N LEU A 202 23.95 0.78 -7.77
CA LEU A 202 22.82 1.30 -8.56
C LEU A 202 21.81 0.19 -8.85
N GLU A 203 20.56 0.43 -8.46
CA GLU A 203 19.49 -0.55 -8.66
C GLU A 203 18.49 -0.04 -9.69
N THR A 204 17.91 -0.97 -10.45
CA THR A 204 16.93 -0.62 -11.48
C THR A 204 15.63 -1.39 -11.29
N ALA A 205 14.51 -0.73 -11.55
CA ALA A 205 13.20 -1.36 -11.42
C ALA A 205 12.34 -1.10 -12.65
N VAL A 206 11.32 -1.94 -12.84
CA VAL A 206 10.41 -1.79 -13.97
C VAL A 206 9.02 -2.31 -13.63
N ASN A 207 8.03 -1.42 -13.67
CA ASN A 207 6.65 -1.77 -13.36
C ASN A 207 5.86 -2.04 -14.64
N LEU A 208 4.71 -2.68 -14.50
CA LEU A 208 3.86 -2.98 -15.64
C LEU A 208 2.38 -2.86 -15.27
N ALA A 209 1.60 -2.30 -16.18
CA ALA A 209 0.17 -2.13 -15.95
C ALA A 209 -0.59 -2.04 -17.27
N TRP A 210 -1.52 -2.98 -17.47
CA TRP A 210 -2.32 -3.02 -18.69
C TRP A 210 -3.80 -3.19 -18.37
N THR A 211 -4.64 -2.40 -19.03
CA THR A 211 -6.08 -2.47 -18.81
C THR A 211 -6.81 -1.44 -19.68
N ALA A 212 -8.13 -1.39 -19.53
CA ALA A 212 -8.95 -0.46 -20.29
C ALA A 212 -8.59 0.99 -19.94
N GLY A 213 -8.83 1.37 -18.69
CA GLY A 213 -8.53 2.72 -18.25
C GLY A 213 -8.50 3.71 -19.41
N ASN A 214 -7.49 3.57 -20.27
CA ASN A 214 -7.35 4.46 -21.41
C ASN A 214 -6.34 3.91 -22.41
N SER A 215 -5.89 4.76 -23.34
CA SER A 215 -4.93 4.35 -24.35
C SER A 215 -3.50 4.56 -23.84
N ASN A 216 -3.34 4.65 -22.53
CA ASN A 216 -2.03 4.85 -21.93
C ASN A 216 -1.57 3.59 -21.21
N THR A 217 -2.53 2.78 -20.77
CA THR A 217 -2.22 1.54 -20.07
C THR A 217 -1.12 0.76 -20.79
N ARG A 218 -0.07 0.40 -20.06
CA ARG A 218 1.04 -0.35 -20.63
C ARG A 218 2.00 -0.81 -19.54
N PHE A 219 2.92 0.07 -19.14
CA PHE A 219 3.89 -0.24 -18.12
C PHE A 219 4.62 1.01 -17.65
N GLY A 220 5.62 0.83 -16.79
CA GLY A 220 6.39 1.95 -16.29
C GLY A 220 7.81 1.57 -15.92
N ILE A 221 8.68 2.56 -15.84
CA ILE A 221 10.08 2.32 -15.50
C ILE A 221 10.48 3.08 -14.23
N ALA A 222 11.39 2.50 -13.47
CA ALA A 222 11.86 3.12 -12.24
C ALA A 222 13.27 2.67 -11.89
N ALA A 223 13.78 3.13 -10.75
CA ALA A 223 15.12 2.76 -10.31
C ALA A 223 15.40 3.32 -8.92
N LYS A 224 16.49 2.85 -8.31
CA LYS A 224 16.87 3.31 -6.98
C LYS A 224 18.38 3.55 -6.89
N TYR A 225 18.75 4.77 -6.54
CA TYR A 225 20.16 5.14 -6.43
C TYR A 225 20.59 5.20 -4.96
N GLN A 226 21.62 4.43 -4.63
CA GLN A 226 22.13 4.41 -3.26
C GLN A 226 23.59 4.84 -3.21
N ILE A 227 23.82 6.14 -3.37
CA ILE A 227 25.17 6.69 -3.34
C ILE A 227 25.69 6.80 -1.92
N ASP A 228 24.83 7.25 -1.02
CA ASP A 228 25.21 7.41 0.39
C ASP A 228 24.50 6.38 1.25
N PRO A 229 25.05 6.14 2.46
CA PRO A 229 24.48 5.17 3.41
C PRO A 229 23.15 5.64 3.99
N ASP A 230 23.11 6.89 4.41
CA ASP A 230 21.90 7.46 4.99
C ASP A 230 21.01 8.06 3.90
N ALA A 231 21.62 8.69 2.92
CA ALA A 231 20.89 9.31 1.81
C ALA A 231 20.47 8.25 0.78
N SER A 232 19.20 8.29 0.40
CA SER A 232 18.68 7.34 -0.58
C SER A 232 17.89 8.07 -1.67
N PHE A 233 18.34 7.92 -2.91
CA PHE A 233 17.68 8.56 -4.05
C PHE A 233 16.93 7.53 -4.88
N SER A 234 15.92 7.99 -5.62
CA SER A 234 15.12 7.12 -6.47
C SER A 234 14.78 7.80 -7.79
N ALA A 235 14.47 6.99 -8.80
CA ALA A 235 14.13 7.51 -10.12
C ALA A 235 12.89 6.82 -10.68
N LYS A 236 12.07 7.58 -11.40
CA LYS A 236 10.84 7.04 -11.98
C LYS A 236 10.54 7.71 -13.32
N VAL A 237 10.20 6.92 -14.32
CA VAL A 237 9.88 7.45 -15.65
C VAL A 237 8.90 6.54 -16.37
N ASN A 238 8.37 7.02 -17.49
CA ASN A 238 7.40 6.26 -18.27
C ASN A 238 7.06 6.98 -19.58
N ASN A 239 6.15 6.41 -20.35
CA ASN A 239 5.73 7.01 -21.62
C ASN A 239 5.35 8.46 -21.44
N SER A 240 4.85 8.80 -20.24
CA SER A 240 4.44 10.16 -19.94
C SER A 240 5.58 11.15 -20.20
N SER A 241 6.81 10.63 -20.17
CA SER A 241 7.99 11.47 -20.41
C SER A 241 8.18 12.46 -19.26
N LEU A 242 8.34 11.92 -18.04
CA LEU A 242 8.54 12.76 -16.87
C LEU A 242 9.63 12.18 -15.98
N ILE A 243 10.65 12.99 -15.70
CA ILE A 243 11.76 12.57 -14.85
C ILE A 243 11.45 12.81 -13.38
N GLY A 244 11.11 11.74 -12.66
CA GLY A 244 10.79 11.86 -11.25
C GLY A 244 11.93 11.37 -10.36
N LEU A 245 12.45 12.25 -9.52
CA LEU A 245 13.54 11.90 -8.61
C LEU A 245 13.07 11.91 -7.16
N GLY A 246 13.17 10.77 -6.49
CA GLY A 246 12.76 10.68 -5.11
C GLY A 246 13.92 10.85 -4.15
N TYR A 247 13.84 11.87 -3.30
CA TYR A 247 14.89 12.14 -2.33
C TYR A 247 14.45 11.75 -0.92
N THR A 248 15.07 10.70 -0.39
CA THR A 248 14.74 10.22 0.95
C THR A 248 15.94 10.32 1.88
N GLN A 249 15.83 11.16 2.91
CA GLN A 249 16.92 11.34 3.86
C GLN A 249 16.37 11.56 5.27
N THR A 250 17.26 11.62 6.24
CA THR A 250 16.86 11.82 7.64
C THR A 250 17.70 12.91 8.29
N LEU A 251 17.43 14.16 7.92
CA LEU A 251 18.16 15.30 8.47
C LEU A 251 18.14 15.26 10.00
N LYS A 252 19.17 15.85 10.60
CA LYS A 252 19.29 15.88 12.05
C LYS A 252 18.02 16.42 12.69
N PRO A 253 17.64 17.65 12.31
CA PRO A 253 16.43 18.31 12.83
C PRO A 253 15.15 17.66 12.31
N GLY A 254 14.79 16.53 12.90
CA GLY A 254 13.58 15.83 12.50
C GLY A 254 13.73 14.32 12.61
N ILE A 255 12.95 13.59 11.82
CA ILE A 255 12.99 12.14 11.83
C ILE A 255 13.20 11.58 10.43
N LYS A 256 12.18 11.70 9.59
CA LYS A 256 12.26 11.21 8.22
C LYS A 256 11.78 12.28 7.23
N LEU A 257 12.58 12.52 6.20
CA LEU A 257 12.23 13.51 5.19
C LEU A 257 12.18 12.88 3.80
N THR A 258 11.06 13.09 3.10
CA THR A 258 10.88 12.55 1.76
C THR A 258 10.36 13.60 0.80
N LEU A 259 11.17 13.95 -0.19
CA LEU A 259 10.78 14.96 -1.18
C LEU A 259 10.90 14.39 -2.59
N SER A 260 9.77 14.37 -3.31
CA SER A 260 9.74 13.86 -4.68
C SER A 260 9.60 15.00 -5.67
N ALA A 261 10.52 15.05 -6.63
CA ALA A 261 10.50 16.09 -7.66
C ALA A 261 10.30 15.49 -9.04
N LEU A 262 9.25 15.91 -9.72
CA LEU A 262 8.95 15.41 -11.07
C LEU A 262 9.02 16.54 -12.09
N LEU A 263 9.97 16.45 -13.01
CA LEU A 263 10.14 17.46 -14.04
C LEU A 263 9.78 16.89 -15.42
N ASP A 264 9.40 17.77 -16.34
CA ASP A 264 9.04 17.36 -17.68
C ASP A 264 10.00 17.96 -18.71
N GLY A 265 10.25 17.22 -19.79
CA GLY A 265 11.15 17.69 -20.83
C GLY A 265 10.69 19.00 -21.44
N LYS A 266 9.37 19.18 -21.53
CA LYS A 266 8.79 20.38 -22.11
C LYS A 266 8.24 21.30 -21.01
N ASN A 267 7.62 22.39 -21.41
CA ASN A 267 7.04 23.34 -20.47
C ASN A 267 8.06 23.75 -19.42
N VAL A 268 9.26 24.12 -19.87
CA VAL A 268 10.32 24.55 -18.97
C VAL A 268 9.93 25.81 -18.21
N ASN A 269 9.66 26.88 -18.95
CA ASN A 269 9.28 28.15 -18.35
C ASN A 269 7.87 28.07 -17.77
N ALA A 270 6.88 27.92 -18.63
CA ALA A 270 5.49 27.83 -18.20
C ALA A 270 5.30 26.71 -17.19
N GLY A 271 4.10 26.59 -16.65
CA GLY A 271 3.81 25.56 -15.67
C GLY A 271 3.80 24.18 -16.29
N GLY A 272 4.36 23.21 -15.56
CA GLY A 272 4.41 21.85 -16.06
C GLY A 272 5.34 20.96 -15.25
N HIS A 273 5.30 21.12 -13.93
CA HIS A 273 6.15 20.35 -13.04
C HIS A 273 5.41 19.98 -11.76
N LYS A 274 5.74 18.82 -11.20
CA LYS A 274 5.11 18.36 -9.97
C LYS A 274 6.14 18.14 -8.87
N LEU A 275 5.75 18.41 -7.63
CA LEU A 275 6.63 18.23 -6.49
C LEU A 275 5.87 17.72 -5.27
N GLY A 276 6.08 16.45 -4.95
CA GLY A 276 5.40 15.86 -3.81
C GLY A 276 6.15 16.07 -2.51
N LEU A 277 5.45 16.53 -1.48
CA LEU A 277 6.06 16.78 -0.19
C LEU A 277 5.62 15.73 0.85
N GLY A 278 6.57 14.95 1.33
CA GLY A 278 6.26 13.92 2.31
C GLY A 278 7.18 13.98 3.51
N LEU A 279 6.61 14.24 4.69
CA LEU A 279 7.38 14.32 5.92
C LEU A 279 6.87 13.32 6.95
N GLU A 280 7.79 12.73 7.70
CA GLU A 280 7.44 11.75 8.72
C GLU A 280 8.14 12.06 10.03
N PHE A 281 7.36 12.16 11.11
CA PHE A 281 7.90 12.46 12.42
C PHE A 281 7.57 11.35 13.42
N GLN A 282 8.50 10.40 13.58
CA GLN A 282 8.30 9.29 14.49
C GLN A 282 9.09 9.49 15.78
N ALA A 283 8.48 9.14 16.90
CA ALA A 283 9.13 9.28 18.20
C ALA A 283 9.86 8.00 18.59
N MET A 1 -0.51 -10.22 3.35
CA MET A 1 0.90 -10.59 3.46
C MET A 1 1.26 -10.96 4.90
N ALA A 2 0.88 -10.11 5.84
CA ALA A 2 1.16 -10.35 7.24
C ALA A 2 2.66 -10.35 7.51
N VAL A 3 3.38 -9.51 6.78
CA VAL A 3 4.83 -9.42 6.95
C VAL A 3 5.48 -10.79 6.87
N PRO A 4 5.45 -11.39 5.68
CA PRO A 4 6.03 -12.72 5.45
C PRO A 4 7.56 -12.70 5.50
N PRO A 5 8.17 -13.89 5.55
CA PRO A 5 9.62 -14.04 5.60
C PRO A 5 10.29 -13.64 4.30
N THR A 6 9.61 -13.89 3.18
CA THR A 6 10.13 -13.56 1.87
C THR A 6 9.35 -12.43 1.22
N TYR A 7 9.41 -11.24 1.83
CA TYR A 7 8.70 -10.08 1.32
C TYR A 7 8.99 -9.88 -0.16
N ALA A 8 10.19 -10.27 -0.59
CA ALA A 8 10.59 -10.13 -1.98
C ALA A 8 9.55 -10.73 -2.92
N ASP A 9 8.86 -11.76 -2.43
CA ASP A 9 7.83 -12.42 -3.23
C ASP A 9 6.72 -11.45 -3.60
N LEU A 10 6.43 -10.52 -2.70
CA LEU A 10 5.38 -9.53 -2.93
C LEU A 10 5.98 -8.20 -3.38
N GLY A 11 5.43 -7.67 -4.48
CA GLY A 11 5.92 -6.41 -5.01
C GLY A 11 5.87 -5.29 -3.99
N LYS A 12 7.02 -4.70 -3.70
CA LYS A 12 7.10 -3.61 -2.74
C LYS A 12 7.01 -2.25 -3.44
N SER A 13 7.96 -1.97 -4.32
CA SER A 13 7.99 -0.71 -5.04
C SER A 13 6.65 -0.45 -5.71
N ALA A 14 6.00 -1.52 -6.18
CA ALA A 14 4.71 -1.40 -6.84
C ALA A 14 3.73 -0.58 -6.00
N ARG A 15 3.84 -0.72 -4.68
CA ARG A 15 2.97 0.02 -3.77
C ARG A 15 3.22 1.52 -3.85
N ASP A 16 4.48 1.89 -4.07
CA ASP A 16 4.86 3.29 -4.17
C ASP A 16 4.09 3.98 -5.29
N VAL A 17 3.82 3.24 -6.36
CA VAL A 17 3.09 3.78 -7.50
C VAL A 17 1.80 4.46 -7.05
N PHE A 18 1.19 3.94 -6.00
CA PHE A 18 -0.04 4.49 -5.47
C PHE A 18 0.10 6.00 -5.24
N THR A 19 1.28 6.41 -4.80
CA THR A 19 1.55 7.82 -4.53
C THR A 19 1.59 8.63 -5.83
N LYS A 20 2.24 8.07 -6.84
CA LYS A 20 2.35 8.74 -8.14
C LYS A 20 1.08 8.55 -8.95
N GLY A 21 0.12 7.83 -8.40
CA GLY A 21 -1.14 7.60 -9.09
C GLY A 21 -1.77 8.88 -9.59
N TYR A 22 -1.61 9.95 -8.83
CA TYR A 22 -2.17 11.25 -9.20
C TYR A 22 -1.06 12.25 -9.53
N GLY A 23 0.08 12.09 -8.88
CA GLY A 23 1.20 12.99 -9.12
C GLY A 23 0.80 14.45 -9.01
N PHE A 24 0.16 14.81 -7.91
CA PHE A 24 -0.27 16.19 -7.70
C PHE A 24 0.40 16.78 -6.46
N GLY A 25 1.06 17.93 -6.64
CA GLY A 25 1.73 18.58 -5.54
C GLY A 25 0.82 18.76 -4.34
N LEU A 26 1.38 18.57 -3.14
CA LEU A 26 0.60 18.72 -1.91
C LEU A 26 1.51 18.63 -0.69
N ILE A 27 1.12 19.31 0.38
CA ILE A 27 1.89 19.31 1.61
C ILE A 27 1.21 18.46 2.69
N LYS A 28 2.00 17.60 3.35
CA LYS A 28 1.48 16.75 4.39
C LYS A 28 2.42 16.72 5.59
N LEU A 29 1.85 16.70 6.79
CA LEU A 29 2.64 16.67 8.02
C LEU A 29 2.03 15.70 9.03
N ASP A 30 2.90 15.03 9.78
CA ASP A 30 2.45 14.07 10.79
C ASP A 30 3.16 14.33 12.12
N LEU A 31 2.44 14.09 13.21
CA LEU A 31 3.00 14.29 14.56
C LEU A 31 2.42 13.28 15.53
N LYS A 32 3.23 12.30 15.91
CA LYS A 32 2.81 11.27 16.85
C LYS A 32 2.77 11.82 18.27
N THR A 33 1.66 11.59 18.96
CA THR A 33 1.49 12.05 20.33
C THR A 33 0.98 10.94 21.23
N LYS A 34 1.32 11.02 22.51
CA LYS A 34 0.89 10.03 23.49
C LYS A 34 0.49 10.67 24.80
N SER A 35 -0.54 10.12 25.45
CA SER A 35 -1.02 10.66 26.71
C SER A 35 -0.05 10.33 27.84
N GLU A 36 -0.07 9.08 28.29
CA GLU A 36 0.81 8.64 29.37
C GLU A 36 1.46 7.30 29.03
N ASN A 37 0.67 6.40 28.44
CA ASN A 37 1.18 5.09 28.07
C ASN A 37 0.11 4.30 27.30
N GLY A 38 0.54 3.62 26.24
CA GLY A 38 -0.39 2.83 25.45
C GLY A 38 -1.20 3.68 24.49
N LEU A 39 -1.96 4.63 25.03
CA LEU A 39 -2.78 5.51 24.21
C LEU A 39 -1.96 6.16 23.11
N GLU A 40 -2.14 5.70 21.89
CA GLU A 40 -1.42 6.24 20.74
C GLU A 40 -2.29 7.19 19.93
N PHE A 41 -2.00 8.47 20.03
CA PHE A 41 -2.76 9.49 19.31
C PHE A 41 -1.85 10.30 18.39
N THR A 42 -1.97 10.08 17.09
CA THR A 42 -1.16 10.79 16.11
C THR A 42 -2.01 11.74 15.28
N SER A 43 -1.53 12.96 15.11
CA SER A 43 -2.26 13.97 14.33
C SER A 43 -1.46 14.38 13.10
N SER A 44 -2.14 14.47 11.96
CA SER A 44 -1.50 14.84 10.71
C SER A 44 -2.38 15.80 9.91
N GLY A 45 -1.74 16.67 9.13
CA GLY A 45 -2.48 17.63 8.34
C GLY A 45 -2.06 17.62 6.88
N SER A 46 -3.04 17.67 5.99
CA SER A 46 -2.77 17.64 4.56
C SER A 46 -3.52 18.78 3.85
N ALA A 47 -2.82 19.48 2.96
CA ALA A 47 -3.40 20.59 2.23
C ALA A 47 -2.76 20.73 0.85
N ASN A 48 -3.54 21.24 -0.11
CA ASN A 48 -3.05 21.42 -1.48
C ASN A 48 -3.12 22.89 -1.88
N THR A 49 -2.28 23.26 -2.85
CA THR A 49 -2.25 24.64 -3.34
C THR A 49 -3.59 25.03 -3.95
N GLU A 50 -4.19 24.12 -4.69
CA GLU A 50 -5.48 24.37 -5.34
C GLU A 50 -6.50 24.86 -4.33
N THR A 51 -7.64 25.32 -4.83
CA THR A 51 -8.71 25.83 -3.96
C THR A 51 -9.49 24.68 -3.33
N THR A 52 -8.78 23.85 -2.56
CA THR A 52 -9.41 22.71 -1.90
C THR A 52 -9.34 22.85 -0.38
N LYS A 53 -10.45 22.57 0.29
CA LYS A 53 -10.51 22.66 1.74
C LYS A 53 -9.39 21.86 2.39
N VAL A 54 -9.08 22.18 3.64
CA VAL A 54 -8.03 21.48 4.37
C VAL A 54 -8.48 20.09 4.79
N THR A 55 -7.55 19.14 4.77
CA THR A 55 -7.85 17.77 5.15
C THR A 55 -6.69 17.14 5.92
N GLY A 56 -6.93 16.81 7.19
CA GLY A 56 -5.90 16.22 8.01
C GLY A 56 -6.10 14.73 8.19
N SER A 57 -5.74 14.21 9.36
CA SER A 57 -5.88 12.79 9.65
C SER A 57 -5.44 12.49 11.08
N LEU A 58 -6.26 11.71 11.78
CA LEU A 58 -5.95 11.34 13.17
C LEU A 58 -5.89 9.83 13.32
N GLU A 59 -5.06 9.36 14.26
CA GLU A 59 -4.92 7.94 14.51
C GLU A 59 -4.93 7.65 16.01
N THR A 60 -6.03 7.07 16.48
CA THR A 60 -6.18 6.74 17.89
C THR A 60 -6.21 5.23 18.10
N LYS A 61 -5.07 4.67 18.50
CA LYS A 61 -4.97 3.24 18.74
C LYS A 61 -4.56 2.95 20.19
N TYR A 62 -5.37 2.14 20.87
CA TYR A 62 -5.09 1.79 22.25
C TYR A 62 -5.74 0.46 22.62
N ARG A 63 -4.98 -0.38 23.33
CA ARG A 63 -5.49 -1.69 23.73
C ARG A 63 -6.27 -1.59 25.04
N TRP A 64 -7.46 -2.19 25.05
CA TRP A 64 -8.31 -2.16 26.24
C TRP A 64 -7.88 -3.23 27.24
N THR A 65 -8.10 -2.96 28.52
CA THR A 65 -7.73 -3.90 29.57
C THR A 65 -8.96 -4.62 30.11
N GLU A 66 -9.75 -5.21 29.21
CA GLU A 66 -10.95 -5.94 29.60
C GLU A 66 -10.99 -7.31 28.95
N TYR A 67 -11.05 -7.35 27.63
CA TYR A 67 -11.09 -8.61 26.90
C TYR A 67 -9.70 -8.99 26.39
N GLY A 68 -9.04 -8.02 25.76
CA GLY A 68 -7.71 -8.27 25.22
C GLY A 68 -7.61 -7.95 23.74
N LEU A 69 -8.37 -6.94 23.31
CA LEU A 69 -8.36 -6.53 21.91
C LEU A 69 -7.84 -5.10 21.76
N THR A 70 -7.30 -4.79 20.58
CA THR A 70 -6.76 -3.47 20.32
C THR A 70 -7.84 -2.56 19.73
N PHE A 71 -8.02 -1.40 20.36
CA PHE A 71 -9.02 -0.44 19.90
C PHE A 71 -8.45 0.46 18.80
N THR A 72 -9.08 0.43 17.64
CA THR A 72 -8.64 1.23 16.50
C THR A 72 -9.67 2.30 16.15
N VAL A 73 -9.24 3.55 16.20
CA VAL A 73 -10.13 4.67 15.88
C VAL A 73 -9.35 5.83 15.27
N LYS A 74 -9.41 5.94 13.94
CA LYS A 74 -8.72 7.01 13.23
C LYS A 74 -9.70 7.88 12.47
N TRP A 75 -9.29 9.10 12.17
CA TRP A 75 -10.14 10.04 11.44
C TRP A 75 -9.48 10.45 10.12
N ASN A 76 -10.32 10.73 9.11
CA ASN A 76 -9.82 11.12 7.81
C ASN A 76 -10.10 12.60 7.54
N THR A 77 -9.10 13.31 7.03
CA THR A 77 -9.23 14.73 6.73
C THR A 77 -9.47 15.53 8.01
N ASP A 78 -9.22 14.91 9.15
CA ASP A 78 -9.39 15.57 10.44
C ASP A 78 -10.88 15.72 10.78
N ASN A 79 -11.57 14.58 10.89
CA ASN A 79 -13.00 14.59 11.20
C ASN A 79 -13.47 13.20 11.61
N THR A 80 -14.12 13.11 12.76
CA THR A 80 -14.62 11.83 13.27
C THR A 80 -15.39 11.08 12.19
N LEU A 81 -14.90 9.90 11.84
CA LEU A 81 -15.54 9.08 10.83
C LEU A 81 -14.82 7.74 10.66
N GLY A 82 -15.40 6.68 11.22
CA GLY A 82 -14.80 5.37 11.13
C GLY A 82 -14.28 4.88 12.46
N THR A 83 -14.30 3.56 12.66
CA THR A 83 -13.83 2.96 13.89
C THR A 83 -13.86 1.44 13.82
N GLU A 84 -13.18 0.79 14.75
CA GLU A 84 -13.11 -0.67 14.78
C GLU A 84 -12.06 -1.15 15.77
N ILE A 85 -11.71 -2.44 15.67
CA ILE A 85 -10.71 -3.02 16.56
C ILE A 85 -9.99 -4.18 15.88
N THR A 86 -8.83 -4.54 16.42
CA THR A 86 -8.03 -5.64 15.86
C THR A 86 -7.63 -6.63 16.95
N VAL A 87 -7.79 -7.91 16.66
CA VAL A 87 -7.45 -8.96 17.61
C VAL A 87 -6.68 -10.08 16.93
N GLU A 88 -5.44 -10.30 17.39
CA GLU A 88 -4.60 -11.35 16.83
C GLU A 88 -4.66 -12.61 17.69
N ASP A 89 -3.74 -13.54 17.42
CA ASP A 89 -3.68 -14.80 18.16
C ASP A 89 -3.62 -14.54 19.67
N GLN A 90 -3.11 -13.37 20.04
CA GLN A 90 -2.99 -13.01 21.45
C GLN A 90 -4.28 -13.33 22.20
N LEU A 91 -5.41 -13.09 21.55
CA LEU A 91 -6.71 -13.36 22.16
C LEU A 91 -7.55 -14.29 21.28
N ALA A 92 -7.41 -14.13 19.96
CA ALA A 92 -8.14 -14.95 19.00
C ALA A 92 -7.30 -16.13 18.54
N ARG A 93 -6.49 -16.67 19.45
CA ARG A 93 -5.63 -17.81 19.12
C ARG A 93 -6.35 -18.79 18.21
N GLY A 94 -5.64 -19.27 17.19
CA GLY A 94 -6.23 -20.22 16.26
C GLY A 94 -6.80 -19.53 15.03
N LEU A 95 -7.38 -18.35 15.22
CA LEU A 95 -7.96 -17.59 14.12
C LEU A 95 -7.82 -16.09 14.36
N LYS A 96 -7.00 -15.45 13.54
CA LYS A 96 -6.78 -14.01 13.66
C LYS A 96 -7.94 -13.23 13.07
N LEU A 97 -8.39 -12.20 13.78
CA LEU A 97 -9.50 -11.37 13.32
C LEU A 97 -9.18 -9.89 13.47
N THR A 98 -9.28 -9.15 12.37
CA THR A 98 -9.00 -7.72 12.38
C THR A 98 -10.06 -6.95 11.61
N PHE A 99 -10.80 -6.10 12.32
CA PHE A 99 -11.85 -5.29 11.70
C PHE A 99 -11.53 -3.81 11.80
N ASP A 100 -11.64 -3.11 10.67
CA ASP A 100 -11.37 -1.68 10.63
C ASP A 100 -12.39 -0.95 9.76
N SER A 101 -13.32 -0.27 10.41
CA SER A 101 -14.37 0.45 9.69
C SER A 101 -13.98 1.93 9.54
N SER A 102 -12.74 2.17 9.14
CA SER A 102 -12.25 3.54 8.96
C SER A 102 -12.70 4.10 7.62
N PHE A 103 -12.13 5.24 7.24
CA PHE A 103 -12.48 5.89 5.99
C PHE A 103 -11.27 5.94 5.05
N SER A 104 -11.38 5.28 3.91
CA SER A 104 -10.30 5.25 2.94
C SER A 104 -10.36 6.47 2.01
N PRO A 105 -9.23 6.77 1.36
CA PRO A 105 -9.13 7.92 0.44
C PRO A 105 -9.94 7.70 -0.83
N ASN A 106 -10.03 6.45 -1.28
CA ASN A 106 -10.76 6.11 -2.49
C ASN A 106 -12.25 6.44 -2.33
N THR A 107 -12.88 6.82 -3.43
CA THR A 107 -14.30 7.17 -3.42
C THR A 107 -15.13 6.07 -2.76
N GLY A 108 -15.89 6.45 -1.73
CA GLY A 108 -16.73 5.49 -1.03
C GLY A 108 -17.20 6.00 0.31
N LYS A 109 -18.46 5.72 0.64
CA LYS A 109 -19.03 6.16 1.90
C LYS A 109 -19.37 4.95 2.78
N LYS A 110 -19.21 5.13 4.10
CA LYS A 110 -19.50 4.07 5.04
C LYS A 110 -18.74 2.79 4.69
N ASN A 111 -17.53 2.96 4.19
CA ASN A 111 -16.69 1.82 3.81
C ASN A 111 -16.02 1.21 5.04
N ALA A 112 -15.85 -0.10 5.01
CA ALA A 112 -15.21 -0.81 6.11
C ALA A 112 -14.41 -2.00 5.62
N LYS A 113 -13.16 -2.09 6.07
CA LYS A 113 -12.27 -3.19 5.66
C LYS A 113 -12.08 -4.18 6.80
N ILE A 114 -12.31 -5.45 6.52
CA ILE A 114 -12.16 -6.50 7.53
C ILE A 114 -11.30 -7.64 7.01
N LYS A 115 -10.61 -8.32 7.92
CA LYS A 115 -9.76 -9.45 7.55
C LYS A 115 -9.91 -10.60 8.55
N THR A 116 -9.90 -11.82 8.04
CA THR A 116 -10.03 -13.00 8.87
C THR A 116 -9.17 -14.14 8.35
N GLY A 117 -8.35 -14.71 9.24
CA GLY A 117 -7.49 -15.81 8.84
C GLY A 117 -6.27 -15.92 9.73
N TYR A 118 -5.19 -16.46 9.17
CA TYR A 118 -3.94 -16.63 9.92
C TYR A 118 -2.74 -16.61 8.98
N LYS A 119 -1.60 -16.18 9.51
CA LYS A 119 -0.37 -16.12 8.72
C LYS A 119 0.66 -17.13 9.23
N ARG A 120 1.74 -17.30 8.49
CA ARG A 120 2.79 -18.23 8.86
C ARG A 120 3.96 -18.16 7.88
N GLU A 121 5.18 -18.24 8.42
CA GLU A 121 6.39 -18.17 7.59
C GLU A 121 6.31 -19.18 6.44
N HIS A 122 5.68 -20.33 6.71
CA HIS A 122 5.55 -21.36 5.70
C HIS A 122 4.46 -21.00 4.69
N ILE A 123 3.41 -20.36 5.17
CA ILE A 123 2.30 -19.95 4.31
C ILE A 123 1.36 -18.99 5.03
N ASN A 124 0.82 -18.03 4.30
CA ASN A 124 -0.10 -17.05 4.86
C ASN A 124 -1.43 -17.05 4.12
N LEU A 125 -2.53 -17.10 4.88
CA LEU A 125 -3.86 -17.11 4.29
C LEU A 125 -4.81 -16.24 5.09
N GLY A 126 -5.58 -15.40 4.38
CA GLY A 126 -6.52 -14.52 5.05
C GLY A 126 -7.55 -13.95 4.09
N ALA A 127 -8.80 -13.92 4.53
CA ALA A 127 -9.89 -13.40 3.70
C ALA A 127 -10.19 -11.95 4.06
N ASP A 128 -10.22 -11.10 3.04
CA ASP A 128 -10.50 -9.67 3.24
C ASP A 128 -11.83 -9.29 2.60
N MET A 129 -12.70 -8.70 3.40
CA MET A 129 -14.02 -8.28 2.91
C MET A 129 -14.22 -6.78 3.12
N ASP A 130 -14.89 -6.14 2.16
CA ASP A 130 -15.15 -4.71 2.23
C ASP A 130 -16.64 -4.43 2.39
N PHE A 131 -17.04 -3.99 3.57
CA PHE A 131 -18.45 -3.68 3.84
C PHE A 131 -18.76 -2.23 3.50
N ASP A 132 -19.96 -2.00 2.97
CA ASP A 132 -20.38 -0.65 2.60
C ASP A 132 -21.86 -0.44 2.96
N ILE A 133 -22.35 0.77 2.70
CA ILE A 133 -23.74 1.11 3.00
C ILE A 133 -24.69 0.12 2.34
N ALA A 134 -24.34 -0.35 1.15
CA ALA A 134 -25.16 -1.31 0.42
C ALA A 134 -24.38 -1.98 -0.69
N GLY A 135 -24.39 -3.31 -0.71
CA GLY A 135 -23.66 -4.05 -1.73
C GLY A 135 -22.21 -4.27 -1.36
N PRO A 136 -21.98 -5.10 -0.32
CA PRO A 136 -20.62 -5.42 0.15
C PRO A 136 -19.86 -6.29 -0.85
N SER A 137 -18.54 -6.36 -0.66
CA SER A 137 -17.69 -7.15 -1.54
C SER A 137 -16.82 -8.11 -0.74
N ILE A 138 -16.46 -9.23 -1.35
CA ILE A 138 -15.63 -10.23 -0.70
C ILE A 138 -14.36 -10.51 -1.50
N ARG A 139 -13.24 -10.62 -0.80
CA ARG A 139 -11.96 -10.88 -1.44
C ARG A 139 -11.08 -11.77 -0.57
N GLY A 140 -10.09 -12.40 -1.19
CA GLY A 140 -9.19 -13.28 -0.44
C GLY A 140 -7.73 -13.02 -0.76
N ALA A 141 -6.85 -13.34 0.17
CA ALA A 141 -5.42 -13.14 -0.02
C ALA A 141 -4.63 -14.34 0.50
N LEU A 142 -3.73 -14.85 -0.34
CA LEU A 142 -2.91 -16.00 0.04
C LEU A 142 -1.48 -15.82 -0.48
N VAL A 143 -0.52 -15.80 0.44
CA VAL A 143 0.88 -15.65 0.08
C VAL A 143 1.67 -16.90 0.41
N LEU A 144 2.28 -17.50 -0.60
CA LEU A 144 3.08 -18.72 -0.41
C LEU A 144 4.22 -18.79 -1.44
N GLY A 145 5.43 -18.51 -0.97
CA GLY A 145 6.59 -18.56 -1.85
C GLY A 145 7.36 -19.85 -1.73
N TYR A 146 7.77 -20.40 -2.86
CA TYR A 146 8.53 -21.65 -2.89
C TYR A 146 10.02 -21.39 -3.12
N GLU A 147 10.82 -22.44 -3.03
CA GLU A 147 12.26 -22.33 -3.23
C GLU A 147 12.59 -22.20 -4.71
N GLY A 148 12.27 -21.05 -5.28
CA GLY A 148 12.55 -20.81 -6.69
C GLY A 148 11.38 -20.16 -7.40
N TRP A 149 10.17 -20.56 -7.04
CA TRP A 149 8.96 -20.02 -7.65
C TRP A 149 7.98 -19.53 -6.60
N LEU A 150 7.56 -18.27 -6.72
CA LEU A 150 6.63 -17.69 -5.76
C LEU A 150 5.19 -17.96 -6.18
N ALA A 151 4.34 -18.26 -5.20
CA ALA A 151 2.93 -18.55 -5.47
C ALA A 151 2.03 -17.61 -4.69
N GLY A 152 1.05 -17.02 -5.38
CA GLY A 152 0.13 -16.10 -4.73
C GLY A 152 -1.27 -16.20 -5.29
N TYR A 153 -2.26 -16.29 -4.40
CA TYR A 153 -3.65 -16.39 -4.81
C TYR A 153 -4.48 -15.25 -4.22
N GLN A 154 -5.36 -14.68 -5.04
CA GLN A 154 -6.21 -13.58 -4.61
C GLN A 154 -7.62 -13.73 -5.16
N MET A 155 -8.61 -13.54 -4.30
CA MET A 155 -10.01 -13.65 -4.70
C MET A 155 -10.67 -12.28 -4.75
N ASN A 156 -11.52 -12.07 -5.76
CA ASN A 156 -12.21 -10.80 -5.91
C ASN A 156 -13.70 -11.02 -6.18
N PHE A 157 -14.01 -11.56 -7.35
CA PHE A 157 -15.40 -11.83 -7.73
C PHE A 157 -16.00 -12.93 -6.85
N GLU A 158 -17.23 -12.71 -6.42
CA GLU A 158 -17.93 -13.69 -5.57
C GLU A 158 -18.13 -15.00 -6.30
N THR A 159 -18.65 -15.99 -5.59
CA THR A 159 -18.89 -17.31 -6.17
C THR A 159 -19.81 -17.21 -7.39
N ALA A 160 -19.29 -17.59 -8.55
CA ALA A 160 -20.05 -17.55 -9.78
C ALA A 160 -20.82 -18.86 -10.00
N LYS A 161 -21.50 -18.95 -11.13
CA LYS A 161 -22.27 -20.14 -11.46
C LYS A 161 -21.42 -21.40 -11.33
N SER A 162 -20.17 -21.30 -11.75
CA SER A 162 -19.25 -22.43 -11.69
C SER A 162 -18.56 -22.49 -10.33
N ARG A 163 -17.67 -23.47 -10.18
CA ARG A 163 -16.93 -23.63 -8.92
C ARG A 163 -15.43 -23.60 -9.15
N VAL A 164 -14.66 -23.65 -8.08
CA VAL A 164 -13.21 -23.64 -8.17
C VAL A 164 -12.74 -22.65 -9.24
N THR A 165 -13.42 -21.52 -9.34
CA THR A 165 -13.08 -20.49 -10.32
C THR A 165 -12.51 -19.26 -9.63
N GLN A 166 -11.19 -19.24 -9.46
CA GLN A 166 -10.51 -18.11 -8.83
C GLN A 166 -10.77 -16.83 -9.60
N SER A 167 -10.20 -15.72 -9.11
CA SER A 167 -10.37 -14.42 -9.75
C SER A 167 -9.02 -13.79 -10.04
N ASN A 168 -8.27 -13.48 -9.00
CA ASN A 168 -6.95 -12.87 -9.14
C ASN A 168 -5.84 -13.89 -8.92
N PHE A 169 -4.99 -14.05 -9.93
CA PHE A 169 -3.89 -15.00 -9.85
C PHE A 169 -2.55 -14.27 -9.72
N ALA A 170 -1.69 -14.79 -8.85
CA ALA A 170 -0.37 -14.19 -8.62
C ALA A 170 0.73 -15.24 -8.70
N VAL A 171 1.78 -14.93 -9.44
CA VAL A 171 2.90 -15.85 -9.59
C VAL A 171 4.22 -15.09 -9.74
N GLY A 172 5.29 -15.69 -9.24
CA GLY A 172 6.60 -15.05 -9.34
C GLY A 172 7.66 -15.99 -9.88
N TYR A 173 8.36 -15.56 -10.92
CA TYR A 173 9.41 -16.37 -11.53
C TYR A 173 10.79 -15.82 -11.17
N LYS A 174 11.64 -16.69 -10.62
CA LYS A 174 12.99 -16.29 -10.24
C LYS A 174 13.95 -16.46 -11.41
N THR A 175 15.02 -15.67 -11.41
CA THR A 175 16.02 -15.73 -12.46
C THR A 175 17.43 -15.62 -11.90
N ASP A 176 18.42 -15.84 -12.75
CA ASP A 176 19.82 -15.76 -12.35
C ASP A 176 20.11 -14.43 -11.64
N GLU A 177 19.75 -13.33 -12.30
CA GLU A 177 19.97 -12.00 -11.75
C GLU A 177 18.76 -11.11 -12.01
N PHE A 178 17.57 -11.70 -11.99
CA PHE A 178 16.35 -10.95 -12.22
C PHE A 178 15.17 -11.58 -11.50
N GLN A 179 14.22 -10.76 -11.09
CA GLN A 179 13.04 -11.25 -10.38
C GLN A 179 11.76 -10.86 -11.10
N LEU A 180 11.14 -11.82 -11.77
CA LEU A 180 9.91 -11.58 -12.50
C LEU A 180 8.68 -11.90 -11.65
N HIS A 181 7.62 -11.13 -11.83
CA HIS A 181 6.39 -11.33 -11.09
C HIS A 181 5.17 -11.03 -11.95
N THR A 182 4.41 -12.08 -12.26
CA THR A 182 3.22 -11.94 -13.09
C THR A 182 1.96 -12.01 -12.25
N ASN A 183 0.85 -11.52 -12.80
CA ASN A 183 -0.43 -11.53 -12.10
C ASN A 183 -1.58 -11.18 -13.04
N VAL A 184 -2.74 -11.76 -12.79
CA VAL A 184 -3.92 -11.52 -13.62
C VAL A 184 -5.14 -11.18 -12.76
N ASN A 185 -5.95 -10.25 -13.23
CA ASN A 185 -7.15 -9.83 -12.50
C ASN A 185 -8.41 -10.28 -13.24
N ASP A 186 -9.20 -11.13 -12.59
CA ASP A 186 -10.43 -11.62 -13.18
C ASP A 186 -10.18 -12.18 -14.58
N GLY A 187 -9.01 -12.77 -14.77
CA GLY A 187 -8.66 -13.34 -16.05
C GLY A 187 -8.90 -12.38 -17.20
N THR A 188 -8.78 -11.07 -16.92
CA THR A 188 -8.99 -10.05 -17.93
C THR A 188 -7.83 -9.05 -17.95
N GLU A 189 -7.45 -8.58 -16.77
CA GLU A 189 -6.36 -7.62 -16.65
C GLU A 189 -5.02 -8.33 -16.59
N PHE A 190 -4.10 -7.95 -17.49
CA PHE A 190 -2.78 -8.55 -17.53
C PHE A 190 -1.75 -7.65 -16.85
N GLY A 191 -1.17 -8.15 -15.76
CA GLY A 191 -0.18 -7.38 -15.03
C GLY A 191 1.09 -8.16 -14.80
N GLY A 192 2.23 -7.50 -14.96
CA GLY A 192 3.51 -8.15 -14.75
C GLY A 192 4.63 -7.17 -14.50
N SER A 193 5.45 -7.44 -13.49
CA SER A 193 6.57 -6.57 -13.15
C SER A 193 7.83 -7.39 -12.87
N ILE A 194 8.96 -6.92 -13.39
CA ILE A 194 10.23 -7.60 -13.19
C ILE A 194 11.29 -6.64 -12.65
N TYR A 195 12.13 -7.15 -11.74
CA TYR A 195 13.18 -6.34 -11.14
C TYR A 195 14.55 -6.75 -11.68
N GLN A 196 15.33 -5.76 -12.09
CA GLN A 196 16.67 -6.03 -12.63
C GLN A 196 17.75 -5.44 -11.71
N LYS A 197 18.70 -6.27 -11.32
CA LYS A 197 19.78 -5.84 -10.45
C LYS A 197 21.05 -5.57 -11.26
N VAL A 198 21.26 -4.31 -11.63
CA VAL A 198 22.44 -3.92 -12.40
C VAL A 198 23.66 -3.77 -11.50
N ASN A 199 23.43 -3.29 -10.28
CA ASN A 199 24.50 -3.08 -9.32
C ASN A 199 24.13 -3.64 -7.95
N LYS A 200 25.08 -3.62 -7.02
CA LYS A 200 24.85 -4.12 -5.67
C LYS A 200 23.91 -3.20 -4.91
N LYS A 201 24.13 -1.89 -5.06
CA LYS A 201 23.30 -0.90 -4.38
C LYS A 201 22.22 -0.36 -5.31
N LEU A 202 22.65 0.11 -6.48
CA LEU A 202 21.72 0.67 -7.46
C LEU A 202 21.06 -0.45 -8.26
N GLU A 203 19.76 -0.30 -8.54
CA GLU A 203 19.02 -1.29 -9.31
C GLU A 203 17.80 -0.67 -9.96
N THR A 204 17.20 -1.39 -10.91
CA THR A 204 16.02 -0.91 -11.60
C THR A 204 14.91 -1.96 -11.60
N ALA A 205 13.69 -1.53 -11.92
CA ALA A 205 12.55 -2.42 -11.96
C ALA A 205 11.44 -1.88 -12.86
N VAL A 206 10.96 -2.72 -13.77
CA VAL A 206 9.91 -2.32 -14.69
C VAL A 206 8.59 -3.00 -14.36
N ASN A 207 7.49 -2.29 -14.55
CA ASN A 207 6.16 -2.83 -14.27
C ASN A 207 5.19 -2.51 -15.40
N LEU A 208 4.74 -3.55 -16.10
CA LEU A 208 3.80 -3.38 -17.20
C LEU A 208 2.48 -4.11 -16.91
N ALA A 209 1.40 -3.35 -16.83
CA ALA A 209 0.09 -3.91 -16.56
C ALA A 209 -0.99 -3.18 -17.35
N TRP A 210 -1.77 -3.93 -18.12
CA TRP A 210 -2.84 -3.34 -18.93
C TRP A 210 -4.15 -4.09 -18.71
N THR A 211 -5.26 -3.40 -18.94
CA THR A 211 -6.58 -4.00 -18.76
C THR A 211 -7.16 -4.45 -20.09
N ALA A 212 -8.43 -4.84 -20.08
CA ALA A 212 -9.10 -5.30 -21.29
C ALA A 212 -9.80 -4.15 -22.00
N GLY A 213 -9.42 -2.92 -21.64
CA GLY A 213 -10.02 -1.75 -22.25
C GLY A 213 -10.58 -0.78 -21.22
N ASN A 214 -9.72 -0.28 -20.36
CA ASN A 214 -10.14 0.66 -19.32
C ASN A 214 -9.08 1.74 -19.10
N SER A 215 -9.38 2.67 -18.21
CA SER A 215 -8.45 3.77 -17.91
C SER A 215 -7.58 3.42 -16.72
N ASN A 216 -7.49 2.13 -16.40
CA ASN A 216 -6.68 1.67 -15.28
C ASN A 216 -5.27 1.28 -15.74
N THR A 217 -4.86 1.83 -16.88
CA THR A 217 -3.54 1.55 -17.44
C THR A 217 -2.47 1.60 -16.35
N ARG A 218 -1.59 0.60 -16.37
CA ARG A 218 -0.51 0.53 -15.39
C ARG A 218 0.78 0.05 -16.03
N PHE A 219 1.18 0.73 -17.10
CA PHE A 219 2.41 0.38 -17.81
C PHE A 219 3.47 1.46 -17.65
N GLY A 220 4.65 1.06 -17.19
CA GLY A 220 5.73 2.01 -17.00
C GLY A 220 6.96 1.37 -16.37
N ILE A 221 8.04 2.14 -16.29
CA ILE A 221 9.28 1.65 -15.70
C ILE A 221 9.68 2.47 -14.48
N ALA A 222 10.29 1.81 -13.50
CA ALA A 222 10.72 2.48 -12.28
C ALA A 222 12.19 2.17 -11.97
N ALA A 223 12.80 2.98 -11.12
CA ALA A 223 14.19 2.79 -10.74
C ALA A 223 14.39 3.01 -9.25
N LYS A 224 15.31 2.25 -8.66
CA LYS A 224 15.60 2.36 -7.24
C LYS A 224 17.10 2.49 -6.99
N TYR A 225 17.50 3.60 -6.40
CA TYR A 225 18.91 3.85 -6.10
C TYR A 225 19.11 4.21 -4.64
N GLN A 226 19.97 3.47 -3.96
CA GLN A 226 20.25 3.71 -2.55
C GLN A 226 21.72 4.11 -2.35
N ILE A 227 22.05 5.33 -2.74
CA ILE A 227 23.42 5.83 -2.60
C ILE A 227 23.78 6.04 -1.13
N ASP A 228 22.79 6.47 -0.34
CA ASP A 228 23.00 6.71 1.08
C ASP A 228 22.32 5.63 1.92
N PRO A 229 22.77 5.49 3.18
CA PRO A 229 22.22 4.50 4.11
C PRO A 229 20.80 4.83 4.54
N ASP A 230 20.58 6.08 4.93
CA ASP A 230 19.26 6.52 5.36
C ASP A 230 18.50 7.17 4.21
N ALA A 231 19.20 7.92 3.38
CA ALA A 231 18.59 8.59 2.23
C ALA A 231 18.46 7.63 1.05
N SER A 232 17.28 7.61 0.45
CA SER A 232 17.01 6.74 -0.69
C SER A 232 16.33 7.51 -1.81
N PHE A 233 16.74 7.23 -3.04
CA PHE A 233 16.18 7.89 -4.21
C PHE A 233 15.65 6.88 -5.21
N SER A 234 14.58 7.24 -5.92
CA SER A 234 13.98 6.36 -6.91
C SER A 234 13.30 7.17 -8.01
N ALA A 235 13.25 6.60 -9.20
CA ALA A 235 12.62 7.27 -10.35
C ALA A 235 11.40 6.50 -10.82
N LYS A 236 10.60 7.12 -11.68
CA LYS A 236 9.39 6.50 -12.22
C LYS A 236 9.00 7.12 -13.56
N VAL A 237 8.48 6.29 -14.45
CA VAL A 237 8.07 6.76 -15.77
C VAL A 237 7.01 5.84 -16.37
N ASN A 238 6.17 6.40 -17.25
CA ASN A 238 5.12 5.62 -17.88
C ASN A 238 4.84 6.15 -19.29
N ASN A 239 3.78 5.64 -19.91
CA ASN A 239 3.41 6.06 -21.27
C ASN A 239 3.33 7.59 -21.35
N SER A 240 2.99 8.23 -20.24
CA SER A 240 2.88 9.68 -20.21
C SER A 240 4.17 10.34 -20.67
N SER A 241 5.28 9.62 -20.52
CA SER A 241 6.59 10.13 -20.93
C SER A 241 7.00 11.31 -20.04
N LEU A 242 7.04 11.07 -18.74
CA LEU A 242 7.42 12.11 -17.78
C LEU A 242 8.51 11.62 -16.85
N ILE A 243 9.17 12.55 -16.17
CA ILE A 243 10.24 12.20 -15.25
C ILE A 243 9.75 12.26 -13.80
N GLY A 244 9.51 11.10 -13.21
CA GLY A 244 9.04 11.04 -11.84
C GLY A 244 10.17 10.78 -10.85
N LEU A 245 10.34 11.68 -9.90
CA LEU A 245 11.39 11.54 -8.89
C LEU A 245 10.78 11.37 -7.51
N GLY A 246 11.41 10.50 -6.71
CA GLY A 246 10.92 10.25 -5.36
C GLY A 246 12.01 9.75 -4.43
N TYR A 247 12.25 10.49 -3.35
CA TYR A 247 13.28 10.11 -2.39
C TYR A 247 12.81 10.39 -0.96
N THR A 248 13.49 9.78 0.00
CA THR A 248 13.15 9.96 1.41
C THR A 248 14.40 9.96 2.28
N GLN A 249 14.30 10.61 3.43
CA GLN A 249 15.43 10.69 4.36
C GLN A 249 14.95 10.60 5.81
N THR A 250 15.87 10.26 6.71
CA THR A 250 15.54 10.13 8.12
C THR A 250 16.79 10.24 8.99
N LEU A 251 16.91 11.35 9.72
CA LEU A 251 18.05 11.56 10.59
C LEU A 251 18.04 10.59 11.77
N LYS A 252 17.15 10.84 12.72
CA LYS A 252 17.04 9.99 13.90
C LYS A 252 16.05 8.85 13.65
N PRO A 253 16.15 7.80 14.47
CA PRO A 253 15.27 6.62 14.36
C PRO A 253 13.83 6.94 14.78
N GLY A 254 13.04 7.39 13.82
CA GLY A 254 11.65 7.72 14.11
C GLY A 254 11.04 8.63 13.05
N ILE A 255 11.61 9.82 12.91
CA ILE A 255 11.12 10.79 11.94
C ILE A 255 11.31 10.29 10.51
N LYS A 256 10.43 10.70 9.62
CA LYS A 256 10.50 10.29 8.21
C LYS A 256 10.12 11.44 7.29
N LEU A 257 11.09 11.94 6.54
CA LEU A 257 10.85 13.04 5.61
C LEU A 257 10.86 12.55 4.16
N THR A 258 9.67 12.42 3.58
CA THR A 258 9.54 11.96 2.21
C THR A 258 9.28 13.13 1.26
N LEU A 259 9.99 13.15 0.14
CA LEU A 259 9.83 14.22 -0.84
C LEU A 259 9.77 13.64 -2.25
N SER A 260 8.70 13.97 -2.97
CA SER A 260 8.51 13.48 -4.33
C SER A 260 8.31 14.65 -5.30
N ALA A 261 8.94 14.56 -6.46
CA ALA A 261 8.83 15.61 -7.48
C ALA A 261 8.83 15.01 -8.88
N LEU A 262 7.76 15.27 -9.63
CA LEU A 262 7.63 14.76 -10.99
C LEU A 262 7.66 15.89 -12.00
N LEU A 263 8.00 15.57 -13.24
CA LEU A 263 8.05 16.56 -14.31
C LEU A 263 7.35 16.06 -15.56
N ASP A 264 6.18 16.64 -15.86
CA ASP A 264 5.42 16.25 -17.03
C ASP A 264 5.92 16.98 -18.27
N GLY A 265 7.19 16.74 -18.62
CA GLY A 265 7.77 17.39 -19.78
C GLY A 265 9.00 16.66 -20.28
N LYS A 266 9.07 16.45 -21.59
CA LYS A 266 10.20 15.76 -22.21
C LYS A 266 11.34 16.74 -22.48
N ASN A 267 11.09 17.71 -23.35
CA ASN A 267 12.09 18.71 -23.69
C ASN A 267 11.96 19.94 -22.81
N VAL A 268 11.76 19.72 -21.52
CA VAL A 268 11.63 20.81 -20.56
C VAL A 268 12.69 20.74 -19.48
N ASN A 269 13.47 21.81 -19.35
CA ASN A 269 14.53 21.87 -18.34
C ASN A 269 13.96 21.73 -16.93
N ALA A 270 14.84 21.66 -15.95
CA ALA A 270 14.42 21.54 -14.55
C ALA A 270 13.85 22.85 -14.03
N GLY A 271 12.55 22.86 -13.75
CA GLY A 271 11.91 24.04 -13.24
C GLY A 271 10.53 23.77 -12.66
N GLY A 272 9.69 23.11 -13.44
CA GLY A 272 8.35 22.78 -12.99
C GLY A 272 8.25 21.37 -12.43
N HIS A 273 9.13 21.05 -11.50
CA HIS A 273 9.14 19.71 -10.89
C HIS A 273 8.47 19.75 -9.52
N LYS A 274 7.51 18.84 -9.32
CA LYS A 274 6.79 18.77 -8.05
C LYS A 274 5.88 17.55 -8.03
N LEU A 275 5.57 17.07 -6.82
CA LEU A 275 4.71 15.92 -6.66
C LEU A 275 4.05 15.91 -5.28
N GLY A 276 4.85 16.16 -4.25
CA GLY A 276 4.33 16.19 -2.90
C GLY A 276 5.43 16.07 -1.85
N LEU A 277 5.17 16.60 -0.66
CA LEU A 277 6.14 16.55 0.42
C LEU A 277 5.48 16.14 1.74
N GLY A 278 6.04 15.13 2.39
CA GLY A 278 5.48 14.66 3.65
C GLY A 278 6.50 14.65 4.77
N LEU A 279 6.17 15.27 5.90
CA LEU A 279 7.07 15.33 7.03
C LEU A 279 6.46 14.63 8.24
N GLU A 280 7.07 13.51 8.64
CA GLU A 280 6.58 12.74 9.78
C GLU A 280 7.50 12.93 10.99
N PHE A 281 6.92 13.38 12.10
CA PHE A 281 7.69 13.60 13.32
C PHE A 281 7.09 12.80 14.49
N GLN A 282 7.96 12.21 15.29
CA GLN A 282 7.52 11.43 16.44
C GLN A 282 8.45 11.63 17.63
N ALA A 283 8.18 10.93 18.72
CA ALA A 283 8.99 11.03 19.92
C ALA A 283 9.65 9.69 20.26
#